data_8ZGE
#
_entry.id   8ZGE
#
_cell.length_a   1.00
_cell.length_b   1.00
_cell.length_c   1.00
_cell.angle_alpha   90.00
_cell.angle_beta   90.00
_cell.angle_gamma   90.00
#
_symmetry.space_group_name_H-M   'P 1'
#
loop_
_entity.id
_entity.type
_entity.pdbx_description
1 polymer 'Multifunctional procollagen lysine hydroxylase and glycosyltransferase LH3'
2 polymer 'Procollagen galactosyltransferase 1'
3 branched 2-acetamido-2-deoxy-beta-D-glucopyranose-(1-4)-2-acetamido-2-deoxy-beta-D-glucopyranose
4 non-polymer 2-acetamido-2-deoxy-beta-D-glucopyranose
5 non-polymer '2-OXOGLUTARIC ACID'
6 non-polymer 'FE (II) ION'
7 non-polymer "URIDINE-5'-DIPHOSPHATE"
8 non-polymer 'MANGANESE (II) ION'
9 non-polymer "GALACTOSE-URIDINE-5'-DIPHOSPHATE"
#
loop_
_entity_poly.entity_id
_entity_poly.type
_entity_poly.pdbx_seq_one_letter_code
_entity_poly.pdbx_strand_id
1 'polypeptide(L)'
;MTSSGPGPRFLLLLPLLLPPAASASDRPRGRDPVNPEKLLVITVATAETEGYLRFLRSAEFFNYTVRTLGLGEEWRGGDV
ARTVGGGQKVRWLKKEMEKYADREDMIIMFVDSYDVILAGSPTELLKKFVQSGSRLLFSAESFCWPEWGLAEQYPEVGTG
KRFLNSGGFIGFATTIHQIVRQWKYKDDDDDQLFYTRLYLDPGLREKLSLNLDHKSRIFQNLNGALDEVVLKFDRNRVRI
RNVAYDTLPIVVHGNGPTKLQLNYLGNYVPNGWTPEGGCGFCNQDRRTLPGGQPPPRVFLAVFVEQPTPFLPRFLQRLLL
LDYPPDRVTLFLHNNEVFHEPHIADSWPQLQDHFSAVKLVGPEEALSPGEARDMAMDLCRQDPECEFYFSLDADAVLTNL
QTLRILIEENRKVIAPMLSRHGKLWSNFWGALSPDEYYARSEDYVELVQRKRVGVWNVPYISQAYVIRGDTLRMELPQRD
VFSGSDTDPDMAFCKSFRDKGIFLHLSNQHEFGRLLATSRYDTEHLHPDLWQIFDNPVDWKEQYIHENYSRALEGEGIVE
QPCPDVYWFPLLSEQMCDELVAEMEHYGQWSGGRHEDSRLAGGYENVPTVDIHMKQVGYEDQWLQLLRTYVGPMTESLFP
GYHTKARAVMNFVVRYRPDEQPSLRPHHDSSTFTLNVALNHKGLDYEGGGCRFLRYDCVISSPRKGWALLHPGRLTHYHE
GLPTTWGTRYIMVSFVDPAAAENLYFQGDYKDHDGDYKDHDIDYKDDDDKHHHHHHHH
;
A,B
2 'polypeptide(L)'
;MKTIIALSYIFCLVFAWSHPQFEKGGGSGGGSGGSAWSHPQFEKSALEVLFQGPGRAAPPGADAYFPEERWSPESPLQAP
RVLIALLARNAAHALPTTLGALERLRHPRERTALWVATDHNMDNTSTVLREWLVAVKSLYHSVEWRPAEEPRSYPDEEGP
KHWSDSRYEHVMKLRQAALKSARDMWADYILFVDADNLILNPDTLSLLIAENKTVVAPMLDSRAAYSNFWCGMTSQGYYK
RTPAYIPIRKRDRRGCFAVPMVHSTFLIDLRKAASRNLAFYPPHPDYTWSFDDIIVFAFSCKQAEVQMYVCNKEEYGFLP
VPLRAHSTLQDEAESFMHVQLEVMVKHPPAEPSRFISAPTKTPDKMGFDEVFMINLRRRQDRRERMLRALQAQEIECRLV
EAVDGKAMNTSQVEALGIQMLPGYRDPYHGRPLTKGELGCFLSHYNIWKEVVDRGLQKSLVFEDDLRFEIFFKRRLMNLM
RDVEREGLDWDLIYVGRKRMQVEHPEKAVPRVRNLVEADYSYWTLAYVISLQGARKLLAAEPLSKMLPVDEFLPVMFDKH
PVSEYKAHFSLRNLHAFSVEPLLIYPTHYTGDDGYVSDTETSVVWNNEHVKTDWDRAKSQKMREQQALSREAKNSDVLQS
PLDSAARDELAAA
;
U,V
#
loop_
_chem_comp.id
_chem_comp.type
_chem_comp.name
_chem_comp.formula
AKG non-polymer '2-OXOGLUTARIC ACID' 'C5 H6 O5'
FE2 non-polymer 'FE (II) ION' 'Fe 2'
GDU non-polymer GALACTOSE-URIDINE-5'-DIPHOSPHATE 'C15 H24 N2 O17 P2'
MN non-polymer 'MANGANESE (II) ION' 'Mn 2'
NAG D-saccharide, beta linking 2-acetamido-2-deoxy-beta-D-glucopyranose 'C8 H15 N O6'
UDP RNA linking URIDINE-5'-DIPHOSPHATE 'C9 H14 N2 O12 P2'
#
# COMPACT_ATOMS: atom_id res chain seq x y z
N PRO A 33 13.95 95.06 -61.72
CA PRO A 33 15.31 94.61 -61.47
C PRO A 33 16.09 95.57 -60.57
N VAL A 34 15.48 95.97 -59.46
CA VAL A 34 16.12 96.89 -58.54
C VAL A 34 17.30 96.20 -57.87
N ASN A 35 18.37 96.96 -57.67
CA ASN A 35 19.60 96.40 -57.11
C ASN A 35 19.39 95.94 -55.68
N PRO A 36 19.68 94.68 -55.35
CA PRO A 36 19.50 94.22 -53.96
C PRO A 36 20.50 94.82 -52.98
N GLU A 37 21.45 95.64 -53.44
CA GLU A 37 22.42 96.29 -52.57
C GLU A 37 21.92 97.63 -52.06
N LYS A 38 20.73 98.06 -52.45
CA LYS A 38 20.15 99.32 -51.99
C LYS A 38 19.11 99.11 -50.88
N LEU A 39 18.99 97.89 -50.37
CA LEU A 39 18.12 97.60 -49.24
C LEU A 39 18.89 97.76 -47.93
N LEU A 40 18.19 98.25 -46.92
CA LEU A 40 18.79 98.44 -45.60
C LEU A 40 17.74 98.11 -44.55
N VAL A 41 17.83 96.93 -43.96
CA VAL A 41 16.94 96.53 -42.88
C VAL A 41 17.48 97.12 -41.58
N ILE A 42 16.66 97.90 -40.88
CA ILE A 42 17.06 98.49 -39.61
C ILE A 42 16.06 98.10 -38.54
N THR A 43 16.54 97.47 -37.48
CA THR A 43 15.72 97.02 -36.37
C THR A 43 16.18 97.71 -35.10
N VAL A 44 15.43 97.51 -34.02
CA VAL A 44 15.80 98.07 -32.72
C VAL A 44 15.90 96.94 -31.70
N ALA A 45 17.04 96.87 -31.02
CA ALA A 45 17.25 95.83 -30.01
C ALA A 45 18.20 96.40 -28.96
N THR A 46 17.65 96.75 -27.79
CA THR A 46 18.47 97.34 -26.73
C THR A 46 19.51 96.34 -26.22
N ALA A 47 19.10 95.09 -26.04
CA ALA A 47 19.98 94.02 -25.58
C ALA A 47 20.07 92.95 -26.64
N GLU A 48 20.80 91.88 -26.31
CA GLU A 48 21.01 90.75 -27.24
C GLU A 48 20.41 89.51 -26.59
N THR A 49 19.11 89.33 -26.76
CA THR A 49 18.44 88.14 -26.25
C THR A 49 18.59 87.03 -27.29
N GLU A 50 17.90 85.91 -27.08
CA GLU A 50 17.97 84.84 -28.07
C GLU A 50 17.11 85.15 -29.29
N GLY A 51 16.03 85.92 -29.13
CA GLY A 51 15.22 86.27 -30.27
C GLY A 51 15.96 87.14 -31.27
N TYR A 52 16.73 88.11 -30.77
CA TYR A 52 17.50 88.96 -31.67
C TYR A 52 18.54 88.16 -32.42
N LEU A 53 19.20 87.21 -31.74
CA LEU A 53 20.17 86.36 -32.43
C LEU A 53 19.51 85.48 -33.47
N ARG A 54 18.32 84.95 -33.18
CA ARG A 54 17.61 84.15 -34.17
C ARG A 54 17.27 84.98 -35.40
N PHE A 55 16.78 86.20 -35.19
CA PHE A 55 16.52 87.08 -36.33
C PHE A 55 17.78 87.37 -37.11
N LEU A 56 18.90 87.58 -36.41
CA LEU A 56 20.17 87.85 -37.08
C LEU A 56 20.59 86.67 -37.95
N ARG A 57 20.47 85.44 -37.43
CA ARG A 57 20.85 84.28 -38.20
C ARG A 57 19.97 84.13 -39.43
N SER A 58 18.66 84.33 -39.26
CA SER A 58 17.75 84.24 -40.40
C SER A 58 18.08 85.28 -41.46
N ALA A 59 18.44 86.50 -41.04
CA ALA A 59 18.77 87.54 -42.01
C ALA A 59 20.08 87.24 -42.74
N GLU A 60 21.13 86.90 -42.00
CA GLU A 60 22.41 86.58 -42.65
C GLU A 60 22.33 85.36 -43.54
N PHE A 61 21.32 84.48 -43.34
CA PHE A 61 21.17 83.37 -44.27
C PHE A 61 20.85 83.84 -45.70
N PHE A 62 20.06 84.90 -45.87
CA PHE A 62 19.61 85.30 -47.24
C PHE A 62 20.36 86.53 -47.75
N ASN A 63 21.46 86.91 -47.15
CA ASN A 63 22.36 88.02 -47.57
C ASN A 63 21.75 89.39 -47.42
N TYR A 64 21.23 89.78 -46.27
CA TYR A 64 20.67 91.13 -46.05
C TYR A 64 21.70 91.95 -45.28
N THR A 65 21.55 93.26 -45.21
CA THR A 65 22.47 94.21 -44.58
C THR A 65 21.72 94.92 -43.47
N VAL A 66 21.71 94.32 -42.28
CA VAL A 66 20.95 94.83 -41.15
C VAL A 66 21.79 95.88 -40.43
N ARG A 67 21.11 96.84 -39.80
CA ARG A 67 21.75 97.80 -38.90
C ARG A 67 20.87 97.97 -37.67
N THR A 68 21.39 97.57 -36.51
CA THR A 68 20.64 97.62 -35.28
C THR A 68 20.83 98.98 -34.62
N LEU A 69 19.77 99.48 -33.98
CA LEU A 69 19.79 100.79 -33.35
C LEU A 69 19.69 100.65 -31.84
N GLY A 70 20.40 101.51 -31.13
CA GLY A 70 20.30 101.55 -29.68
C GLY A 70 20.80 100.32 -28.97
N LEU A 71 21.95 99.79 -29.38
CA LEU A 71 22.49 98.57 -28.80
C LEU A 71 23.36 98.93 -27.61
N GLY A 72 22.75 98.95 -26.42
CA GLY A 72 23.50 99.24 -25.21
C GLY A 72 22.79 100.16 -24.23
N GLU A 73 21.87 100.98 -24.74
CA GLU A 73 21.15 101.92 -23.90
C GLU A 73 20.09 101.21 -23.07
N GLU A 74 19.40 101.98 -22.24
CA GLU A 74 18.36 101.47 -21.37
C GLU A 74 16.99 101.67 -22.03
N TRP A 75 16.09 100.72 -21.80
CA TRP A 75 14.74 100.81 -22.34
C TRP A 75 13.93 101.85 -21.60
N ARG A 76 13.87 103.07 -22.13
CA ARG A 76 13.19 104.20 -21.49
C ARG A 76 11.70 104.23 -21.77
N GLY A 77 11.11 103.11 -22.20
CA GLY A 77 9.69 103.05 -22.42
C GLY A 77 8.95 102.55 -21.19
N GLY A 78 8.36 101.36 -21.30
CA GLY A 78 7.64 100.77 -20.18
C GLY A 78 7.40 99.28 -20.39
N ASP A 79 6.22 98.81 -20.03
CA ASP A 79 5.84 97.43 -20.33
C ASP A 79 5.83 97.23 -21.85
N VAL A 80 6.32 96.07 -22.28
CA VAL A 80 6.53 95.85 -23.72
C VAL A 80 5.21 95.87 -24.47
N ALA A 81 4.23 95.09 -24.00
CA ALA A 81 2.94 95.03 -24.67
C ALA A 81 1.77 94.94 -23.70
N ARG A 82 1.99 95.20 -22.41
CA ARG A 82 0.91 95.07 -21.44
C ARG A 82 -0.21 96.07 -21.72
N THR A 83 0.08 97.37 -21.57
CA THR A 83 -0.89 98.40 -21.89
C THR A 83 -0.43 99.30 -23.04
N VAL A 84 0.74 99.93 -22.91
CA VAL A 84 1.25 100.85 -23.93
C VAL A 84 2.77 100.78 -23.94
N GLY A 85 3.39 101.47 -24.88
CA GLY A 85 4.83 101.55 -24.96
C GLY A 85 5.28 101.73 -26.40
N GLY A 86 6.59 101.70 -26.60
CA GLY A 86 7.17 101.75 -27.92
C GLY A 86 7.36 103.13 -28.51
N GLY A 87 7.44 104.17 -27.67
CA GLY A 87 7.66 105.51 -28.19
C GLY A 87 9.10 105.90 -28.39
N GLN A 88 10.04 105.08 -27.93
CA GLN A 88 11.46 105.39 -28.08
C GLN A 88 11.98 105.02 -29.46
N LYS A 89 11.39 103.99 -30.08
CA LYS A 89 11.85 103.55 -31.39
C LYS A 89 11.65 104.63 -32.44
N VAL A 90 10.54 105.35 -32.40
CA VAL A 90 10.31 106.42 -33.37
C VAL A 90 11.33 107.53 -33.18
N ARG A 91 11.64 107.88 -31.92
CA ARG A 91 12.64 108.92 -31.68
C ARG A 91 14.00 108.48 -32.20
N TRP A 92 14.38 107.23 -31.95
CA TRP A 92 15.68 106.74 -32.45
C TRP A 92 15.72 106.73 -33.97
N LEU A 93 14.63 106.31 -34.61
CA LEU A 93 14.59 106.29 -36.07
C LEU A 93 14.65 107.70 -36.64
N LYS A 94 13.98 108.66 -36.00
CA LYS A 94 14.06 110.03 -36.44
C LYS A 94 15.47 110.58 -36.31
N LYS A 95 16.14 110.26 -35.21
CA LYS A 95 17.52 110.71 -35.03
C LYS A 95 18.44 110.10 -36.09
N GLU A 96 18.17 108.84 -36.47
CA GLU A 96 19.04 108.18 -37.44
C GLU A 96 18.78 108.66 -38.86
N MET A 97 17.52 109.01 -39.17
CA MET A 97 17.15 109.31 -40.55
C MET A 97 17.79 110.58 -41.08
N GLU A 98 18.38 111.41 -40.21
CA GLU A 98 19.01 112.65 -40.66
C GLU A 98 20.16 112.38 -41.62
N LYS A 99 20.76 111.19 -41.57
CA LYS A 99 21.88 110.86 -42.44
C LYS A 99 21.43 110.29 -43.78
N TYR A 100 20.13 110.05 -43.96
CA TYR A 100 19.59 109.53 -45.22
C TYR A 100 18.49 110.41 -45.78
N ALA A 101 18.34 111.63 -45.26
CA ALA A 101 17.23 112.49 -45.66
C ALA A 101 17.31 112.92 -47.12
N ASP A 102 18.48 112.84 -47.74
CA ASP A 102 18.66 113.26 -49.12
C ASP A 102 18.79 112.11 -50.10
N ARG A 103 19.09 110.90 -49.61
CA ARG A 103 19.25 109.75 -50.50
C ARG A 103 17.90 109.29 -51.01
N GLU A 104 17.79 109.12 -52.33
CA GLU A 104 16.56 108.61 -52.94
C GLU A 104 16.73 107.20 -53.49
N ASP A 105 17.97 106.79 -53.77
CA ASP A 105 18.27 105.49 -54.35
C ASP A 105 18.35 104.37 -53.33
N MET A 106 17.75 104.53 -52.15
CA MET A 106 17.75 103.48 -51.14
C MET A 106 16.33 103.20 -50.68
N ILE A 107 16.04 101.94 -50.37
CA ILE A 107 14.76 101.52 -49.83
C ILE A 107 15.01 101.04 -48.40
N ILE A 108 14.18 101.51 -47.47
CA ILE A 108 14.38 101.28 -46.05
C ILE A 108 13.25 100.42 -45.51
N MET A 109 13.61 99.35 -44.81
CA MET A 109 12.66 98.46 -44.16
C MET A 109 12.88 98.50 -42.66
N PHE A 110 11.79 98.66 -41.91
CA PHE A 110 11.83 98.72 -40.46
C PHE A 110 11.01 97.57 -39.90
N VAL A 111 11.64 96.78 -39.03
CA VAL A 111 11.00 95.60 -38.45
C VAL A 111 11.40 95.48 -36.99
N ASP A 112 10.45 95.02 -36.17
CA ASP A 112 10.78 94.62 -34.81
C ASP A 112 11.73 93.43 -34.84
N SER A 113 12.61 93.35 -33.85
CA SER A 113 13.69 92.38 -33.88
C SER A 113 13.46 91.18 -32.98
N TYR A 114 12.75 91.33 -31.87
CA TYR A 114 12.69 90.24 -30.91
C TYR A 114 11.73 89.12 -31.30
N ASP A 115 10.74 89.40 -32.15
CA ASP A 115 9.73 88.40 -32.47
C ASP A 115 9.44 88.37 -33.97
N VAL A 116 10.49 88.36 -34.78
CA VAL A 116 10.36 88.34 -36.23
C VAL A 116 11.43 87.43 -36.81
N ILE A 117 11.03 86.60 -37.78
CA ILE A 117 11.97 85.81 -38.56
C ILE A 117 11.64 85.99 -40.04
N LEU A 118 12.67 86.12 -40.87
CA LEU A 118 12.50 86.30 -42.30
C LEU A 118 12.40 84.96 -43.00
N ALA A 119 11.56 84.88 -44.03
CA ALA A 119 11.36 83.65 -44.76
C ALA A 119 11.49 83.81 -46.27
N GLY A 120 11.97 84.95 -46.75
CA GLY A 120 12.11 85.18 -48.17
C GLY A 120 13.46 85.73 -48.57
N SER A 121 13.63 86.07 -49.83
CA SER A 121 14.89 86.54 -50.38
C SER A 121 14.80 88.01 -50.76
N PRO A 122 15.91 88.74 -50.74
CA PRO A 122 15.82 90.19 -51.01
C PRO A 122 15.28 90.52 -52.39
N THR A 123 15.62 89.71 -53.40
CA THR A 123 15.12 89.98 -54.75
C THR A 123 13.61 89.80 -54.81
N GLU A 124 13.09 88.76 -54.18
CA GLU A 124 11.65 88.53 -54.16
C GLU A 124 10.93 89.67 -53.45
N LEU A 125 11.48 90.13 -52.33
CA LEU A 125 10.89 91.26 -51.60
C LEU A 125 10.87 92.50 -52.49
N LEU A 126 11.97 92.78 -53.18
CA LEU A 126 12.03 93.95 -54.04
C LEU A 126 11.01 93.86 -55.17
N LYS A 127 10.89 92.68 -55.78
CA LYS A 127 9.92 92.50 -56.86
C LYS A 127 8.50 92.71 -56.37
N LYS A 128 8.15 92.14 -55.21
CA LYS A 128 6.80 92.31 -54.69
C LYS A 128 6.51 93.76 -54.33
N PHE A 129 7.50 94.46 -53.74
CA PHE A 129 7.31 95.86 -53.41
C PHE A 129 7.10 96.70 -54.65
N VAL A 130 7.91 96.46 -55.69
CA VAL A 130 7.75 97.22 -56.93
C VAL A 130 6.39 96.93 -57.56
N GLN A 131 5.93 95.67 -57.47
CA GLN A 131 4.61 95.34 -57.97
C GLN A 131 3.51 96.07 -57.21
N SER A 132 3.70 96.24 -55.90
CA SER A 132 2.73 97.02 -55.12
C SER A 132 2.66 98.45 -55.59
N GLY A 133 3.81 99.08 -55.87
CA GLY A 133 3.84 100.40 -56.45
C GLY A 133 3.88 101.54 -55.47
N SER A 134 3.25 101.38 -54.31
CA SER A 134 3.14 102.46 -53.36
C SER A 134 4.51 102.80 -52.76
N ARG A 135 4.62 104.02 -52.24
CA ARG A 135 5.84 104.49 -51.61
C ARG A 135 5.92 104.14 -50.13
N LEU A 136 4.89 103.49 -49.59
CA LEU A 136 4.92 103.04 -48.20
C LEU A 136 3.86 101.97 -48.02
N LEU A 137 4.29 100.77 -47.64
CA LEU A 137 3.37 99.68 -47.29
C LEU A 137 3.53 99.36 -45.81
N PHE A 138 2.43 99.36 -45.10
CA PHE A 138 2.41 98.94 -43.71
C PHE A 138 1.95 97.48 -43.63
N SER A 139 1.84 96.95 -42.42
CA SER A 139 1.32 95.61 -42.22
C SER A 139 -0.10 95.71 -41.68
N ALA A 140 -1.02 95.01 -42.31
CA ALA A 140 -2.44 95.10 -41.98
C ALA A 140 -2.83 93.94 -41.06
N GLU A 141 -3.41 94.28 -39.92
CA GLU A 141 -3.95 93.30 -38.98
C GLU A 141 -5.47 93.44 -38.94
N SER A 142 -6.11 92.69 -38.06
CA SER A 142 -7.56 92.69 -37.97
C SER A 142 -8.11 93.28 -36.68
N PHE A 143 -7.25 93.78 -35.80
CA PHE A 143 -7.67 94.34 -34.53
C PHE A 143 -7.22 95.79 -34.42
N CYS A 144 -7.95 96.57 -33.61
CA CYS A 144 -7.61 97.96 -33.34
C CYS A 144 -7.17 98.03 -31.87
N TRP A 145 -5.87 97.90 -31.65
CA TRP A 145 -5.34 97.72 -30.31
C TRP A 145 -5.48 98.98 -29.46
N PRO A 146 -4.83 100.11 -29.80
CA PRO A 146 -4.78 101.24 -28.85
C PRO A 146 -6.15 101.89 -28.65
N GLU A 147 -6.76 102.34 -29.74
CA GLU A 147 -8.02 103.06 -29.68
C GLU A 147 -9.05 102.37 -30.56
N TRP A 148 -10.26 102.25 -30.02
CA TRP A 148 -11.36 101.54 -30.65
C TRP A 148 -12.29 102.45 -31.45
N GLY A 149 -12.34 103.74 -31.11
CA GLY A 149 -13.26 104.64 -31.76
C GLY A 149 -12.97 104.91 -33.22
N LEU A 150 -11.72 104.75 -33.64
CA LEU A 150 -11.34 105.02 -35.02
C LEU A 150 -11.65 103.87 -35.97
N ALA A 151 -12.49 102.92 -35.56
CA ALA A 151 -12.77 101.75 -36.39
C ALA A 151 -13.47 102.13 -37.68
N GLU A 152 -14.42 103.06 -37.61
CA GLU A 152 -15.25 103.37 -38.77
C GLU A 152 -14.59 104.32 -39.76
N GLN A 153 -13.48 104.97 -39.39
CA GLN A 153 -12.84 105.91 -40.30
C GLN A 153 -11.96 105.22 -41.34
N TYR A 154 -11.59 103.96 -41.13
CA TYR A 154 -10.74 103.28 -42.08
C TYR A 154 -11.48 103.05 -43.40
N PRO A 155 -10.78 103.16 -44.52
CA PRO A 155 -11.38 102.76 -45.80
C PRO A 155 -11.82 101.30 -45.75
N GLU A 156 -12.94 101.02 -46.41
CA GLU A 156 -13.50 99.67 -46.41
C GLU A 156 -12.62 98.74 -47.23
N VAL A 157 -12.58 97.47 -46.82
CA VAL A 157 -11.86 96.42 -47.53
C VAL A 157 -12.73 95.17 -47.52
N GLY A 158 -12.87 94.53 -48.68
CA GLY A 158 -13.74 93.38 -48.81
C GLY A 158 -13.29 92.15 -48.04
N THR A 159 -12.16 91.57 -48.43
CA THR A 159 -11.71 90.29 -47.91
C THR A 159 -10.47 90.38 -47.04
N GLY A 160 -9.46 91.12 -47.47
CA GLY A 160 -8.21 91.16 -46.75
C GLY A 160 -8.32 91.89 -45.43
N LYS A 161 -7.19 91.96 -44.74
CA LYS A 161 -7.12 92.70 -43.49
C LYS A 161 -7.34 94.19 -43.74
N ARG A 162 -7.91 94.86 -42.76
CA ARG A 162 -8.36 96.24 -42.91
C ARG A 162 -7.49 97.25 -42.18
N PHE A 163 -7.14 97.00 -40.92
CA PHE A 163 -6.53 98.00 -40.07
C PHE A 163 -5.04 98.13 -40.38
N LEU A 164 -4.32 98.88 -39.53
CA LEU A 164 -2.91 99.17 -39.71
C LEU A 164 -2.14 98.72 -38.47
N ASN A 165 -0.99 98.08 -38.69
CA ASN A 165 -0.12 97.67 -37.60
C ASN A 165 1.29 98.17 -37.89
N SER A 166 1.95 98.70 -36.85
CA SER A 166 3.24 99.36 -37.01
C SER A 166 4.42 98.42 -36.76
N GLY A 167 4.21 97.11 -36.84
CA GLY A 167 5.27 96.16 -36.62
C GLY A 167 6.20 95.95 -37.79
N GLY A 168 5.96 96.62 -38.91
CA GLY A 168 6.81 96.50 -40.07
C GLY A 168 6.30 97.30 -41.25
N PHE A 169 7.20 97.98 -41.95
CA PHE A 169 6.82 98.75 -43.12
C PHE A 169 8.04 98.97 -44.00
N ILE A 170 7.81 99.19 -45.29
CA ILE A 170 8.88 99.33 -46.28
C ILE A 170 8.54 100.47 -47.21
N GLY A 171 9.52 101.30 -47.53
CA GLY A 171 9.29 102.41 -48.43
C GLY A 171 10.58 103.14 -48.74
N PHE A 172 10.47 104.16 -49.58
CA PHE A 172 11.62 104.94 -49.98
C PHE A 172 12.11 105.81 -48.82
N ALA A 173 13.34 106.31 -48.97
CA ALA A 173 13.97 107.04 -47.87
C ALA A 173 13.32 108.40 -47.65
N THR A 174 13.00 109.11 -48.73
CA THR A 174 12.41 110.44 -48.60
C THR A 174 11.04 110.38 -47.92
N THR A 175 10.21 109.42 -48.33
CA THR A 175 8.90 109.29 -47.72
C THR A 175 9.01 108.91 -46.25
N ILE A 176 9.93 108.00 -45.91
CA ILE A 176 10.11 107.62 -44.52
C ILE A 176 10.58 108.82 -43.70
N HIS A 177 11.44 109.66 -44.28
CA HIS A 177 11.89 110.85 -43.57
C HIS A 177 10.72 111.81 -43.33
N GLN A 178 9.88 112.00 -44.35
CA GLN A 178 8.72 112.88 -44.18
C GLN A 178 7.77 112.36 -43.12
N ILE A 179 7.57 111.04 -43.07
CA ILE A 179 6.71 110.47 -42.03
C ILE A 179 7.31 110.65 -40.65
N VAL A 180 8.62 110.39 -40.49
CA VAL A 180 9.19 110.35 -39.15
C VAL A 180 9.61 111.71 -38.60
N ARG A 181 9.69 112.75 -39.44
CA ARG A 181 10.16 114.03 -38.92
C ARG A 181 9.16 114.72 -38.00
N GLN A 182 7.91 114.24 -37.92
CA GLN A 182 6.88 114.92 -37.14
C GLN A 182 6.75 114.40 -35.71
N TRP A 183 7.64 113.51 -35.28
CA TRP A 183 7.51 112.92 -33.95
C TRP A 183 7.98 113.91 -32.89
N LYS A 184 7.06 114.34 -32.02
CA LYS A 184 7.42 115.19 -30.88
C LYS A 184 6.45 114.86 -29.74
N TYR A 185 6.86 113.91 -28.89
CA TYR A 185 6.06 113.51 -27.74
C TYR A 185 6.99 113.02 -26.65
N LYS A 186 6.41 112.64 -25.51
CA LYS A 186 7.19 112.06 -24.44
C LYS A 186 7.66 110.67 -24.80
N ASP A 187 8.78 110.27 -24.20
CA ASP A 187 9.43 109.00 -24.55
C ASP A 187 8.56 107.79 -24.25
N ASP A 188 7.61 107.91 -23.32
CA ASP A 188 6.74 106.80 -22.95
C ASP A 188 5.44 106.80 -23.74
N ASP A 189 5.27 107.71 -24.69
CA ASP A 189 4.05 107.80 -25.46
C ASP A 189 3.90 106.58 -26.37
N ASP A 190 2.65 106.25 -26.67
CA ASP A 190 2.38 105.11 -27.55
C ASP A 190 2.77 105.46 -28.99
N ASP A 191 2.93 104.40 -29.79
CA ASP A 191 3.47 104.50 -31.14
C ASP A 191 2.41 104.28 -32.21
N GLN A 192 1.57 103.25 -32.06
CA GLN A 192 0.66 102.86 -33.12
C GLN A 192 -0.37 103.94 -33.41
N LEU A 193 -0.88 104.62 -32.37
CA LEU A 193 -1.91 105.63 -32.58
C LEU A 193 -1.40 106.79 -33.41
N PHE A 194 -0.11 107.12 -33.29
CA PHE A 194 0.47 108.20 -34.08
C PHE A 194 0.45 107.85 -35.57
N TYR A 195 0.89 106.63 -35.91
CA TYR A 195 0.87 106.19 -37.30
C TYR A 195 -0.56 106.13 -37.82
N THR A 196 -1.48 105.63 -37.00
CA THR A 196 -2.88 105.53 -37.42
C THR A 196 -3.47 106.91 -37.70
N ARG A 197 -3.22 107.87 -36.81
CA ARG A 197 -3.73 109.22 -37.00
C ARG A 197 -3.12 109.87 -38.25
N LEU A 198 -1.81 109.63 -38.47
CA LEU A 198 -1.18 110.16 -39.67
C LEU A 198 -1.76 109.56 -40.94
N TYR A 199 -2.08 108.25 -40.90
CA TYR A 199 -2.58 107.58 -42.09
C TYR A 199 -4.04 107.92 -42.37
N LEU A 200 -4.83 108.17 -41.33
CA LEU A 200 -6.26 108.40 -41.52
C LEU A 200 -6.57 109.71 -42.21
N ASP A 201 -5.59 110.62 -42.33
CA ASP A 201 -5.81 111.86 -43.06
C ASP A 201 -5.86 111.55 -44.55
N PRO A 202 -6.96 111.89 -45.23
CA PRO A 202 -7.07 111.54 -46.66
C PRO A 202 -6.07 112.27 -47.54
N GLY A 203 -5.95 113.58 -47.33
CA GLY A 203 -5.05 114.37 -48.16
C GLY A 203 -3.60 113.94 -48.01
N LEU A 204 -3.16 113.73 -46.76
CA LEU A 204 -1.78 113.30 -46.52
C LEU A 204 -1.53 111.91 -47.11
N ARG A 205 -2.50 111.01 -46.96
CA ARG A 205 -2.37 109.66 -47.51
C ARG A 205 -2.24 109.70 -49.03
N GLU A 206 -3.05 110.53 -49.69
CA GLU A 206 -2.96 110.62 -51.15
C GLU A 206 -1.67 111.31 -51.57
N LYS A 207 -1.20 112.28 -50.78
CA LYS A 207 0.02 113.00 -51.14
C LYS A 207 1.25 112.11 -51.06
N LEU A 208 1.39 111.35 -49.97
CA LEU A 208 2.57 110.52 -49.79
C LEU A 208 2.38 109.08 -50.25
N SER A 209 1.23 108.75 -50.85
CA SER A 209 1.00 107.44 -51.47
C SER A 209 1.14 106.29 -50.47
N LEU A 210 0.53 106.47 -49.30
CA LEU A 210 0.52 105.39 -48.32
C LEU A 210 -0.37 104.24 -48.80
N ASN A 211 -0.15 103.07 -48.21
CA ASN A 211 -0.94 101.89 -48.55
C ASN A 211 -0.75 100.85 -47.45
N LEU A 212 -1.57 99.81 -47.50
CA LEU A 212 -1.47 98.68 -46.59
C LEU A 212 -1.36 97.39 -47.40
N ASP A 213 -0.71 96.40 -46.80
CA ASP A 213 -0.59 95.07 -47.38
C ASP A 213 -1.83 94.27 -46.97
N HIS A 214 -2.90 94.46 -47.76
CA HIS A 214 -4.21 93.94 -47.39
C HIS A 214 -4.23 92.42 -47.36
N LYS A 215 -3.60 91.78 -48.35
CA LYS A 215 -3.75 90.34 -48.54
C LYS A 215 -2.57 89.53 -48.00
N SER A 216 -1.80 90.11 -47.07
CA SER A 216 -0.67 89.43 -46.45
C SER A 216 0.31 88.91 -47.51
N ARG A 217 0.73 89.82 -48.38
CA ARG A 217 1.65 89.48 -49.46
C ARG A 217 3.11 89.56 -49.07
N ILE A 218 3.47 90.42 -48.11
CA ILE A 218 4.84 90.52 -47.65
C ILE A 218 4.89 90.28 -46.15
N PHE A 219 4.13 91.07 -45.39
CA PHE A 219 4.10 90.97 -43.94
C PHE A 219 2.92 90.11 -43.50
N GLN A 220 3.20 89.11 -42.67
CA GLN A 220 2.18 88.24 -42.10
C GLN A 220 2.19 88.38 -40.59
N ASN A 221 1.02 88.65 -40.02
CA ASN A 221 0.88 88.77 -38.58
C ASN A 221 0.15 87.55 -38.04
N LEU A 222 0.71 86.97 -36.98
CA LEU A 222 0.20 85.72 -36.41
C LEU A 222 -0.82 85.96 -35.30
N ASN A 223 -1.52 87.08 -35.33
CA ASN A 223 -2.57 87.38 -34.36
C ASN A 223 -3.88 87.55 -35.12
N GLY A 224 -4.80 86.61 -34.91
CA GLY A 224 -6.03 86.58 -35.66
C GLY A 224 -5.97 85.86 -36.97
N ALA A 225 -4.81 85.30 -37.32
CA ALA A 225 -4.64 84.53 -38.55
C ALA A 225 -3.84 83.27 -38.28
N LEU A 226 -4.12 82.61 -37.15
CA LEU A 226 -3.43 81.39 -36.78
C LEU A 226 -3.97 80.16 -37.50
N ASP A 227 -5.09 80.29 -38.20
CA ASP A 227 -5.69 79.17 -38.92
C ASP A 227 -5.58 79.31 -40.43
N GLU A 228 -4.68 80.19 -40.89
CA GLU A 228 -4.48 80.41 -42.31
C GLU A 228 -3.03 80.17 -42.73
N VAL A 229 -2.17 79.74 -41.82
CA VAL A 229 -0.75 79.55 -42.09
C VAL A 229 -0.43 78.07 -41.97
N VAL A 230 0.22 77.52 -43.00
CA VAL A 230 0.67 76.13 -42.99
C VAL A 230 2.12 76.08 -43.40
N LEU A 231 2.90 75.23 -42.74
CA LEU A 231 4.28 75.02 -43.14
C LEU A 231 4.32 74.33 -44.48
N LYS A 232 5.21 74.78 -45.37
CA LYS A 232 5.35 74.19 -46.69
C LYS A 232 6.80 73.74 -46.87
N PHE A 233 7.04 72.45 -46.66
CA PHE A 233 8.38 71.91 -46.75
C PHE A 233 8.88 71.91 -48.19
N ASP A 234 10.21 71.90 -48.32
CA ASP A 234 10.85 71.86 -49.62
C ASP A 234 12.11 71.02 -49.50
N ARG A 235 12.92 71.02 -50.56
CA ARG A 235 14.08 70.14 -50.59
C ARG A 235 15.08 70.48 -49.50
N ASN A 236 15.49 71.76 -49.43
CA ASN A 236 16.53 72.17 -48.49
C ASN A 236 16.16 73.44 -47.74
N ARG A 237 14.90 73.84 -47.74
CA ARG A 237 14.45 74.99 -46.96
C ARG A 237 12.96 74.84 -46.71
N VAL A 238 12.47 75.58 -45.72
CA VAL A 238 11.08 75.52 -45.33
C VAL A 238 10.48 76.91 -45.41
N ARG A 239 9.24 76.99 -45.89
CA ARG A 239 8.57 78.26 -46.12
C ARG A 239 7.12 78.12 -45.66
N ILE A 240 6.52 79.25 -45.28
CA ILE A 240 5.14 79.26 -44.85
C ILE A 240 4.27 79.68 -46.02
N ARG A 241 3.00 79.32 -45.95
CA ARG A 241 2.03 79.58 -47.01
C ARG A 241 0.71 80.03 -46.40
N ASN A 242 0.07 81.00 -47.02
CA ASN A 242 -1.21 81.52 -46.56
C ASN A 242 -2.31 80.88 -47.42
N VAL A 243 -3.03 79.92 -46.84
CA VAL A 243 -4.04 79.19 -47.60
C VAL A 243 -5.20 80.10 -47.98
N ALA A 244 -5.53 81.07 -47.12
CA ALA A 244 -6.70 81.91 -47.36
C ALA A 244 -6.58 82.75 -48.63
N TYR A 245 -5.41 83.29 -48.92
CA TYR A 245 -5.22 84.12 -50.10
C TYR A 245 -4.18 83.57 -51.07
N ASP A 246 -3.60 82.39 -50.79
CA ASP A 246 -2.61 81.76 -51.66
C ASP A 246 -1.40 82.65 -51.91
N THR A 247 -0.92 83.31 -50.86
CA THR A 247 0.25 84.16 -50.92
C THR A 247 1.32 83.64 -49.98
N LEU A 248 2.58 83.81 -50.37
CA LEU A 248 3.70 83.41 -49.53
C LEU A 248 4.33 84.65 -48.92
N PRO A 249 4.19 84.89 -47.62
CA PRO A 249 4.76 86.09 -47.01
C PRO A 249 6.27 86.01 -46.96
N ILE A 250 6.87 87.18 -46.69
CA ILE A 250 8.32 87.31 -46.59
C ILE A 250 8.78 87.37 -45.14
N VAL A 251 8.12 88.16 -44.31
CA VAL A 251 8.46 88.28 -42.90
C VAL A 251 7.30 87.70 -42.10
N VAL A 252 7.61 87.15 -40.94
CA VAL A 252 6.59 86.63 -40.04
C VAL A 252 6.70 87.37 -38.71
N HIS A 253 5.60 87.94 -38.25
CA HIS A 253 5.60 88.71 -37.00
C HIS A 253 4.61 88.06 -36.04
N GLY A 254 5.12 87.52 -34.94
CA GLY A 254 4.27 86.93 -33.93
C GLY A 254 3.88 87.93 -32.86
N ASN A 255 3.11 88.94 -33.24
CA ASN A 255 2.72 89.99 -32.32
C ASN A 255 1.62 89.50 -31.39
N GLY A 256 1.40 90.25 -30.31
CA GLY A 256 0.40 89.89 -29.34
C GLY A 256 0.79 88.68 -28.53
N PRO A 257 -0.21 87.97 -28.00
CA PRO A 257 0.05 86.78 -27.18
C PRO A 257 0.22 85.51 -28.00
N THR A 258 0.99 85.59 -29.08
CA THR A 258 1.27 84.44 -29.94
C THR A 258 2.77 84.33 -30.20
N LYS A 259 3.56 84.46 -29.15
CA LYS A 259 5.00 84.25 -29.27
C LYS A 259 5.37 82.78 -29.24
N LEU A 260 4.58 81.94 -28.58
CA LEU A 260 4.86 80.51 -28.55
C LEU A 260 4.70 79.89 -29.95
N GLN A 261 3.71 80.36 -30.70
CA GLN A 261 3.54 79.86 -32.07
C GLN A 261 4.74 80.24 -32.93
N LEU A 262 5.27 81.44 -32.74
CA LEU A 262 6.47 81.84 -33.48
C LEU A 262 7.69 81.02 -33.06
N ASN A 263 7.80 80.71 -31.76
CA ASN A 263 8.86 79.82 -31.32
C ASN A 263 8.74 78.46 -31.97
N TYR A 264 7.51 77.95 -32.11
CA TYR A 264 7.30 76.69 -32.80
C TYR A 264 7.71 76.78 -34.27
N LEU A 265 7.37 77.90 -34.92
CA LEU A 265 7.73 78.09 -36.33
C LEU A 265 9.22 78.27 -36.53
N GLY A 266 9.95 78.73 -35.52
CA GLY A 266 11.36 79.01 -35.70
C GLY A 266 12.24 77.77 -35.77
N ASN A 267 11.70 76.60 -35.43
CA ASN A 267 12.49 75.37 -35.52
C ASN A 267 12.72 74.97 -36.98
N TYR A 268 11.85 75.39 -37.89
CA TYR A 268 11.95 75.02 -39.29
C TYR A 268 12.33 76.20 -40.18
N VAL A 269 11.56 77.27 -40.13
CA VAL A 269 11.75 78.40 -41.07
C VAL A 269 12.99 79.17 -40.67
N PRO A 270 13.92 79.44 -41.59
CA PRO A 270 13.97 78.98 -42.99
C PRO A 270 14.94 77.82 -43.21
N ASN A 271 15.92 77.61 -42.34
CA ASN A 271 16.88 76.53 -42.51
C ASN A 271 17.09 75.76 -41.22
N GLY A 272 16.11 75.76 -40.33
CA GLY A 272 16.24 75.04 -39.08
C GLY A 272 16.36 73.55 -39.31
N TRP A 273 15.29 72.93 -39.80
CA TRP A 273 15.27 71.51 -40.10
C TRP A 273 14.79 71.30 -41.52
N THR A 274 15.51 70.47 -42.26
CA THR A 274 15.23 70.22 -43.67
C THR A 274 15.13 68.72 -43.91
N PRO A 275 14.35 68.29 -44.90
CA PRO A 275 14.12 66.84 -45.08
C PRO A 275 15.37 66.05 -45.38
N GLU A 276 16.44 66.67 -45.87
CA GLU A 276 17.65 65.96 -46.22
C GLU A 276 18.91 66.58 -45.60
N GLY A 277 18.74 67.51 -44.68
CA GLY A 277 19.89 68.19 -44.11
C GLY A 277 19.95 68.16 -42.61
N GLY A 278 19.18 67.28 -41.99
CA GLY A 278 19.17 67.18 -40.54
C GLY A 278 18.77 68.48 -39.87
N CYS A 279 19.60 68.94 -38.94
CA CYS A 279 19.35 70.17 -38.21
C CYS A 279 20.24 71.29 -38.75
N GLY A 280 19.94 72.52 -38.33
CA GLY A 280 20.67 73.68 -38.78
C GLY A 280 21.72 74.13 -37.78
N PHE A 281 21.41 75.17 -37.01
CA PHE A 281 22.28 75.58 -35.91
C PHE A 281 21.99 74.67 -34.72
N CYS A 282 22.41 73.42 -34.86
CA CYS A 282 22.18 72.42 -33.82
C CYS A 282 23.40 71.56 -33.54
N ASN A 283 24.57 71.90 -34.07
CA ASN A 283 25.80 71.17 -33.79
C ASN A 283 27.00 72.08 -33.60
N GLN A 284 26.81 73.40 -33.67
CA GLN A 284 27.89 74.36 -33.54
C GLN A 284 27.90 74.97 -32.14
N ASP A 285 28.78 75.96 -31.95
CA ASP A 285 28.94 76.67 -30.68
C ASP A 285 29.21 75.70 -29.53
N ARG A 286 30.14 74.78 -29.78
CA ARG A 286 30.45 73.70 -28.86
C ARG A 286 31.78 74.00 -28.15
N ARG A 287 31.76 73.94 -26.83
CA ARG A 287 32.97 74.24 -26.05
C ARG A 287 34.06 73.21 -26.30
N THR A 288 33.70 71.93 -26.38
CA THR A 288 34.62 70.80 -26.52
C THR A 288 35.54 70.66 -25.31
N LEU A 289 35.31 71.48 -24.28
CA LEU A 289 36.01 71.38 -23.00
C LEU A 289 37.54 71.36 -23.13
N PRO A 290 38.14 72.40 -23.73
CA PRO A 290 39.60 72.43 -23.83
C PRO A 290 40.26 73.15 -22.66
N GLY A 291 41.58 73.30 -22.71
CA GLY A 291 42.32 74.14 -21.78
C GLY A 291 43.30 73.38 -20.91
N GLY A 292 42.99 72.13 -20.59
CA GLY A 292 43.80 71.38 -19.65
C GLY A 292 43.38 71.65 -18.22
N GLN A 293 42.84 72.84 -17.98
CA GLN A 293 42.26 73.15 -16.69
C GLN A 293 41.09 72.22 -16.42
N PRO A 294 40.86 71.81 -15.17
CA PRO A 294 39.74 70.91 -14.87
C PRO A 294 38.42 71.52 -15.35
N PRO A 295 37.49 70.68 -15.78
CA PRO A 295 36.28 71.17 -16.45
C PRO A 295 35.48 72.09 -15.55
N PRO A 296 34.52 72.84 -16.11
CA PRO A 296 33.73 73.76 -15.28
C PRO A 296 33.01 73.03 -14.16
N ARG A 297 32.93 73.69 -13.01
CA ARG A 297 32.26 73.10 -11.87
C ARG A 297 30.76 72.95 -12.14
N VAL A 298 30.16 71.94 -11.52
CA VAL A 298 28.74 71.65 -11.67
C VAL A 298 28.16 71.36 -10.30
N PHE A 299 27.00 71.96 -10.01
CA PHE A 299 26.32 71.77 -8.74
C PHE A 299 25.19 70.76 -8.98
N LEU A 300 25.50 69.48 -8.74
CA LEU A 300 24.49 68.44 -8.88
C LEU A 300 23.38 68.62 -7.85
N ALA A 301 22.16 68.30 -8.27
CA ALA A 301 21.02 68.38 -7.35
C ALA A 301 20.10 67.21 -7.65
N VAL A 302 19.85 66.38 -6.65
CA VAL A 302 19.03 65.18 -6.78
C VAL A 302 17.86 65.30 -5.81
N PHE A 303 16.65 65.09 -6.32
CA PHE A 303 15.43 65.29 -5.53
C PHE A 303 14.64 63.99 -5.45
N VAL A 304 14.31 63.58 -4.24
CA VAL A 304 13.51 62.38 -3.98
C VAL A 304 12.33 62.80 -3.11
N GLU A 305 11.12 62.77 -3.68
CA GLU A 305 9.93 63.19 -2.95
C GLU A 305 8.80 62.17 -3.03
N GLN A 306 9.03 61.03 -3.66
CA GLN A 306 8.04 59.97 -3.77
C GLN A 306 8.73 58.65 -3.46
N PRO A 307 7.96 57.62 -3.09
CA PRO A 307 8.54 56.28 -3.06
C PRO A 307 8.79 55.79 -4.47
N THR A 308 10.05 55.77 -4.90
CA THR A 308 10.40 55.44 -6.26
C THR A 308 11.04 54.06 -6.32
N PRO A 309 10.81 53.30 -7.39
CA PRO A 309 11.41 51.97 -7.51
C PRO A 309 12.88 52.04 -7.88
N PHE A 310 13.61 51.01 -7.46
CA PHE A 310 15.02 50.84 -7.82
C PHE A 310 15.87 52.03 -7.41
N LEU A 311 15.60 52.58 -6.22
CA LEU A 311 16.40 53.71 -5.75
C LEU A 311 17.86 53.36 -5.49
N PRO A 312 18.20 52.27 -4.79
CA PRO A 312 19.63 51.97 -4.56
C PRO A 312 20.42 51.81 -5.84
N ARG A 313 19.80 51.30 -6.90
CA ARG A 313 20.49 51.22 -8.18
C ARG A 313 20.83 52.61 -8.71
N PHE A 314 19.89 53.54 -8.59
CA PHE A 314 20.16 54.92 -8.99
C PHE A 314 21.29 55.54 -8.16
N LEU A 315 21.27 55.31 -6.84
CA LEU A 315 22.33 55.85 -5.99
C LEU A 315 23.68 55.27 -6.36
N GLN A 316 23.74 53.96 -6.63
CA GLN A 316 25.02 53.35 -6.97
C GLN A 316 25.46 53.74 -8.38
N ARG A 317 24.51 54.16 -9.22
CA ARG A 317 24.88 54.64 -10.55
C ARG A 317 25.38 56.08 -10.51
N LEU A 318 24.97 56.84 -9.48
CA LEU A 318 25.43 58.22 -9.35
C LEU A 318 26.96 58.31 -9.35
N LEU A 319 27.63 57.33 -8.74
CA LEU A 319 29.08 57.33 -8.68
C LEU A 319 29.74 57.04 -10.02
N LEU A 320 28.99 56.52 -10.99
CA LEU A 320 29.55 56.08 -12.25
C LEU A 320 29.51 57.14 -13.34
N LEU A 321 29.04 58.35 -13.03
CA LEU A 321 29.02 59.41 -14.02
C LEU A 321 30.44 59.78 -14.42
N ASP A 322 30.63 60.10 -15.71
CA ASP A 322 31.94 60.43 -16.24
C ASP A 322 32.18 61.92 -16.04
N TYR A 323 32.62 62.26 -14.84
CA TYR A 323 33.00 63.62 -14.48
C TYR A 323 33.86 63.56 -13.22
N PRO A 324 34.95 64.30 -13.16
CA PRO A 324 35.84 64.23 -11.99
C PRO A 324 35.10 64.59 -10.71
N PRO A 325 35.38 63.91 -9.61
CA PRO A 325 34.62 64.12 -8.37
C PRO A 325 35.12 65.28 -7.52
N ASP A 326 36.15 66.00 -7.95
CA ASP A 326 36.66 67.15 -7.23
C ASP A 326 36.00 68.46 -7.67
N ARG A 327 35.04 68.39 -8.59
CA ARG A 327 34.32 69.57 -9.06
C ARG A 327 32.83 69.51 -8.82
N VAL A 328 32.23 68.33 -8.76
CA VAL A 328 30.78 68.19 -8.68
C VAL A 328 30.37 68.12 -7.21
N THR A 329 29.74 69.17 -6.72
CA THR A 329 29.11 69.14 -5.41
C THR A 329 27.77 68.42 -5.52
N LEU A 330 27.10 68.22 -4.39
CA LEU A 330 25.86 67.48 -4.42
C LEU A 330 24.89 68.05 -3.39
N PHE A 331 23.59 67.95 -3.69
CA PHE A 331 22.55 68.37 -2.77
C PHE A 331 21.40 67.38 -2.93
N LEU A 332 21.33 66.40 -2.02
CA LEU A 332 20.32 65.36 -2.07
C LEU A 332 19.18 65.72 -1.12
N HIS A 333 17.96 65.77 -1.65
CA HIS A 333 16.77 66.10 -0.87
C HIS A 333 15.86 64.88 -0.83
N ASN A 334 15.72 64.29 0.35
CA ASN A 334 14.88 63.12 0.56
C ASN A 334 13.64 63.55 1.32
N ASN A 335 12.47 63.19 0.80
CA ASN A 335 11.21 63.64 1.37
C ASN A 335 10.30 62.49 1.78
N GLU A 336 10.84 61.29 1.97
CA GLU A 336 10.04 60.13 2.35
C GLU A 336 10.70 59.41 3.52
N VAL A 337 9.88 59.04 4.51
CA VAL A 337 10.41 58.29 5.64
C VAL A 337 10.77 56.87 5.22
N PHE A 338 10.22 56.41 4.10
CA PHE A 338 10.47 55.03 3.66
C PHE A 338 11.85 54.87 3.05
N HIS A 339 12.41 55.94 2.49
CA HIS A 339 13.68 55.88 1.78
C HIS A 339 14.89 56.13 2.66
N GLU A 340 14.69 56.32 3.97
CA GLU A 340 15.82 56.59 4.85
C GLU A 340 16.87 55.48 4.88
N PRO A 341 16.52 54.19 5.03
CA PRO A 341 17.58 53.17 5.10
C PRO A 341 18.48 53.10 3.89
N HIS A 342 17.95 53.28 2.68
CA HIS A 342 18.77 53.18 1.49
C HIS A 342 19.84 54.26 1.45
N ILE A 343 19.43 55.52 1.66
CA ILE A 343 20.37 56.62 1.64
C ILE A 343 21.33 56.53 2.82
N ALA A 344 20.86 56.10 3.99
CA ALA A 344 21.74 55.95 5.13
C ALA A 344 22.82 54.90 4.85
N ASP A 345 22.46 53.82 4.16
CA ASP A 345 23.44 52.80 3.80
C ASP A 345 24.43 53.36 2.78
N SER A 346 23.92 54.05 1.75
CA SER A 346 24.77 54.47 0.64
C SER A 346 25.54 55.75 0.92
N TRP A 347 25.31 56.40 2.06
CA TRP A 347 25.93 57.70 2.33
C TRP A 347 27.46 57.69 2.32
N PRO A 348 28.16 56.77 2.99
CA PRO A 348 29.63 56.89 3.06
C PRO A 348 30.31 56.91 1.70
N GLN A 349 29.81 56.14 0.73
CA GLN A 349 30.41 56.12 -0.60
C GLN A 349 30.32 57.49 -1.25
N LEU A 350 29.15 58.13 -1.18
CA LEU A 350 29.00 59.47 -1.74
C LEU A 350 29.85 60.48 -0.99
N GLN A 351 29.88 60.40 0.35
CA GLN A 351 30.64 61.35 1.14
C GLN A 351 32.13 61.26 0.82
N ASP A 352 32.62 60.05 0.54
CA ASP A 352 34.01 59.89 0.14
C ASP A 352 34.23 60.36 -1.30
N HIS A 353 33.27 60.11 -2.18
CA HIS A 353 33.48 60.31 -3.61
C HIS A 353 33.54 61.79 -3.99
N PHE A 354 32.46 62.53 -3.76
CA PHE A 354 32.34 63.88 -4.30
C PHE A 354 33.09 64.88 -3.42
N SER A 355 33.29 66.08 -3.98
CA SER A 355 34.06 67.11 -3.28
C SER A 355 33.33 67.61 -2.04
N ALA A 356 32.05 67.94 -2.15
CA ALA A 356 31.28 68.42 -1.02
C ALA A 356 29.86 67.91 -1.16
N VAL A 357 29.31 67.38 -0.07
CA VAL A 357 28.03 66.69 -0.12
C VAL A 357 27.17 67.15 1.05
N LYS A 358 25.91 67.44 0.75
CA LYS A 358 24.99 67.94 1.76
C LYS A 358 23.64 67.25 1.62
N LEU A 359 23.10 66.77 2.75
CA LEU A 359 21.84 66.07 2.80
C LEU A 359 20.79 66.92 3.53
N VAL A 360 19.55 66.85 3.05
CA VAL A 360 18.41 67.39 3.75
C VAL A 360 17.43 66.25 3.98
N GLY A 361 17.13 65.98 5.25
CA GLY A 361 16.30 64.84 5.60
C GLY A 361 14.82 65.18 5.53
N PRO A 362 14.00 64.18 5.90
CA PRO A 362 12.55 64.41 5.91
C PRO A 362 12.04 65.09 7.16
N GLU A 363 12.81 65.10 8.25
CA GLU A 363 12.32 65.65 9.51
C GLU A 363 12.21 67.17 9.48
N GLU A 364 12.74 67.82 8.44
CA GLU A 364 12.69 69.27 8.35
C GLU A 364 11.32 69.79 7.96
N ALA A 365 10.39 68.91 7.57
CA ALA A 365 9.04 69.31 7.15
C ALA A 365 9.12 70.34 6.02
N LEU A 366 9.78 69.95 4.93
CA LEU A 366 10.10 70.86 3.84
C LEU A 366 9.24 70.50 2.63
N SER A 367 8.53 71.49 2.09
CA SER A 367 7.78 71.28 0.87
C SER A 367 8.73 71.19 -0.32
N PRO A 368 8.35 70.47 -1.38
CA PRO A 368 9.26 70.34 -2.53
C PRO A 368 9.65 71.65 -3.16
N GLY A 369 8.72 72.60 -3.27
CA GLY A 369 9.05 73.89 -3.85
C GLY A 369 10.10 74.63 -3.05
N GLU A 370 9.97 74.59 -1.72
CA GLU A 370 10.97 75.24 -0.87
C GLU A 370 12.34 74.59 -1.05
N ALA A 371 12.37 73.27 -1.20
CA ALA A 371 13.65 72.58 -1.39
C ALA A 371 14.31 72.97 -2.70
N ARG A 372 13.52 73.02 -3.79
CA ARG A 372 14.10 73.42 -5.08
C ARG A 372 14.58 74.86 -5.03
N ASP A 373 13.80 75.75 -4.38
CA ASP A 373 14.22 77.13 -4.24
C ASP A 373 15.51 77.24 -3.44
N MET A 374 15.64 76.44 -2.38
CA MET A 374 16.86 76.47 -1.58
C MET A 374 18.06 75.99 -2.37
N ALA A 375 17.89 74.97 -3.21
CA ALA A 375 19.00 74.49 -4.04
C ALA A 375 19.46 75.55 -5.02
N MET A 376 18.50 76.18 -5.73
CA MET A 376 18.87 77.23 -6.67
C MET A 376 19.46 78.44 -5.97
N ASP A 377 18.97 78.77 -4.77
CA ASP A 377 19.57 79.85 -4.00
C ASP A 377 21.00 79.51 -3.60
N LEU A 378 21.25 78.26 -3.23
CA LEU A 378 22.59 77.84 -2.83
C LEU A 378 23.57 78.00 -3.99
N CYS A 379 23.21 77.52 -5.17
CA CYS A 379 24.17 77.63 -6.27
C CYS A 379 24.31 79.07 -6.72
N ARG A 380 23.18 79.78 -6.88
CA ARG A 380 23.19 81.18 -7.32
C ARG A 380 24.07 82.05 -6.43
N GLN A 381 23.93 81.93 -5.10
CA GLN A 381 24.71 82.75 -4.20
C GLN A 381 26.19 82.36 -4.21
N ASP A 382 26.52 81.22 -4.79
CA ASP A 382 27.92 80.78 -4.81
C ASP A 382 28.57 81.24 -6.11
N PRO A 383 29.60 82.08 -6.05
CA PRO A 383 30.22 82.57 -7.29
C PRO A 383 30.86 81.48 -8.13
N GLU A 384 31.18 80.35 -7.51
CA GLU A 384 31.78 79.24 -8.23
C GLU A 384 30.75 78.44 -9.02
N CYS A 385 29.46 78.72 -8.83
CA CYS A 385 28.37 78.09 -9.56
C CYS A 385 28.49 78.38 -11.06
N GLU A 386 28.98 77.41 -11.83
CA GLU A 386 29.12 77.63 -13.25
C GLU A 386 28.08 76.90 -14.08
N PHE A 387 27.45 75.87 -13.52
CA PHE A 387 26.32 75.20 -14.14
C PHE A 387 25.38 74.76 -13.03
N TYR A 388 24.31 74.06 -13.42
CA TYR A 388 23.33 73.61 -12.46
C TYR A 388 22.55 72.46 -13.10
N PHE A 389 22.76 71.25 -12.61
CA PHE A 389 22.22 70.06 -13.26
C PHE A 389 21.24 69.40 -12.31
N SER A 390 19.99 69.84 -12.36
CA SER A 390 18.94 69.23 -11.56
C SER A 390 18.56 67.88 -12.15
N LEU A 391 18.26 66.93 -11.26
CA LEU A 391 18.03 65.55 -11.70
C LEU A 391 17.04 64.91 -10.75
N ASP A 392 15.86 64.56 -11.26
CA ASP A 392 14.87 63.87 -10.45
C ASP A 392 15.24 62.39 -10.30
N ALA A 393 14.78 61.79 -9.21
CA ALA A 393 15.04 60.37 -8.97
C ALA A 393 14.24 59.47 -9.90
N ASP A 394 13.22 60.00 -10.56
CA ASP A 394 12.45 59.24 -11.54
C ASP A 394 13.00 59.58 -12.93
N ALA A 395 14.25 59.18 -13.14
CA ALA A 395 14.93 59.40 -14.42
C ALA A 395 16.12 58.45 -14.46
N VAL A 396 16.03 57.41 -15.29
CA VAL A 396 17.12 56.46 -15.47
C VAL A 396 18.01 56.99 -16.59
N LEU A 397 19.29 57.20 -16.28
CA LEU A 397 20.23 57.79 -17.22
C LEU A 397 21.11 56.67 -17.77
N THR A 398 20.65 56.03 -18.84
CA THR A 398 21.40 54.94 -19.44
C THR A 398 22.74 55.42 -19.96
N ASN A 399 22.75 56.55 -20.66
CA ASN A 399 24.00 57.10 -21.17
C ASN A 399 24.80 57.72 -20.02
N LEU A 400 26.08 57.36 -19.94
CA LEU A 400 26.96 57.86 -18.89
C LEU A 400 27.72 59.11 -19.30
N GLN A 401 27.49 59.62 -20.51
CA GLN A 401 28.14 60.83 -21.00
C GLN A 401 27.15 61.97 -21.21
N THR A 402 25.97 61.90 -20.61
CA THR A 402 24.96 62.93 -20.82
C THR A 402 25.43 64.28 -20.34
N LEU A 403 26.08 64.32 -19.17
CA LEU A 403 26.52 65.59 -18.60
C LEU A 403 27.51 66.29 -19.52
N ARG A 404 28.47 65.53 -20.07
CA ARG A 404 29.50 66.15 -20.91
C ARG A 404 28.88 66.79 -22.14
N ILE A 405 27.96 66.07 -22.81
CA ILE A 405 27.32 66.59 -24.00
C ILE A 405 26.51 67.85 -23.67
N LEU A 406 25.75 67.80 -22.58
CA LEU A 406 24.88 68.93 -22.28
C LEU A 406 25.68 70.16 -21.87
N ILE A 407 26.79 69.98 -21.17
CA ILE A 407 27.68 71.12 -20.92
C ILE A 407 28.26 71.64 -22.22
N GLU A 408 28.66 70.75 -23.12
CA GLU A 408 29.28 71.14 -24.36
C GLU A 408 28.34 71.86 -25.33
N GLU A 409 27.04 71.62 -25.25
CA GLU A 409 26.11 72.28 -26.17
C GLU A 409 26.12 73.79 -26.02
N ASN A 410 26.30 74.31 -24.80
CA ASN A 410 26.42 75.74 -24.53
C ASN A 410 25.13 76.50 -24.91
N ARG A 411 24.05 76.15 -24.23
CA ARG A 411 22.80 76.90 -24.27
C ARG A 411 22.39 77.28 -22.85
N LYS A 412 21.49 78.26 -22.75
CA LYS A 412 21.06 78.72 -21.43
C LYS A 412 20.35 77.62 -20.67
N VAL A 413 19.36 76.99 -21.27
CA VAL A 413 18.65 75.86 -20.67
C VAL A 413 18.48 74.79 -21.73
N ILE A 414 18.95 73.57 -21.42
CA ILE A 414 18.84 72.46 -22.35
C ILE A 414 18.54 71.20 -21.54
N ALA A 415 17.68 70.34 -22.09
CA ALA A 415 17.21 69.15 -21.41
C ALA A 415 17.31 67.96 -22.35
N PRO A 416 17.72 66.81 -21.85
CA PRO A 416 17.67 65.58 -22.65
C PRO A 416 16.24 65.10 -22.80
N MET A 417 16.05 64.19 -23.75
CA MET A 417 14.73 63.60 -24.00
C MET A 417 14.70 62.21 -23.40
N LEU A 418 13.89 62.02 -22.37
CA LEU A 418 13.62 60.72 -21.79
C LEU A 418 12.15 60.38 -22.03
N SER A 419 11.89 59.14 -22.44
CA SER A 419 10.54 58.71 -22.77
C SER A 419 10.23 57.39 -22.06
N ARG A 420 8.97 57.21 -21.71
CA ARG A 420 8.55 55.97 -21.06
C ARG A 420 8.66 54.80 -22.03
N HIS A 421 8.89 53.62 -21.47
CA HIS A 421 9.10 52.43 -22.28
C HIS A 421 7.78 51.99 -22.91
N GLY A 422 7.75 51.95 -24.23
CA GLY A 422 6.56 51.54 -24.95
C GLY A 422 5.35 52.44 -24.77
N LYS A 423 5.57 53.75 -24.77
CA LYS A 423 4.48 54.71 -24.63
C LYS A 423 4.91 56.02 -25.29
N LEU A 424 4.03 57.01 -25.22
CA LEU A 424 4.30 58.34 -25.77
C LEU A 424 4.50 59.39 -24.70
N TRP A 425 4.48 59.00 -23.43
CA TRP A 425 4.81 59.93 -22.36
C TRP A 425 6.28 60.35 -22.49
N SER A 426 6.54 61.60 -22.15
CA SER A 426 7.91 62.14 -22.17
C SER A 426 7.98 63.26 -21.16
N ASN A 427 9.13 63.95 -21.12
CA ASN A 427 9.34 65.04 -20.18
C ASN A 427 9.26 66.41 -20.86
N PHE A 428 8.40 66.55 -21.85
CA PHE A 428 8.19 67.85 -22.47
C PHE A 428 6.81 67.91 -23.11
N TRP A 429 6.34 69.13 -23.34
CA TRP A 429 5.05 69.40 -23.96
C TRP A 429 5.26 70.04 -25.32
N GLY A 430 4.51 69.56 -26.31
CA GLY A 430 4.62 70.16 -27.63
C GLY A 430 3.99 71.53 -27.72
N ALA A 431 2.85 71.73 -27.07
CA ALA A 431 2.10 72.97 -27.17
C ALA A 431 1.36 73.22 -25.86
N LEU A 432 0.82 74.43 -25.74
CA LEU A 432 0.13 74.87 -24.52
C LEU A 432 -1.33 75.18 -24.83
N SER A 433 -2.22 74.67 -23.98
CA SER A 433 -3.64 74.96 -24.08
C SER A 433 -3.95 76.32 -23.47
N PRO A 434 -5.11 76.90 -23.79
CA PRO A 434 -5.48 78.18 -23.15
C PRO A 434 -5.55 78.10 -21.64
N ASP A 435 -5.90 76.94 -21.09
CA ASP A 435 -5.89 76.75 -19.64
C ASP A 435 -4.47 76.61 -19.10
N GLU A 436 -3.45 76.71 -19.96
CA GLU A 436 -2.04 76.61 -19.58
C GLU A 436 -1.70 75.22 -19.03
N TYR A 437 -2.37 74.21 -19.56
CA TYR A 437 -2.02 72.82 -19.30
C TYR A 437 -1.67 72.14 -20.63
N TYR A 438 -1.47 70.84 -20.56
CA TYR A 438 -0.98 70.09 -21.71
C TYR A 438 -1.95 70.19 -22.88
N ALA A 439 -1.39 70.33 -24.08
CA ALA A 439 -2.17 70.30 -25.31
C ALA A 439 -1.30 69.68 -26.39
N ARG A 440 -1.82 68.64 -27.04
CA ARG A 440 -1.02 67.89 -27.99
C ARG A 440 -0.65 68.76 -29.19
N SER A 441 0.59 68.64 -29.63
CA SER A 441 1.09 69.37 -30.78
C SER A 441 1.08 68.47 -32.01
N GLU A 442 1.47 69.05 -33.15
CA GLU A 442 1.39 68.33 -34.41
C GLU A 442 2.52 67.29 -34.53
N ASP A 443 3.74 67.66 -34.16
CA ASP A 443 4.90 66.81 -34.38
C ASP A 443 5.43 66.19 -33.09
N TYR A 444 4.59 66.08 -32.06
CA TYR A 444 5.01 65.44 -30.82
C TYR A 444 5.42 64.00 -31.05
N VAL A 445 4.62 63.27 -31.84
CA VAL A 445 4.91 61.86 -32.09
C VAL A 445 6.20 61.69 -32.87
N GLU A 446 6.48 62.58 -33.82
CA GLU A 446 7.72 62.49 -34.58
C GLU A 446 8.94 62.70 -33.69
N LEU A 447 8.87 63.66 -32.77
CA LEU A 447 9.99 63.90 -31.87
C LEU A 447 10.18 62.78 -30.87
N VAL A 448 9.07 62.22 -30.36
CA VAL A 448 9.17 61.16 -29.36
C VAL A 448 9.84 59.92 -29.94
N GLN A 449 9.48 59.55 -31.17
CA GLN A 449 10.00 58.34 -31.80
C GLN A 449 11.31 58.60 -32.57
N ARG A 450 11.93 59.76 -32.37
CA ARG A 450 13.25 60.06 -32.91
C ARG A 450 13.31 59.91 -34.42
N LYS A 451 12.21 60.26 -35.09
CA LYS A 451 12.21 60.38 -36.54
C LYS A 451 12.81 61.69 -37.00
N ARG A 452 12.92 62.67 -36.10
CA ARG A 452 13.60 63.92 -36.36
C ARG A 452 14.59 64.18 -35.23
N VAL A 453 15.80 64.60 -35.57
CA VAL A 453 16.88 64.77 -34.61
C VAL A 453 17.38 66.20 -34.67
N GLY A 454 17.52 66.82 -33.52
CA GLY A 454 18.00 68.18 -33.47
C GLY A 454 17.87 68.74 -32.07
N VAL A 455 17.97 70.06 -31.95
CA VAL A 455 17.80 70.75 -30.69
C VAL A 455 16.58 71.66 -30.86
N TRP A 456 15.45 71.23 -30.32
CA TRP A 456 14.18 71.89 -30.55
C TRP A 456 13.92 72.96 -29.50
N ASN A 457 12.86 73.73 -29.73
CA ASN A 457 12.40 74.75 -28.80
C ASN A 457 11.00 74.38 -28.34
N VAL A 458 10.83 74.22 -27.03
CA VAL A 458 9.59 73.71 -26.46
C VAL A 458 9.13 74.61 -25.34
N PRO A 459 7.83 74.64 -25.01
CA PRO A 459 7.36 75.49 -23.91
C PRO A 459 7.46 74.86 -22.53
N TYR A 460 7.82 73.59 -22.41
CA TYR A 460 7.82 72.94 -21.10
C TYR A 460 8.84 71.81 -21.12
N ILE A 461 9.75 71.80 -20.15
CA ILE A 461 10.69 70.70 -19.93
C ILE A 461 10.73 70.40 -18.44
N SER A 462 11.05 69.15 -18.11
CA SER A 462 11.03 68.72 -16.72
C SER A 462 11.90 67.49 -16.53
N GLN A 463 12.21 67.21 -15.27
CA GLN A 463 12.85 66.03 -14.71
C GLN A 463 14.35 65.96 -15.03
N ALA A 464 14.87 66.81 -15.91
CA ALA A 464 16.31 66.90 -16.13
C ALA A 464 16.60 68.14 -16.96
N TYR A 465 17.45 69.04 -16.48
CA TYR A 465 17.84 70.19 -17.26
C TYR A 465 19.16 70.72 -16.72
N VAL A 466 19.86 71.47 -17.57
CA VAL A 466 21.18 72.01 -17.24
C VAL A 466 21.11 73.52 -17.43
N ILE A 467 20.82 74.25 -16.36
CA ILE A 467 20.70 75.70 -16.41
C ILE A 467 22.08 76.30 -16.18
N ARG A 468 22.42 77.31 -16.97
CA ARG A 468 23.69 78.00 -16.79
C ARG A 468 23.66 78.81 -15.51
N GLY A 469 24.84 79.17 -15.02
CA GLY A 469 24.94 79.90 -13.76
C GLY A 469 24.66 81.38 -13.86
N ASP A 470 25.29 82.04 -14.84
CA ASP A 470 25.11 83.48 -14.99
C ASP A 470 23.66 83.84 -15.30
N THR A 471 22.94 82.94 -15.96
CA THR A 471 21.51 83.14 -16.16
C THR A 471 20.78 83.23 -14.83
N LEU A 472 21.16 82.36 -13.89
CA LEU A 472 20.58 82.42 -12.55
C LEU A 472 21.02 83.68 -11.81
N ARG A 473 22.23 84.16 -12.07
CA ARG A 473 22.77 85.27 -11.29
C ARG A 473 22.25 86.61 -11.75
N MET A 474 22.44 86.95 -13.03
CA MET A 474 22.19 88.29 -13.53
C MET A 474 20.99 88.39 -14.46
N GLU A 475 20.19 87.32 -14.61
CA GLU A 475 19.01 87.40 -15.45
C GLU A 475 17.74 87.05 -14.68
N LEU A 476 17.86 86.17 -13.69
CA LEU A 476 16.76 85.82 -12.80
C LEU A 476 17.22 85.98 -11.36
N PRO A 477 17.40 87.22 -10.89
CA PRO A 477 17.88 87.42 -9.53
C PRO A 477 16.84 87.14 -8.46
N GLN A 478 15.58 86.92 -8.84
CA GLN A 478 14.54 86.63 -7.86
C GLN A 478 14.77 85.26 -7.23
N ARG A 479 14.30 85.11 -6.00
CA ARG A 479 14.45 83.87 -5.24
C ARG A 479 13.28 82.92 -5.43
N ASP A 480 12.05 83.40 -5.23
CA ASP A 480 10.86 82.56 -5.29
C ASP A 480 10.47 82.33 -6.74
N VAL A 481 10.84 81.17 -7.28
CA VAL A 481 10.45 80.76 -8.63
C VAL A 481 9.47 79.61 -8.61
N PHE A 482 9.65 78.65 -7.70
CA PHE A 482 8.75 77.51 -7.61
C PHE A 482 7.57 77.79 -6.69
N SER A 483 7.84 78.18 -5.46
CA SER A 483 6.80 78.41 -4.47
C SER A 483 6.15 79.78 -4.72
N GLY A 484 5.31 80.21 -3.78
CA GLY A 484 4.60 81.46 -3.95
C GLY A 484 3.36 81.39 -4.80
N SER A 485 2.90 80.19 -5.15
CA SER A 485 1.72 80.02 -5.97
C SER A 485 1.08 78.68 -5.66
N ASP A 486 -0.21 78.57 -5.98
CA ASP A 486 -0.92 77.32 -5.76
C ASP A 486 -0.57 76.25 -6.79
N THR A 487 -0.04 76.67 -7.95
CA THR A 487 0.25 75.73 -9.02
C THR A 487 1.43 74.83 -8.65
N ASP A 488 1.60 73.78 -9.43
CA ASP A 488 2.70 72.85 -9.21
C ASP A 488 4.03 73.54 -9.46
N PRO A 489 5.09 73.14 -8.74
CA PRO A 489 6.36 73.86 -8.88
C PRO A 489 6.95 73.83 -10.29
N ASP A 490 6.78 72.73 -11.02
CA ASP A 490 7.41 72.62 -12.33
C ASP A 490 6.78 73.57 -13.34
N MET A 491 5.45 73.61 -13.36
CA MET A 491 4.76 74.55 -14.26
C MET A 491 5.08 75.98 -13.89
N ALA A 492 5.18 76.28 -12.60
CA ALA A 492 5.56 77.63 -12.17
C ALA A 492 6.95 77.99 -12.65
N PHE A 493 7.90 77.06 -12.55
CA PHE A 493 9.25 77.33 -13.02
C PHE A 493 9.27 77.60 -14.51
N CYS A 494 8.59 76.76 -15.29
CA CYS A 494 8.58 76.96 -16.73
C CYS A 494 7.90 78.26 -17.11
N LYS A 495 6.81 78.62 -16.43
CA LYS A 495 6.12 79.87 -16.72
C LYS A 495 7.01 81.08 -16.40
N SER A 496 7.66 81.07 -15.23
CA SER A 496 8.52 82.18 -14.87
C SER A 496 9.76 82.23 -15.75
N PHE A 497 10.10 81.12 -16.40
CA PHE A 497 11.25 81.14 -17.29
C PHE A 497 10.86 81.60 -18.69
N ARG A 498 9.62 81.32 -19.11
CA ARG A 498 9.15 81.78 -20.41
C ARG A 498 8.81 83.27 -20.39
N ASP A 499 8.30 83.76 -19.25
CA ASP A 499 7.88 85.15 -19.18
C ASP A 499 9.05 86.12 -19.34
N LYS A 500 10.26 85.72 -18.98
CA LYS A 500 11.42 86.59 -19.09
C LYS A 500 12.02 86.61 -20.50
N GLY A 501 11.56 85.74 -21.38
CA GLY A 501 12.08 85.71 -22.74
C GLY A 501 13.26 84.80 -22.96
N ILE A 502 13.33 83.67 -22.27
CA ILE A 502 14.44 82.73 -22.38
C ILE A 502 13.91 81.46 -23.02
N PHE A 503 14.66 80.90 -23.96
CA PHE A 503 14.22 79.71 -24.66
C PHE A 503 14.60 78.45 -23.88
N LEU A 504 13.71 77.46 -23.94
CA LEU A 504 13.90 76.17 -23.27
C LEU A 504 14.16 75.13 -24.36
N HIS A 505 15.43 74.80 -24.59
CA HIS A 505 15.78 73.86 -25.64
C HIS A 505 15.63 72.42 -25.14
N LEU A 506 15.60 71.49 -26.09
CA LEU A 506 15.45 70.07 -25.78
C LEU A 506 16.14 69.26 -26.87
N SER A 507 17.15 68.49 -26.50
CA SER A 507 17.98 67.77 -27.44
C SER A 507 17.64 66.29 -27.41
N ASN A 508 17.42 65.71 -28.60
CA ASN A 508 17.17 64.28 -28.71
C ASN A 508 18.07 63.63 -29.75
N GLN A 509 19.31 64.11 -29.88
CA GLN A 509 20.23 63.52 -30.85
C GLN A 509 20.58 62.09 -30.48
N HIS A 510 21.00 61.86 -29.24
CA HIS A 510 21.42 60.55 -28.79
C HIS A 510 20.31 59.89 -27.96
N GLU A 511 20.64 58.76 -27.34
CA GLU A 511 19.74 58.10 -26.40
C GLU A 511 20.21 58.43 -24.98
N PHE A 512 19.34 59.09 -24.22
CA PHE A 512 19.71 59.58 -22.89
C PHE A 512 19.09 58.77 -21.76
N GLY A 513 18.24 57.80 -22.04
CA GLY A 513 17.68 56.98 -20.98
C GLY A 513 16.19 56.75 -21.07
N ARG A 514 15.52 56.67 -19.92
CA ARG A 514 14.09 56.39 -19.89
C ARG A 514 13.52 56.87 -18.56
N LEU A 515 12.20 56.98 -18.50
CA LEU A 515 11.50 57.35 -17.30
C LEU A 515 10.92 56.12 -16.61
N LEU A 516 10.85 56.17 -15.29
CA LEU A 516 10.27 55.10 -14.50
C LEU A 516 8.84 55.45 -14.14
N ALA A 517 7.99 54.42 -14.07
CA ALA A 517 6.58 54.59 -13.74
C ALA A 517 6.41 54.40 -12.23
N THR A 518 6.05 55.47 -11.55
CA THR A 518 5.84 55.45 -10.10
C THR A 518 4.40 55.73 -9.72
N SER A 519 3.46 55.46 -10.64
CA SER A 519 2.06 55.76 -10.38
C SER A 519 1.53 54.94 -9.21
N ARG A 520 1.77 53.64 -9.21
CA ARG A 520 1.37 52.75 -8.13
C ARG A 520 2.59 52.02 -7.59
N TYR A 521 2.62 51.83 -6.28
CA TYR A 521 3.77 51.24 -5.61
C TYR A 521 3.33 50.73 -4.25
N ASP A 522 3.28 49.41 -4.09
CA ASP A 522 2.94 48.79 -2.82
C ASP A 522 4.20 48.74 -1.96
N THR A 523 4.15 49.39 -0.79
CA THR A 523 5.29 49.47 0.11
C THR A 523 5.16 48.51 1.28
N GLU A 524 4.03 47.82 1.40
CA GLU A 524 3.80 46.90 2.52
C GLU A 524 4.37 45.52 2.23
N HIS A 525 5.63 45.49 1.81
CA HIS A 525 6.35 44.25 1.53
C HIS A 525 7.73 44.37 2.12
N LEU A 526 8.36 43.23 2.39
CA LEU A 526 9.77 43.25 2.80
C LEU A 526 10.62 43.83 1.68
N HIS A 527 10.41 43.37 0.45
CA HIS A 527 11.23 43.76 -0.71
C HIS A 527 10.27 44.13 -1.83
N PRO A 528 9.75 45.36 -1.82
CA PRO A 528 8.66 45.70 -2.76
C PRO A 528 9.04 45.65 -4.21
N ASP A 529 10.33 45.69 -4.54
CA ASP A 529 10.74 45.78 -5.93
C ASP A 529 10.49 44.49 -6.69
N LEU A 530 10.25 43.37 -6.00
CA LEU A 530 10.04 42.11 -6.69
C LEU A 530 8.76 42.09 -7.49
N TRP A 531 7.76 42.86 -7.06
CA TRP A 531 6.46 42.89 -7.72
C TRP A 531 6.41 43.86 -8.90
N GLN A 532 7.57 44.37 -9.33
CA GLN A 532 7.64 45.38 -10.38
C GLN A 532 7.87 44.78 -11.76
N ILE A 533 7.40 43.55 -11.99
CA ILE A 533 7.54 42.94 -13.31
C ILE A 533 6.49 43.43 -14.28
N PHE A 534 5.47 44.14 -13.82
CA PHE A 534 4.40 44.60 -14.69
C PHE A 534 4.50 46.08 -15.02
N ASP A 535 5.15 46.88 -14.16
CA ASP A 535 5.25 48.32 -14.35
C ASP A 535 6.53 48.72 -15.05
N ASN A 536 7.67 48.18 -14.64
CA ASN A 536 8.98 48.48 -15.22
C ASN A 536 9.66 47.18 -15.60
N PRO A 537 9.27 46.58 -16.74
CA PRO A 537 9.89 45.32 -17.14
C PRO A 537 11.38 45.42 -17.38
N VAL A 538 11.85 46.54 -17.94
CA VAL A 538 13.25 46.62 -18.36
C VAL A 538 14.17 46.65 -17.15
N ASP A 539 13.87 47.51 -16.17
CA ASP A 539 14.71 47.60 -14.98
C ASP A 539 14.64 46.32 -14.15
N TRP A 540 13.47 45.69 -14.10
CA TRP A 540 13.34 44.40 -13.45
C TRP A 540 14.26 43.37 -14.10
N LYS A 541 14.28 43.36 -15.44
CA LYS A 541 15.16 42.43 -16.14
C LYS A 541 16.63 42.71 -15.83
N GLU A 542 17.03 43.99 -15.84
CA GLU A 542 18.43 44.30 -15.53
C GLU A 542 18.82 43.91 -14.12
N GLN A 543 17.91 44.05 -13.15
CA GLN A 543 18.32 43.80 -11.79
C GLN A 543 18.23 42.34 -11.37
N TYR A 544 17.19 41.61 -11.78
CA TYR A 544 16.98 40.28 -11.24
C TYR A 544 17.44 39.17 -12.18
N ILE A 545 17.17 39.30 -13.48
CA ILE A 545 17.51 38.25 -14.43
C ILE A 545 19.01 38.12 -14.56
N HIS A 546 19.48 36.88 -14.68
CA HIS A 546 20.91 36.60 -14.77
C HIS A 546 21.53 37.30 -15.96
N GLU A 547 22.74 37.82 -15.76
CA GLU A 547 23.39 38.65 -16.78
C GLU A 547 23.84 37.83 -17.98
N ASN A 548 23.97 36.52 -17.82
CA ASN A 548 24.41 35.65 -18.91
C ASN A 548 23.25 35.01 -19.65
N TYR A 549 22.00 35.35 -19.31
CA TYR A 549 20.85 34.71 -19.92
C TYR A 549 20.77 35.01 -21.41
N SER A 550 21.03 36.27 -21.80
CA SER A 550 20.89 36.65 -23.20
C SER A 550 21.88 35.90 -24.08
N ARG A 551 23.13 35.78 -23.63
CA ARG A 551 24.14 35.05 -24.41
C ARG A 551 23.76 33.59 -24.56
N ALA A 552 23.27 32.96 -23.48
CA ALA A 552 22.83 31.57 -23.57
C ALA A 552 21.66 31.42 -24.52
N LEU A 553 20.71 32.37 -24.50
CA LEU A 553 19.59 32.31 -25.43
C LEU A 553 20.05 32.43 -26.87
N GLU A 554 20.99 33.34 -27.14
CA GLU A 554 21.46 33.52 -28.51
C GLU A 554 22.34 32.37 -29.00
N GLY A 555 22.83 31.52 -28.11
CA GLY A 555 23.48 30.29 -28.53
C GLY A 555 24.97 30.34 -28.72
N GLU A 556 25.69 30.84 -27.72
CA GLU A 556 27.15 30.81 -27.76
C GLU A 556 27.71 30.00 -26.60
N GLY A 557 27.13 28.82 -26.37
CA GLY A 557 27.59 27.96 -25.30
C GLY A 557 26.77 28.12 -24.04
N ILE A 558 27.45 28.12 -22.89
CA ILE A 558 26.83 28.32 -21.58
C ILE A 558 25.89 27.16 -21.25
N VAL A 559 24.87 26.95 -22.09
CA VAL A 559 23.90 25.90 -21.84
C VAL A 559 24.57 24.54 -22.00
N GLU A 560 24.41 23.68 -21.01
CA GLU A 560 25.08 22.39 -20.97
C GLU A 560 24.07 21.27 -20.93
N GLN A 561 24.49 20.09 -21.36
CA GLN A 561 23.66 18.89 -21.37
C GLN A 561 24.45 17.78 -20.67
N PRO A 562 24.50 17.79 -19.34
CA PRO A 562 25.29 16.79 -18.62
C PRO A 562 24.83 15.36 -18.87
N CYS A 563 23.53 15.16 -19.08
CA CYS A 563 22.95 13.84 -19.26
C CYS A 563 21.95 13.93 -20.42
N PRO A 564 21.59 12.79 -21.01
CA PRO A 564 20.67 12.83 -22.17
C PRO A 564 19.37 13.59 -21.90
N ASP A 565 19.11 14.60 -22.74
CA ASP A 565 17.83 15.32 -22.76
C ASP A 565 17.56 16.07 -21.45
N VAL A 566 18.60 16.56 -20.78
CA VAL A 566 18.44 17.46 -19.65
C VAL A 566 19.38 18.64 -19.84
N TYR A 567 18.87 19.84 -19.60
CA TYR A 567 19.60 21.05 -19.95
C TYR A 567 19.84 21.89 -18.71
N TRP A 568 20.80 22.80 -18.81
CA TRP A 568 21.34 23.49 -17.65
C TRP A 568 21.72 24.90 -18.08
N PHE A 569 20.84 25.86 -17.82
CA PHE A 569 21.09 27.24 -18.23
C PHE A 569 20.83 28.20 -17.08
N PRO A 570 21.45 29.38 -17.11
CA PRO A 570 21.23 30.37 -16.05
C PRO A 570 19.97 31.19 -16.27
N LEU A 571 19.25 31.43 -15.18
CA LEU A 571 18.01 32.20 -15.23
C LEU A 571 18.01 33.39 -14.29
N LEU A 572 18.28 33.18 -13.00
CA LEU A 572 18.15 34.20 -11.98
C LEU A 572 19.52 34.58 -11.43
N SER A 573 19.65 35.84 -11.02
CA SER A 573 20.89 36.33 -10.45
C SER A 573 20.92 36.03 -8.96
N GLU A 574 21.91 36.56 -8.25
CA GLU A 574 22.00 36.31 -6.82
C GLU A 574 20.99 37.15 -6.04
N GLN A 575 20.70 38.36 -6.52
CA GLN A 575 19.77 39.23 -5.82
C GLN A 575 18.39 38.59 -5.74
N MET A 576 17.88 38.07 -6.86
CA MET A 576 16.55 37.48 -6.83
C MET A 576 16.49 36.25 -5.94
N CYS A 577 17.53 35.41 -6.00
CA CYS A 577 17.55 34.22 -5.17
C CYS A 577 17.53 34.57 -3.69
N ASP A 578 18.40 35.49 -3.27
CA ASP A 578 18.45 35.88 -1.87
C ASP A 578 17.14 36.53 -1.44
N GLU A 579 16.60 37.42 -2.27
CA GLU A 579 15.41 38.17 -1.90
C GLU A 579 14.22 37.24 -1.78
N LEU A 580 14.08 36.30 -2.72
CA LEU A 580 12.99 35.32 -2.67
C LEU A 580 13.12 34.42 -1.45
N VAL A 581 14.34 33.94 -1.15
CA VAL A 581 14.49 33.06 0.00
C VAL A 581 14.13 33.78 1.29
N ALA A 582 14.60 35.03 1.44
CA ALA A 582 14.28 35.78 2.65
C ALA A 582 12.79 36.06 2.74
N GLU A 583 12.15 36.43 1.62
CA GLU A 583 10.72 36.70 1.66
C GLU A 583 9.92 35.45 2.02
N MET A 584 10.30 34.28 1.49
CA MET A 584 9.59 33.05 1.84
C MET A 584 9.80 32.69 3.31
N GLU A 585 11.04 32.78 3.80
CA GLU A 585 11.29 32.49 5.20
C GLU A 585 10.55 33.44 6.13
N HIS A 586 10.27 34.66 5.67
CA HIS A 586 9.45 35.58 6.47
C HIS A 586 8.04 35.06 6.67
N TYR A 587 7.52 34.27 5.72
CA TYR A 587 6.17 33.74 5.85
C TYR A 587 6.06 32.82 7.06
N GLY A 588 7.02 31.93 7.25
CA GLY A 588 7.07 31.08 8.42
C GLY A 588 6.26 29.80 8.39
N GLN A 589 5.04 29.86 7.86
CA GLN A 589 4.14 28.71 7.86
C GLN A 589 4.56 27.74 6.76
N TRP A 590 5.58 26.93 7.08
CA TRP A 590 6.08 25.93 6.15
C TRP A 590 5.19 24.70 6.18
N SER A 591 4.06 24.75 5.49
CA SER A 591 3.11 23.65 5.50
C SER A 591 3.70 22.46 4.73
N GLY A 592 2.99 21.35 4.77
CA GLY A 592 3.39 20.18 4.00
C GLY A 592 4.01 19.11 4.87
N GLY A 593 3.81 17.85 4.45
CA GLY A 593 4.32 16.71 5.18
C GLY A 593 3.32 15.56 5.26
N ARG A 594 2.03 15.89 5.25
CA ARG A 594 0.98 14.88 5.36
C ARG A 594 0.61 14.34 3.99
N HIS A 595 0.28 13.05 3.96
CA HIS A 595 -0.10 12.41 2.70
C HIS A 595 -1.36 13.01 2.11
N GLU A 596 -2.35 13.31 2.94
CA GLU A 596 -3.55 13.99 2.49
C GLU A 596 -3.27 15.48 2.33
N ASP A 597 -4.12 16.14 1.55
CA ASP A 597 -3.91 17.54 1.22
C ASP A 597 -5.21 18.32 1.38
N SER A 598 -5.07 19.62 1.64
CA SER A 598 -6.18 20.56 1.63
C SER A 598 -6.07 21.61 0.53
N ARG A 599 -4.88 21.88 0.02
CA ARG A 599 -4.69 22.81 -1.08
C ARG A 599 -4.98 22.20 -2.43
N LEU A 600 -5.20 20.88 -2.50
CA LEU A 600 -5.47 20.19 -3.75
C LEU A 600 -6.95 19.81 -3.80
N ALA A 601 -7.53 19.94 -5.01
CA ALA A 601 -8.94 19.60 -5.18
C ALA A 601 -9.18 18.12 -4.92
N GLY A 602 -8.27 17.26 -5.39
CA GLY A 602 -8.41 15.83 -5.13
C GLY A 602 -8.34 15.50 -3.66
N GLY A 603 -7.44 16.16 -2.93
CA GLY A 603 -7.32 15.96 -1.50
C GLY A 603 -6.36 14.88 -1.06
N TYR A 604 -5.40 14.48 -1.90
CA TYR A 604 -4.46 13.43 -1.52
C TYR A 604 -3.19 13.60 -2.34
N GLU A 605 -2.05 13.71 -1.66
CA GLU A 605 -0.77 13.82 -2.34
C GLU A 605 -0.16 12.44 -2.56
N ASN A 606 0.42 12.25 -3.74
CA ASN A 606 1.17 11.02 -3.99
C ASN A 606 2.43 10.97 -3.13
N VAL A 607 3.11 12.10 -2.98
CA VAL A 607 4.31 12.19 -2.15
C VAL A 607 4.38 13.57 -1.52
N PRO A 608 4.47 13.67 -0.19
CA PRO A 608 4.46 14.98 0.47
C PRO A 608 5.84 15.56 0.70
N THR A 609 5.91 16.89 0.60
CA THR A 609 7.11 17.66 0.92
C THR A 609 6.69 18.94 1.62
N VAL A 610 7.61 19.50 2.40
CA VAL A 610 7.34 20.78 3.06
C VAL A 610 7.54 21.89 2.04
N ASP A 611 6.45 22.58 1.68
CA ASP A 611 6.48 23.53 0.58
C ASP A 611 5.65 24.75 0.93
N ILE A 612 5.89 25.83 0.18
CA ILE A 612 5.09 27.05 0.25
C ILE A 612 4.67 27.37 -1.18
N HIS A 613 3.43 27.04 -1.53
CA HIS A 613 2.93 27.34 -2.86
C HIS A 613 2.83 28.85 -3.03
N MET A 614 3.02 29.33 -4.27
CA MET A 614 3.09 30.76 -4.49
C MET A 614 1.74 31.44 -4.32
N LYS A 615 0.64 30.70 -4.44
CA LYS A 615 -0.67 31.30 -4.22
C LYS A 615 -0.80 31.85 -2.81
N GLN A 616 -0.16 31.22 -1.83
CA GLN A 616 -0.26 31.68 -0.45
C GLN A 616 0.45 33.00 -0.25
N VAL A 617 1.58 33.20 -0.93
CA VAL A 617 2.37 34.42 -0.73
C VAL A 617 2.03 35.50 -1.73
N GLY A 618 1.18 35.21 -2.71
CA GLY A 618 0.72 36.22 -3.65
C GLY A 618 1.62 36.42 -4.86
N TYR A 619 2.72 35.70 -4.95
CA TYR A 619 3.66 35.83 -6.06
C TYR A 619 3.31 34.95 -7.24
N GLU A 620 2.09 34.42 -7.35
CA GLU A 620 1.78 33.46 -8.41
C GLU A 620 1.73 34.14 -9.78
N ASP A 621 1.05 35.28 -9.88
CA ASP A 621 0.86 35.92 -11.17
C ASP A 621 2.19 36.40 -11.75
N GLN A 622 3.05 36.98 -10.91
CA GLN A 622 4.35 37.43 -11.38
C GLN A 622 5.21 36.25 -11.83
N TRP A 623 5.12 35.12 -11.13
CA TRP A 623 5.88 33.95 -11.54
C TRP A 623 5.38 33.41 -12.87
N LEU A 624 4.06 33.40 -13.08
CA LEU A 624 3.52 33.00 -14.37
C LEU A 624 3.96 33.94 -15.47
N GLN A 625 4.03 35.25 -15.17
CA GLN A 625 4.53 36.20 -16.14
C GLN A 625 5.99 35.94 -16.50
N LEU A 626 6.82 35.63 -15.49
CA LEU A 626 8.21 35.31 -15.76
C LEU A 626 8.33 34.06 -16.63
N LEU A 627 7.54 33.03 -16.32
CA LEU A 627 7.56 31.82 -17.13
C LEU A 627 7.13 32.11 -18.57
N ARG A 628 6.10 32.94 -18.74
CA ARG A 628 5.62 33.27 -20.08
C ARG A 628 6.63 34.08 -20.86
N THR A 629 7.39 34.95 -20.19
CA THR A 629 8.28 35.87 -20.89
C THR A 629 9.65 35.26 -21.18
N TYR A 630 10.29 34.66 -20.18
CA TYR A 630 11.70 34.30 -20.30
C TYR A 630 11.96 32.81 -20.53
N VAL A 631 11.26 31.93 -19.81
CA VAL A 631 11.51 30.50 -19.97
C VAL A 631 11.03 30.02 -21.34
N GLY A 632 9.90 30.55 -21.80
CA GLY A 632 9.27 30.11 -23.03
C GLY A 632 10.16 30.10 -24.26
N PRO A 633 10.66 31.26 -24.67
CA PRO A 633 11.48 31.30 -25.90
C PRO A 633 12.70 30.40 -25.85
N MET A 634 13.33 30.26 -24.69
CA MET A 634 14.52 29.41 -24.61
C MET A 634 14.16 27.94 -24.77
N THR A 635 13.10 27.49 -24.08
CA THR A 635 12.69 26.10 -24.24
C THR A 635 12.13 25.83 -25.62
N GLU A 636 11.71 26.88 -26.34
CA GLU A 636 11.35 26.70 -27.74
C GLU A 636 12.60 26.54 -28.61
N SER A 637 13.64 27.32 -28.35
CA SER A 637 14.86 27.18 -29.14
C SER A 637 15.59 25.89 -28.81
N LEU A 638 15.56 25.49 -27.53
CA LEU A 638 16.25 24.27 -27.12
C LEU A 638 15.66 23.03 -27.80
N PHE A 639 14.33 22.96 -27.87
CA PHE A 639 13.62 21.86 -28.48
C PHE A 639 12.89 22.36 -29.72
N PRO A 640 13.49 22.24 -30.90
CA PRO A 640 12.85 22.78 -32.11
C PRO A 640 11.55 22.08 -32.41
N GLY A 641 10.60 22.83 -32.97
CA GLY A 641 9.31 22.28 -33.33
C GLY A 641 8.31 22.20 -32.19
N TYR A 642 8.63 22.75 -31.02
CA TYR A 642 7.73 22.74 -29.89
C TYR A 642 7.23 24.15 -29.60
N HIS A 643 5.92 24.31 -29.53
CA HIS A 643 5.29 25.59 -29.25
C HIS A 643 4.69 25.54 -27.85
N THR A 644 5.02 26.55 -27.04
CA THR A 644 4.61 26.59 -25.64
C THR A 644 3.77 27.83 -25.37
N LYS A 645 2.86 27.69 -24.40
CA LYS A 645 2.15 28.82 -23.84
C LYS A 645 2.57 29.09 -22.40
N ALA A 646 3.40 28.23 -21.81
CA ALA A 646 3.91 28.41 -20.45
C ALA A 646 2.78 28.56 -19.45
N ARG A 647 1.75 27.73 -19.59
CA ARG A 647 0.66 27.68 -18.63
C ARG A 647 0.97 26.62 -17.59
N ALA A 648 1.04 27.02 -16.34
CA ALA A 648 1.40 26.12 -15.25
C ALA A 648 0.40 26.29 -14.11
N VAL A 649 0.25 25.23 -13.31
CA VAL A 649 -0.65 25.22 -12.17
C VAL A 649 0.09 25.00 -10.86
N MET A 650 1.00 24.02 -10.82
CA MET A 650 1.75 23.70 -9.62
C MET A 650 3.14 24.29 -9.69
N ASN A 651 3.48 25.15 -8.73
CA ASN A 651 4.82 25.72 -8.62
C ASN A 651 5.04 26.13 -7.18
N PHE A 652 6.20 25.79 -6.65
CA PHE A 652 6.41 25.87 -5.20
C PHE A 652 7.91 25.95 -4.91
N VAL A 653 8.22 26.06 -3.63
CA VAL A 653 9.59 26.02 -3.13
C VAL A 653 9.66 25.02 -1.99
N VAL A 654 10.65 24.14 -2.02
CA VAL A 654 10.79 23.07 -1.05
C VAL A 654 12.05 23.31 -0.24
N ARG A 655 12.06 22.82 1.00
CA ARG A 655 13.19 22.96 1.90
C ARG A 655 13.66 21.59 2.34
N TYR A 656 14.92 21.27 2.07
CA TYR A 656 15.49 19.97 2.40
C TYR A 656 16.41 20.10 3.59
N ARG A 657 16.02 19.47 4.71
CA ARG A 657 16.79 19.55 5.92
C ARG A 657 16.91 18.14 6.47
N PRO A 658 18.08 17.75 6.99
CA PRO A 658 18.23 16.38 7.52
C PRO A 658 17.30 16.09 8.69
N ASP A 659 16.82 17.10 9.40
CA ASP A 659 16.00 16.88 10.58
C ASP A 659 14.54 16.61 10.24
N GLU A 660 13.90 17.53 9.50
CA GLU A 660 12.47 17.39 9.25
C GLU A 660 12.17 16.25 8.28
N GLN A 661 12.67 16.36 7.06
CA GLN A 661 12.36 15.33 6.06
C GLN A 661 13.56 15.05 5.16
N PRO A 662 13.86 13.79 4.91
CA PRO A 662 14.94 13.45 3.98
C PRO A 662 14.53 13.64 2.53
N SER A 663 15.36 13.19 1.60
CA SER A 663 15.08 13.29 0.18
C SER A 663 13.90 12.40 -0.20
N LEU A 664 13.57 12.41 -1.49
CA LEU A 664 12.39 11.74 -2.00
C LEU A 664 12.72 10.38 -2.60
N ARG A 665 11.71 9.52 -2.63
CA ARG A 665 11.73 8.24 -3.30
C ARG A 665 11.62 8.45 -4.81
N PRO A 666 12.04 7.47 -5.60
CA PRO A 666 11.89 7.60 -7.06
C PRO A 666 10.44 7.80 -7.45
N HIS A 667 10.23 8.65 -8.44
CA HIS A 667 8.88 9.05 -8.83
C HIS A 667 8.90 9.60 -10.24
N HIS A 668 7.71 9.95 -10.73
CA HIS A 668 7.51 10.66 -11.98
C HIS A 668 6.88 12.02 -11.66
N ASP A 669 6.55 12.78 -12.71
CA ASP A 669 5.91 14.07 -12.55
C ASP A 669 4.70 14.16 -13.46
N SER A 670 3.72 14.96 -13.04
CA SER A 670 2.49 15.14 -13.81
C SER A 670 2.56 16.41 -14.65
N SER A 671 3.52 16.43 -15.57
CA SER A 671 3.73 17.61 -16.40
C SER A 671 4.50 17.21 -17.65
N THR A 672 4.46 18.09 -18.66
CA THR A 672 5.26 17.86 -19.85
C THR A 672 6.75 17.91 -19.55
N PHE A 673 7.18 18.96 -18.84
CA PHE A 673 8.56 19.06 -18.38
C PHE A 673 8.59 19.93 -17.14
N THR A 674 9.65 19.79 -16.36
CA THR A 674 9.78 20.48 -15.08
C THR A 674 10.98 21.41 -15.09
N LEU A 675 10.87 22.50 -14.35
CA LEU A 675 11.96 23.45 -14.18
C LEU A 675 12.44 23.41 -12.74
N ASN A 676 13.73 23.17 -12.54
CA ASN A 676 14.31 22.99 -11.23
C ASN A 676 15.41 24.02 -11.03
N VAL A 677 15.11 25.06 -10.25
CA VAL A 677 16.02 26.17 -10.03
C VAL A 677 16.51 26.12 -8.60
N ALA A 678 17.81 26.22 -8.41
CA ALA A 678 18.36 26.28 -7.05
C ALA A 678 18.30 27.71 -6.54
N LEU A 679 18.42 27.85 -5.21
CA LEU A 679 18.32 29.14 -4.57
C LEU A 679 19.42 29.43 -3.56
N ASN A 680 20.47 28.62 -3.49
CA ASN A 680 21.63 28.94 -2.66
C ASN A 680 22.83 28.15 -3.15
N HIS A 681 23.95 28.33 -2.45
CA HIS A 681 25.24 27.80 -2.87
C HIS A 681 25.48 26.42 -2.26
N LYS A 682 26.20 25.57 -2.98
CA LYS A 682 26.56 24.26 -2.46
C LYS A 682 27.86 24.35 -1.66
N GLY A 683 27.87 23.70 -0.51
CA GLY A 683 29.05 23.69 0.34
C GLY A 683 29.13 24.82 1.34
N LEU A 684 28.82 26.04 0.88
CA LEU A 684 28.84 27.18 1.79
C LEU A 684 27.70 27.09 2.81
N ASP A 685 26.52 26.63 2.39
CA ASP A 685 25.37 26.56 3.28
C ASP A 685 24.75 25.19 3.41
N TYR A 686 25.05 24.25 2.52
CA TYR A 686 24.54 22.88 2.67
C TYR A 686 25.51 21.91 2.00
N GLU A 687 25.46 20.66 2.45
CA GLU A 687 26.30 19.60 1.90
C GLU A 687 25.41 18.42 1.54
N GLY A 688 25.00 18.35 0.29
CA GLY A 688 24.10 17.32 -0.19
C GLY A 688 24.31 17.01 -1.66
N GLY A 689 23.21 16.80 -2.39
CA GLY A 689 23.31 16.43 -3.79
C GLY A 689 22.06 16.84 -4.55
N GLY A 690 22.12 16.62 -5.86
CA GLY A 690 21.03 16.99 -6.74
C GLY A 690 20.15 15.82 -7.13
N CYS A 691 20.02 15.58 -8.43
CA CYS A 691 19.13 14.55 -8.95
C CYS A 691 19.91 13.35 -9.48
N ARG A 692 19.26 12.20 -9.42
CA ARG A 692 19.81 10.93 -9.90
C ARG A 692 18.79 10.28 -10.81
N PHE A 693 19.21 9.96 -12.04
CA PHE A 693 18.32 9.39 -13.04
C PHE A 693 18.52 7.89 -13.09
N LEU A 694 17.44 7.13 -12.90
CA LEU A 694 17.56 5.68 -12.79
C LEU A 694 17.79 5.04 -14.15
N ARG A 695 17.14 5.54 -15.19
CA ARG A 695 17.21 4.91 -16.51
C ARG A 695 18.52 5.18 -17.24
N TYR A 696 19.37 6.06 -16.72
CA TYR A 696 20.63 6.38 -17.35
C TYR A 696 21.83 6.31 -16.40
N ASP A 697 21.60 6.03 -15.12
CA ASP A 697 22.64 6.08 -14.10
C ASP A 697 23.37 7.42 -14.11
N CYS A 698 22.58 8.47 -14.28
CA CYS A 698 23.07 9.84 -14.32
C CYS A 698 22.89 10.48 -12.95
N VAL A 699 23.95 11.08 -12.44
CA VAL A 699 23.94 11.76 -11.15
C VAL A 699 24.42 13.19 -11.34
N ILE A 700 23.67 14.14 -10.82
CA ILE A 700 24.05 15.55 -10.84
C ILE A 700 24.70 15.87 -9.49
N SER A 701 25.94 16.35 -9.53
CA SER A 701 26.71 16.50 -8.30
C SER A 701 26.58 17.90 -7.69
N SER A 702 26.90 18.93 -8.45
CA SER A 702 26.97 20.30 -7.93
C SER A 702 26.10 21.23 -8.75
N PRO A 703 24.82 21.37 -8.41
CA PRO A 703 24.00 22.40 -9.06
C PRO A 703 24.46 23.79 -8.65
N ARG A 704 24.34 24.74 -9.58
CA ARG A 704 24.78 26.09 -9.33
C ARG A 704 23.67 26.89 -8.64
N LYS A 705 23.91 28.18 -8.40
CA LYS A 705 22.96 28.98 -7.65
C LYS A 705 21.78 29.41 -8.52
N GLY A 706 22.06 30.15 -9.58
CA GLY A 706 20.98 30.69 -10.39
C GLY A 706 20.65 29.90 -11.63
N TRP A 707 21.21 28.70 -11.76
CA TRP A 707 21.01 27.93 -12.97
C TRP A 707 19.77 27.05 -12.86
N ALA A 708 19.14 26.80 -14.00
CA ALA A 708 17.87 26.08 -14.05
C ALA A 708 18.05 24.76 -14.79
N LEU A 709 17.29 23.75 -14.36
CA LEU A 709 17.34 22.42 -14.94
C LEU A 709 16.05 22.19 -15.72
N LEU A 710 16.18 21.67 -16.93
CA LEU A 710 15.03 21.40 -17.79
C LEU A 710 15.07 19.94 -18.23
N HIS A 711 13.95 19.24 -18.09
CA HIS A 711 13.91 17.85 -18.51
C HIS A 711 12.47 17.38 -18.60
N PRO A 712 12.10 16.61 -19.61
CA PRO A 712 10.77 16.01 -19.63
C PRO A 712 10.56 15.14 -18.40
N GLY A 713 9.35 15.18 -17.87
CA GLY A 713 9.10 14.52 -16.61
C GLY A 713 7.88 13.63 -16.58
N ARG A 714 7.50 13.05 -17.70
CA ARG A 714 6.33 12.18 -17.75
C ARG A 714 6.67 10.72 -18.00
N LEU A 715 7.46 10.42 -19.03
CA LEU A 715 7.62 9.05 -19.47
C LEU A 715 9.04 8.53 -19.26
N THR A 716 10.05 9.19 -19.84
CA THR A 716 11.36 8.60 -20.03
C THR A 716 12.41 9.11 -19.06
N HIS A 717 12.01 9.75 -17.96
CA HIS A 717 12.96 10.30 -16.98
C HIS A 717 12.48 9.92 -15.58
N TYR A 718 12.98 8.79 -15.08
CA TYR A 718 12.64 8.27 -13.75
C TYR A 718 13.70 8.80 -12.78
N HIS A 719 13.48 10.00 -12.26
CA HIS A 719 14.48 10.66 -11.43
C HIS A 719 14.13 10.52 -9.95
N GLU A 720 15.14 10.76 -9.11
CA GLU A 720 15.01 10.68 -7.66
C GLU A 720 16.09 11.54 -7.02
N GLY A 721 15.67 12.47 -6.18
CA GLY A 721 16.59 13.43 -5.57
C GLY A 721 17.46 12.79 -4.50
N LEU A 722 18.68 13.30 -4.37
CA LEU A 722 19.66 12.80 -3.42
C LEU A 722 19.45 13.39 -2.02
N PRO A 723 19.93 12.72 -0.98
CA PRO A 723 19.76 13.24 0.38
C PRO A 723 20.83 14.25 0.76
N THR A 724 20.47 15.10 1.72
CA THR A 724 21.36 16.12 2.25
C THR A 724 21.67 15.85 3.72
N THR A 725 22.92 16.08 4.10
CA THR A 725 23.41 15.72 5.43
C THR A 725 23.75 16.91 6.31
N TRP A 726 24.24 18.01 5.74
CA TRP A 726 24.65 19.17 6.51
C TRP A 726 23.96 20.42 5.97
N GLY A 727 23.42 21.23 6.87
CA GLY A 727 22.81 22.47 6.46
C GLY A 727 21.43 22.29 5.83
N THR A 728 20.98 23.35 5.16
CA THR A 728 19.68 23.38 4.50
C THR A 728 19.85 23.87 3.06
N ARG A 729 19.01 23.37 2.16
CA ARG A 729 19.07 23.73 0.76
C ARG A 729 17.67 24.10 0.27
N TYR A 730 17.62 24.99 -0.72
CA TYR A 730 16.38 25.50 -1.27
C TYR A 730 16.32 25.20 -2.77
N ILE A 731 15.12 24.84 -3.24
CA ILE A 731 14.87 24.52 -4.64
C ILE A 731 13.51 25.08 -5.02
N MET A 732 13.43 25.62 -6.22
CA MET A 732 12.17 26.13 -6.77
C MET A 732 11.76 25.27 -7.96
N VAL A 733 10.55 24.75 -7.91
CA VAL A 733 10.05 23.82 -8.92
C VAL A 733 8.76 24.38 -9.52
N SER A 734 8.47 24.00 -10.75
CA SER A 734 7.27 24.46 -11.44
C SER A 734 6.90 23.47 -12.53
N PHE A 735 5.79 22.76 -12.34
CA PHE A 735 5.33 21.74 -13.29
C PHE A 735 4.56 22.42 -14.41
N VAL A 736 5.31 22.98 -15.35
CA VAL A 736 4.70 23.73 -16.45
C VAL A 736 4.12 22.77 -17.47
N ASP A 737 3.00 23.19 -18.08
CA ASP A 737 2.28 22.43 -19.09
C ASP A 737 1.80 21.09 -18.54
N PRO A 738 0.81 21.08 -17.63
CA PRO A 738 0.33 19.87 -16.98
C PRO A 738 -0.40 18.93 -17.93
N PRO B 33 -15.83 -64.16 19.60
CA PRO B 33 -14.62 -64.46 18.84
C PRO B 33 -14.82 -65.59 17.84
N VAL B 34 -15.89 -65.51 17.05
CA VAL B 34 -16.19 -66.52 16.06
C VAL B 34 -15.13 -66.49 14.96
N ASN B 35 -14.76 -67.65 14.48
CA ASN B 35 -13.70 -67.76 13.47
C ASN B 35 -14.15 -67.11 12.16
N PRO B 36 -13.39 -66.15 11.62
CA PRO B 36 -13.76 -65.54 10.34
C PRO B 36 -13.65 -66.47 9.15
N GLU B 37 -13.14 -67.69 9.33
CA GLU B 37 -13.04 -68.65 8.23
C GLU B 37 -14.29 -69.50 8.07
N LYS B 38 -15.31 -69.29 8.90
CA LYS B 38 -16.57 -70.01 8.80
C LYS B 38 -17.66 -69.20 8.12
N LEU B 39 -17.32 -68.05 7.56
CA LEU B 39 -18.25 -67.24 6.77
C LEU B 39 -18.19 -67.65 5.32
N LEU B 40 -19.34 -67.61 4.65
CA LEU B 40 -19.42 -67.95 3.24
C LEU B 40 -20.45 -67.03 2.60
N VAL B 41 -19.99 -66.01 1.90
CA VAL B 41 -20.86 -65.10 1.16
C VAL B 41 -21.20 -65.76 -0.18
N ILE B 42 -22.48 -65.93 -0.46
CA ILE B 42 -22.91 -66.52 -1.72
C ILE B 42 -23.88 -65.56 -2.41
N THR B 43 -23.55 -65.17 -3.63
CA THR B 43 -24.35 -64.25 -4.42
C THR B 43 -24.80 -64.95 -5.69
N VAL B 44 -25.66 -64.29 -6.46
CA VAL B 44 -26.12 -64.82 -7.74
C VAL B 44 -25.82 -63.83 -8.84
N ALA B 45 -25.12 -64.27 -9.89
CA ALA B 45 -24.77 -63.41 -11.01
C ALA B 45 -24.70 -64.27 -12.26
N THR B 46 -25.72 -64.18 -13.11
CA THR B 46 -25.74 -64.98 -14.32
C THR B 46 -24.60 -64.62 -15.26
N ALA B 47 -24.35 -63.32 -15.43
CA ALA B 47 -23.27 -62.82 -16.27
C ALA B 47 -22.28 -62.05 -15.43
N GLU B 48 -21.28 -61.48 -16.09
CA GLU B 48 -20.21 -60.72 -15.43
C GLU B 48 -20.27 -59.29 -15.94
N THR B 49 -21.14 -58.48 -15.36
CA THR B 49 -21.24 -57.08 -15.71
C THR B 49 -20.19 -56.32 -14.92
N GLU B 50 -20.23 -54.98 -14.97
CA GLU B 50 -19.28 -54.20 -14.20
C GLU B 50 -19.69 -54.14 -12.72
N GLY B 51 -20.97 -54.23 -12.42
CA GLY B 51 -21.40 -54.23 -11.02
C GLY B 51 -20.92 -55.44 -10.27
N TYR B 52 -20.97 -56.62 -10.90
CA TYR B 52 -20.49 -57.83 -10.25
C TYR B 52 -18.99 -57.75 -10.00
N LEU B 53 -18.24 -57.21 -10.95
CA LEU B 53 -16.80 -57.06 -10.76
C LEU B 53 -16.49 -56.07 -9.64
N ARG B 54 -17.26 -54.98 -9.55
CA ARG B 54 -17.06 -54.02 -8.46
C ARG B 54 -17.32 -54.67 -7.11
N PHE B 55 -18.40 -55.45 -7.00
CA PHE B 55 -18.66 -56.18 -5.76
C PHE B 55 -17.53 -57.15 -5.45
N LEU B 56 -17.02 -57.83 -6.47
CA LEU B 56 -15.92 -58.77 -6.26
C LEU B 56 -14.69 -58.07 -5.73
N ARG B 57 -14.34 -56.92 -6.30
CA ARG B 57 -13.17 -56.19 -5.82
C ARG B 57 -13.35 -55.74 -4.38
N SER B 58 -14.54 -55.22 -4.07
CA SER B 58 -14.82 -54.78 -2.70
C SER B 58 -14.71 -55.95 -1.72
N ALA B 59 -15.20 -57.14 -2.11
CA ALA B 59 -15.13 -58.29 -1.21
C ALA B 59 -13.70 -58.77 -1.03
N GLU B 60 -12.95 -58.95 -2.12
CA GLU B 60 -11.57 -59.39 -1.99
C GLU B 60 -10.69 -58.39 -1.26
N PHE B 61 -11.10 -57.12 -1.18
CA PHE B 61 -10.32 -56.17 -0.38
C PHE B 61 -10.31 -56.56 1.10
N PHE B 62 -11.41 -57.07 1.66
CA PHE B 62 -11.49 -57.33 3.12
C PHE B 62 -11.35 -58.80 3.46
N ASN B 63 -10.88 -59.63 2.56
CA ASN B 63 -10.61 -61.07 2.75
C ASN B 63 -11.84 -61.92 2.97
N TYR B 64 -12.85 -61.88 2.12
CA TYR B 64 -14.05 -62.72 2.25
C TYR B 64 -13.93 -63.86 1.26
N THR B 65 -14.75 -64.90 1.37
CA THR B 65 -14.73 -66.12 0.57
C THR B 65 -16.08 -66.24 -0.14
N VAL B 66 -16.20 -65.59 -1.30
CA VAL B 66 -17.45 -65.54 -2.03
C VAL B 66 -17.59 -66.80 -2.88
N ARG B 67 -18.82 -67.20 -3.14
CA ARG B 67 -19.12 -68.26 -4.09
C ARG B 67 -20.34 -67.83 -4.91
N THR B 68 -20.14 -67.64 -6.21
CA THR B 68 -21.19 -67.18 -7.10
C THR B 68 -21.97 -68.37 -7.65
N LEU B 69 -23.28 -68.20 -7.82
CA LEU B 69 -24.15 -69.27 -8.28
C LEU B 69 -24.69 -68.94 -9.65
N GLY B 70 -24.82 -69.97 -10.48
CA GLY B 70 -25.43 -69.81 -11.79
C GLY B 70 -24.65 -68.95 -12.74
N LEU B 71 -23.34 -69.12 -12.82
CA LEU B 71 -22.50 -68.30 -13.68
C LEU B 71 -22.42 -68.94 -15.06
N GLY B 72 -23.31 -68.52 -15.95
CA GLY B 72 -23.31 -69.03 -17.31
C GLY B 72 -24.68 -69.36 -17.87
N GLU B 73 -25.64 -69.64 -17.00
CA GLU B 73 -26.98 -70.00 -17.44
C GLU B 73 -27.74 -68.76 -17.90
N GLU B 74 -28.97 -68.99 -18.36
CA GLU B 74 -29.83 -67.92 -18.85
C GLU B 74 -30.77 -67.47 -17.75
N TRP B 75 -31.08 -66.17 -17.74
CA TRP B 75 -31.99 -65.61 -16.75
C TRP B 75 -33.43 -66.01 -17.05
N ARG B 76 -33.90 -67.08 -16.41
CA ARG B 76 -35.23 -67.62 -16.66
C ARG B 76 -36.33 -66.90 -15.87
N GLY B 77 -36.07 -65.69 -15.37
CA GLY B 77 -37.07 -64.93 -14.68
C GLY B 77 -37.83 -64.01 -15.62
N GLY B 78 -37.65 -62.70 -15.43
CA GLY B 78 -38.28 -61.71 -16.28
C GLY B 78 -37.65 -60.36 -16.15
N ASP B 79 -38.46 -59.31 -16.13
CA ASP B 79 -37.95 -57.97 -15.85
C ASP B 79 -37.33 -57.93 -14.46
N VAL B 80 -36.19 -57.26 -14.34
CA VAL B 80 -35.41 -57.31 -13.11
C VAL B 80 -36.19 -56.72 -11.94
N ALA B 81 -36.73 -55.51 -12.12
CA ALA B 81 -37.47 -54.86 -11.05
C ALA B 81 -38.68 -54.08 -11.55
N ARG B 82 -39.10 -54.29 -12.80
CA ARG B 82 -40.22 -53.54 -13.34
C ARG B 82 -41.51 -53.84 -12.59
N THR B 83 -42.00 -55.08 -12.69
CA THR B 83 -43.18 -55.51 -11.95
C THR B 83 -42.86 -56.62 -10.95
N VAL B 84 -42.33 -57.74 -11.41
CA VAL B 84 -42.04 -58.88 -10.55
C VAL B 84 -40.80 -59.61 -11.07
N GLY B 85 -40.33 -60.61 -10.34
CA GLY B 85 -39.22 -61.42 -10.76
C GLY B 85 -38.45 -61.94 -9.55
N GLY B 86 -37.34 -62.61 -9.85
CA GLY B 86 -36.45 -63.08 -8.80
C GLY B 86 -36.81 -64.41 -8.19
N GLY B 87 -37.56 -65.26 -8.88
CA GLY B 87 -37.90 -66.56 -8.34
C GLY B 87 -36.89 -67.66 -8.61
N GLN B 88 -35.89 -67.40 -9.47
CA GLN B 88 -34.90 -68.40 -9.79
C GLN B 88 -33.81 -68.49 -8.72
N LYS B 89 -33.52 -67.36 -8.05
CA LYS B 89 -32.48 -67.35 -7.04
C LYS B 89 -32.81 -68.28 -5.87
N VAL B 90 -34.08 -68.32 -5.45
CA VAL B 90 -34.45 -69.21 -4.36
C VAL B 90 -34.30 -70.67 -4.77
N ARG B 91 -34.67 -71.00 -6.01
CA ARG B 91 -34.50 -72.36 -6.49
C ARG B 91 -33.03 -72.75 -6.52
N TRP B 92 -32.17 -71.85 -7.01
CA TRP B 92 -30.74 -72.13 -7.06
C TRP B 92 -30.17 -72.31 -5.65
N LEU B 93 -30.57 -71.45 -4.72
CA LEU B 93 -30.08 -71.56 -3.35
C LEU B 93 -30.56 -72.85 -2.70
N LYS B 94 -31.80 -73.25 -2.96
CA LYS B 94 -32.29 -74.51 -2.43
C LYS B 94 -31.50 -75.69 -2.99
N LYS B 95 -31.20 -75.66 -4.29
CA LYS B 95 -30.41 -76.73 -4.89
C LYS B 95 -29.01 -76.78 -4.29
N GLU B 96 -28.45 -75.61 -3.97
CA GLU B 96 -27.08 -75.58 -3.44
C GLU B 96 -27.04 -76.00 -1.98
N MET B 97 -28.08 -75.68 -1.22
CA MET B 97 -28.05 -75.88 0.22
C MET B 97 -28.01 -77.35 0.62
N GLU B 98 -28.28 -78.28 -0.30
CA GLU B 98 -28.25 -79.69 0.03
C GLU B 98 -26.88 -80.15 0.49
N LYS B 99 -25.82 -79.45 0.11
CA LYS B 99 -24.47 -79.83 0.50
C LYS B 99 -24.06 -79.24 1.85
N TYR B 100 -24.89 -78.38 2.45
CA TYR B 100 -24.60 -77.78 3.74
C TYR B 100 -25.73 -78.02 4.74
N ALA B 101 -26.66 -78.93 4.44
CA ALA B 101 -27.82 -79.14 5.29
C ALA B 101 -27.47 -79.69 6.67
N ASP B 102 -26.29 -80.29 6.82
CA ASP B 102 -25.87 -80.87 8.09
C ASP B 102 -24.84 -80.05 8.84
N ARG B 103 -24.15 -79.13 8.16
CA ARG B 103 -23.13 -78.31 8.80
C ARG B 103 -23.79 -77.27 9.71
N GLU B 104 -23.32 -77.20 10.96
CA GLU B 104 -23.80 -76.20 11.90
C GLU B 104 -22.75 -75.14 12.20
N ASP B 105 -21.47 -75.45 11.99
CA ASP B 105 -20.37 -74.56 12.30
C ASP B 105 -20.09 -73.54 11.20
N MET B 106 -21.05 -73.25 10.33
CA MET B 106 -20.88 -72.25 9.27
C MET B 106 -22.01 -71.25 9.31
N ILE B 107 -21.69 -70.00 9.00
CA ILE B 107 -22.67 -68.92 8.91
C ILE B 107 -22.74 -68.50 7.45
N ILE B 108 -23.95 -68.39 6.91
CA ILE B 108 -24.17 -68.16 5.50
C ILE B 108 -24.82 -66.79 5.30
N MET B 109 -24.22 -65.99 4.41
CA MET B 109 -24.74 -64.68 4.05
C MET B 109 -25.13 -64.68 2.58
N PHE B 110 -26.33 -64.19 2.28
CA PHE B 110 -26.84 -64.12 0.93
C PHE B 110 -27.09 -62.66 0.56
N VAL B 111 -26.50 -62.22 -0.55
CA VAL B 111 -26.59 -60.84 -0.98
C VAL B 111 -26.74 -60.78 -2.49
N ASP B 112 -27.53 -59.83 -2.97
CA ASP B 112 -27.55 -59.53 -4.39
C ASP B 112 -26.18 -58.99 -4.82
N SER B 113 -25.80 -59.29 -6.05
CA SER B 113 -24.45 -59.01 -6.50
C SER B 113 -24.32 -57.78 -7.39
N TYR B 114 -25.35 -57.43 -8.15
CA TYR B 114 -25.19 -56.38 -9.15
C TYR B 114 -25.23 -54.97 -8.56
N ASP B 115 -25.85 -54.78 -7.40
CA ASP B 115 -26.02 -53.44 -6.84
C ASP B 115 -25.70 -53.43 -5.35
N VAL B 116 -24.59 -54.03 -4.97
CA VAL B 116 -24.17 -54.09 -3.57
C VAL B 116 -22.66 -53.91 -3.50
N ILE B 117 -22.20 -53.11 -2.54
CA ILE B 117 -20.79 -52.99 -2.22
C ILE B 117 -20.62 -53.11 -0.71
N LEU B 118 -19.57 -53.84 -0.29
CA LEU B 118 -19.31 -54.05 1.13
C LEU B 118 -18.45 -52.92 1.68
N ALA B 119 -18.72 -52.52 2.91
CA ALA B 119 -17.98 -51.44 3.54
C ALA B 119 -17.45 -51.80 4.92
N GLY B 120 -17.47 -53.06 5.31
CA GLY B 120 -16.99 -53.46 6.62
C GLY B 120 -16.06 -54.66 6.56
N SER B 121 -15.66 -55.17 7.72
CA SER B 121 -14.71 -56.27 7.83
C SER B 121 -15.41 -57.50 8.38
N PRO B 122 -14.91 -58.71 8.04
CA PRO B 122 -15.63 -59.92 8.47
C PRO B 122 -15.74 -60.06 9.98
N THR B 123 -14.71 -59.65 10.73
CA THR B 123 -14.77 -59.75 12.17
C THR B 123 -15.83 -58.82 12.75
N GLU B 124 -15.93 -57.60 12.23
CA GLU B 124 -16.96 -56.67 12.69
C GLU B 124 -18.35 -57.21 12.41
N LEU B 125 -18.55 -57.77 11.21
CA LEU B 125 -19.84 -58.37 10.86
C LEU B 125 -20.19 -59.50 11.81
N LEU B 126 -19.22 -60.37 12.10
CA LEU B 126 -19.47 -61.49 13.00
C LEU B 126 -19.83 -61.00 14.40
N LYS B 127 -19.10 -59.98 14.90
CA LYS B 127 -19.39 -59.44 16.22
C LYS B 127 -20.78 -58.85 16.28
N LYS B 128 -21.17 -58.08 15.26
CA LYS B 128 -22.51 -57.47 15.28
C LYS B 128 -23.59 -58.53 15.19
N PHE B 129 -23.38 -59.56 14.36
CA PHE B 129 -24.37 -60.64 14.26
C PHE B 129 -24.52 -61.36 15.59
N VAL B 130 -23.41 -61.68 16.24
CA VAL B 130 -23.48 -62.36 17.53
C VAL B 130 -24.18 -61.48 18.56
N GLN B 131 -23.93 -60.17 18.51
CA GLN B 131 -24.61 -59.25 19.40
C GLN B 131 -26.11 -59.24 19.15
N SER B 132 -26.53 -59.35 17.88
CA SER B 132 -27.95 -59.44 17.57
C SER B 132 -28.57 -60.69 18.20
N GLY B 133 -27.89 -61.83 18.11
CA GLY B 133 -28.34 -63.03 18.78
C GLY B 133 -29.24 -63.93 17.97
N SER B 134 -30.06 -63.35 17.09
CA SER B 134 -31.03 -64.12 16.36
C SER B 134 -30.34 -65.05 15.36
N ARG B 135 -31.06 -66.10 14.96
CA ARG B 135 -30.56 -67.06 14.00
C ARG B 135 -30.85 -66.66 12.56
N LEU B 136 -31.50 -65.52 12.34
CA LEU B 136 -31.74 -65.03 10.99
C LEU B 136 -32.09 -63.55 11.08
N LEU B 137 -31.27 -62.70 10.46
CA LEU B 137 -31.56 -61.27 10.34
C LEU B 137 -31.78 -60.94 8.88
N PHE B 138 -32.92 -60.29 8.60
CA PHE B 138 -33.19 -59.80 7.27
C PHE B 138 -32.84 -58.32 7.20
N SER B 139 -33.08 -57.68 6.07
CA SER B 139 -32.87 -56.25 5.91
C SER B 139 -34.22 -55.56 5.93
N ALA B 140 -34.36 -54.54 6.77
CA ALA B 140 -35.63 -53.87 6.96
C ALA B 140 -35.68 -52.59 6.12
N GLU B 141 -36.71 -52.47 5.30
CA GLU B 141 -36.97 -51.26 4.52
C GLU B 141 -38.24 -50.61 5.03
N SER B 142 -38.67 -49.55 4.34
CA SER B 142 -39.83 -48.78 4.78
C SER B 142 -41.02 -48.89 3.84
N PHE B 143 -40.91 -49.67 2.76
CA PHE B 143 -41.97 -49.81 1.77
C PHE B 143 -42.40 -51.27 1.66
N CYS B 144 -43.65 -51.47 1.25
CA CYS B 144 -44.20 -52.81 1.02
C CYS B 144 -44.40 -52.95 -0.48
N TRP B 145 -43.39 -53.49 -1.16
CA TRP B 145 -43.35 -53.47 -2.62
C TRP B 145 -44.41 -54.39 -3.23
N PRO B 146 -44.36 -55.72 -3.03
CA PRO B 146 -45.23 -56.60 -3.81
C PRO B 146 -46.70 -56.45 -3.46
N GLU B 147 -47.04 -56.63 -2.18
CA GLU B 147 -48.42 -56.59 -1.72
C GLU B 147 -48.56 -55.55 -0.61
N TRP B 148 -49.64 -54.79 -0.70
CA TRP B 148 -49.91 -53.67 0.20
C TRP B 148 -50.82 -54.06 1.36
N GLY B 149 -51.64 -55.10 1.20
CA GLY B 149 -52.61 -55.45 2.22
C GLY B 149 -52.00 -55.98 3.51
N LEU B 150 -50.78 -56.52 3.45
CA LEU B 150 -50.13 -57.09 4.63
C LEU B 150 -49.45 -56.04 5.49
N ALA B 151 -49.78 -54.75 5.30
CA ALA B 151 -49.11 -53.70 6.05
C ALA B 151 -49.39 -53.79 7.55
N GLU B 152 -50.64 -54.10 7.91
CA GLU B 152 -51.05 -54.05 9.30
C GLU B 152 -50.66 -55.29 10.09
N GLN B 153 -50.26 -56.37 9.42
CA GLN B 153 -49.91 -57.60 10.13
C GLN B 153 -48.52 -57.56 10.75
N TYR B 154 -47.66 -56.65 10.29
CA TYR B 154 -46.30 -56.60 10.80
C TYR B 154 -46.30 -56.14 12.26
N PRO B 155 -45.41 -56.72 13.08
CA PRO B 155 -45.22 -56.19 14.43
C PRO B 155 -44.84 -54.73 14.40
N GLU B 156 -45.35 -53.97 15.37
CA GLU B 156 -45.10 -52.55 15.44
C GLU B 156 -43.63 -52.27 15.79
N VAL B 157 -43.10 -51.17 15.26
CA VAL B 157 -41.75 -50.71 15.57
C VAL B 157 -41.80 -49.20 15.73
N GLY B 158 -41.17 -48.70 16.79
CA GLY B 158 -41.22 -47.28 17.09
C GLY B 158 -40.51 -46.40 16.10
N THR B 159 -39.19 -46.51 16.00
CA THR B 159 -38.37 -45.59 15.24
C THR B 159 -37.75 -46.23 14.00
N GLY B 160 -37.19 -47.42 14.12
CA GLY B 160 -36.47 -48.02 13.02
C GLY B 160 -37.41 -48.47 11.90
N LYS B 161 -36.80 -49.03 10.86
CA LYS B 161 -37.56 -49.57 9.76
C LYS B 161 -38.40 -50.75 10.22
N ARG B 162 -39.54 -50.94 9.57
CA ARG B 162 -40.54 -51.90 10.02
C ARG B 162 -40.64 -53.14 9.14
N PHE B 163 -40.67 -52.98 7.82
CA PHE B 163 -41.00 -54.06 6.91
C PHE B 163 -39.79 -54.97 6.69
N LEU B 164 -39.91 -55.89 5.73
CA LEU B 164 -38.89 -56.87 5.42
C LEU B 164 -38.50 -56.76 3.97
N ASN B 165 -37.19 -56.83 3.70
CA ASN B 165 -36.67 -56.81 2.34
C ASN B 165 -35.74 -58.00 2.17
N SER B 166 -35.84 -58.68 1.03
CA SER B 166 -35.11 -59.92 0.78
C SER B 166 -33.79 -59.71 0.04
N GLY B 167 -33.27 -58.49 0.05
CA GLY B 167 -32.02 -58.19 -0.62
C GLY B 167 -30.77 -58.59 0.13
N GLY B 168 -30.92 -59.17 1.32
CA GLY B 168 -29.77 -59.61 2.08
C GLY B 168 -30.17 -60.15 3.44
N PHE B 169 -29.57 -61.26 3.86
CA PHE B 169 -29.84 -61.84 5.17
C PHE B 169 -28.69 -62.74 5.56
N ILE B 170 -28.53 -62.93 6.88
CA ILE B 170 -27.42 -63.69 7.43
C ILE B 170 -27.95 -64.59 8.53
N GLY B 171 -27.48 -65.83 8.57
CA GLY B 171 -27.91 -66.74 9.62
C GLY B 171 -27.16 -68.06 9.52
N PHE B 172 -27.48 -68.95 10.45
CA PHE B 172 -26.84 -70.25 10.50
C PHE B 172 -27.30 -71.13 9.33
N ALA B 173 -26.55 -72.21 9.09
CA ALA B 173 -26.81 -73.04 7.93
C ALA B 173 -28.09 -73.85 8.09
N THR B 174 -28.33 -74.39 9.28
CA THR B 174 -29.51 -75.21 9.51
C THR B 174 -30.80 -74.39 9.34
N THR B 175 -30.81 -73.19 9.91
CA THR B 175 -31.99 -72.35 9.80
C THR B 175 -32.22 -71.93 8.35
N ILE B 176 -31.16 -71.60 7.62
CA ILE B 176 -31.31 -71.23 6.22
C ILE B 176 -31.84 -72.41 5.42
N HIS B 177 -31.39 -73.62 5.74
CA HIS B 177 -31.91 -74.80 5.05
C HIS B 177 -33.39 -75.00 5.33
N GLN B 178 -33.79 -74.82 6.59
CA GLN B 178 -35.21 -74.97 6.93
C GLN B 178 -36.06 -73.93 6.21
N ILE B 179 -35.56 -72.70 6.11
CA ILE B 179 -36.31 -71.67 5.38
C ILE B 179 -36.41 -72.01 3.90
N VAL B 180 -35.32 -72.43 3.28
CA VAL B 180 -35.31 -72.56 1.82
C VAL B 180 -35.87 -73.88 1.31
N ARG B 181 -36.05 -74.88 2.16
CA ARG B 181 -36.52 -76.17 1.65
C ARG B 181 -37.97 -76.15 1.20
N GLN B 182 -38.74 -75.10 1.52
CA GLN B 182 -40.17 -75.07 1.23
C GLN B 182 -40.51 -74.42 -0.10
N TRP B 183 -39.51 -74.07 -0.92
CA TRP B 183 -39.77 -73.38 -2.17
C TRP B 183 -40.28 -74.36 -3.21
N LYS B 184 -41.52 -74.17 -3.66
CA LYS B 184 -42.08 -74.96 -4.75
C LYS B 184 -43.07 -74.07 -5.52
N TYR B 185 -42.57 -73.39 -6.55
CA TYR B 185 -43.40 -72.53 -7.38
C TYR B 185 -42.80 -72.48 -8.78
N LYS B 186 -43.46 -71.74 -9.66
CA LYS B 186 -42.94 -71.54 -11.01
C LYS B 186 -41.72 -70.64 -10.96
N ASP B 187 -40.83 -70.81 -11.96
CA ASP B 187 -39.57 -70.09 -11.99
C ASP B 187 -39.74 -68.58 -12.10
N ASP B 188 -40.86 -68.10 -12.62
CA ASP B 188 -41.11 -66.68 -12.77
C ASP B 188 -41.86 -66.09 -11.57
N ASP B 189 -42.12 -66.88 -10.54
CA ASP B 189 -42.85 -66.39 -9.39
C ASP B 189 -42.04 -65.37 -8.62
N ASP B 190 -42.73 -64.47 -7.92
CA ASP B 190 -42.06 -63.47 -7.13
C ASP B 190 -41.42 -64.09 -5.89
N ASP B 191 -40.47 -63.36 -5.31
CA ASP B 191 -39.62 -63.85 -4.23
C ASP B 191 -39.96 -63.22 -2.89
N GLN B 192 -40.15 -61.90 -2.85
CA GLN B 192 -40.29 -61.20 -1.57
C GLN B 192 -41.55 -61.63 -0.83
N LEU B 193 -42.66 -61.83 -1.55
CA LEU B 193 -43.91 -62.19 -0.89
C LEU B 193 -43.81 -63.53 -0.18
N PHE B 194 -43.01 -64.46 -0.71
CA PHE B 194 -42.83 -65.75 -0.05
C PHE B 194 -42.14 -65.59 1.30
N TYR B 195 -41.06 -64.81 1.33
CA TYR B 195 -40.37 -64.57 2.59
C TYR B 195 -41.27 -63.83 3.57
N THR B 196 -42.03 -62.85 3.07
CA THR B 196 -42.92 -62.09 3.95
C THR B 196 -43.99 -63.00 4.55
N ARG B 197 -44.61 -63.86 3.73
CA ARG B 197 -45.62 -64.77 4.23
C ARG B 197 -45.03 -65.75 5.24
N LEU B 198 -43.82 -66.24 4.97
CA LEU B 198 -43.16 -67.14 5.92
C LEU B 198 -42.86 -66.44 7.24
N TYR B 199 -42.47 -65.16 7.18
CA TYR B 199 -42.09 -64.45 8.39
C TYR B 199 -43.31 -64.02 9.21
N LEU B 200 -44.43 -63.73 8.54
CA LEU B 200 -45.60 -63.21 9.23
C LEU B 200 -46.27 -64.25 10.12
N ASP B 201 -45.92 -65.52 9.98
CA ASP B 201 -46.48 -66.53 10.86
C ASP B 201 -45.84 -66.41 12.25
N PRO B 202 -46.63 -66.19 13.30
CA PRO B 202 -46.04 -65.97 14.63
C PRO B 202 -45.31 -67.20 15.17
N GLY B 203 -45.96 -68.36 15.07
CA GLY B 203 -45.37 -69.58 15.61
C GLY B 203 -44.06 -69.94 14.91
N LEU B 204 -44.04 -69.86 13.59
CA LEU B 204 -42.84 -70.18 12.84
C LEU B 204 -41.72 -69.18 13.15
N ARG B 205 -42.08 -67.90 13.25
CA ARG B 205 -41.09 -66.87 13.59
C ARG B 205 -40.48 -67.12 14.95
N GLU B 206 -41.30 -67.47 15.95
CA GLU B 206 -40.76 -67.75 17.27
C GLU B 206 -39.96 -69.03 17.29
N LYS B 207 -40.36 -70.03 16.49
CA LYS B 207 -39.66 -71.30 16.47
C LYS B 207 -38.27 -71.16 15.87
N LEU B 208 -38.14 -70.48 14.73
CA LEU B 208 -36.85 -70.35 14.07
C LEU B 208 -36.10 -69.07 14.41
N SER B 209 -36.63 -68.27 15.34
CA SER B 209 -35.93 -67.09 15.87
C SER B 209 -35.58 -66.08 14.76
N LEU B 210 -36.55 -65.80 13.91
CA LEU B 210 -36.36 -64.79 12.89
C LEU B 210 -36.29 -63.40 13.52
N ASN B 211 -35.73 -62.45 12.79
CA ASN B 211 -35.62 -61.07 13.25
C ASN B 211 -35.34 -60.18 12.06
N LEU B 212 -35.43 -58.87 12.28
CA LEU B 212 -35.08 -57.87 11.28
C LEU B 212 -34.06 -56.91 11.86
N ASP B 213 -33.25 -56.34 10.97
CA ASP B 213 -32.28 -55.31 11.34
C ASP B 213 -32.99 -53.97 11.32
N HIS B 214 -33.64 -53.66 12.44
CA HIS B 214 -34.53 -52.50 12.50
C HIS B 214 -33.79 -51.19 12.32
N LYS B 215 -32.61 -51.05 12.95
CA LYS B 215 -31.93 -49.77 13.04
C LYS B 215 -30.80 -49.64 12.03
N SER B 216 -30.80 -50.43 10.97
CA SER B 216 -29.78 -50.37 9.91
C SER B 216 -28.38 -50.53 10.50
N ARG B 217 -28.20 -51.62 11.26
CA ARG B 217 -26.94 -51.90 11.93
C ARG B 217 -25.97 -52.68 11.05
N ILE B 218 -26.46 -53.49 10.11
CA ILE B 218 -25.60 -54.24 9.21
C ILE B 218 -25.97 -53.92 7.77
N PHE B 219 -27.23 -54.12 7.42
CA PHE B 219 -27.72 -53.88 6.07
C PHE B 219 -28.35 -52.51 5.98
N GLN B 220 -27.91 -51.71 5.01
CA GLN B 220 -28.46 -50.39 4.76
C GLN B 220 -29.06 -50.36 3.36
N ASN B 221 -30.31 -49.94 3.26
CA ASN B 221 -31.00 -49.83 1.98
C ASN B 221 -31.13 -48.37 1.61
N LEU B 222 -30.77 -48.04 0.36
CA LEU B 222 -30.73 -46.66 -0.11
C LEU B 222 -32.04 -46.25 -0.77
N ASN B 223 -33.16 -46.84 -0.38
CA ASN B 223 -34.48 -46.47 -0.88
C ASN B 223 -35.32 -46.01 0.30
N GLY B 224 -35.64 -44.72 0.34
CA GLY B 224 -36.33 -44.14 1.46
C GLY B 224 -35.43 -43.68 2.59
N ALA B 225 -34.13 -43.83 2.46
CA ALA B 225 -33.16 -43.39 3.45
C ALA B 225 -31.99 -42.69 2.79
N LEU B 226 -32.27 -41.88 1.77
CA LEU B 226 -31.24 -41.14 1.05
C LEU B 226 -30.77 -39.90 1.79
N ASP B 227 -31.47 -39.49 2.84
CA ASP B 227 -31.13 -38.30 3.60
C ASP B 227 -30.58 -38.64 4.99
N GLU B 228 -30.16 -39.88 5.20
CA GLU B 228 -29.60 -40.33 6.47
C GLU B 228 -28.21 -40.90 6.34
N VAL B 229 -27.63 -40.88 5.14
CA VAL B 229 -26.33 -41.47 4.88
C VAL B 229 -25.36 -40.36 4.50
N VAL B 230 -24.21 -40.32 5.17
CA VAL B 230 -23.15 -39.37 4.87
C VAL B 230 -21.84 -40.13 4.74
N LEU B 231 -21.03 -39.72 3.76
CA LEU B 231 -19.70 -40.29 3.61
C LEU B 231 -18.84 -39.86 4.79
N LYS B 232 -18.07 -40.78 5.34
CA LYS B 232 -17.18 -40.48 6.47
C LYS B 232 -15.76 -40.85 6.07
N PHE B 233 -14.98 -39.86 5.67
CA PHE B 233 -13.62 -40.10 5.22
C PHE B 233 -12.73 -40.49 6.39
N ASP B 234 -11.63 -41.17 6.06
CA ASP B 234 -10.65 -41.60 7.04
C ASP B 234 -9.27 -41.52 6.39
N ARG B 235 -8.26 -42.03 7.10
CA ARG B 235 -6.89 -41.88 6.62
C ARG B 235 -6.66 -42.59 5.30
N ASN B 236 -7.02 -43.86 5.22
CA ASN B 236 -6.76 -44.65 4.02
C ASN B 236 -7.96 -45.49 3.59
N ARG B 237 -9.15 -45.17 4.07
CA ARG B 237 -10.35 -45.84 3.62
C ARG B 237 -11.54 -44.93 3.89
N VAL B 238 -12.65 -45.22 3.21
CA VAL B 238 -13.85 -44.41 3.33
C VAL B 238 -15.01 -45.30 3.76
N ARG B 239 -15.85 -44.79 4.65
CA ARG B 239 -16.94 -45.54 5.23
C ARG B 239 -18.17 -44.64 5.29
N ILE B 240 -19.35 -45.26 5.26
CA ILE B 240 -20.59 -44.51 5.35
C ILE B 240 -21.07 -44.56 6.79
N ARG B 241 -21.92 -43.58 7.13
CA ARG B 241 -22.43 -43.42 8.49
C ARG B 241 -23.90 -43.06 8.41
N ASN B 242 -24.70 -43.63 9.32
CA ASN B 242 -26.13 -43.35 9.40
C ASN B 242 -26.35 -42.34 10.51
N VAL B 243 -26.64 -41.09 10.13
CA VAL B 243 -26.79 -40.03 11.12
C VAL B 243 -28.02 -40.24 11.97
N ALA B 244 -29.09 -40.81 11.38
CA ALA B 244 -30.34 -40.95 12.10
C ALA B 244 -30.24 -41.85 13.33
N TYR B 245 -29.49 -42.95 13.25
CA TYR B 245 -29.36 -43.87 14.37
C TYR B 245 -27.92 -44.03 14.85
N ASP B 246 -26.96 -43.31 14.27
CA ASP B 246 -25.55 -43.35 14.67
C ASP B 246 -24.97 -44.76 14.56
N THR B 247 -25.30 -45.46 13.47
CA THR B 247 -24.79 -46.80 13.22
C THR B 247 -24.01 -46.80 11.91
N LEU B 248 -22.98 -47.63 11.85
CA LEU B 248 -22.20 -47.78 10.64
C LEU B 248 -22.55 -49.10 9.97
N PRO B 249 -23.24 -49.10 8.84
CA PRO B 249 -23.62 -50.35 8.20
C PRO B 249 -22.41 -51.08 7.62
N ILE B 250 -22.63 -52.34 7.28
CA ILE B 250 -21.60 -53.19 6.69
C ILE B 250 -21.77 -53.33 5.19
N VAL B 251 -23.00 -53.58 4.72
CA VAL B 251 -23.29 -53.73 3.30
C VAL B 251 -24.17 -52.56 2.90
N VAL B 252 -24.06 -52.13 1.66
CA VAL B 252 -24.91 -51.08 1.12
C VAL B 252 -25.67 -51.63 -0.08
N HIS B 253 -27.00 -51.50 -0.06
CA HIS B 253 -27.83 -52.04 -1.15
C HIS B 253 -28.60 -50.88 -1.76
N GLY B 254 -28.31 -50.58 -3.01
CA GLY B 254 -29.03 -49.54 -3.73
C GLY B 254 -30.22 -50.09 -4.48
N ASN B 255 -31.21 -50.59 -3.74
CA ASN B 255 -32.38 -51.20 -4.36
C ASN B 255 -33.31 -50.12 -4.91
N GLY B 256 -34.25 -50.55 -5.74
CA GLY B 256 -35.19 -49.63 -6.33
C GLY B 256 -34.55 -48.72 -7.35
N PRO B 257 -35.15 -47.55 -7.58
CA PRO B 257 -34.63 -46.59 -8.55
C PRO B 257 -33.56 -45.67 -7.98
N THR B 258 -32.62 -46.25 -7.23
CA THR B 258 -31.51 -45.50 -6.64
C THR B 258 -30.19 -46.18 -6.94
N LYS B 259 -30.01 -46.60 -8.19
CA LYS B 259 -28.72 -47.16 -8.60
C LYS B 259 -27.68 -46.10 -8.90
N LEU B 260 -28.12 -44.92 -9.33
CA LEU B 260 -27.18 -43.83 -9.59
C LEU B 260 -26.50 -43.37 -8.31
N GLN B 261 -27.24 -43.32 -7.20
CA GLN B 261 -26.64 -42.95 -5.93
C GLN B 261 -25.59 -43.97 -5.51
N LEU B 262 -25.85 -45.26 -5.75
CA LEU B 262 -24.85 -46.28 -5.44
C LEU B 262 -23.64 -46.16 -6.35
N ASN B 263 -23.85 -45.83 -7.62
CA ASN B 263 -22.72 -45.57 -8.50
C ASN B 263 -21.88 -44.41 -7.99
N TYR B 264 -22.54 -43.37 -7.48
CA TYR B 264 -21.81 -42.24 -6.89
C TYR B 264 -21.02 -42.69 -5.66
N LEU B 265 -21.63 -43.52 -4.82
CA LEU B 265 -20.96 -44.00 -3.61
C LEU B 265 -19.80 -44.94 -3.93
N GLY B 266 -19.83 -45.61 -5.07
CA GLY B 266 -18.79 -46.59 -5.38
C GLY B 266 -17.45 -46.00 -5.74
N ASN B 267 -17.39 -44.69 -5.99
CA ASN B 267 -16.12 -44.05 -6.30
C ASN B 267 -15.22 -43.98 -5.08
N TYR B 268 -15.80 -43.97 -3.88
CA TYR B 268 -15.03 -43.84 -2.64
C TYR B 268 -15.03 -45.13 -1.84
N VAL B 269 -16.20 -45.65 -1.50
CA VAL B 269 -16.29 -46.79 -0.58
C VAL B 269 -15.86 -48.06 -1.30
N PRO B 270 -14.94 -48.86 -0.74
CA PRO B 270 -14.18 -48.62 0.50
C PRO B 270 -12.74 -48.15 0.25
N ASN B 271 -12.18 -48.38 -0.94
CA ASN B 271 -10.80 -47.98 -1.22
C ASN B 271 -10.70 -47.30 -2.57
N GLY B 272 -11.78 -46.71 -3.06
CA GLY B 272 -11.75 -46.04 -4.34
C GLY B 272 -10.81 -44.85 -4.33
N TRP B 273 -11.17 -43.82 -3.55
CA TRP B 273 -10.36 -42.62 -3.42
C TRP B 273 -10.12 -42.34 -1.94
N THR B 274 -8.87 -42.08 -1.59
CA THR B 274 -8.47 -41.85 -0.22
C THR B 274 -7.69 -40.54 -0.11
N PRO B 275 -7.74 -39.88 1.03
CA PRO B 275 -7.12 -38.55 1.14
C PRO B 275 -5.63 -38.54 0.90
N GLU B 276 -4.93 -39.67 1.06
CA GLU B 276 -3.49 -39.71 0.87
C GLU B 276 -3.04 -40.82 -0.07
N GLY B 277 -3.97 -41.44 -0.78
CA GLY B 277 -3.61 -42.56 -1.64
C GLY B 277 -4.08 -42.42 -3.07
N GLY B 278 -4.46 -41.20 -3.46
CA GLY B 278 -4.92 -40.96 -4.82
C GLY B 278 -6.14 -41.81 -5.18
N CYS B 279 -6.05 -42.53 -6.28
CA CYS B 279 -7.13 -43.39 -6.74
C CYS B 279 -6.81 -44.86 -6.44
N GLY B 280 -7.82 -45.70 -6.60
CA GLY B 280 -7.69 -47.12 -6.31
C GLY B 280 -7.46 -47.94 -7.56
N PHE B 281 -8.50 -48.59 -8.07
CA PHE B 281 -8.40 -49.28 -9.35
C PHE B 281 -8.58 -48.24 -10.45
N CYS B 282 -7.57 -47.39 -10.60
CA CYS B 282 -7.60 -46.33 -11.59
C CYS B 282 -6.30 -46.19 -12.37
N ASN B 283 -5.37 -47.13 -12.25
CA ASN B 283 -4.15 -47.11 -13.02
C ASN B 283 -3.74 -48.48 -13.52
N GLN B 284 -4.53 -49.52 -13.26
CA GLN B 284 -4.22 -50.88 -13.65
C GLN B 284 -5.01 -51.27 -14.90
N ASP B 285 -4.89 -52.55 -15.28
CA ASP B 285 -5.58 -53.10 -16.45
C ASP B 285 -5.28 -52.29 -17.70
N ARG B 286 -3.99 -52.02 -17.90
CA ARG B 286 -3.52 -51.17 -18.98
C ARG B 286 -2.88 -52.04 -20.06
N ARG B 287 -3.33 -51.84 -21.30
CA ARG B 287 -2.81 -52.64 -22.41
C ARG B 287 -1.33 -52.34 -22.67
N THR B 288 -0.94 -51.07 -22.60
CA THR B 288 0.41 -50.59 -22.91
C THR B 288 0.78 -50.83 -24.37
N LEU B 289 -0.18 -51.31 -25.16
CA LEU B 289 -0.03 -51.46 -26.61
C LEU B 289 1.23 -52.24 -27.02
N PRO B 290 1.38 -53.49 -26.58
CA PRO B 290 2.54 -54.28 -26.99
C PRO B 290 2.28 -55.11 -28.23
N GLY B 291 3.26 -55.92 -28.64
CA GLY B 291 3.07 -56.93 -29.68
C GLY B 291 3.93 -56.70 -30.91
N GLY B 292 4.21 -55.44 -31.23
CA GLY B 292 4.90 -55.13 -32.47
C GLY B 292 3.94 -55.00 -33.62
N GLN B 293 2.81 -55.71 -33.52
CA GLN B 293 1.74 -55.55 -34.50
C GLN B 293 1.21 -54.12 -34.43
N PRO B 294 0.80 -53.54 -35.56
CA PRO B 294 0.28 -52.17 -35.53
C PRO B 294 -0.89 -52.06 -34.57
N PRO B 295 -1.05 -50.90 -33.92
CA PRO B 295 -2.01 -50.78 -32.83
C PRO B 295 -3.43 -51.06 -33.29
N PRO B 296 -4.37 -51.26 -32.36
CA PRO B 296 -5.74 -51.57 -32.77
C PRO B 296 -6.34 -50.46 -33.63
N ARG B 297 -7.14 -50.86 -34.60
CA ARG B 297 -7.76 -49.90 -35.49
C ARG B 297 -8.77 -49.04 -34.73
N VAL B 298 -8.93 -47.82 -35.20
CA VAL B 298 -9.85 -46.86 -34.58
C VAL B 298 -10.64 -46.18 -35.69
N PHE B 299 -11.95 -46.06 -35.49
CA PHE B 299 -12.85 -45.42 -36.44
C PHE B 299 -13.13 -44.01 -35.95
N LEU B 300 -12.32 -43.05 -36.40
CA LEU B 300 -12.51 -41.67 -36.03
C LEU B 300 -13.84 -41.15 -36.57
N ALA B 301 -14.49 -40.30 -35.80
CA ALA B 301 -15.75 -39.68 -36.24
C ALA B 301 -15.76 -38.24 -35.77
N VAL B 302 -15.90 -37.31 -36.70
CA VAL B 302 -15.88 -35.88 -36.41
C VAL B 302 -17.19 -35.28 -36.88
N PHE B 303 -17.86 -34.53 -36.01
CA PHE B 303 -19.18 -34.00 -36.30
C PHE B 303 -19.18 -32.49 -36.22
N VAL B 304 -19.64 -31.83 -37.29
CA VAL B 304 -19.76 -30.38 -37.37
C VAL B 304 -21.20 -30.06 -37.72
N GLU B 305 -21.93 -29.46 -36.77
CA GLU B 305 -23.34 -29.14 -36.99
C GLU B 305 -23.68 -27.70 -36.63
N GLN B 306 -22.70 -26.91 -36.24
CA GLN B 306 -22.88 -25.50 -35.90
C GLN B 306 -21.78 -24.70 -36.56
N PRO B 307 -21.99 -23.40 -36.74
CA PRO B 307 -20.86 -22.55 -37.12
C PRO B 307 -19.91 -22.39 -35.94
N THR B 308 -18.77 -23.07 -35.99
CA THR B 308 -17.84 -23.08 -34.87
C THR B 308 -16.61 -22.25 -35.18
N PRO B 309 -16.04 -21.59 -34.19
CA PRO B 309 -14.84 -20.77 -34.42
C PRO B 309 -13.60 -21.63 -34.58
N PHE B 310 -12.64 -21.08 -35.34
CA PHE B 310 -11.32 -21.68 -35.51
C PHE B 310 -11.41 -23.10 -36.06
N LEU B 311 -12.31 -23.31 -37.03
CA LEU B 311 -12.44 -24.64 -37.64
C LEU B 311 -11.20 -25.06 -38.42
N PRO B 312 -10.62 -24.23 -39.30
CA PRO B 312 -9.43 -24.70 -40.04
C PRO B 312 -8.27 -25.09 -39.15
N ARG B 313 -8.13 -24.43 -37.99
CA ARG B 313 -7.09 -24.85 -37.05
C ARG B 313 -7.36 -26.25 -36.53
N PHE B 314 -8.61 -26.57 -36.22
CA PHE B 314 -8.97 -27.93 -35.81
C PHE B 314 -8.68 -28.94 -36.90
N LEU B 315 -9.05 -28.60 -38.14
CA LEU B 315 -8.80 -29.52 -39.25
C LEU B 315 -7.31 -29.76 -39.45
N GLN B 316 -6.50 -28.71 -39.35
CA GLN B 316 -5.06 -28.87 -39.54
C GLN B 316 -4.42 -29.56 -38.34
N ARG B 317 -5.08 -29.52 -37.19
CA ARG B 317 -4.57 -30.26 -36.04
C ARG B 317 -4.94 -31.73 -36.10
N LEU B 318 -6.01 -32.07 -36.83
CA LEU B 318 -6.39 -33.47 -36.98
C LEU B 318 -5.24 -34.33 -37.50
N LEU B 319 -4.43 -33.77 -38.40
CA LEU B 319 -3.31 -34.52 -38.96
C LEU B 319 -2.18 -34.74 -37.98
N LEU B 320 -2.16 -34.01 -36.87
CA LEU B 320 -1.04 -34.04 -35.93
C LEU B 320 -1.24 -35.03 -34.79
N LEU B 321 -2.33 -35.79 -34.80
CA LEU B 321 -2.55 -36.79 -33.75
C LEU B 321 -1.48 -37.88 -33.84
N ASP B 322 -1.04 -38.36 -32.68
CA ASP B 322 0.01 -39.37 -32.61
C ASP B 322 -0.64 -40.75 -32.73
N TYR B 323 -0.90 -41.14 -33.97
CA TYR B 323 -1.41 -42.46 -34.30
C TYR B 323 -1.16 -42.72 -35.78
N PRO B 324 -0.69 -43.91 -36.14
CA PRO B 324 -0.38 -44.19 -37.54
C PRO B 324 -1.58 -43.99 -38.43
N PRO B 325 -1.40 -43.44 -39.63
CA PRO B 325 -2.54 -43.12 -40.49
C PRO B 325 -3.05 -44.27 -41.34
N ASP B 326 -2.45 -45.45 -41.22
CA ASP B 326 -2.91 -46.64 -41.96
C ASP B 326 -3.93 -47.45 -41.18
N ARG B 327 -4.33 -46.99 -40.01
CA ARG B 327 -5.33 -47.68 -39.18
C ARG B 327 -6.56 -46.84 -38.90
N VAL B 328 -6.44 -45.52 -38.86
CA VAL B 328 -7.52 -44.65 -38.44
C VAL B 328 -8.33 -44.25 -39.68
N THR B 329 -9.55 -44.77 -39.80
CA THR B 329 -10.48 -44.28 -40.80
C THR B 329 -11.12 -42.99 -40.30
N LEU B 330 -11.94 -42.37 -41.14
CA LEU B 330 -12.53 -41.10 -40.75
C LEU B 330 -13.94 -41.00 -41.31
N PHE B 331 -14.80 -40.26 -40.60
CA PHE B 331 -16.16 -40.00 -41.05
C PHE B 331 -16.49 -38.58 -40.59
N LEU B 332 -16.37 -37.63 -41.51
CA LEU B 332 -16.62 -36.22 -41.22
C LEU B 332 -18.02 -35.86 -41.67
N HIS B 333 -18.82 -35.33 -40.76
CA HIS B 333 -20.20 -34.92 -41.03
C HIS B 333 -20.30 -33.41 -40.87
N ASN B 334 -20.51 -32.72 -41.98
CA ASN B 334 -20.65 -31.27 -42.00
C ASN B 334 -22.12 -30.93 -42.23
N ASN B 335 -22.67 -30.07 -41.37
CA ASN B 335 -24.10 -29.75 -41.42
C ASN B 335 -24.36 -28.26 -41.60
N GLU B 336 -23.38 -27.49 -42.09
CA GLU B 336 -23.54 -26.06 -42.27
C GLU B 336 -23.07 -25.67 -43.67
N VAL B 337 -23.88 -24.84 -44.35
CA VAL B 337 -23.48 -24.36 -45.66
C VAL B 337 -22.33 -23.37 -45.54
N PHE B 338 -22.12 -22.81 -44.35
CA PHE B 338 -21.07 -21.81 -44.17
C PHE B 338 -19.69 -22.44 -44.11
N HIS B 339 -19.60 -23.69 -43.67
CA HIS B 339 -18.32 -24.35 -43.46
C HIS B 339 -17.82 -25.11 -44.68
N GLU B 340 -18.52 -25.03 -45.80
CA GLU B 340 -18.08 -25.76 -46.99
C GLU B 340 -16.71 -25.34 -47.51
N PRO B 341 -16.38 -24.05 -47.65
CA PRO B 341 -15.05 -23.71 -48.20
C PRO B 341 -13.88 -24.24 -47.39
N HIS B 342 -13.97 -24.24 -46.05
CA HIS B 342 -12.85 -24.69 -45.24
C HIS B 342 -12.55 -26.16 -45.48
N ILE B 343 -13.59 -27.00 -45.41
CA ILE B 343 -13.41 -28.44 -45.60
C ILE B 343 -13.01 -28.73 -47.04
N ALA B 344 -13.58 -28.00 -48.00
CA ALA B 344 -13.21 -28.21 -49.39
C ALA B 344 -11.73 -27.90 -49.61
N ASP B 345 -11.23 -26.86 -48.96
CA ASP B 345 -9.81 -26.54 -49.08
C ASP B 345 -8.95 -27.61 -48.42
N SER B 346 -9.34 -28.03 -47.21
CA SER B 346 -8.50 -28.95 -46.43
C SER B 346 -8.65 -30.42 -46.83
N TRP B 347 -9.56 -30.74 -47.74
CA TRP B 347 -9.83 -32.13 -48.07
C TRP B 347 -8.64 -32.91 -48.61
N PRO B 348 -7.84 -32.40 -49.57
CA PRO B 348 -6.78 -33.26 -50.13
C PRO B 348 -5.78 -33.76 -49.10
N GLN B 349 -5.45 -32.94 -48.10
CA GLN B 349 -4.49 -33.38 -47.08
C GLN B 349 -5.03 -34.56 -46.30
N LEU B 350 -6.30 -34.50 -45.89
CA LEU B 350 -6.91 -35.62 -45.18
C LEU B 350 -7.02 -36.84 -46.08
N GLN B 351 -7.44 -36.66 -47.33
CA GLN B 351 -7.59 -37.78 -48.24
C GLN B 351 -6.27 -38.49 -48.47
N ASP B 352 -5.17 -37.74 -48.50
CA ASP B 352 -3.85 -38.35 -48.64
C ASP B 352 -3.42 -39.01 -47.34
N HIS B 353 -3.73 -38.39 -46.20
CA HIS B 353 -3.17 -38.81 -44.92
C HIS B 353 -3.74 -40.14 -44.44
N PHE B 354 -5.05 -40.19 -44.19
CA PHE B 354 -5.65 -41.34 -43.53
C PHE B 354 -5.87 -42.50 -44.49
N SER B 355 -6.13 -43.67 -43.92
CA SER B 355 -6.31 -44.88 -44.72
C SER B 355 -7.57 -44.81 -45.59
N ALA B 356 -8.70 -44.44 -44.99
CA ALA B 356 -9.95 -44.35 -45.74
C ALA B 356 -10.75 -43.21 -45.15
N VAL B 357 -11.30 -42.36 -46.03
CA VAL B 357 -11.92 -41.12 -45.61
C VAL B 357 -13.25 -40.96 -46.34
N LYS B 358 -14.28 -40.59 -45.59
CA LYS B 358 -15.62 -40.44 -46.16
C LYS B 358 -16.27 -39.18 -45.63
N LEU B 359 -16.85 -38.39 -46.54
CA LEU B 359 -17.50 -37.13 -46.22
C LEU B 359 -19.00 -37.25 -46.44
N VAL B 360 -19.77 -36.61 -45.57
CA VAL B 360 -21.20 -36.41 -45.77
C VAL B 360 -21.47 -34.91 -45.76
N GLY B 361 -22.00 -34.39 -46.87
CA GLY B 361 -22.19 -32.98 -47.01
C GLY B 361 -23.49 -32.51 -46.40
N PRO B 362 -23.76 -31.20 -46.56
CA PRO B 362 -25.01 -30.65 -46.03
C PRO B 362 -26.21 -30.84 -46.95
N GLU B 363 -25.99 -31.14 -48.23
CA GLU B 363 -27.11 -31.24 -49.17
C GLU B 363 -27.95 -32.49 -48.95
N GLU B 364 -27.50 -33.41 -48.11
CA GLU B 364 -28.26 -34.63 -47.86
C GLU B 364 -29.46 -34.41 -46.95
N ALA B 365 -29.60 -33.22 -46.37
CA ALA B 365 -30.71 -32.91 -45.45
C ALA B 365 -30.78 -33.93 -44.32
N LEU B 366 -29.68 -34.05 -43.59
CA LEU B 366 -29.51 -35.10 -42.58
C LEU B 366 -29.57 -34.47 -41.19
N SER B 367 -30.45 -35.01 -40.35
CA SER B 367 -30.51 -34.57 -38.97
C SER B 367 -29.30 -35.10 -38.20
N PRO B 368 -28.86 -34.39 -37.16
CA PRO B 368 -27.66 -34.85 -36.41
C PRO B 368 -27.81 -36.24 -35.83
N GLY B 369 -28.99 -36.58 -35.30
CA GLY B 369 -29.18 -37.91 -34.75
C GLY B 369 -29.03 -39.00 -35.78
N GLU B 370 -29.56 -38.77 -36.98
CA GLU B 370 -29.41 -39.75 -38.05
C GLU B 370 -27.95 -39.92 -38.44
N ALA B 371 -27.19 -38.82 -38.44
CA ALA B 371 -25.77 -38.90 -38.79
C ALA B 371 -25.00 -39.71 -37.75
N ARG B 372 -25.26 -39.45 -36.46
CA ARG B 372 -24.56 -40.22 -35.42
C ARG B 372 -24.93 -41.69 -35.49
N ASP B 373 -26.22 -41.98 -35.72
CA ASP B 373 -26.65 -43.36 -35.86
C ASP B 373 -25.97 -44.03 -37.04
N MET B 374 -25.84 -43.31 -38.16
CA MET B 374 -25.18 -43.88 -39.33
C MET B 374 -23.71 -44.18 -39.05
N ALA B 375 -23.03 -43.29 -38.33
CA ALA B 375 -21.63 -43.53 -37.99
C ALA B 375 -21.46 -44.77 -37.13
N MET B 376 -22.29 -44.89 -36.08
CA MET B 376 -22.20 -46.06 -35.21
C MET B 376 -22.60 -47.33 -35.95
N ASP B 377 -23.58 -47.24 -36.86
CA ASP B 377 -23.93 -48.39 -37.67
C ASP B 377 -22.78 -48.80 -38.58
N LEU B 378 -22.07 -47.82 -39.15
CA LEU B 378 -20.95 -48.12 -40.02
C LEU B 378 -19.85 -48.86 -39.28
N CYS B 379 -19.47 -48.39 -38.10
CA CYS B 379 -18.39 -49.07 -37.40
C CYS B 379 -18.86 -50.43 -36.89
N ARG B 380 -20.05 -50.47 -36.26
CA ARG B 380 -20.60 -51.72 -35.71
C ARG B 380 -20.68 -52.82 -36.77
N GLN B 381 -21.19 -52.50 -37.95
CA GLN B 381 -21.31 -53.53 -38.99
C GLN B 381 -19.95 -53.96 -39.54
N ASP B 382 -18.90 -53.19 -39.24
CA ASP B 382 -17.57 -53.55 -39.75
C ASP B 382 -16.84 -54.40 -38.71
N PRO B 383 -16.49 -55.63 -39.05
CA PRO B 383 -15.82 -56.50 -38.06
C PRO B 383 -14.46 -55.97 -37.62
N GLU B 384 -13.85 -55.11 -38.42
CA GLU B 384 -12.55 -54.54 -38.07
C GLU B 384 -12.67 -53.41 -37.06
N CYS B 385 -13.89 -52.98 -36.75
CA CYS B 385 -14.17 -51.95 -35.76
C CYS B 385 -13.71 -52.40 -34.37
N GLU B 386 -12.56 -51.90 -33.94
CA GLU B 386 -12.05 -52.31 -32.63
C GLU B 386 -12.22 -51.23 -31.58
N PHE B 387 -12.38 -49.97 -31.98
CA PHE B 387 -12.69 -48.89 -31.07
C PHE B 387 -13.59 -47.91 -31.82
N TYR B 388 -13.95 -46.82 -31.16
CA TYR B 388 -14.81 -45.83 -31.76
C TYR B 388 -14.62 -44.52 -31.02
N PHE B 389 -14.01 -43.54 -31.65
CA PHE B 389 -13.59 -42.31 -30.99
C PHE B 389 -14.36 -41.15 -31.60
N SER B 390 -15.55 -40.89 -31.07
CA SER B 390 -16.33 -39.75 -31.51
C SER B 390 -15.73 -38.46 -30.97
N LEU B 391 -15.80 -37.41 -31.77
CA LEU B 391 -15.11 -36.17 -31.44
C LEU B 391 -15.91 -35.01 -32.04
N ASP B 392 -16.47 -34.16 -31.19
CA ASP B 392 -17.18 -32.99 -31.68
C ASP B 392 -16.19 -31.91 -32.09
N ALA B 393 -16.62 -31.04 -33.01
CA ALA B 393 -15.78 -29.94 -33.46
C ALA B 393 -15.62 -28.86 -32.42
N ASP B 394 -16.46 -28.85 -31.38
CA ASP B 394 -16.32 -27.90 -30.28
C ASP B 394 -15.57 -28.61 -29.14
N ALA B 395 -14.31 -28.93 -29.43
CA ALA B 395 -13.45 -29.59 -28.45
C ALA B 395 -12.01 -29.40 -28.93
N VAL B 396 -11.27 -28.54 -28.23
CA VAL B 396 -9.86 -28.32 -28.54
C VAL B 396 -9.04 -29.33 -27.77
N LEU B 397 -8.25 -30.13 -28.47
CA LEU B 397 -7.48 -31.21 -27.86
C LEU B 397 -6.03 -30.77 -27.78
N THR B 398 -5.69 -30.09 -26.68
CA THR B 398 -4.33 -29.60 -26.50
C THR B 398 -3.34 -30.75 -26.44
N ASN B 399 -3.66 -31.79 -25.67
CA ASN B 399 -2.79 -32.95 -25.58
C ASN B 399 -2.87 -33.77 -26.86
N LEU B 400 -1.71 -34.11 -27.43
CA LEU B 400 -1.65 -34.88 -28.66
C LEU B 400 -1.55 -36.38 -28.41
N GLN B 401 -1.57 -36.82 -27.15
CA GLN B 401 -1.50 -38.23 -26.81
C GLN B 401 -2.79 -38.73 -26.15
N THR B 402 -3.89 -37.99 -26.31
CA THR B 402 -5.13 -38.37 -25.64
C THR B 402 -5.63 -39.73 -26.12
N LEU B 403 -5.56 -39.97 -27.42
CA LEU B 403 -6.05 -41.23 -27.98
C LEU B 403 -5.31 -42.42 -27.40
N ARG B 404 -3.98 -42.32 -27.31
CA ARG B 404 -3.19 -43.45 -26.81
C ARG B 404 -3.57 -43.80 -25.39
N ILE B 405 -3.69 -42.78 -24.53
CA ILE B 405 -4.04 -43.03 -23.13
C ILE B 405 -5.43 -43.64 -23.03
N LEU B 406 -6.40 -43.10 -23.78
CA LEU B 406 -7.76 -43.60 -23.63
C LEU B 406 -7.91 -45.01 -24.17
N ILE B 407 -7.19 -45.37 -25.24
CA ILE B 407 -7.16 -46.76 -25.66
C ILE B 407 -6.52 -47.64 -24.60
N GLU B 408 -5.43 -47.16 -23.99
CA GLU B 408 -4.70 -47.94 -23.01
C GLU B 408 -5.48 -48.17 -21.72
N GLU B 409 -6.40 -47.29 -21.35
CA GLU B 409 -7.15 -47.46 -20.10
C GLU B 409 -7.96 -48.75 -20.09
N ASN B 410 -8.51 -49.16 -21.23
CA ASN B 410 -9.24 -50.41 -21.38
C ASN B 410 -10.50 -50.43 -20.49
N ARG B 411 -11.42 -49.52 -20.79
CA ARG B 411 -12.77 -49.53 -20.24
C ARG B 411 -13.78 -49.51 -21.38
N LYS B 412 -15.02 -49.86 -21.06
CA LYS B 412 -16.06 -49.91 -22.09
C LYS B 412 -16.32 -48.53 -22.66
N VAL B 413 -16.57 -47.54 -21.81
CA VAL B 413 -16.75 -46.16 -22.24
C VAL B 413 -15.96 -45.26 -21.31
N ILE B 414 -15.08 -44.43 -21.87
CA ILE B 414 -14.27 -43.51 -21.09
C ILE B 414 -14.15 -42.21 -21.87
N ALA B 415 -14.20 -41.10 -21.15
CA ALA B 415 -14.18 -39.77 -21.74
C ALA B 415 -13.17 -38.90 -21.02
N PRO B 416 -12.43 -38.07 -21.76
CA PRO B 416 -11.56 -37.09 -21.11
C PRO B 416 -12.39 -35.96 -20.52
N MET B 417 -11.75 -35.17 -19.67
CA MET B 417 -12.39 -34.03 -19.04
C MET B 417 -11.91 -32.75 -19.72
N LEU B 418 -12.81 -32.08 -20.42
CA LEU B 418 -12.56 -30.78 -20.99
C LEU B 418 -13.45 -29.76 -20.29
N SER B 419 -12.88 -28.61 -19.96
CA SER B 419 -13.61 -27.58 -19.22
C SER B 419 -13.42 -26.23 -19.90
N ARG B 420 -14.45 -25.38 -19.81
CA ARG B 420 -14.36 -24.06 -20.40
C ARG B 420 -13.35 -23.21 -19.64
N HIS B 421 -12.75 -22.26 -20.36
CA HIS B 421 -11.69 -21.43 -19.81
C HIS B 421 -12.28 -20.45 -18.80
N GLY B 422 -11.82 -20.52 -17.57
CA GLY B 422 -12.30 -19.63 -16.52
C GLY B 422 -13.76 -19.77 -16.19
N LYS B 423 -14.27 -21.01 -16.13
CA LYS B 423 -15.66 -21.25 -15.77
C LYS B 423 -15.75 -22.64 -15.17
N LEU B 424 -16.98 -23.03 -14.82
CA LEU B 424 -17.25 -24.36 -14.27
C LEU B 424 -18.01 -25.25 -15.23
N TRP B 425 -18.27 -24.79 -16.44
CA TRP B 425 -18.86 -25.65 -17.47
C TRP B 425 -17.89 -26.77 -17.82
N SER B 426 -18.43 -27.95 -18.09
CA SER B 426 -17.63 -29.09 -18.49
C SER B 426 -18.51 -30.00 -19.35
N ASN B 427 -17.97 -31.16 -19.71
CA ASN B 427 -18.69 -32.11 -20.55
C ASN B 427 -19.21 -33.30 -19.76
N PHE B 428 -19.63 -33.08 -18.50
CA PHE B 428 -20.23 -34.15 -17.73
C PHE B 428 -21.12 -33.56 -16.65
N TRP B 429 -22.03 -34.38 -16.14
CA TRP B 429 -22.96 -34.00 -15.09
C TRP B 429 -22.64 -34.79 -13.82
N GLY B 430 -22.64 -34.10 -12.69
CA GLY B 430 -22.40 -34.79 -11.43
C GLY B 430 -23.56 -35.65 -10.99
N ALA B 431 -24.78 -35.17 -11.18
CA ALA B 431 -25.97 -35.85 -10.69
C ALA B 431 -27.14 -35.56 -11.62
N LEU B 432 -28.22 -36.31 -11.43
CA LEU B 432 -29.42 -36.21 -12.27
C LEU B 432 -30.61 -35.75 -11.45
N SER B 433 -31.35 -34.78 -11.98
CA SER B 433 -32.58 -34.30 -11.36
C SER B 433 -33.73 -35.25 -11.68
N PRO B 434 -34.83 -35.18 -10.92
CA PRO B 434 -35.99 -36.01 -11.24
C PRO B 434 -36.54 -35.76 -12.63
N ASP B 435 -36.41 -34.54 -13.15
CA ASP B 435 -36.82 -34.25 -14.52
C ASP B 435 -35.81 -34.80 -15.54
N GLU B 436 -34.77 -35.49 -15.08
CA GLU B 436 -33.74 -36.09 -15.94
C GLU B 436 -32.96 -35.03 -16.71
N TYR B 437 -32.78 -33.87 -16.09
CA TYR B 437 -31.88 -32.84 -16.60
C TYR B 437 -30.81 -32.57 -15.55
N TYR B 438 -30.00 -31.55 -15.82
CA TYR B 438 -28.83 -31.29 -15.00
C TYR B 438 -29.24 -30.99 -13.56
N ALA B 439 -28.44 -31.52 -12.62
CA ALA B 439 -28.61 -31.21 -11.21
C ALA B 439 -27.23 -31.23 -10.57
N ARG B 440 -26.88 -30.14 -9.90
CA ARG B 440 -25.53 -30.00 -9.36
C ARG B 440 -25.27 -31.06 -8.29
N SER B 441 -24.07 -31.63 -8.32
CA SER B 441 -23.64 -32.62 -7.34
C SER B 441 -22.77 -31.97 -6.29
N GLU B 442 -22.36 -32.78 -5.31
CA GLU B 442 -21.60 -32.24 -4.19
C GLU B 442 -20.16 -31.95 -4.57
N ASP B 443 -19.51 -32.85 -5.31
CA ASP B 443 -18.09 -32.74 -5.60
C ASP B 443 -17.81 -32.36 -7.06
N TYR B 444 -18.77 -31.72 -7.72
CA TYR B 444 -18.55 -31.28 -9.09
C TYR B 444 -17.41 -30.28 -9.17
N VAL B 445 -17.38 -29.33 -8.23
CA VAL B 445 -16.35 -28.30 -8.24
C VAL B 445 -14.98 -28.90 -7.99
N GLU B 446 -14.88 -29.89 -7.11
CA GLU B 446 -13.60 -30.53 -6.84
C GLU B 446 -13.07 -31.24 -8.08
N LEU B 447 -13.94 -31.93 -8.81
CA LEU B 447 -13.49 -32.63 -10.01
C LEU B 447 -13.13 -31.66 -11.12
N VAL B 448 -13.89 -30.57 -11.26
CA VAL B 448 -13.61 -29.62 -12.34
C VAL B 448 -12.25 -28.95 -12.16
N GLN B 449 -11.91 -28.57 -10.94
CA GLN B 449 -10.66 -27.88 -10.65
C GLN B 449 -9.51 -28.84 -10.37
N ARG B 450 -9.68 -30.13 -10.66
CA ARG B 450 -8.60 -31.12 -10.59
C ARG B 450 -7.95 -31.17 -9.21
N LYS B 451 -8.76 -30.96 -8.17
CA LYS B 451 -8.31 -31.21 -6.81
C LYS B 451 -8.35 -32.69 -6.45
N ARG B 452 -9.08 -33.49 -7.22
CA ARG B 452 -9.09 -34.94 -7.10
C ARG B 452 -8.85 -35.55 -8.47
N VAL B 453 -7.99 -36.55 -8.53
CA VAL B 453 -7.57 -37.16 -9.79
C VAL B 453 -7.88 -38.64 -9.75
N GLY B 454 -8.50 -39.14 -10.81
CA GLY B 454 -8.83 -40.54 -10.89
C GLY B 454 -9.72 -40.80 -12.09
N VAL B 455 -10.34 -41.96 -12.10
CA VAL B 455 -11.29 -42.35 -13.15
C VAL B 455 -12.65 -42.52 -12.47
N TRP B 456 -13.51 -41.51 -12.62
CA TRP B 456 -14.75 -41.46 -11.89
C TRP B 456 -15.88 -42.13 -12.66
N ASN B 457 -17.02 -42.26 -12.01
CA ASN B 457 -18.23 -42.81 -12.59
C ASN B 457 -19.30 -41.73 -12.58
N VAL B 458 -19.81 -41.38 -13.76
CA VAL B 458 -20.72 -40.24 -13.89
C VAL B 458 -21.95 -40.68 -14.69
N PRO B 459 -23.09 -40.00 -14.53
CA PRO B 459 -24.27 -40.38 -15.32
C PRO B 459 -24.36 -39.76 -16.69
N TYR B 460 -23.47 -38.84 -17.07
CA TYR B 460 -23.59 -38.16 -18.35
C TYR B 460 -22.22 -37.72 -18.81
N ILE B 461 -21.84 -38.08 -20.03
CA ILE B 461 -20.62 -37.60 -20.67
C ILE B 461 -20.96 -37.22 -22.11
N SER B 462 -20.18 -36.28 -22.66
CA SER B 462 -20.47 -35.77 -23.99
C SER B 462 -19.22 -35.15 -24.59
N GLN B 463 -19.28 -34.95 -25.91
CA GLN B 463 -18.36 -34.22 -26.77
C GLN B 463 -17.05 -34.95 -27.02
N ALA B 464 -16.76 -36.03 -26.29
CA ALA B 464 -15.61 -36.88 -26.57
C ALA B 464 -15.71 -38.17 -25.77
N TYR B 465 -15.68 -39.31 -26.43
CA TYR B 465 -15.69 -40.58 -25.71
C TYR B 465 -15.11 -41.65 -26.62
N VAL B 466 -14.65 -42.74 -26.01
CA VAL B 466 -14.01 -43.84 -26.73
C VAL B 466 -14.77 -45.10 -26.35
N ILE B 467 -15.75 -45.46 -27.18
CA ILE B 467 -16.57 -46.65 -26.94
C ILE B 467 -15.87 -47.85 -27.57
N ARG B 468 -15.84 -48.96 -26.85
CA ARG B 468 -15.25 -50.17 -27.40
C ARG B 468 -16.15 -50.74 -28.50
N GLY B 469 -15.58 -51.60 -29.33
CA GLY B 469 -16.32 -52.15 -30.46
C GLY B 469 -17.25 -53.28 -30.11
N ASP B 470 -16.75 -54.26 -29.36
CA ASP B 470 -17.58 -55.41 -29.01
C ASP B 470 -18.78 -55.01 -28.18
N THR B 471 -18.67 -53.93 -27.40
CA THR B 471 -19.83 -53.40 -26.69
C THR B 471 -20.89 -52.96 -27.67
N LEU B 472 -20.49 -52.33 -28.77
CA LEU B 472 -21.45 -51.95 -29.81
C LEU B 472 -22.01 -53.17 -30.52
N ARG B 473 -21.21 -54.23 -30.65
CA ARG B 473 -21.62 -55.37 -31.45
C ARG B 473 -22.56 -56.31 -30.69
N MET B 474 -22.13 -56.81 -29.54
CA MET B 474 -22.84 -57.88 -28.85
C MET B 474 -23.52 -57.43 -27.55
N GLU B 475 -23.54 -56.14 -27.26
CA GLU B 475 -24.20 -55.67 -26.04
C GLU B 475 -25.29 -54.65 -26.35
N LEU B 476 -25.09 -53.86 -27.40
CA LEU B 476 -26.10 -52.91 -27.88
C LEU B 476 -26.32 -53.14 -29.36
N PRO B 477 -26.98 -54.24 -29.73
CA PRO B 477 -27.18 -54.53 -31.16
C PRO B 477 -28.24 -53.66 -31.82
N GLN B 478 -28.98 -52.86 -31.06
CA GLN B 478 -29.98 -51.99 -31.63
C GLN B 478 -29.33 -50.86 -32.42
N ARG B 479 -30.05 -50.38 -33.43
CA ARG B 479 -29.56 -49.32 -34.31
C ARG B 479 -29.93 -47.93 -33.82
N ASP B 480 -31.21 -47.69 -33.53
CA ASP B 480 -31.69 -46.37 -33.15
C ASP B 480 -31.37 -46.12 -31.68
N VAL B 481 -30.30 -45.36 -31.42
CA VAL B 481 -29.93 -44.95 -30.08
C VAL B 481 -30.11 -43.46 -29.87
N PHE B 482 -29.79 -42.65 -30.89
CA PHE B 482 -29.95 -41.21 -30.76
C PHE B 482 -31.35 -40.76 -31.18
N SER B 483 -31.77 -41.11 -32.39
CA SER B 483 -33.05 -40.68 -32.92
C SER B 483 -34.17 -41.53 -32.31
N GLY B 484 -35.38 -41.37 -32.85
CA GLY B 484 -36.51 -42.10 -32.33
C GLY B 484 -37.15 -41.48 -31.10
N SER B 485 -36.77 -40.26 -30.74
CA SER B 485 -37.33 -39.59 -29.57
C SER B 485 -37.25 -38.09 -29.79
N ASP B 486 -38.09 -37.36 -29.04
CA ASP B 486 -38.09 -35.91 -29.13
C ASP B 486 -36.90 -35.29 -28.40
N THR B 487 -36.30 -36.02 -27.46
CA THR B 487 -35.21 -35.48 -26.67
C THR B 487 -33.96 -35.28 -27.51
N ASP B 488 -33.00 -34.55 -26.94
CA ASP B 488 -31.75 -34.29 -27.63
C ASP B 488 -30.97 -35.58 -27.80
N PRO B 489 -30.19 -35.71 -28.87
CA PRO B 489 -29.50 -36.99 -29.13
C PRO B 489 -28.54 -37.41 -28.02
N ASP B 490 -27.85 -36.46 -27.40
CA ASP B 490 -26.84 -36.81 -26.41
C ASP B 490 -27.47 -37.41 -25.15
N MET B 491 -28.53 -36.77 -24.65
CA MET B 491 -29.23 -37.29 -23.49
C MET B 491 -29.84 -38.65 -23.79
N ALA B 492 -30.37 -38.83 -25.00
CA ALA B 492 -30.91 -40.12 -25.38
C ALA B 492 -29.84 -41.20 -25.40
N PHE B 493 -28.66 -40.88 -25.92
CA PHE B 493 -27.56 -41.85 -25.94
C PHE B 493 -27.16 -42.23 -24.52
N CYS B 494 -27.00 -41.24 -23.63
CA CYS B 494 -26.59 -41.55 -22.27
C CYS B 494 -27.66 -42.35 -21.54
N LYS B 495 -28.94 -42.03 -21.76
CA LYS B 495 -30.02 -42.78 -21.13
C LYS B 495 -30.05 -44.23 -21.61
N SER B 496 -29.95 -44.44 -22.93
CA SER B 496 -29.96 -45.79 -23.45
C SER B 496 -28.71 -46.56 -23.05
N PHE B 497 -27.65 -45.85 -22.69
CA PHE B 497 -26.45 -46.53 -22.25
C PHE B 497 -26.50 -46.87 -20.76
N ARG B 498 -27.17 -46.04 -19.97
CA ARG B 498 -27.32 -46.31 -18.54
C ARG B 498 -28.36 -47.41 -18.30
N ASP B 499 -29.41 -47.46 -19.13
CA ASP B 499 -30.47 -48.42 -18.91
C ASP B 499 -30.01 -49.87 -19.06
N LYS B 500 -28.97 -50.12 -19.86
CA LYS B 500 -28.46 -51.46 -20.08
C LYS B 500 -27.52 -51.92 -18.98
N GLY B 501 -27.11 -51.03 -18.08
CA GLY B 501 -26.22 -51.40 -17.00
C GLY B 501 -24.75 -51.25 -17.30
N ILE B 502 -24.35 -50.25 -18.08
CA ILE B 502 -22.97 -50.03 -18.46
C ILE B 502 -22.51 -48.73 -17.82
N PHE B 503 -21.30 -48.74 -17.27
CA PHE B 503 -20.79 -47.56 -16.58
C PHE B 503 -20.14 -46.61 -17.57
N LEU B 504 -20.29 -45.32 -17.31
CA LEU B 504 -19.71 -44.25 -18.12
C LEU B 504 -18.60 -43.60 -17.31
N HIS B 505 -17.36 -43.99 -17.57
CA HIS B 505 -16.24 -43.46 -16.82
C HIS B 505 -15.78 -42.12 -17.38
N LEU B 506 -15.01 -41.40 -16.57
CA LEU B 506 -14.51 -40.08 -16.96
C LEU B 506 -13.17 -39.86 -16.27
N SER B 507 -12.12 -39.68 -17.06
CA SER B 507 -10.76 -39.58 -16.54
C SER B 507 -10.27 -38.13 -16.60
N ASN B 508 -9.74 -37.65 -15.48
CA ASN B 508 -9.17 -36.31 -15.44
C ASN B 508 -7.76 -36.33 -14.84
N GLN B 509 -6.99 -37.38 -15.11
CA GLN B 509 -5.63 -37.45 -14.59
C GLN B 509 -4.75 -36.36 -15.20
N HIS B 510 -4.75 -36.27 -16.53
CA HIS B 510 -3.90 -35.31 -17.23
C HIS B 510 -4.72 -34.10 -17.67
N GLU B 511 -4.11 -33.25 -18.49
CA GLU B 511 -4.80 -32.13 -19.12
C GLU B 511 -5.10 -32.51 -20.56
N PHE B 512 -6.39 -32.55 -20.90
CA PHE B 512 -6.81 -33.02 -22.21
C PHE B 512 -7.28 -31.92 -23.14
N GLY B 513 -7.35 -30.67 -22.69
CA GLY B 513 -7.76 -29.59 -23.56
C GLY B 513 -8.77 -28.63 -22.97
N ARG B 514 -9.65 -28.10 -23.82
CA ARG B 514 -10.64 -27.14 -23.38
C ARG B 514 -11.80 -27.12 -24.37
N LEU B 515 -12.91 -26.53 -23.94
CA LEU B 515 -14.08 -26.37 -24.79
C LEU B 515 -14.15 -24.95 -25.34
N LEU B 516 -14.70 -24.84 -26.55
CA LEU B 516 -14.88 -23.55 -27.19
C LEU B 516 -16.31 -23.07 -26.99
N ALA B 517 -16.46 -21.76 -26.86
CA ALA B 517 -17.77 -21.15 -26.66
C ALA B 517 -18.34 -20.75 -28.01
N THR B 518 -19.42 -21.41 -28.43
CA THR B 518 -20.07 -21.16 -29.70
C THR B 518 -21.48 -20.60 -29.52
N SER B 519 -21.76 -19.99 -28.37
CA SER B 519 -23.10 -19.50 -28.09
C SER B 519 -23.52 -18.41 -29.08
N ARG B 520 -22.66 -17.42 -29.29
CA ARG B 520 -22.90 -16.36 -30.25
C ARG B 520 -21.75 -16.31 -31.25
N TYR B 521 -22.10 -16.03 -32.50
CA TYR B 521 -21.11 -16.04 -33.59
C TYR B 521 -21.68 -15.25 -34.75
N ASP B 522 -21.10 -14.08 -35.02
CA ASP B 522 -21.50 -13.27 -36.15
C ASP B 522 -20.80 -13.77 -37.40
N THR B 523 -21.57 -14.19 -38.39
CA THR B 523 -21.04 -14.76 -39.62
C THR B 523 -21.07 -13.76 -40.77
N GLU B 524 -21.63 -12.58 -40.56
CA GLU B 524 -21.74 -11.56 -41.60
C GLU B 524 -20.49 -10.71 -41.69
N HIS B 525 -19.33 -11.37 -41.74
CA HIS B 525 -18.05 -10.69 -41.86
C HIS B 525 -17.22 -11.45 -42.88
N LEU B 526 -16.24 -10.77 -43.47
CA LEU B 526 -15.29 -11.48 -44.33
C LEU B 526 -14.51 -12.52 -43.54
N HIS B 527 -14.02 -12.14 -42.36
CA HIS B 527 -13.18 -13.00 -41.53
C HIS B 527 -13.72 -12.95 -40.11
N PRO B 528 -14.76 -13.72 -39.81
CA PRO B 528 -15.47 -13.55 -38.53
C PRO B 528 -14.62 -13.84 -37.31
N ASP B 529 -13.51 -14.56 -37.45
CA ASP B 529 -12.75 -14.99 -36.29
C ASP B 529 -12.02 -13.83 -35.62
N LEU B 530 -11.88 -12.70 -36.30
CA LEU B 530 -11.15 -11.57 -35.72
C LEU B 530 -11.87 -10.98 -34.52
N TRP B 531 -13.20 -11.08 -34.49
CA TRP B 531 -14.01 -10.52 -33.43
C TRP B 531 -14.12 -11.44 -32.21
N GLN B 532 -13.32 -12.50 -32.16
CA GLN B 532 -13.42 -13.51 -31.11
C GLN B 532 -12.45 -13.24 -29.96
N ILE B 533 -12.11 -11.98 -29.71
CA ILE B 533 -11.21 -11.66 -28.60
C ILE B 533 -11.94 -11.63 -27.26
N PHE B 534 -13.28 -11.66 -27.26
CA PHE B 534 -14.05 -11.61 -26.03
C PHE B 534 -14.61 -12.95 -25.61
N ASP B 535 -14.81 -13.87 -26.56
CA ASP B 535 -15.40 -15.17 -26.27
C ASP B 535 -14.35 -16.24 -26.02
N ASN B 536 -13.33 -16.32 -26.87
CA ASN B 536 -12.26 -17.31 -26.74
C ASN B 536 -10.92 -16.59 -26.76
N PRO B 537 -10.52 -16.00 -25.63
CA PRO B 537 -9.24 -15.26 -25.60
C PRO B 537 -8.04 -16.14 -25.89
N VAL B 538 -8.05 -17.39 -25.42
CA VAL B 538 -6.86 -18.22 -25.51
C VAL B 538 -6.57 -18.60 -26.96
N ASP B 539 -7.59 -19.08 -27.68
CA ASP B 539 -7.39 -19.46 -29.07
C ASP B 539 -7.08 -18.26 -29.94
N TRP B 540 -7.70 -17.12 -29.65
CA TRP B 540 -7.36 -15.89 -30.35
C TRP B 540 -5.89 -15.56 -30.16
N LYS B 541 -5.39 -15.67 -28.93
CA LYS B 541 -3.98 -15.40 -28.69
C LYS B 541 -3.09 -16.37 -29.45
N GLU B 542 -3.42 -17.66 -29.46
CA GLU B 542 -2.59 -18.62 -30.19
C GLU B 542 -2.59 -18.34 -31.69
N GLN B 543 -3.71 -17.89 -32.25
CA GLN B 543 -3.75 -17.76 -33.70
C GLN B 543 -3.21 -16.43 -34.21
N TYR B 544 -3.52 -15.31 -33.52
CA TYR B 544 -3.18 -14.02 -34.10
C TYR B 544 -1.92 -13.40 -33.50
N ILE B 545 -1.75 -13.51 -32.18
CA ILE B 545 -0.61 -12.87 -31.53
C ILE B 545 0.69 -13.55 -31.94
N HIS B 546 1.73 -12.74 -32.13
CA HIS B 546 3.03 -13.24 -32.57
C HIS B 546 3.57 -14.28 -31.60
N GLU B 547 4.18 -15.32 -32.16
CA GLU B 547 4.63 -16.46 -31.35
C GLU B 547 5.82 -16.11 -30.48
N ASN B 548 6.54 -15.03 -30.80
CA ASN B 548 7.71 -14.63 -30.04
C ASN B 548 7.38 -13.55 -29.01
N TYR B 549 6.12 -13.18 -28.86
CA TYR B 549 5.76 -12.11 -27.94
C TYR B 549 6.06 -12.47 -26.50
N SER B 550 5.76 -13.71 -26.10
CA SER B 550 5.95 -14.10 -24.70
C SER B 550 7.41 -14.05 -24.31
N ARG B 551 8.30 -14.55 -25.18
CA ARG B 551 9.72 -14.52 -24.88
C ARG B 551 10.23 -13.09 -24.76
N ALA B 552 9.79 -12.20 -25.65
CA ALA B 552 10.19 -10.81 -25.57
C ALA B 552 9.68 -10.16 -24.28
N LEU B 553 8.45 -10.49 -23.87
CA LEU B 553 7.92 -9.95 -22.63
C LEU B 553 8.73 -10.43 -21.43
N GLU B 554 9.11 -11.70 -21.42
CA GLU B 554 9.85 -12.25 -20.28
C GLU B 554 11.30 -11.77 -20.25
N GLY B 555 11.82 -11.20 -21.34
CA GLY B 555 13.09 -10.51 -21.30
C GLY B 555 14.31 -11.36 -21.64
N GLU B 556 14.26 -12.05 -22.79
CA GLU B 556 15.44 -12.79 -23.25
C GLU B 556 15.89 -12.25 -24.61
N GLY B 557 15.96 -10.93 -24.74
CA GLY B 557 16.38 -10.33 -25.99
C GLY B 557 15.21 -9.91 -26.86
N ILE B 558 15.34 -10.15 -28.18
CA ILE B 558 14.29 -9.87 -29.16
C ILE B 558 14.03 -8.38 -29.25
N VAL B 559 13.63 -7.76 -28.14
CA VAL B 559 13.31 -6.33 -28.13
C VAL B 559 14.60 -5.54 -28.36
N GLU B 560 14.57 -4.63 -29.32
CA GLU B 560 15.74 -3.87 -29.73
C GLU B 560 15.50 -2.38 -29.52
N GLN B 561 16.59 -1.64 -29.39
CA GLN B 561 16.55 -0.18 -29.21
C GLN B 561 17.49 0.43 -30.24
N PRO B 562 17.05 0.52 -31.51
CA PRO B 562 17.95 1.04 -32.55
C PRO B 562 18.39 2.47 -32.31
N CYS B 563 17.56 3.29 -31.68
CA CYS B 563 17.84 4.69 -31.44
C CYS B 563 17.41 5.01 -30.01
N PRO B 564 17.92 6.11 -29.44
CA PRO B 564 17.59 6.43 -28.05
C PRO B 564 16.09 6.47 -27.75
N ASP B 565 15.67 5.66 -26.78
CA ASP B 565 14.31 5.70 -26.24
C ASP B 565 13.25 5.34 -27.29
N VAL B 566 13.57 4.44 -28.22
CA VAL B 566 12.58 3.88 -29.12
C VAL B 566 12.80 2.37 -29.16
N TYR B 567 11.69 1.62 -29.08
CA TYR B 567 11.76 0.19 -28.88
C TYR B 567 11.08 -0.53 -30.04
N TRP B 568 11.42 -1.81 -30.19
CA TRP B 568 11.07 -2.56 -31.39
C TRP B 568 10.80 -4.00 -30.98
N PHE B 569 9.53 -4.34 -30.81
CA PHE B 569 9.16 -5.67 -30.38
C PHE B 569 8.06 -6.26 -31.25
N PRO B 570 7.96 -7.59 -31.33
CA PRO B 570 6.91 -8.22 -32.13
C PRO B 570 5.58 -8.29 -31.39
N LEU B 571 4.50 -8.01 -32.13
CA LEU B 571 3.16 -8.04 -31.58
C LEU B 571 2.22 -8.97 -32.34
N LEU B 572 2.09 -8.80 -33.65
CA LEU B 572 1.11 -9.50 -34.45
C LEU B 572 1.79 -10.47 -35.40
N SER B 573 1.11 -11.58 -35.69
CA SER B 573 1.63 -12.58 -36.61
C SER B 573 1.28 -12.18 -38.04
N GLU B 574 1.54 -13.08 -38.99
CA GLU B 574 1.22 -12.77 -40.38
C GLU B 574 -0.27 -12.90 -40.67
N GLN B 575 -0.93 -13.84 -40.00
CA GLN B 575 -2.36 -14.02 -40.22
C GLN B 575 -3.14 -12.76 -39.89
N MET B 576 -2.89 -12.16 -38.72
CA MET B 576 -3.65 -10.98 -38.34
C MET B 576 -3.36 -9.81 -39.27
N CYS B 577 -2.10 -9.63 -39.67
CA CYS B 577 -1.77 -8.54 -40.58
C CYS B 577 -2.49 -8.69 -41.91
N ASP B 578 -2.41 -9.88 -42.51
CA ASP B 578 -3.08 -10.10 -43.79
C ASP B 578 -4.58 -9.94 -43.67
N GLU B 579 -5.16 -10.50 -42.61
CA GLU B 579 -6.61 -10.49 -42.46
C GLU B 579 -7.12 -9.08 -42.25
N LEU B 580 -6.42 -8.30 -41.43
CA LEU B 580 -6.79 -6.90 -41.19
C LEU B 580 -6.65 -6.07 -42.47
N VAL B 581 -5.57 -6.26 -43.21
CA VAL B 581 -5.39 -5.48 -44.44
C VAL B 581 -6.50 -5.79 -45.42
N ALA B 582 -6.82 -7.07 -45.61
CA ALA B 582 -7.88 -7.44 -46.54
C ALA B 582 -9.23 -6.90 -46.08
N GLU B 583 -9.52 -7.00 -44.78
CA GLU B 583 -10.78 -6.48 -44.29
C GLU B 583 -10.91 -4.98 -44.46
N MET B 584 -9.82 -4.22 -44.23
CA MET B 584 -9.87 -2.78 -44.44
C MET B 584 -10.04 -2.44 -45.91
N GLU B 585 -9.29 -3.10 -46.79
CA GLU B 585 -9.45 -2.84 -48.22
C GLU B 585 -10.84 -3.19 -48.71
N HIS B 586 -11.52 -4.13 -48.07
CA HIS B 586 -12.90 -4.42 -48.43
C HIS B 586 -13.82 -3.23 -48.18
N TYR B 587 -13.49 -2.38 -47.19
CA TYR B 587 -14.32 -1.22 -46.90
C TYR B 587 -14.36 -0.26 -48.08
N GLY B 588 -13.22 0.02 -48.68
CA GLY B 588 -13.17 0.84 -49.89
C GLY B 588 -13.13 2.34 -49.70
N GLN B 589 -13.93 2.86 -48.78
CA GLN B 589 -14.05 4.31 -48.57
C GLN B 589 -12.83 4.82 -47.80
N TRP B 590 -11.74 5.01 -48.54
CA TRP B 590 -10.51 5.52 -47.96
C TRP B 590 -10.59 7.04 -47.80
N SER B 591 -11.27 7.49 -46.75
CA SER B 591 -11.43 8.92 -46.54
C SER B 591 -10.10 9.56 -46.15
N GLY B 592 -10.10 10.88 -46.05
CA GLY B 592 -8.92 11.59 -45.60
C GLY B 592 -8.19 12.28 -46.73
N GLY B 593 -7.55 13.41 -46.40
CA GLY B 593 -6.83 14.19 -47.38
C GLY B 593 -7.05 15.68 -47.22
N ARG B 594 -8.22 16.07 -46.73
CA ARG B 594 -8.58 17.47 -46.56
C ARG B 594 -8.10 17.99 -45.22
N HIS B 595 -7.70 19.27 -45.20
CA HIS B 595 -7.22 19.88 -43.96
C HIS B 595 -8.31 19.96 -42.91
N GLU B 596 -9.53 20.29 -43.31
CA GLU B 596 -10.66 20.28 -42.41
C GLU B 596 -11.14 18.84 -42.19
N ASP B 597 -11.88 18.64 -41.10
CA ASP B 597 -12.32 17.31 -40.73
C ASP B 597 -13.79 17.33 -40.34
N SER B 598 -14.43 16.17 -40.50
CA SER B 598 -15.78 15.94 -40.00
C SER B 598 -15.85 14.88 -38.91
N ARG B 599 -14.87 13.98 -38.83
CA ARG B 599 -14.81 12.98 -37.78
C ARG B 599 -14.25 13.53 -36.46
N LEU B 600 -13.73 14.74 -36.47
CA LEU B 600 -13.15 15.36 -35.28
C LEU B 600 -14.09 16.43 -34.75
N ALA B 601 -14.21 16.50 -33.42
CA ALA B 601 -15.06 17.50 -32.79
C ALA B 601 -14.58 18.91 -33.10
N GLY B 602 -13.27 19.13 -33.07
CA GLY B 602 -12.74 20.45 -33.41
C GLY B 602 -13.04 20.83 -34.85
N GLY B 603 -12.91 19.89 -35.77
CA GLY B 603 -13.22 20.13 -37.16
C GLY B 603 -12.08 20.62 -38.01
N TYR B 604 -10.83 20.37 -37.61
CA TYR B 604 -9.69 20.83 -38.40
C TYR B 604 -8.49 19.95 -38.07
N GLU B 605 -7.89 19.34 -39.09
CA GLU B 605 -6.70 18.52 -38.89
C GLU B 605 -5.44 19.36 -39.05
N ASN B 606 -4.46 19.12 -38.17
CA ASN B 606 -3.17 19.75 -38.33
C ASN B 606 -2.45 19.24 -39.58
N VAL B 607 -2.55 17.94 -39.84
CA VAL B 607 -1.95 17.34 -41.02
C VAL B 607 -2.83 16.18 -41.49
N PRO B 608 -3.26 16.18 -42.75
CA PRO B 608 -4.18 15.13 -43.22
C PRO B 608 -3.47 13.95 -43.86
N THR B 609 -4.07 12.78 -43.65
CA THR B 609 -3.63 11.54 -44.29
C THR B 609 -4.86 10.72 -44.66
N VAL B 610 -4.71 9.85 -45.65
CA VAL B 610 -5.79 8.96 -46.04
C VAL B 610 -5.85 7.81 -45.04
N ASP B 611 -6.93 7.74 -44.26
CA ASP B 611 -7.00 6.81 -43.15
C ASP B 611 -8.40 6.23 -43.06
N ILE B 612 -8.51 5.12 -42.33
CA ILE B 612 -9.78 4.49 -41.99
C ILE B 612 -9.77 4.29 -40.49
N HIS B 613 -10.44 5.17 -39.76
CA HIS B 613 -10.53 5.04 -38.31
C HIS B 613 -11.32 3.78 -37.96
N MET B 614 -10.98 3.16 -36.84
CA MET B 614 -11.58 1.88 -36.50
C MET B 614 -13.05 2.01 -36.11
N LYS B 615 -13.49 3.19 -35.69
CA LYS B 615 -14.89 3.38 -35.37
C LYS B 615 -15.78 3.11 -36.59
N GLN B 616 -15.30 3.41 -37.79
CA GLN B 616 -16.10 3.22 -39.00
C GLN B 616 -16.28 1.74 -39.30
N VAL B 617 -15.26 0.92 -39.03
CA VAL B 617 -15.34 -0.50 -39.37
C VAL B 617 -15.81 -1.35 -38.21
N GLY B 618 -15.98 -0.76 -37.03
CA GLY B 618 -16.52 -1.47 -35.89
C GLY B 618 -15.50 -2.23 -35.06
N TYR B 619 -14.23 -2.19 -35.43
CA TYR B 619 -13.18 -2.89 -34.71
C TYR B 619 -12.58 -2.07 -33.58
N GLU B 620 -13.23 -1.01 -33.11
CA GLU B 620 -12.62 -0.14 -32.12
C GLU B 620 -12.51 -0.83 -30.75
N ASP B 621 -13.59 -1.46 -30.31
CA ASP B 621 -13.62 -2.04 -28.96
C ASP B 621 -12.63 -3.18 -28.84
N GLN B 622 -12.54 -4.03 -29.87
CA GLN B 622 -11.57 -5.13 -29.83
C GLN B 622 -10.15 -4.60 -29.84
N TRP B 623 -9.89 -3.53 -30.59
CA TRP B 623 -8.55 -2.96 -30.59
C TRP B 623 -8.19 -2.39 -29.22
N LEU B 624 -9.15 -1.72 -28.57
CA LEU B 624 -8.91 -1.22 -27.22
C LEU B 624 -8.66 -2.36 -26.26
N GLN B 625 -9.39 -3.47 -26.42
CA GLN B 625 -9.14 -4.65 -25.59
C GLN B 625 -7.74 -5.20 -25.80
N LEU B 626 -7.29 -5.26 -27.05
CA LEU B 626 -5.93 -5.73 -27.34
C LEU B 626 -4.89 -4.82 -26.70
N LEU B 627 -5.10 -3.51 -26.81
CA LEU B 627 -4.17 -2.56 -26.18
C LEU B 627 -4.16 -2.73 -24.67
N ARG B 628 -5.32 -2.93 -24.07
CA ARG B 628 -5.39 -3.09 -22.62
C ARG B 628 -4.74 -4.38 -22.16
N THR B 629 -4.84 -5.44 -22.96
CA THR B 629 -4.36 -6.74 -22.52
C THR B 629 -2.87 -6.97 -22.81
N TYR B 630 -2.41 -6.68 -24.02
CA TYR B 630 -1.08 -7.10 -24.44
C TYR B 630 -0.04 -5.99 -24.46
N VAL B 631 -0.38 -4.82 -24.98
CA VAL B 631 0.60 -3.73 -25.06
C VAL B 631 0.95 -3.21 -23.67
N GLY B 632 -0.04 -3.13 -22.79
CA GLY B 632 0.11 -2.56 -21.48
C GLY B 632 1.25 -3.12 -20.65
N PRO B 633 1.20 -4.41 -20.31
CA PRO B 633 2.25 -4.98 -19.45
C PRO B 633 3.65 -4.83 -20.02
N MET B 634 3.81 -4.93 -21.34
CA MET B 634 5.15 -4.81 -21.90
C MET B 634 5.67 -3.38 -21.78
N THR B 635 4.82 -2.38 -22.10
CA THR B 635 5.27 -1.00 -21.96
C THR B 635 5.45 -0.62 -20.49
N GLU B 636 4.84 -1.37 -19.58
CA GLU B 636 5.15 -1.18 -18.17
C GLU B 636 6.52 -1.76 -17.81
N SER B 637 6.84 -2.94 -18.33
CA SER B 637 8.15 -3.52 -18.03
C SER B 637 9.26 -2.76 -18.74
N LEU B 638 9.00 -2.28 -19.96
CA LEU B 638 10.02 -1.55 -20.71
C LEU B 638 10.41 -0.26 -19.99
N PHE B 639 9.44 0.48 -19.47
CA PHE B 639 9.66 1.73 -18.77
C PHE B 639 9.27 1.55 -17.31
N PRO B 640 10.21 1.23 -16.43
CA PRO B 640 9.86 0.97 -15.03
C PRO B 640 9.30 2.22 -14.36
N GLY B 641 8.37 2.00 -13.44
CA GLY B 641 7.77 3.09 -12.71
C GLY B 641 6.63 3.79 -13.42
N TYR B 642 6.19 3.27 -14.56
CA TYR B 642 5.08 3.86 -15.31
C TYR B 642 3.87 2.92 -15.24
N HIS B 643 2.74 3.48 -14.84
CA HIS B 643 1.49 2.73 -14.75
C HIS B 643 0.55 3.21 -15.85
N THR B 644 0.02 2.26 -16.61
CA THR B 644 -0.81 2.58 -17.76
C THR B 644 -2.21 1.99 -17.60
N LYS B 645 -3.18 2.66 -18.20
CA LYS B 645 -4.53 2.12 -18.36
C LYS B 645 -4.85 1.81 -19.82
N ALA B 646 -3.95 2.17 -20.74
CA ALA B 646 -4.13 1.89 -22.17
C ALA B 646 -5.44 2.45 -22.69
N ARG B 647 -5.78 3.66 -22.28
CA ARG B 647 -6.95 4.36 -22.80
C ARG B 647 -6.51 5.21 -23.98
N ALA B 648 -7.12 4.96 -25.14
CA ALA B 648 -6.76 5.64 -26.37
C ALA B 648 -8.02 6.13 -27.07
N VAL B 649 -7.88 7.19 -27.86
CA VAL B 649 -8.98 7.76 -28.61
C VAL B 649 -8.75 7.70 -30.11
N MET B 650 -7.55 8.08 -30.56
CA MET B 650 -7.22 8.09 -31.98
C MET B 650 -6.39 6.85 -32.34
N ASN B 651 -6.91 6.05 -33.26
CA ASN B 651 -6.19 4.89 -33.77
C ASN B 651 -6.73 4.57 -35.15
N PHE B 652 -5.84 4.31 -36.10
CA PHE B 652 -6.22 4.29 -37.51
C PHE B 652 -5.20 3.49 -38.29
N VAL B 653 -5.45 3.35 -39.59
CA VAL B 653 -4.54 2.72 -40.53
C VAL B 653 -4.38 3.66 -41.72
N VAL B 654 -3.12 3.90 -42.12
CA VAL B 654 -2.81 4.84 -43.19
C VAL B 654 -2.23 4.06 -44.36
N ARG B 655 -2.41 4.60 -45.57
CA ARG B 655 -1.92 3.99 -46.79
C ARG B 655 -1.00 4.97 -47.50
N TYR B 656 0.25 4.57 -47.72
CA TYR B 656 1.24 5.41 -48.36
C TYR B 656 1.48 4.95 -49.79
N ARG B 657 1.10 5.79 -50.75
CA ARG B 657 1.24 5.45 -52.15
C ARG B 657 1.86 6.65 -52.85
N PRO B 658 2.80 6.43 -53.77
CA PRO B 658 3.42 7.58 -54.46
C PRO B 658 2.45 8.42 -55.26
N ASP B 659 1.30 7.87 -55.64
CA ASP B 659 0.35 8.58 -56.49
C ASP B 659 -0.54 9.54 -55.68
N GLU B 660 -1.25 9.01 -54.67
CA GLU B 660 -2.22 9.84 -53.95
C GLU B 660 -1.52 10.87 -53.06
N GLN B 661 -0.76 10.40 -52.08
CA GLN B 661 -0.13 11.33 -51.15
C GLN B 661 1.26 10.88 -50.78
N PRO B 662 2.25 11.77 -50.77
CA PRO B 662 3.59 11.42 -50.31
C PRO B 662 3.68 11.32 -48.80
N SER B 663 4.89 11.19 -48.28
CA SER B 663 5.11 11.10 -46.84
C SER B 663 4.78 12.43 -46.16
N LEU B 664 4.97 12.46 -44.85
CA LEU B 664 4.57 13.60 -44.03
C LEU B 664 5.73 14.52 -43.73
N ARG B 665 5.38 15.77 -43.44
CA ARG B 665 6.29 16.79 -42.95
C ARG B 665 6.63 16.52 -41.49
N PRO B 666 7.74 17.06 -40.99
CA PRO B 666 8.07 16.88 -39.57
C PRO B 666 6.97 17.41 -38.68
N HIS B 667 6.71 16.70 -37.58
CA HIS B 667 5.59 17.02 -36.72
C HIS B 667 5.81 16.39 -35.36
N HIS B 668 4.89 16.66 -34.45
CA HIS B 668 4.79 16.02 -33.15
C HIS B 668 3.49 15.22 -33.08
N ASP B 669 3.21 14.64 -31.92
CA ASP B 669 2.00 13.88 -31.70
C ASP B 669 1.32 14.34 -30.42
N SER B 670 0.00 14.20 -30.39
CA SER B 670 -0.79 14.60 -29.22
C SER B 670 -1.08 13.39 -28.34
N SER B 671 -0.02 12.79 -27.80
CA SER B 671 -0.16 11.60 -26.99
C SER B 671 1.09 11.43 -26.14
N THR B 672 0.95 10.60 -25.09
CA THR B 672 2.12 10.27 -24.28
C THR B 672 3.15 9.49 -25.08
N PHE B 673 2.70 8.45 -25.79
CA PHE B 673 3.58 7.70 -26.68
C PHE B 673 2.71 7.06 -27.76
N THR B 674 3.35 6.71 -28.88
CA THR B 674 2.65 6.18 -30.04
C THR B 674 3.12 4.78 -30.34
N LEU B 675 2.21 3.97 -30.90
CA LEU B 675 2.52 2.62 -31.33
C LEU B 675 2.41 2.56 -32.85
N ASN B 676 3.48 2.12 -33.50
CA ASN B 676 3.56 2.10 -34.96
C ASN B 676 3.82 0.68 -35.42
N VAL B 677 2.78 0.02 -35.93
CA VAL B 677 2.85 -1.37 -36.33
C VAL B 677 2.76 -1.44 -37.86
N ALA B 678 3.67 -2.17 -38.48
CA ALA B 678 3.59 -2.36 -39.91
C ALA B 678 2.62 -3.50 -40.24
N LEU B 679 2.19 -3.55 -41.50
CA LEU B 679 1.21 -4.55 -41.92
C LEU B 679 1.58 -5.26 -43.23
N ASN B 680 2.79 -5.10 -43.73
CA ASN B 680 3.24 -5.88 -44.89
C ASN B 680 4.76 -5.87 -44.93
N HIS B 681 5.31 -6.52 -45.95
CA HIS B 681 6.74 -6.77 -46.06
C HIS B 681 7.41 -5.67 -46.87
N LYS B 682 8.67 -5.39 -46.54
CA LYS B 682 9.43 -4.40 -47.28
C LYS B 682 10.13 -5.06 -48.47
N GLY B 683 10.06 -4.40 -49.61
CA GLY B 683 10.70 -4.90 -50.82
C GLY B 683 9.82 -5.81 -51.65
N LEU B 684 9.12 -6.74 -51.00
CA LEU B 684 8.23 -7.63 -51.73
C LEU B 684 7.04 -6.87 -52.29
N ASP B 685 6.49 -5.91 -51.54
CA ASP B 685 5.31 -5.19 -51.97
C ASP B 685 5.48 -3.67 -52.02
N TYR B 686 6.51 -3.11 -51.39
CA TYR B 686 6.76 -1.68 -51.48
C TYR B 686 8.25 -1.41 -51.31
N GLU B 687 8.68 -0.28 -51.84
CA GLU B 687 10.08 0.14 -51.73
C GLU B 687 10.11 1.57 -51.20
N GLY B 688 10.27 1.71 -49.89
CA GLY B 688 10.27 3.01 -49.25
C GLY B 688 11.09 3.03 -47.98
N GLY B 689 10.60 3.69 -46.94
CA GLY B 689 11.36 3.81 -45.71
C GLY B 689 10.44 4.03 -44.52
N GLY B 690 11.05 4.06 -43.34
CA GLY B 690 10.33 4.22 -42.11
C GLY B 690 10.37 5.62 -41.55
N CYS B 691 10.84 5.78 -40.32
CA CYS B 691 10.85 7.06 -39.63
C CYS B 691 12.27 7.63 -39.53
N ARG B 692 12.33 8.96 -39.47
CA ARG B 692 13.57 9.70 -39.36
C ARG B 692 13.43 10.69 -38.22
N PHE B 693 14.34 10.62 -37.26
CA PHE B 693 14.29 11.47 -36.06
C PHE B 693 15.24 12.64 -36.26
N LEU B 694 14.71 13.86 -36.13
CA LEU B 694 15.51 15.05 -36.42
C LEU B 694 16.49 15.35 -35.30
N ARG B 695 16.09 15.16 -34.05
CA ARG B 695 16.94 15.52 -32.92
C ARG B 695 18.08 14.54 -32.66
N TYR B 696 18.11 13.41 -33.36
CA TYR B 696 19.17 12.43 -33.18
C TYR B 696 19.80 11.97 -34.48
N ASP B 697 19.31 12.45 -35.63
CA ASP B 697 19.75 11.98 -36.94
C ASP B 697 19.64 10.46 -37.05
N CYS B 698 18.55 9.95 -36.50
CA CYS B 698 18.24 8.53 -36.49
C CYS B 698 17.29 8.22 -37.64
N VAL B 699 17.64 7.20 -38.43
CA VAL B 699 16.82 6.76 -39.56
C VAL B 699 16.55 5.27 -39.40
N ILE B 700 15.28 4.89 -39.53
CA ILE B 700 14.86 3.50 -39.49
C ILE B 700 14.73 3.03 -40.94
N SER B 701 15.47 1.98 -41.30
CA SER B 701 15.57 1.58 -42.69
C SER B 701 14.55 0.51 -43.07
N SER B 702 14.54 -0.62 -42.36
CA SER B 702 13.70 -1.77 -42.74
C SER B 702 12.83 -2.20 -41.56
N PRO B 703 11.64 -1.63 -41.42
CA PRO B 703 10.70 -2.14 -40.42
C PRO B 703 10.21 -3.53 -40.82
N ARG B 704 9.95 -4.37 -39.82
CA ARG B 704 9.52 -5.72 -40.08
C ARG B 704 8.00 -5.76 -40.23
N LYS B 705 7.45 -6.96 -40.42
CA LYS B 705 6.02 -7.09 -40.70
C LYS B 705 5.19 -6.94 -39.43
N GLY B 706 5.39 -7.82 -38.46
CA GLY B 706 4.56 -7.80 -37.28
C GLY B 706 5.14 -7.08 -36.09
N TRP B 707 6.24 -6.35 -36.29
CA TRP B 707 6.90 -5.71 -35.16
C TRP B 707 6.34 -4.31 -34.94
N ALA B 708 6.38 -3.88 -33.68
CA ALA B 708 5.77 -2.63 -33.25
C ALA B 708 6.84 -1.68 -32.77
N LEU B 709 6.61 -0.38 -33.01
CA LEU B 709 7.53 0.67 -32.62
C LEU B 709 6.91 1.45 -31.47
N LEU B 710 7.70 1.71 -30.44
CA LEU B 710 7.25 2.44 -29.26
C LEU B 710 8.18 3.61 -29.02
N HIS B 711 7.61 4.81 -28.82
CA HIS B 711 8.44 5.97 -28.56
C HIS B 711 7.58 7.10 -28.03
N PRO B 712 8.04 7.85 -27.03
CA PRO B 712 7.31 9.04 -26.61
C PRO B 712 7.15 10.02 -27.77
N GLY B 713 6.00 10.66 -27.84
CA GLY B 713 5.70 11.47 -28.99
C GLY B 713 5.18 12.86 -28.69
N ARG B 714 5.58 13.44 -27.56
CA ARG B 714 5.12 14.77 -27.19
C ARG B 714 6.22 15.81 -27.24
N LEU B 715 7.35 15.56 -26.59
CA LEU B 715 8.35 16.61 -26.38
C LEU B 715 9.65 16.35 -27.11
N THR B 716 10.30 15.21 -26.86
CA THR B 716 11.70 15.03 -27.21
C THR B 716 11.92 14.14 -28.43
N HIS B 717 10.89 13.91 -29.25
CA HIS B 717 11.01 13.06 -30.43
C HIS B 717 10.35 13.77 -31.62
N TYR B 718 11.14 14.53 -32.37
CA TYR B 718 10.66 15.26 -33.54
C TYR B 718 10.89 14.37 -34.74
N HIS B 719 9.92 13.51 -35.04
CA HIS B 719 10.06 12.53 -36.10
C HIS B 719 9.35 12.96 -37.37
N GLU B 720 9.72 12.32 -38.47
CA GLU B 720 9.15 12.59 -39.79
C GLU B 720 9.34 11.38 -40.68
N GLY B 721 8.23 10.87 -41.22
CA GLY B 721 8.25 9.65 -42.01
C GLY B 721 8.89 9.86 -43.38
N LEU B 722 9.53 8.80 -43.87
CA LEU B 722 10.22 8.82 -45.14
C LEU B 722 9.26 8.56 -46.31
N PRO B 723 9.61 8.99 -47.52
CA PRO B 723 8.73 8.77 -48.67
C PRO B 723 8.92 7.39 -49.30
N THR B 724 7.88 6.95 -49.99
CA THR B 724 7.86 5.68 -50.68
C THR B 724 7.73 5.89 -52.18
N THR B 725 8.46 5.09 -52.95
CA THR B 725 8.56 5.28 -54.40
C THR B 725 7.90 4.17 -55.21
N TRP B 726 7.93 2.93 -54.74
CA TRP B 726 7.39 1.81 -55.48
C TRP B 726 6.40 1.05 -54.62
N GLY B 727 5.25 0.71 -55.18
CA GLY B 727 4.26 -0.08 -54.45
C GLY B 727 3.50 0.73 -53.40
N THR B 728 2.85 -0.01 -52.51
CA THR B 728 2.05 0.56 -51.44
C THR B 728 2.43 -0.08 -50.12
N ARG B 729 2.35 0.69 -49.03
CA ARG B 729 2.70 0.22 -47.70
C ARG B 729 1.58 0.56 -46.72
N TYR B 730 1.45 -0.27 -45.69
CA TYR B 730 0.40 -0.12 -44.69
C TYR B 730 1.03 0.02 -43.31
N ILE B 731 0.44 0.89 -42.49
CA ILE B 731 0.91 1.16 -41.13
C ILE B 731 -0.32 1.34 -40.25
N MET B 732 -0.23 0.79 -39.03
CA MET B 732 -1.29 0.96 -38.03
C MET B 732 -0.76 1.78 -36.88
N VAL B 733 -1.45 2.86 -36.54
CA VAL B 733 -1.02 3.81 -35.52
C VAL B 733 -2.10 3.93 -34.47
N SER B 734 -1.70 4.28 -33.25
CA SER B 734 -2.64 4.43 -32.15
C SER B 734 -2.04 5.35 -31.10
N PHE B 735 -2.62 6.55 -30.96
CA PHE B 735 -2.12 7.56 -30.03
C PHE B 735 -2.68 7.26 -28.63
N VAL B 736 -2.05 6.31 -27.96
CA VAL B 736 -2.51 5.87 -26.66
C VAL B 736 -2.13 6.90 -25.60
N ASP B 737 -3.00 7.06 -24.59
CA ASP B 737 -2.82 7.97 -23.48
C ASP B 737 -2.70 9.42 -23.97
N PRO B 738 -3.80 10.01 -24.47
CA PRO B 738 -3.77 11.36 -25.03
C PRO B 738 -3.54 12.45 -23.98
N ALA C 64 -28.81 -32.33 -3.93
CA ALA C 64 -27.39 -32.71 -3.98
C ALA C 64 -27.18 -33.85 -3.00
N TYR C 65 -26.30 -34.80 -3.30
CA TYR C 65 -26.26 -35.94 -2.39
C TYR C 65 -24.91 -36.27 -1.77
N PHE C 66 -24.96 -37.09 -0.72
CA PHE C 66 -23.82 -37.53 0.08
C PHE C 66 -23.02 -36.37 0.65
N PRO C 67 -23.46 -35.78 1.77
CA PRO C 67 -22.70 -34.77 2.46
C PRO C 67 -21.50 -35.44 3.12
N GLU C 68 -20.40 -34.75 3.41
CA GLU C 68 -19.18 -35.44 3.87
C GLU C 68 -18.70 -35.08 5.26
N GLU C 69 -17.68 -35.77 5.79
CA GLU C 69 -17.04 -35.44 7.08
C GLU C 69 -15.56 -35.60 6.88
N ARG C 70 -14.91 -34.67 6.19
CA ARG C 70 -13.50 -34.79 5.76
C ARG C 70 -12.51 -35.11 6.83
N TRP C 71 -11.36 -35.63 6.42
CA TRP C 71 -10.29 -35.97 7.37
C TRP C 71 -9.53 -34.69 7.62
N SER C 72 -9.72 -34.11 8.79
CA SER C 72 -8.93 -32.94 9.15
C SER C 72 -8.18 -33.38 10.38
N PRO C 73 -6.89 -33.74 10.29
CA PRO C 73 -6.24 -34.23 11.46
C PRO C 73 -5.79 -33.01 12.29
N GLU C 74 -5.82 -33.05 13.64
CA GLU C 74 -5.36 -31.93 14.43
C GLU C 74 -4.02 -31.42 13.90
N SER C 75 -3.91 -30.10 13.79
CA SER C 75 -2.72 -29.47 13.23
C SER C 75 -1.58 -29.43 14.24
N PRO C 76 -0.34 -29.47 13.77
CA PRO C 76 0.80 -29.39 14.68
C PRO C 76 0.85 -28.05 15.40
N LEU C 77 1.38 -28.08 16.63
CA LEU C 77 1.51 -26.87 17.42
C LEU C 77 2.60 -25.99 16.83
N GLN C 78 2.58 -24.72 17.22
CA GLN C 78 3.56 -23.74 16.78
C GLN C 78 4.75 -23.72 17.73
N ALA C 79 5.91 -23.34 17.20
CA ALA C 79 7.11 -23.26 18.01
C ALA C 79 6.95 -22.20 19.09
N PRO C 80 7.48 -22.44 20.28
CA PRO C 80 7.25 -21.51 21.39
C PRO C 80 7.88 -20.16 21.14
N ARG C 81 7.25 -19.13 21.71
CA ARG C 81 7.71 -17.76 21.58
C ARG C 81 8.96 -17.55 22.42
N VAL C 82 9.81 -16.61 22.00
CA VAL C 82 11.02 -16.27 22.74
C VAL C 82 11.21 -14.76 22.68
N LEU C 83 11.84 -14.21 23.72
CA LEU C 83 12.31 -12.84 23.72
C LEU C 83 13.82 -12.85 23.92
N ILE C 84 14.53 -12.02 23.16
CA ILE C 84 15.98 -11.95 23.22
C ILE C 84 16.38 -10.57 23.74
N ALA C 85 17.11 -10.53 24.84
CA ALA C 85 17.45 -9.29 25.53
C ALA C 85 18.96 -9.06 25.43
N LEU C 86 19.34 -7.91 24.89
CA LEU C 86 20.75 -7.53 24.75
C LEU C 86 21.06 -6.28 25.55
N LEU C 87 22.27 -6.25 26.11
CA LEU C 87 22.77 -5.10 26.86
C LEU C 87 24.17 -4.81 26.33
N ALA C 88 24.32 -3.71 25.60
CA ALA C 88 25.57 -3.39 24.93
C ALA C 88 26.13 -2.08 25.46
N ARG C 89 27.45 -2.03 25.64
CA ARG C 89 28.14 -0.83 26.08
C ARG C 89 29.62 -0.99 25.77
N ASN C 90 30.17 -0.07 24.97
CA ASN C 90 31.54 -0.18 24.46
C ASN C 90 31.76 -1.52 23.77
N ALA C 91 30.81 -1.91 22.93
CA ALA C 91 30.84 -3.21 22.26
C ALA C 91 30.78 -3.09 20.74
N ALA C 92 31.43 -2.07 20.19
CA ALA C 92 31.42 -1.90 18.74
C ALA C 92 32.27 -2.95 18.04
N HIS C 93 33.37 -3.38 18.67
CA HIS C 93 34.27 -4.33 18.05
C HIS C 93 33.62 -5.70 17.86
N ALA C 94 32.80 -6.13 18.81
CA ALA C 94 32.27 -7.49 18.82
C ALA C 94 30.92 -7.63 18.13
N LEU C 95 30.21 -6.54 17.91
CA LEU C 95 28.81 -6.63 17.50
C LEU C 95 28.58 -7.37 16.18
N PRO C 96 29.32 -7.10 15.09
CA PRO C 96 29.02 -7.80 13.84
C PRO C 96 29.03 -9.32 13.94
N THR C 97 30.08 -9.90 14.52
CA THR C 97 30.20 -11.35 14.54
C THR C 97 29.10 -11.99 15.39
N THR C 98 28.88 -11.46 16.59
CA THR C 98 27.89 -12.07 17.48
C THR C 98 26.47 -11.86 16.95
N LEU C 99 26.20 -10.70 16.34
CA LEU C 99 24.88 -10.47 15.76
C LEU C 99 24.63 -11.37 14.57
N GLY C 100 25.64 -11.59 13.74
CA GLY C 100 25.50 -12.56 12.67
C GLY C 100 25.27 -13.97 13.18
N ALA C 101 25.95 -14.33 14.26
CA ALA C 101 25.74 -15.65 14.85
C ALA C 101 24.35 -15.81 15.42
N LEU C 102 23.81 -14.77 16.07
CA LEU C 102 22.49 -14.82 16.66
C LEU C 102 21.37 -14.74 15.63
N GLU C 103 21.62 -14.13 14.47
CA GLU C 103 20.60 -14.01 13.44
C GLU C 103 20.27 -15.35 12.80
N ARG C 104 21.17 -16.34 12.88
CA ARG C 104 21.00 -17.62 12.20
C ARG C 104 20.44 -18.70 13.13
N LEU C 105 19.92 -18.34 14.29
CA LEU C 105 19.34 -19.33 15.19
C LEU C 105 18.18 -20.04 14.50
N ARG C 106 18.16 -21.38 14.62
CA ARG C 106 17.10 -22.17 14.00
C ARG C 106 15.84 -22.04 14.85
N HIS C 107 15.14 -20.94 14.62
CA HIS C 107 13.90 -20.64 15.30
C HIS C 107 13.14 -19.74 14.35
N PRO C 108 11.83 -19.89 14.21
CA PRO C 108 11.07 -19.04 13.29
C PRO C 108 11.22 -17.57 13.65
N ARG C 109 11.32 -16.74 12.62
CA ARG C 109 11.55 -15.32 12.85
C ARG C 109 10.29 -14.57 13.24
N GLU C 110 9.12 -15.17 13.08
CA GLU C 110 7.87 -14.55 13.50
C GLU C 110 7.51 -14.87 14.94
N ARG C 111 8.29 -15.70 15.61
CA ARG C 111 8.08 -16.05 17.01
C ARG C 111 9.23 -15.57 17.87
N THR C 112 9.67 -14.34 17.64
CA THR C 112 10.83 -13.80 18.36
C THR C 112 10.67 -12.30 18.48
N ALA C 113 11.17 -11.74 19.58
CA ALA C 113 11.15 -10.30 19.80
C ALA C 113 12.48 -9.86 20.38
N LEU C 114 12.78 -8.57 20.24
CA LEU C 114 14.08 -8.04 20.61
C LEU C 114 13.93 -6.97 21.68
N TRP C 115 14.97 -6.82 22.50
CA TRP C 115 14.99 -5.81 23.55
C TRP C 115 16.37 -5.16 23.65
N VAL C 116 16.91 -4.69 22.53
CA VAL C 116 18.21 -4.03 22.56
C VAL C 116 18.12 -2.76 23.41
N ALA C 117 19.14 -2.53 24.24
CA ALA C 117 19.15 -1.35 25.11
C ALA C 117 20.60 -0.98 25.41
N THR C 118 21.06 0.12 24.82
CA THR C 118 22.44 0.54 24.91
C THR C 118 22.55 1.93 25.52
N ASP C 119 23.68 2.20 26.18
CA ASP C 119 23.92 3.48 26.82
C ASP C 119 25.35 3.51 27.36
N HIS C 120 25.76 4.70 27.80
CA HIS C 120 27.03 4.91 28.50
C HIS C 120 28.24 4.42 27.70
N ASN C 121 28.24 4.65 26.39
CA ASN C 121 29.31 4.11 25.55
C ASN C 121 30.22 5.21 25.03
N MET C 122 31.44 4.81 24.70
CA MET C 122 32.43 5.72 24.10
C MET C 122 32.40 5.65 22.58
N ASP C 123 32.46 4.43 22.03
CA ASP C 123 32.51 4.25 20.58
C ASP C 123 31.12 4.34 19.98
N ASN C 124 31.00 4.03 18.69
CA ASN C 124 29.74 4.19 17.96
C ASN C 124 28.91 2.92 17.93
N THR C 125 28.83 2.22 19.07
CA THR C 125 27.96 1.05 19.17
C THR C 125 26.51 1.40 18.88
N SER C 126 26.08 2.60 19.26
CA SER C 126 24.69 2.99 19.02
C SER C 126 24.38 3.05 17.53
N THR C 127 25.30 3.60 16.73
CA THR C 127 25.06 3.72 15.29
C THR C 127 24.90 2.35 14.65
N VAL C 128 25.81 1.42 14.95
CA VAL C 128 25.76 0.10 14.32
C VAL C 128 24.55 -0.68 14.81
N LEU C 129 24.21 -0.56 16.10
CA LEU C 129 23.01 -1.23 16.60
C LEU C 129 21.76 -0.68 15.92
N ARG C 130 21.70 0.64 15.76
CA ARG C 130 20.55 1.25 15.08
C ARG C 130 20.44 0.80 13.63
N GLU C 131 21.58 0.71 12.93
CA GLU C 131 21.56 0.25 11.56
C GLU C 131 21.06 -1.19 11.47
N TRP C 132 21.57 -2.07 12.33
CA TRP C 132 21.14 -3.45 12.30
C TRP C 132 19.64 -3.58 12.62
N LEU C 133 19.18 -2.81 13.61
CA LEU C 133 17.75 -2.81 13.93
C LEU C 133 16.92 -2.39 12.72
N VAL C 134 17.27 -1.26 12.11
CA VAL C 134 16.51 -0.74 10.99
C VAL C 134 16.47 -1.74 9.85
N ALA C 135 17.59 -2.44 9.61
CA ALA C 135 17.59 -3.43 8.55
C ALA C 135 16.74 -4.65 8.91
N VAL C 136 16.70 -5.03 10.19
CA VAL C 136 16.09 -6.29 10.60
C VAL C 136 14.76 -6.10 11.30
N LYS C 137 14.28 -4.86 11.42
CA LYS C 137 13.04 -4.61 12.15
C LYS C 137 11.83 -5.27 11.50
N SER C 138 11.85 -5.45 10.18
CA SER C 138 10.68 -5.97 9.47
C SER C 138 10.39 -7.43 9.80
N LEU C 139 11.43 -8.26 9.89
CA LEU C 139 11.20 -9.69 10.03
C LEU C 139 10.67 -10.05 11.41
N TYR C 140 11.25 -9.49 12.46
CA TYR C 140 10.91 -9.90 13.82
C TYR C 140 9.55 -9.38 14.24
N HIS C 141 9.03 -9.95 15.33
CA HIS C 141 7.68 -9.61 15.77
C HIS C 141 7.60 -8.17 16.25
N SER C 142 8.35 -7.84 17.31
CA SER C 142 8.36 -6.48 17.83
C SER C 142 9.72 -6.19 18.42
N VAL C 143 10.29 -5.05 18.03
CA VAL C 143 11.62 -4.65 18.49
C VAL C 143 11.48 -3.42 19.37
N GLU C 144 12.26 -3.40 20.45
CA GLU C 144 12.32 -2.30 21.38
C GLU C 144 13.67 -1.61 21.20
N TRP C 145 13.78 -0.39 21.71
CA TRP C 145 15.01 0.38 21.53
C TRP C 145 15.04 1.50 22.56
N ARG C 146 16.04 1.46 23.45
CA ARG C 146 16.15 2.41 24.57
C ARG C 146 17.53 3.03 24.59
N PRO C 147 17.77 4.04 23.75
CA PRO C 147 19.07 4.72 23.77
C PRO C 147 19.13 5.80 24.83
N ALA C 148 20.27 5.87 25.51
CA ALA C 148 20.53 6.85 26.56
C ALA C 148 21.94 7.42 26.39
N GLU C 149 22.23 7.94 25.20
CA GLU C 149 23.58 8.31 24.81
C GLU C 149 24.33 9.14 25.86
N GLU C 150 23.66 10.11 26.47
CA GLU C 150 24.33 10.91 27.47
C GLU C 150 23.88 10.50 28.88
N PRO C 151 24.79 10.50 29.87
CA PRO C 151 26.22 10.84 29.80
C PRO C 151 27.05 9.71 29.18
N ARG C 152 28.38 9.82 29.25
CA ARG C 152 29.28 8.85 28.64
C ARG C 152 30.13 8.11 29.68
N SER C 153 29.99 8.42 30.95
CA SER C 153 30.76 7.76 31.99
C SER C 153 30.10 7.98 33.34
N TYR C 154 30.30 7.03 34.24
CA TYR C 154 29.84 7.21 35.61
C TYR C 154 30.77 8.16 36.35
N PRO C 155 30.23 8.98 37.26
CA PRO C 155 31.08 9.94 37.99
C PRO C 155 32.19 9.28 38.81
N ASP C 156 31.80 8.41 39.74
CA ASP C 156 32.75 7.83 40.70
C ASP C 156 33.25 6.47 40.20
N GLU C 157 33.92 6.50 39.05
CA GLU C 157 34.57 5.33 38.48
C GLU C 157 35.98 5.69 38.05
N GLU C 158 36.90 4.72 38.20
CA GLU C 158 38.28 4.97 37.82
C GLU C 158 38.45 4.83 36.31
N GLY C 159 37.75 3.87 35.71
CA GLY C 159 37.84 3.63 34.29
C GLY C 159 36.65 2.85 33.76
N PRO C 160 36.68 2.54 32.47
CA PRO C 160 35.54 1.83 31.87
C PRO C 160 35.32 0.42 32.44
N LYS C 161 36.35 -0.17 33.03
CA LYS C 161 36.23 -1.51 33.62
C LYS C 161 36.05 -1.48 35.13
N HIS C 162 35.89 -0.30 35.72
CA HIS C 162 35.66 -0.21 37.15
C HIS C 162 34.19 -0.42 37.45
N TRP C 163 33.88 -1.45 38.22
CA TRP C 163 32.49 -1.79 38.55
C TRP C 163 32.08 -1.04 39.82
N SER C 164 31.73 0.22 39.64
CA SER C 164 31.21 1.02 40.74
C SER C 164 29.80 0.56 41.10
N ASP C 165 29.36 0.97 42.29
CA ASP C 165 28.03 0.56 42.75
C ASP C 165 26.93 1.11 41.86
N SER C 166 27.15 2.29 41.26
CA SER C 166 26.15 2.85 40.35
C SER C 166 26.01 1.98 39.11
N ARG C 167 27.12 1.46 38.59
CA ARG C 167 27.05 0.57 37.44
C ARG C 167 26.27 -0.70 37.77
N TYR C 168 26.52 -1.28 38.95
CA TYR C 168 25.74 -2.41 39.40
C TYR C 168 24.26 -2.06 39.44
N GLU C 169 23.91 -0.93 40.06
CA GLU C 169 22.52 -0.54 40.17
C GLU C 169 21.87 -0.40 38.81
N HIS C 170 22.57 0.22 37.86
CA HIS C 170 22.03 0.39 36.52
C HIS C 170 21.78 -0.96 35.85
N VAL C 171 22.70 -1.90 36.02
CA VAL C 171 22.52 -3.22 35.42
C VAL C 171 21.31 -3.93 36.04
N MET C 172 21.18 -3.85 37.37
CA MET C 172 20.00 -4.43 38.02
C MET C 172 18.72 -3.86 37.45
N LYS C 173 18.63 -2.53 37.38
CA LYS C 173 17.39 -1.90 36.91
C LYS C 173 17.09 -2.29 35.47
N LEU C 174 18.12 -2.30 34.60
CA LEU C 174 17.88 -2.63 33.20
C LEU C 174 17.41 -4.07 33.05
N ARG C 175 18.04 -5.02 33.75
CA ARG C 175 17.63 -6.41 33.61
C ARG C 175 16.23 -6.63 34.19
N GLN C 176 15.91 -5.98 35.30
CA GLN C 176 14.59 -6.10 35.88
C GLN C 176 13.53 -5.53 34.94
N ALA C 177 13.84 -4.41 34.29
CA ALA C 177 12.91 -3.84 33.31
C ALA C 177 12.71 -4.78 32.13
N ALA C 178 13.78 -5.41 31.65
CA ALA C 178 13.64 -6.37 30.57
C ALA C 178 12.74 -7.54 30.98
N LEU C 179 12.97 -8.07 32.19
CA LEU C 179 12.15 -9.18 32.66
C LEU C 179 10.69 -8.77 32.81
N LYS C 180 10.44 -7.57 33.33
CA LYS C 180 9.08 -7.10 33.51
C LYS C 180 8.38 -6.87 32.18
N SER C 181 9.10 -6.37 31.18
CA SER C 181 8.52 -6.20 29.85
C SER C 181 8.37 -7.51 29.10
N ALA C 182 9.06 -8.56 29.55
CA ALA C 182 8.86 -9.89 28.99
C ALA C 182 7.67 -10.62 29.59
N ARG C 183 7.16 -10.16 30.74
CA ARG C 183 6.02 -10.78 31.40
C ARG C 183 4.69 -10.17 30.99
N ASP C 184 4.63 -8.86 30.82
CA ASP C 184 3.43 -8.15 30.41
C ASP C 184 3.19 -8.22 28.91
N MET C 185 3.83 -9.16 28.23
CA MET C 185 3.74 -9.31 26.78
C MET C 185 3.34 -10.73 26.39
N TRP C 186 3.21 -11.63 27.36
CA TRP C 186 2.72 -12.98 27.16
C TRP C 186 3.64 -13.78 26.23
N ALA C 187 4.91 -13.80 26.60
CA ALA C 187 5.92 -14.60 25.92
C ALA C 187 6.61 -15.49 26.94
N ASP C 188 6.57 -16.79 26.69
CA ASP C 188 7.31 -17.74 27.50
C ASP C 188 8.76 -17.78 27.04
N TYR C 189 9.65 -18.12 27.98
CA TYR C 189 11.09 -18.09 27.78
C TYR C 189 11.62 -16.68 27.60
N ILE C 190 12.85 -16.44 28.03
CA ILE C 190 13.54 -15.19 27.75
C ILE C 190 15.04 -15.47 27.81
N LEU C 191 15.75 -15.14 26.74
CA LEU C 191 17.14 -15.55 26.55
C LEU C 191 18.04 -14.34 26.77
N PHE C 192 18.73 -14.31 27.91
CA PHE C 192 19.60 -13.19 28.24
C PHE C 192 20.95 -13.40 27.59
N VAL C 193 21.21 -12.70 26.50
CA VAL C 193 22.49 -12.72 25.84
C VAL C 193 23.17 -11.38 26.06
N ASP C 194 24.50 -11.40 26.17
CA ASP C 194 25.23 -10.14 26.31
C ASP C 194 26.11 -9.89 25.09
N ALA C 195 26.98 -8.88 25.17
CA ALA C 195 27.68 -8.41 23.97
C ALA C 195 28.70 -9.42 23.48
N ASP C 196 29.54 -9.95 24.38
CA ASP C 196 30.73 -10.67 23.96
C ASP C 196 30.51 -12.17 23.76
N ASN C 197 29.41 -12.73 24.25
CA ASN C 197 29.17 -14.17 24.15
C ASN C 197 28.86 -14.54 22.71
N LEU C 198 29.62 -15.48 22.15
CA LEU C 198 29.44 -15.90 20.76
C LEU C 198 28.67 -17.21 20.76
N ILE C 199 27.37 -17.14 20.43
CA ILE C 199 26.52 -18.32 20.36
C ILE C 199 26.72 -18.90 18.96
N LEU C 200 27.46 -20.02 18.90
CA LEU C 200 27.90 -20.55 17.61
C LEU C 200 26.95 -21.60 17.08
N ASN C 201 26.50 -22.51 17.94
CA ASN C 201 25.63 -23.59 17.51
C ASN C 201 24.24 -23.06 17.20
N PRO C 202 23.74 -23.21 15.96
CA PRO C 202 22.42 -22.66 15.63
C PRO C 202 21.27 -23.31 16.39
N ASP C 203 21.48 -24.49 16.97
CA ASP C 203 20.42 -25.22 17.66
C ASP C 203 20.46 -25.04 19.17
N THR C 204 21.17 -24.03 19.66
CA THR C 204 21.26 -23.82 21.11
C THR C 204 19.89 -23.55 21.71
N LEU C 205 19.11 -22.69 21.07
CA LEU C 205 17.82 -22.30 21.63
C LEU C 205 16.87 -23.49 21.70
N SER C 206 16.80 -24.29 20.63
CA SER C 206 15.89 -25.43 20.64
C SER C 206 16.32 -26.48 21.66
N LEU C 207 17.62 -26.73 21.78
CA LEU C 207 18.11 -27.73 22.72
C LEU C 207 17.94 -27.26 24.15
N LEU C 208 17.95 -25.95 24.40
CA LEU C 208 17.65 -25.47 25.75
C LEU C 208 16.16 -25.50 26.02
N ILE C 209 15.34 -25.27 25.00
CA ILE C 209 13.89 -25.32 25.18
C ILE C 209 13.44 -26.74 25.48
N ALA C 210 14.10 -27.73 24.86
CA ALA C 210 13.69 -29.12 24.97
C ALA C 210 14.16 -29.79 26.26
N GLU C 211 14.54 -29.01 27.29
CA GLU C 211 15.00 -29.57 28.55
C GLU C 211 13.96 -29.49 29.67
N ASN C 212 12.99 -28.60 29.58
CA ASN C 212 11.89 -28.50 30.55
C ASN C 212 12.42 -28.20 31.95
N LYS C 213 13.18 -27.12 32.07
CA LYS C 213 13.62 -26.59 33.34
C LYS C 213 13.30 -25.11 33.40
N THR C 214 13.22 -24.57 34.62
CA THR C 214 12.95 -23.14 34.76
C THR C 214 14.15 -22.31 34.30
N VAL C 215 15.29 -22.48 34.94
CA VAL C 215 16.51 -21.77 34.58
C VAL C 215 17.54 -22.79 34.14
N VAL C 216 18.10 -22.60 32.94
CA VAL C 216 19.11 -23.50 32.39
C VAL C 216 20.04 -22.68 31.52
N ALA C 217 21.35 -22.95 31.62
CA ALA C 217 22.34 -22.16 30.92
C ALA C 217 23.34 -23.08 30.23
N PRO C 218 23.62 -22.87 28.95
CA PRO C 218 24.63 -23.69 28.28
C PRO C 218 26.01 -23.40 28.83
N MET C 219 26.89 -24.39 28.75
CA MET C 219 28.26 -24.23 29.22
C MET C 219 29.08 -23.74 28.03
N LEU C 220 29.65 -22.54 28.16
CA LEU C 220 30.41 -21.94 27.08
C LEU C 220 31.90 -22.14 27.30
N ASP C 221 32.63 -22.40 26.22
CA ASP C 221 34.06 -22.65 26.29
C ASP C 221 34.82 -21.33 26.44
N SER C 222 36.10 -21.46 26.79
CA SER C 222 36.99 -20.31 26.96
C SER C 222 38.42 -20.80 26.84
N ARG C 223 39.35 -19.85 26.85
CA ARG C 223 40.77 -20.19 26.71
C ARG C 223 41.40 -20.65 28.02
N ALA C 224 40.69 -20.55 29.13
CA ALA C 224 41.20 -20.97 30.43
C ALA C 224 40.15 -21.82 31.15
N ALA C 225 40.36 -22.05 32.45
CA ALA C 225 39.35 -22.75 33.24
C ALA C 225 38.07 -21.93 33.41
N TYR C 226 38.10 -20.64 33.07
CA TYR C 226 36.93 -19.78 33.19
C TYR C 226 35.78 -20.29 32.33
N SER C 227 34.58 -20.23 32.90
CA SER C 227 33.34 -20.52 32.18
C SER C 227 32.23 -19.72 32.86
N ASN C 228 30.98 -20.04 32.53
CA ASN C 228 29.86 -19.25 33.02
C ASN C 228 29.00 -20.05 34.00
N PHE C 229 29.64 -20.72 34.95
CA PHE C 229 28.93 -21.40 36.02
C PHE C 229 29.90 -21.62 37.19
N TRP C 230 29.36 -21.57 38.41
CA TRP C 230 30.15 -21.83 39.60
C TRP C 230 29.87 -23.24 40.12
N CYS C 231 30.50 -23.58 41.25
CA CYS C 231 30.22 -24.84 41.92
C CYS C 231 30.23 -24.70 43.44
N GLY C 232 30.13 -23.49 43.97
CA GLY C 232 30.09 -23.32 45.42
C GLY C 232 30.23 -21.89 45.89
N MET C 233 29.53 -21.57 46.98
CA MET C 233 29.63 -20.27 47.63
C MET C 233 30.23 -20.47 49.02
N THR C 234 31.23 -19.67 49.37
CA THR C 234 31.99 -19.95 50.60
C THR C 234 31.20 -19.58 51.84
N SER C 235 31.02 -18.29 52.09
CA SER C 235 30.17 -17.86 53.20
C SER C 235 29.24 -16.72 52.79
N GLN C 236 29.74 -15.80 51.97
CA GLN C 236 29.01 -14.59 51.60
C GLN C 236 28.91 -14.41 50.09
N GLY C 237 28.85 -15.52 49.36
CA GLY C 237 28.78 -15.44 47.91
C GLY C 237 30.13 -15.18 47.27
N TYR C 238 31.06 -16.12 47.41
CA TYR C 238 32.35 -16.04 46.76
C TYR C 238 32.68 -17.40 46.16
N TYR C 239 33.52 -17.39 45.13
CA TYR C 239 33.83 -18.61 44.42
C TYR C 239 34.53 -19.61 45.31
N LYS C 240 34.24 -20.89 45.10
CA LYS C 240 34.95 -21.97 45.78
C LYS C 240 35.02 -23.15 44.83
N ARG C 241 36.22 -23.72 44.67
CA ARG C 241 36.42 -24.80 43.70
C ARG C 241 35.97 -26.11 44.33
N THR C 242 34.85 -26.63 43.85
CA THR C 242 34.41 -27.96 44.21
C THR C 242 35.11 -29.00 43.33
N PRO C 243 35.50 -30.15 43.90
CA PRO C 243 36.17 -31.17 43.08
C PRO C 243 35.39 -31.65 41.88
N ALA C 244 34.15 -31.22 41.69
CA ALA C 244 33.34 -31.63 40.54
C ALA C 244 33.33 -30.59 39.42
N TYR C 245 34.30 -29.69 39.40
CA TYR C 245 34.36 -28.66 38.36
C TYR C 245 35.13 -29.14 37.15
N ILE C 246 36.38 -29.57 37.34
CA ILE C 246 37.20 -30.00 36.20
C ILE C 246 36.58 -31.17 35.46
N PRO C 247 36.03 -32.20 36.11
CA PRO C 247 35.31 -33.24 35.35
C PRO C 247 34.14 -32.70 34.53
N ILE C 248 33.46 -31.66 34.97
CA ILE C 248 32.35 -31.08 34.23
C ILE C 248 32.83 -30.18 33.10
N ARG C 249 33.76 -29.27 33.41
CA ARG C 249 34.24 -28.32 32.40
C ARG C 249 34.99 -29.01 31.28
N LYS C 250 35.81 -30.01 31.58
CA LYS C 250 36.57 -30.74 30.58
C LYS C 250 35.74 -31.82 29.90
N ARG C 251 34.45 -31.89 30.21
CA ARG C 251 33.51 -32.81 29.56
C ARG C 251 33.89 -34.28 29.80
N ASP C 252 34.26 -34.57 31.04
CA ASP C 252 34.36 -35.96 31.50
C ASP C 252 33.01 -36.50 31.95
N ARG C 253 32.02 -35.64 32.12
CA ARG C 253 30.66 -36.01 32.44
C ARG C 253 29.71 -35.23 31.53
N ARG C 254 28.51 -35.76 31.34
CA ARG C 254 27.52 -35.07 30.53
C ARG C 254 26.14 -35.25 31.13
N GLY C 255 25.22 -34.38 30.72
CA GLY C 255 23.93 -34.24 31.36
C GLY C 255 23.83 -32.94 32.12
N CYS C 256 22.64 -32.66 32.63
CA CYS C 256 22.39 -31.37 33.24
C CYS C 256 22.48 -31.45 34.75
N PHE C 257 23.34 -30.61 35.32
CA PHE C 257 23.81 -30.73 36.70
C PHE C 257 23.39 -29.48 37.47
N ALA C 258 22.78 -29.66 38.64
CA ALA C 258 22.37 -28.54 39.45
C ALA C 258 23.57 -27.80 40.02
N VAL C 259 23.59 -26.48 39.87
CA VAL C 259 24.68 -25.66 40.36
C VAL C 259 24.11 -24.44 41.08
N PRO C 260 24.91 -23.83 41.97
CA PRO C 260 24.45 -22.62 42.66
C PRO C 260 24.70 -21.31 41.93
N MET C 261 25.06 -21.33 40.65
CA MET C 261 25.30 -20.08 39.92
C MET C 261 25.37 -20.33 38.43
N VAL C 262 24.63 -19.54 37.66
CA VAL C 262 24.81 -19.43 36.22
C VAL C 262 24.67 -17.96 35.85
N HIS C 263 25.60 -17.45 35.03
CA HIS C 263 25.53 -16.06 34.61
C HIS C 263 25.73 -15.96 33.11
N SER C 264 25.96 -14.73 32.62
CA SER C 264 26.16 -14.45 31.20
C SER C 264 24.93 -14.83 30.39
N THR C 265 24.92 -16.03 29.82
CA THR C 265 23.85 -16.50 28.95
C THR C 265 23.05 -17.57 29.67
N PHE C 266 21.73 -17.37 29.79
CA PHE C 266 20.86 -18.37 30.37
C PHE C 266 19.47 -18.24 29.73
N LEU C 267 18.48 -18.89 30.34
CA LEU C 267 17.15 -18.95 29.77
C LEU C 267 16.15 -19.25 30.89
N ILE C 268 15.19 -18.34 31.09
CA ILE C 268 14.21 -18.45 32.16
C ILE C 268 12.86 -18.81 31.55
N ASP C 269 12.24 -19.86 32.08
CA ASP C 269 10.88 -20.21 31.65
C ASP C 269 9.89 -19.24 32.25
N LEU C 270 8.98 -18.73 31.41
CA LEU C 270 7.96 -17.78 31.86
C LEU C 270 6.57 -18.37 31.87
N ARG C 271 6.45 -19.70 31.88
CA ARG C 271 5.16 -20.37 31.98
C ARG C 271 4.99 -21.18 33.25
N LYS C 272 6.06 -21.43 33.99
CA LYS C 272 5.95 -22.16 35.24
C LYS C 272 5.61 -21.20 36.38
N ALA C 273 4.80 -21.68 37.32
CA ALA C 273 4.25 -20.80 38.35
C ALA C 273 5.33 -20.23 39.25
N ALA C 274 6.36 -21.02 39.55
CA ALA C 274 7.41 -20.58 40.47
C ALA C 274 8.23 -19.42 39.93
N SER C 275 8.14 -19.13 38.63
CA SER C 275 8.92 -18.06 38.03
C SER C 275 8.31 -16.68 38.25
N ARG C 276 7.32 -16.57 39.13
CA ARG C 276 6.69 -15.28 39.42
C ARG C 276 7.34 -14.54 40.58
N ASN C 277 8.31 -15.15 41.27
CA ASN C 277 8.97 -14.52 42.39
C ASN C 277 10.40 -14.10 42.09
N LEU C 278 10.91 -14.38 40.89
CA LEU C 278 12.26 -14.00 40.54
C LEU C 278 12.34 -12.50 40.29
N ALA C 279 13.36 -11.86 40.88
CA ALA C 279 13.52 -10.42 40.75
C ALA C 279 15.01 -10.10 40.69
N PHE C 280 15.40 -9.26 39.73
CA PHE C 280 16.80 -8.92 39.56
C PHE C 280 17.24 -7.81 40.52
N TYR C 281 16.59 -6.65 40.45
CA TYR C 281 17.09 -5.49 41.18
C TYR C 281 16.76 -5.53 42.67
N PRO C 282 15.49 -5.63 43.08
CA PRO C 282 15.18 -5.52 44.51
C PRO C 282 15.70 -6.72 45.27
N PRO C 283 16.66 -6.53 46.17
CA PRO C 283 17.17 -7.65 46.94
C PRO C 283 16.12 -8.17 47.90
N HIS C 284 16.24 -9.44 48.25
CA HIS C 284 15.32 -10.04 49.20
C HIS C 284 15.48 -9.37 50.56
N PRO C 285 14.41 -9.29 51.36
CA PRO C 285 14.55 -8.70 52.69
C PRO C 285 15.60 -9.37 53.56
N ASP C 286 15.85 -10.67 53.33
CA ASP C 286 16.85 -11.41 54.10
C ASP C 286 18.25 -11.32 53.50
N TYR C 287 18.44 -10.50 52.47
CA TYR C 287 19.75 -10.38 51.85
C TYR C 287 20.72 -9.64 52.77
N THR C 288 21.81 -10.30 53.13
CA THR C 288 22.84 -9.68 53.97
C THR C 288 24.24 -9.75 53.39
N TRP C 289 24.44 -10.32 52.20
CA TRP C 289 25.76 -10.49 51.63
C TRP C 289 26.22 -9.21 50.94
N SER C 290 27.30 -9.30 50.17
CA SER C 290 27.81 -8.15 49.44
C SER C 290 26.84 -7.76 48.33
N PHE C 291 27.20 -6.72 47.59
CA PHE C 291 26.31 -6.13 46.61
C PHE C 291 26.78 -6.36 45.18
N ASP C 292 27.18 -7.58 44.86
CA ASP C 292 27.43 -7.96 43.48
C ASP C 292 26.09 -8.20 42.78
N ASP C 293 26.11 -8.11 41.45
CA ASP C 293 24.88 -8.16 40.68
C ASP C 293 24.43 -9.58 40.35
N ILE C 294 25.34 -10.56 40.33
CA ILE C 294 24.98 -11.93 39.98
C ILE C 294 24.69 -12.78 41.20
N ILE C 295 25.01 -12.30 42.40
CA ILE C 295 24.75 -13.08 43.61
C ILE C 295 23.34 -12.79 44.11
N VAL C 296 22.80 -11.62 43.75
CA VAL C 296 21.45 -11.29 44.17
C VAL C 296 20.43 -12.17 43.44
N PHE C 297 20.71 -12.57 42.20
CA PHE C 297 19.80 -13.45 41.50
C PHE C 297 19.88 -14.88 42.01
N ALA C 298 21.07 -15.30 42.45
CA ALA C 298 21.19 -16.62 43.06
C ALA C 298 20.39 -16.70 44.34
N PHE C 299 20.45 -15.66 45.17
CA PHE C 299 19.66 -15.64 46.40
C PHE C 299 18.17 -15.64 46.08
N SER C 300 17.76 -14.88 45.07
CA SER C 300 16.36 -14.86 44.68
C SER C 300 15.89 -16.21 44.20
N CYS C 301 16.71 -16.91 43.42
CA CYS C 301 16.37 -18.27 42.99
C CYS C 301 16.31 -19.24 44.16
N LYS C 302 17.23 -19.12 45.11
CA LYS C 302 17.24 -20.05 46.24
C LYS C 302 16.04 -19.84 47.15
N GLN C 303 15.67 -18.59 47.42
CA GLN C 303 14.51 -18.32 48.26
C GLN C 303 13.19 -18.62 47.57
N ALA C 304 13.17 -18.65 46.24
CA ALA C 304 11.96 -18.96 45.49
C ALA C 304 11.80 -20.43 45.18
N GLU C 305 12.73 -21.27 45.64
CA GLU C 305 12.68 -22.73 45.46
C GLU C 305 12.69 -23.10 43.97
N VAL C 306 13.74 -22.65 43.28
CA VAL C 306 14.08 -23.13 41.95
C VAL C 306 15.56 -23.43 41.93
N GLN C 307 15.98 -24.32 41.04
CA GLN C 307 17.38 -24.69 40.90
C GLN C 307 17.88 -24.36 39.51
N MET C 308 19.10 -23.83 39.42
CA MET C 308 19.69 -23.39 38.17
C MET C 308 20.57 -24.50 37.64
N TYR C 309 20.31 -24.94 36.41
CA TYR C 309 21.08 -26.00 35.79
C TYR C 309 22.09 -25.41 34.81
N VAL C 310 23.08 -26.22 34.44
CA VAL C 310 24.01 -25.88 33.37
C VAL C 310 24.51 -27.19 32.77
N CYS C 311 24.38 -27.34 31.46
CA CYS C 311 24.77 -28.62 30.88
C CYS C 311 25.29 -28.49 29.47
N ASN C 312 26.19 -29.42 29.15
CA ASN C 312 27.17 -29.31 28.08
C ASN C 312 27.18 -30.57 27.24
N LYS C 313 26.00 -31.03 26.84
CA LYS C 313 25.92 -32.24 26.04
C LYS C 313 26.72 -32.10 24.74
N GLU C 314 26.62 -30.94 24.09
CA GLU C 314 27.43 -30.63 22.93
C GLU C 314 28.07 -29.25 23.12
N GLU C 315 28.83 -28.81 22.12
CA GLU C 315 29.48 -27.51 22.17
C GLU C 315 28.50 -26.44 21.69
N TYR C 316 28.51 -25.29 22.37
CA TYR C 316 27.56 -24.23 22.08
C TYR C 316 28.24 -22.96 21.58
N GLY C 317 29.24 -22.46 22.28
CA GLY C 317 29.88 -21.24 21.88
C GLY C 317 31.11 -20.92 22.70
N PHE C 318 31.54 -19.67 22.62
CA PHE C 318 32.75 -19.22 23.30
C PHE C 318 32.48 -17.87 23.94
N LEU C 319 33.30 -17.53 24.94
CA LEU C 319 33.20 -16.26 25.63
C LEU C 319 34.57 -15.89 26.15
N PRO C 320 34.93 -14.60 26.13
CA PRO C 320 36.26 -14.19 26.59
C PRO C 320 36.34 -13.95 28.09
N VAL C 321 37.53 -14.18 28.63
CA VAL C 321 37.77 -14.05 30.08
C VAL C 321 37.76 -12.56 30.45
N PRO C 322 37.15 -12.18 31.58
CA PRO C 322 37.18 -10.78 31.98
C PRO C 322 38.58 -10.31 32.32
N LEU C 323 38.82 -9.01 32.15
CA LEU C 323 40.10 -8.39 32.44
C LEU C 323 40.04 -7.71 33.81
N ARG C 324 41.16 -7.07 34.18
CA ARG C 324 41.25 -6.39 35.46
C ARG C 324 40.45 -5.09 35.42
N ALA C 325 40.31 -4.47 36.59
CA ALA C 325 39.50 -3.27 36.75
C ALA C 325 40.28 -2.00 36.44
N HIS C 326 41.37 -2.09 35.67
CA HIS C 326 42.14 -0.90 35.31
C HIS C 326 42.59 -0.92 33.86
N SER C 327 42.13 -1.87 33.04
CA SER C 327 42.53 -1.94 31.65
C SER C 327 41.72 -0.96 30.81
N THR C 328 42.08 -0.88 29.52
CA THR C 328 41.45 0.02 28.57
C THR C 328 40.63 -0.79 27.57
N LEU C 329 40.00 -0.07 26.64
CA LEU C 329 39.14 -0.73 25.65
C LEU C 329 39.97 -1.51 24.65
N GLN C 330 41.21 -1.09 24.39
CA GLN C 330 42.07 -1.81 23.45
C GLN C 330 42.34 -3.23 23.93
N ASP C 331 42.54 -3.40 25.24
CA ASP C 331 42.73 -4.74 25.80
C ASP C 331 41.52 -5.62 25.55
N GLU C 332 40.32 -5.07 25.71
CA GLU C 332 39.11 -5.84 25.47
C GLU C 332 38.98 -6.21 23.99
N ALA C 333 39.34 -5.28 23.10
CA ALA C 333 39.31 -5.59 21.67
C ALA C 333 40.27 -6.73 21.34
N GLU C 334 41.47 -6.70 21.91
CA GLU C 334 42.42 -7.79 21.66
C GLU C 334 41.93 -9.11 22.24
N SER C 335 41.27 -9.05 23.40
CA SER C 335 40.71 -10.27 23.98
C SER C 335 39.67 -10.89 23.07
N PHE C 336 38.77 -10.07 22.52
CA PHE C 336 37.77 -10.63 21.62
C PHE C 336 38.41 -11.14 20.33
N MET C 337 39.42 -10.45 19.82
CA MET C 337 40.09 -10.95 18.63
C MET C 337 40.73 -12.31 18.89
N HIS C 338 41.29 -12.50 20.08
CA HIS C 338 41.86 -13.82 20.39
C HIS C 338 40.77 -14.87 20.49
N VAL C 339 39.59 -14.50 21.01
CA VAL C 339 38.46 -15.45 20.98
C VAL C 339 38.14 -15.83 19.54
N GLN C 340 38.13 -14.84 18.66
CA GLN C 340 37.88 -15.08 17.25
C GLN C 340 38.89 -16.05 16.65
N LEU C 341 40.17 -15.87 16.99
CA LEU C 341 41.21 -16.78 16.50
C LEU C 341 41.03 -18.18 17.07
N GLU C 342 40.72 -18.29 18.37
CA GLU C 342 40.57 -19.59 19.00
C GLU C 342 39.37 -20.35 18.45
N VAL C 343 38.39 -19.62 17.89
CA VAL C 343 37.29 -20.30 17.21
C VAL C 343 37.78 -21.07 16.00
N MET C 344 38.68 -20.46 15.21
CA MET C 344 39.00 -20.97 13.89
C MET C 344 39.77 -22.29 13.96
N VAL C 345 40.46 -22.54 15.08
CA VAL C 345 41.42 -23.63 15.15
C VAL C 345 40.80 -25.02 14.97
N LYS C 346 39.49 -25.15 15.18
CA LYS C 346 38.84 -26.44 14.99
C LYS C 346 37.50 -26.34 14.25
N HIS C 347 37.08 -25.16 13.86
CA HIS C 347 35.80 -24.93 13.20
C HIS C 347 36.03 -24.00 12.02
N PRO C 348 35.08 -23.96 11.08
CA PRO C 348 35.13 -22.92 10.05
C PRO C 348 34.99 -21.55 10.68
N PRO C 349 35.52 -20.51 10.03
CA PRO C 349 35.54 -19.19 10.66
C PRO C 349 34.15 -18.66 10.97
N ALA C 350 34.05 -17.92 12.06
CA ALA C 350 32.79 -17.29 12.46
C ALA C 350 32.52 -16.13 11.51
N GLU C 351 31.62 -16.36 10.55
CA GLU C 351 31.32 -15.34 9.56
C GLU C 351 30.57 -14.17 10.21
N PRO C 352 30.84 -12.95 9.77
CA PRO C 352 30.11 -11.79 10.29
C PRO C 352 28.69 -11.75 9.72
N SER C 353 27.92 -10.79 10.18
CA SER C 353 26.55 -10.63 9.71
C SER C 353 26.58 -10.04 8.30
N ARG C 354 25.40 -9.78 7.75
CA ARG C 354 25.27 -9.24 6.39
C ARG C 354 24.84 -7.78 6.39
N PHE C 355 23.95 -7.40 7.32
CA PHE C 355 23.39 -6.06 7.31
C PHE C 355 24.45 -5.03 7.68
N ILE C 356 25.29 -5.34 8.66
CA ILE C 356 26.36 -4.45 9.05
C ILE C 356 27.69 -5.05 8.60
N SER C 357 28.69 -4.20 8.47
CA SER C 357 29.99 -4.57 7.92
C SER C 357 31.06 -4.50 9.00
N ALA C 358 32.29 -4.87 8.61
CA ALA C 358 33.45 -4.90 9.50
C ALA C 358 34.42 -3.79 9.15
N PRO C 359 34.95 -3.07 10.15
CA PRO C 359 35.88 -1.97 9.86
C PRO C 359 37.26 -2.47 9.48
N THR C 360 37.45 -2.78 8.19
CA THR C 360 38.67 -3.45 7.74
C THR C 360 39.91 -2.66 8.14
N LYS C 361 40.92 -3.38 8.60
CA LYS C 361 42.11 -2.81 9.21
C LYS C 361 43.29 -2.83 8.24
N THR C 362 44.30 -2.02 8.55
CA THR C 362 45.50 -1.89 7.73
C THR C 362 46.68 -2.54 8.45
N PRO C 363 47.29 -3.58 7.88
CA PRO C 363 48.33 -4.31 8.63
C PRO C 363 49.59 -3.49 8.83
N ASP C 364 50.35 -3.88 9.86
CA ASP C 364 51.65 -3.29 10.15
C ASP C 364 52.71 -4.38 10.23
N LYS C 365 53.97 -3.98 10.13
CA LYS C 365 55.09 -4.88 10.00
C LYS C 365 55.79 -5.16 11.32
N MET C 366 55.09 -4.98 12.45
CA MET C 366 55.64 -5.23 13.78
C MET C 366 56.86 -4.37 14.08
N GLY C 367 57.23 -3.46 13.19
CA GLY C 367 58.51 -2.81 13.31
C GLY C 367 59.68 -3.68 12.89
N PHE C 368 59.42 -4.85 12.32
CA PHE C 368 60.46 -5.75 11.87
C PHE C 368 60.95 -5.31 10.49
N ASP C 369 61.71 -6.17 9.82
CA ASP C 369 62.13 -5.95 8.44
C ASP C 369 61.37 -6.85 7.48
N GLU C 370 61.24 -8.13 7.82
CA GLU C 370 60.49 -9.08 7.02
C GLU C 370 59.72 -10.02 7.94
N VAL C 371 58.79 -10.77 7.35
CA VAL C 371 58.08 -11.86 8.02
C VAL C 371 57.94 -12.98 7.00
N PHE C 372 58.60 -14.10 7.26
CA PHE C 372 58.58 -15.19 6.29
C PHE C 372 57.62 -16.24 6.79
N MET C 373 56.90 -16.99 5.96
CA MET C 373 56.06 -18.13 6.40
C MET C 373 56.22 -19.27 5.42
N ILE C 374 56.91 -20.31 5.79
CA ILE C 374 57.26 -21.41 4.87
C ILE C 374 56.11 -22.40 4.77
N ASN C 375 55.47 -22.47 3.60
CA ASN C 375 54.34 -23.42 3.40
C ASN C 375 54.44 -24.23 2.12
N LEU C 376 53.85 -25.41 2.17
CA LEU C 376 53.82 -26.33 1.04
C LEU C 376 52.70 -25.94 0.08
N ARG C 377 52.97 -26.09 -1.22
CA ARG C 377 51.93 -25.83 -2.21
C ARG C 377 50.86 -26.91 -2.19
N ARG C 378 51.26 -28.16 -1.92
CA ARG C 378 50.28 -29.24 -1.86
C ARG C 378 49.31 -29.05 -0.70
N ARG C 379 49.79 -28.52 0.43
CA ARG C 379 48.94 -28.27 1.59
C ARG C 379 48.27 -26.91 1.42
N GLN C 380 46.95 -26.93 1.20
CA GLN C 380 46.19 -25.70 0.99
C GLN C 380 45.27 -25.34 2.14
N ASP C 381 44.81 -26.31 2.91
CA ASP C 381 43.96 -26.00 4.06
C ASP C 381 44.75 -25.28 5.14
N ARG C 382 46.02 -25.65 5.32
CA ARG C 382 46.82 -25.07 6.39
C ARG C 382 47.07 -23.59 6.15
N ARG C 383 47.32 -23.19 4.91
CA ARG C 383 47.74 -21.82 4.66
C ARG C 383 46.57 -20.84 4.77
N GLU C 384 45.35 -21.29 4.50
CA GLU C 384 44.22 -20.37 4.55
C GLU C 384 43.93 -19.92 5.98
N ARG C 385 43.90 -20.86 6.94
CA ARG C 385 43.65 -20.47 8.32
C ARG C 385 44.76 -19.57 8.85
N MET C 386 46.00 -19.81 8.41
CA MET C 386 47.11 -18.97 8.84
C MET C 386 47.05 -17.59 8.22
N LEU C 387 46.63 -17.48 6.96
CA LEU C 387 46.43 -16.16 6.36
C LEU C 387 45.34 -15.39 7.09
N ARG C 388 44.24 -16.07 7.44
CA ARG C 388 43.18 -15.42 8.21
C ARG C 388 43.69 -14.98 9.58
N ALA C 389 44.49 -15.83 10.24
CA ALA C 389 45.03 -15.47 11.54
C ALA C 389 45.95 -14.25 11.44
N LEU C 390 46.79 -14.20 10.41
CA LEU C 390 47.68 -13.06 10.24
C LEU C 390 46.91 -11.80 9.92
N GLN C 391 45.88 -11.90 9.06
CA GLN C 391 45.10 -10.72 8.73
C GLN C 391 44.35 -10.20 9.95
N ALA C 392 43.72 -11.08 10.72
CA ALA C 392 42.97 -10.65 11.92
C ALA C 392 43.89 -10.04 12.97
N GLN C 393 45.17 -10.37 12.97
CA GLN C 393 46.12 -9.76 13.87
C GLN C 393 46.85 -8.57 13.26
N GLU C 394 46.48 -8.16 12.04
CA GLU C 394 47.00 -6.95 11.42
C GLU C 394 48.49 -7.07 11.13
N ILE C 395 48.88 -8.21 10.58
CA ILE C 395 50.28 -8.52 10.28
C ILE C 395 50.39 -8.96 8.83
N GLU C 396 51.36 -8.41 8.11
CA GLU C 396 51.61 -8.83 6.74
C GLU C 396 52.33 -10.18 6.73
N CYS C 397 52.63 -10.67 5.53
CA CYS C 397 53.32 -11.96 5.40
C CYS C 397 54.04 -11.96 4.05
N ARG C 398 55.37 -11.86 4.08
CA ARG C 398 56.19 -12.03 2.89
C ARG C 398 56.36 -13.53 2.75
N LEU C 399 55.51 -14.14 1.93
CA LEU C 399 55.42 -15.60 1.89
C LEU C 399 56.53 -16.18 1.01
N VAL C 400 56.97 -17.38 1.37
CA VAL C 400 57.98 -18.10 0.60
C VAL C 400 57.48 -19.52 0.39
N GLU C 401 57.86 -20.21 -0.68
CA GLU C 401 57.23 -21.54 -0.94
C GLU C 401 57.88 -22.63 -0.11
N ALA C 402 58.42 -23.65 -0.77
CA ALA C 402 59.16 -24.67 -0.01
C ALA C 402 60.09 -25.40 -0.93
N VAL C 403 60.80 -26.39 -0.40
CA VAL C 403 61.60 -27.23 -1.32
C VAL C 403 61.00 -28.63 -1.22
N ASP C 404 59.95 -28.90 -2.00
CA ASP C 404 59.34 -30.25 -2.02
C ASP C 404 60.45 -31.29 -1.95
N GLY C 405 60.37 -32.16 -0.96
CA GLY C 405 61.47 -33.13 -0.78
C GLY C 405 61.00 -34.55 -0.87
N LYS C 406 59.74 -34.82 -0.52
CA LYS C 406 59.22 -36.19 -0.71
C LYS C 406 59.43 -36.49 -2.17
N ALA C 407 59.63 -35.44 -2.95
CA ALA C 407 59.73 -35.63 -4.38
C ALA C 407 61.13 -35.41 -4.92
N MET C 408 62.05 -34.87 -4.12
CA MET C 408 63.41 -34.63 -4.57
C MET C 408 64.21 -35.93 -4.59
N ASN C 409 64.87 -36.20 -5.71
CA ASN C 409 65.68 -37.40 -5.87
C ASN C 409 67.16 -37.08 -5.74
N THR C 410 67.98 -38.13 -5.79
CA THR C 410 69.41 -37.97 -5.54
C THR C 410 70.09 -37.10 -6.59
N SER C 411 69.54 -37.04 -7.80
CA SER C 411 70.18 -36.27 -8.87
C SER C 411 70.32 -34.80 -8.48
N GLN C 412 69.27 -34.22 -7.89
CA GLN C 412 69.34 -32.86 -7.38
C GLN C 412 69.69 -32.79 -5.90
N VAL C 413 69.65 -33.92 -5.18
CA VAL C 413 70.13 -33.92 -3.80
C VAL C 413 71.64 -33.74 -3.76
N GLU C 414 72.37 -34.47 -4.60
CA GLU C 414 73.82 -34.41 -4.61
C GLU C 414 74.35 -33.28 -5.48
N ALA C 415 73.49 -32.53 -6.15
CA ALA C 415 73.95 -31.40 -6.95
C ALA C 415 74.49 -30.28 -6.06
N LEU C 416 73.91 -30.09 -4.88
CA LEU C 416 74.33 -29.06 -3.95
C LEU C 416 75.27 -29.57 -2.86
N GLY C 417 75.74 -30.82 -2.97
CA GLY C 417 76.63 -31.34 -1.96
C GLY C 417 75.96 -31.74 -0.66
N ILE C 418 74.67 -32.05 -0.69
CA ILE C 418 73.92 -32.46 0.49
C ILE C 418 74.38 -33.85 0.91
N GLN C 419 75.01 -33.95 2.07
CA GLN C 419 75.58 -35.20 2.53
C GLN C 419 75.16 -35.44 3.98
N MET C 420 74.79 -36.69 4.26
CA MET C 420 74.23 -37.06 5.55
C MET C 420 75.36 -37.15 6.58
N LEU C 421 75.08 -36.64 7.78
CA LEU C 421 76.14 -36.40 8.76
C LEU C 421 76.81 -37.70 9.19
N PRO C 422 78.13 -37.75 9.25
CA PRO C 422 78.82 -38.99 9.63
C PRO C 422 78.51 -39.39 11.07
N GLY C 423 77.95 -40.58 11.21
CA GLY C 423 77.60 -41.11 12.52
C GLY C 423 76.39 -40.45 13.11
N TYR C 424 75.26 -40.54 12.41
CA TYR C 424 74.03 -39.93 12.89
C TYR C 424 72.89 -40.94 12.76
N ARG C 425 71.86 -40.72 13.57
CA ARG C 425 70.71 -41.61 13.63
C ARG C 425 69.56 -40.84 14.25
N ASP C 426 68.42 -41.51 14.44
CA ASP C 426 67.30 -40.91 15.15
C ASP C 426 67.53 -41.07 16.65
N PRO C 427 67.56 -39.98 17.43
CA PRO C 427 67.83 -40.10 18.87
C PRO C 427 66.79 -40.92 19.61
N TYR C 428 65.58 -41.07 19.07
CA TYR C 428 64.53 -41.82 19.73
C TYR C 428 64.25 -43.18 19.11
N HIS C 429 64.53 -43.36 17.82
CA HIS C 429 64.26 -44.62 17.14
C HIS C 429 65.51 -45.30 16.60
N GLY C 430 66.33 -44.57 15.83
CA GLY C 430 67.48 -45.13 15.16
C GLY C 430 67.43 -45.06 13.65
N ARG C 431 66.37 -44.51 13.08
CA ARG C 431 66.31 -44.33 11.63
C ARG C 431 67.34 -43.29 11.19
N PRO C 432 67.93 -43.45 10.01
CA PRO C 432 68.98 -42.52 9.57
C PRO C 432 68.50 -41.07 9.44
N LEU C 433 67.54 -40.84 8.55
CA LEU C 433 67.05 -39.50 8.24
C LEU C 433 65.87 -39.70 7.29
N THR C 434 64.98 -38.71 7.24
CA THR C 434 63.85 -38.72 6.34
C THR C 434 64.00 -37.58 5.32
N LYS C 435 62.93 -37.33 4.56
CA LYS C 435 62.98 -36.32 3.51
C LYS C 435 62.28 -35.02 3.88
N GLY C 436 61.24 -35.08 4.73
CA GLY C 436 60.61 -33.86 5.19
C GLY C 436 61.57 -32.95 5.92
N GLU C 437 62.43 -33.55 6.76
CA GLU C 437 63.47 -32.76 7.42
C GLU C 437 64.45 -32.18 6.43
N LEU C 438 64.78 -32.92 5.37
CA LEU C 438 65.66 -32.39 4.34
C LEU C 438 65.05 -31.16 3.69
N GLY C 439 63.77 -31.24 3.31
CA GLY C 439 63.11 -30.09 2.71
C GLY C 439 63.00 -28.91 3.66
N CYS C 440 62.65 -29.18 4.92
CA CYS C 440 62.52 -28.10 5.90
C CYS C 440 63.86 -27.41 6.13
N PHE C 441 64.94 -28.19 6.26
CA PHE C 441 66.25 -27.60 6.43
C PHE C 441 66.66 -26.81 5.19
N LEU C 442 66.32 -27.30 4.01
CA LEU C 442 66.62 -26.55 2.80
C LEU C 442 65.90 -25.21 2.77
N SER C 443 64.62 -25.19 3.16
CA SER C 443 63.88 -23.94 3.19
C SER C 443 64.45 -22.97 4.21
N HIS C 444 64.78 -23.47 5.40
CA HIS C 444 65.37 -22.61 6.42
C HIS C 444 66.73 -22.07 5.97
N TYR C 445 67.53 -22.91 5.30
CA TYR C 445 68.81 -22.48 4.77
C TYR C 445 68.64 -21.39 3.72
N ASN C 446 67.65 -21.54 2.84
CA ASN C 446 67.40 -20.52 1.83
C ASN C 446 66.95 -19.21 2.47
N ILE C 447 66.09 -19.29 3.50
CA ILE C 447 65.68 -18.08 4.21
C ILE C 447 66.88 -17.39 4.85
N TRP C 448 67.76 -18.18 5.46
CA TRP C 448 68.95 -17.60 6.09
C TRP C 448 69.84 -16.93 5.05
N LYS C 449 70.02 -17.58 3.90
CA LYS C 449 70.82 -17.00 2.83
C LYS C 449 70.22 -15.68 2.35
N GLU C 450 68.89 -15.63 2.22
CA GLU C 450 68.25 -14.41 1.78
C GLU C 450 68.43 -13.28 2.79
N VAL C 451 68.26 -13.59 4.08
CA VAL C 451 68.40 -12.54 5.10
C VAL C 451 69.85 -12.07 5.17
N VAL C 452 70.81 -12.95 4.89
CA VAL C 452 72.21 -12.54 4.84
C VAL C 452 72.46 -11.65 3.63
N ASP C 453 71.92 -12.03 2.48
CA ASP C 453 72.20 -11.29 1.24
C ASP C 453 71.60 -9.89 1.29
N ARG C 454 70.36 -9.77 1.75
CA ARG C 454 69.72 -8.46 1.78
C ARG C 454 70.06 -7.66 3.02
N GLY C 455 70.75 -8.25 3.99
CA GLY C 455 71.26 -7.53 5.15
C GLY C 455 70.22 -6.98 6.09
N LEU C 456 69.16 -7.74 6.36
CA LEU C 456 68.16 -7.31 7.33
C LEU C 456 68.70 -7.47 8.75
N GLN C 457 68.50 -6.44 9.57
CA GLN C 457 68.95 -6.51 10.96
C GLN C 457 68.27 -7.65 11.71
N LYS C 458 66.95 -7.79 11.52
CA LYS C 458 66.21 -8.87 12.17
C LYS C 458 65.07 -9.28 11.26
N SER C 459 64.58 -10.50 11.48
CA SER C 459 63.43 -11.02 10.73
C SER C 459 62.74 -12.07 11.58
N LEU C 460 61.50 -12.35 11.22
CA LEU C 460 60.67 -13.32 11.93
C LEU C 460 60.26 -14.42 10.98
N VAL C 461 60.41 -15.67 11.42
CA VAL C 461 60.18 -16.84 10.59
C VAL C 461 59.09 -17.70 11.25
N PHE C 462 58.22 -18.29 10.43
CA PHE C 462 57.04 -18.97 10.93
C PHE C 462 56.96 -20.41 10.44
N GLU C 463 55.81 -21.05 10.67
CA GLU C 463 55.53 -22.39 10.18
C GLU C 463 54.06 -22.43 9.79
N ASP C 464 53.50 -23.63 9.65
CA ASP C 464 52.14 -23.80 9.16
C ASP C 464 51.14 -24.23 10.23
N ASP C 465 51.53 -24.46 11.48
CA ASP C 465 50.60 -25.00 12.50
C ASP C 465 50.78 -24.25 13.80
N LEU C 466 50.25 -23.04 13.97
CA LEU C 466 50.51 -22.12 15.06
C LEU C 466 49.21 -21.83 15.81
N ARG C 467 49.35 -21.47 17.08
CA ARG C 467 48.21 -21.05 17.89
C ARG C 467 48.69 -19.90 18.76
N PHE C 468 48.50 -18.68 18.27
CA PHE C 468 49.01 -17.50 18.95
C PHE C 468 48.36 -17.33 20.31
N GLU C 469 49.09 -16.76 21.25
CA GLU C 469 48.57 -16.47 22.58
C GLU C 469 48.00 -15.06 22.63
N ILE C 470 47.34 -14.75 23.75
CA ILE C 470 46.66 -13.47 23.88
C ILE C 470 47.68 -12.34 23.92
N PHE C 471 47.34 -11.23 23.28
CA PHE C 471 48.24 -10.07 23.17
C PHE C 471 49.58 -10.45 22.55
N PHE C 472 49.54 -11.29 21.52
CA PHE C 472 50.78 -11.72 20.88
C PHE C 472 51.54 -10.55 20.28
N LYS C 473 50.87 -9.75 19.45
CA LYS C 473 51.55 -8.66 18.77
C LYS C 473 52.17 -7.69 19.77
N ARG C 474 51.38 -7.20 20.72
CA ARG C 474 51.85 -6.17 21.63
C ARG C 474 52.96 -6.68 22.54
N ARG C 475 52.82 -7.92 23.03
CA ARG C 475 53.86 -8.49 23.87
C ARG C 475 55.17 -8.64 23.10
N LEU C 476 55.08 -9.09 21.85
CA LEU C 476 56.29 -9.23 21.03
C LEU C 476 56.93 -7.87 20.77
N MET C 477 56.13 -6.86 20.45
CA MET C 477 56.67 -5.51 20.27
C MET C 477 57.39 -5.04 21.52
N ASN C 478 56.75 -5.16 22.68
CA ASN C 478 57.36 -4.66 23.91
C ASN C 478 58.65 -5.39 24.22
N LEU C 479 58.65 -6.72 24.09
CA LEU C 479 59.86 -7.49 24.40
C LEU C 479 61.00 -7.12 23.46
N MET C 480 60.71 -7.02 22.16
CA MET C 480 61.79 -6.70 21.22
C MET C 480 62.29 -5.28 21.41
N ARG C 481 61.40 -4.34 21.71
CA ARG C 481 61.85 -2.99 22.02
C ARG C 481 62.75 -2.99 23.25
N ASP C 482 62.39 -3.75 24.29
CA ASP C 482 63.21 -3.79 25.48
C ASP C 482 64.59 -4.37 25.20
N VAL C 483 64.66 -5.49 24.48
CA VAL C 483 65.96 -6.11 24.25
C VAL C 483 66.82 -5.24 23.35
N GLU C 484 66.22 -4.59 22.35
CA GLU C 484 67.01 -3.71 21.49
C GLU C 484 67.48 -2.47 22.23
N ARG C 485 66.62 -1.90 23.09
CA ARG C 485 67.02 -0.71 23.83
C ARG C 485 68.14 -1.02 24.81
N GLU C 486 68.06 -2.14 25.53
CA GLU C 486 69.10 -2.48 26.48
C GLU C 486 70.41 -2.78 25.77
N GLY C 487 70.38 -3.62 24.74
CA GLY C 487 71.56 -3.91 23.95
C GLY C 487 72.38 -5.05 24.46
N LEU C 488 72.56 -6.09 23.63
CA LEU C 488 73.40 -7.24 23.96
C LEU C 488 73.60 -8.05 22.70
N ASP C 489 74.30 -9.18 22.85
CA ASP C 489 74.69 -10.01 21.72
C ASP C 489 73.64 -11.06 21.38
N TRP C 490 72.40 -10.64 21.16
CA TRP C 490 71.33 -11.57 20.84
C TRP C 490 71.43 -12.03 19.39
N ASP C 491 71.18 -13.32 19.16
CA ASP C 491 71.18 -13.89 17.81
C ASP C 491 69.88 -14.58 17.45
N LEU C 492 69.34 -15.43 18.33
CA LEU C 492 68.30 -16.39 17.95
C LEU C 492 67.19 -16.44 18.99
N ILE C 493 66.61 -15.29 19.35
CA ILE C 493 65.52 -15.29 20.31
C ILE C 493 64.43 -16.26 19.89
N TYR C 494 64.25 -17.32 20.67
CA TYR C 494 63.19 -18.29 20.44
C TYR C 494 61.86 -17.71 20.87
N VAL C 495 60.79 -18.13 20.21
CA VAL C 495 59.45 -17.78 20.67
C VAL C 495 58.54 -18.99 20.85
N GLY C 496 58.77 -20.10 20.15
CA GLY C 496 58.07 -21.34 20.43
C GLY C 496 59.01 -22.52 20.46
N ARG C 497 58.99 -23.30 21.53
CA ARG C 497 59.93 -24.40 21.70
C ARG C 497 59.34 -25.41 22.68
N LYS C 498 60.11 -26.48 22.94
CA LYS C 498 59.72 -27.53 23.87
C LYS C 498 60.88 -27.78 24.82
N ARG C 499 60.59 -27.83 26.12
CA ARG C 499 61.64 -28.02 27.12
C ARG C 499 61.59 -29.41 27.73
N MET C 500 62.42 -30.33 27.23
CA MET C 500 62.46 -31.66 27.82
C MET C 500 63.40 -31.71 29.02
N GLN C 501 64.33 -30.74 29.11
CA GLN C 501 65.30 -30.69 30.19
C GLN C 501 64.66 -30.14 31.46
N VAL C 502 63.71 -30.92 31.99
CA VAL C 502 63.00 -30.52 33.20
C VAL C 502 63.92 -30.73 34.41
N GLU C 503 64.29 -29.64 35.05
CA GLU C 503 65.21 -29.65 36.18
C GLU C 503 65.08 -28.31 36.90
N HIS C 504 66.05 -28.00 37.75
CA HIS C 504 66.16 -26.70 38.40
C HIS C 504 66.20 -25.62 37.32
N PRO C 505 65.69 -24.41 37.58
CA PRO C 505 65.47 -23.45 36.49
C PRO C 505 66.77 -22.92 35.89
N GLU C 506 66.64 -22.20 34.79
CA GLU C 506 67.78 -21.64 34.06
C GLU C 506 67.99 -20.18 34.43
N LYS C 507 69.19 -19.70 34.18
CA LYS C 507 69.54 -18.34 34.54
C LYS C 507 68.72 -17.34 33.73
N ALA C 508 68.41 -16.21 34.34
CA ALA C 508 67.66 -15.13 33.70
C ALA C 508 68.60 -13.96 33.43
N VAL C 509 68.53 -13.43 32.22
CA VAL C 509 69.40 -12.31 31.84
C VAL C 509 69.07 -11.10 32.70
N PRO C 510 70.06 -10.44 33.30
CA PRO C 510 69.76 -9.27 34.14
C PRO C 510 69.24 -8.10 33.32
N ARG C 511 68.56 -7.19 34.02
CA ARG C 511 68.09 -5.90 33.49
C ARG C 511 67.26 -6.06 32.21
N VAL C 512 66.69 -7.23 31.98
CA VAL C 512 65.71 -7.46 30.92
C VAL C 512 64.57 -8.27 31.50
N ARG C 513 63.42 -8.23 30.85
CA ARG C 513 62.22 -8.88 31.33
C ARG C 513 61.72 -9.91 30.32
N ASN C 514 61.13 -10.99 30.82
CA ASN C 514 60.48 -12.03 30.05
C ASN C 514 61.43 -12.80 29.14
N LEU C 515 62.74 -12.71 29.37
CA LEU C 515 63.72 -13.44 28.58
C LEU C 515 64.55 -14.35 29.48
N VAL C 516 64.82 -15.56 29.01
CA VAL C 516 65.62 -16.52 29.75
C VAL C 516 66.69 -17.08 28.81
N GLU C 517 67.76 -17.59 29.41
CA GLU C 517 68.84 -18.21 28.66
C GLU C 517 68.36 -19.50 28.01
N ALA C 518 68.88 -19.78 26.82
CA ALA C 518 68.44 -20.93 26.05
C ALA C 518 68.96 -22.24 26.64
N ASP C 519 68.33 -23.33 26.23
CA ASP C 519 68.70 -24.66 26.68
C ASP C 519 68.38 -25.65 25.56
N TYR C 520 68.30 -26.93 25.89
CA TYR C 520 67.93 -27.94 24.92
C TYR C 520 66.45 -27.81 24.56
N SER C 521 66.15 -27.82 23.26
CA SER C 521 64.77 -27.62 22.84
C SER C 521 64.59 -28.09 21.40
N TYR C 522 63.51 -28.85 21.17
CA TYR C 522 63.06 -29.15 19.82
C TYR C 522 62.04 -28.09 19.41
N TRP C 523 61.38 -28.31 18.27
CA TRP C 523 60.25 -27.48 17.81
C TRP C 523 60.67 -26.05 17.49
N THR C 524 61.36 -25.90 16.37
CA THR C 524 61.66 -24.56 15.88
C THR C 524 60.47 -23.97 15.10
N LEU C 525 59.34 -23.81 15.79
CA LEU C 525 58.14 -23.27 15.14
C LEU C 525 58.38 -21.85 14.63
N ALA C 526 58.99 -21.02 15.44
CA ALA C 526 59.26 -19.64 15.05
C ALA C 526 60.47 -19.13 15.83
N TYR C 527 61.24 -18.26 15.21
CA TYR C 527 62.44 -17.72 15.85
C TYR C 527 62.83 -16.41 15.18
N VAL C 528 63.31 -15.45 15.96
CA VAL C 528 63.74 -14.17 15.42
C VAL C 528 65.21 -14.23 15.08
N ILE C 529 65.53 -14.31 13.79
CA ILE C 529 66.92 -14.38 13.35
C ILE C 529 67.51 -12.98 13.28
N SER C 530 68.81 -12.88 13.52
CA SER C 530 69.55 -11.63 13.39
C SER C 530 70.54 -11.72 12.24
N LEU C 531 71.14 -10.58 11.91
CA LEU C 531 72.16 -10.56 10.87
C LEU C 531 73.45 -11.21 11.35
N GLN C 532 73.91 -10.86 12.55
CA GLN C 532 75.14 -11.44 13.07
C GLN C 532 74.99 -12.94 13.29
N GLY C 533 73.86 -13.36 13.87
CA GLY C 533 73.63 -14.78 14.06
C GLY C 533 73.53 -15.55 12.76
N ALA C 534 72.83 -14.99 11.77
CA ALA C 534 72.73 -15.65 10.48
C ALA C 534 74.10 -15.75 9.81
N ARG C 535 74.91 -14.70 9.92
CA ARG C 535 76.25 -14.73 9.33
C ARG C 535 77.10 -15.81 10.00
N LYS C 536 77.04 -15.90 11.33
CA LYS C 536 77.79 -16.95 12.02
C LYS C 536 77.32 -18.33 11.61
N LEU C 537 76.01 -18.53 11.50
CA LEU C 537 75.49 -19.84 11.11
C LEU C 537 75.89 -20.20 9.69
N LEU C 538 75.88 -19.23 8.78
CA LEU C 538 76.34 -19.52 7.43
C LEU C 538 77.84 -19.82 7.40
N ALA C 539 78.62 -19.09 8.19
CA ALA C 539 80.06 -19.36 8.24
C ALA C 539 80.35 -20.73 8.82
N ALA C 540 79.45 -21.24 9.67
CA ALA C 540 79.61 -22.61 10.15
C ALA C 540 79.56 -23.61 9.00
N GLU C 541 78.93 -23.25 7.89
CA GLU C 541 78.88 -24.03 6.65
C GLU C 541 78.27 -25.41 6.89
N PRO C 542 76.95 -25.50 7.07
CA PRO C 542 76.29 -26.79 7.34
C PRO C 542 75.83 -27.53 6.09
N LEU C 543 76.66 -27.52 5.05
CA LEU C 543 76.30 -28.19 3.81
C LEU C 543 76.61 -29.68 3.84
N SER C 544 77.76 -30.06 4.40
CA SER C 544 78.20 -31.45 4.48
C SER C 544 77.86 -32.11 5.81
N LYS C 545 76.98 -31.49 6.60
CA LYS C 545 76.47 -32.09 7.83
C LYS C 545 74.95 -31.93 7.82
N MET C 546 74.24 -33.04 7.70
CA MET C 546 72.79 -33.05 7.59
C MET C 546 72.18 -33.57 8.89
N LEU C 547 71.23 -32.80 9.44
CA LEU C 547 70.49 -33.23 10.63
C LEU C 547 69.25 -32.37 10.76
N PRO C 548 68.23 -32.81 11.50
CA PRO C 548 67.05 -31.98 11.71
C PRO C 548 67.39 -30.69 12.44
N VAL C 549 66.68 -29.61 12.09
CA VAL C 549 66.99 -28.28 12.62
C VAL C 549 66.75 -28.21 14.12
N ASP C 550 65.73 -28.90 14.62
CA ASP C 550 65.44 -28.89 16.05
C ASP C 550 66.57 -29.53 16.86
N GLU C 551 67.29 -30.47 16.26
CA GLU C 551 68.51 -30.99 16.86
C GLU C 551 69.75 -30.24 16.41
N PHE C 552 69.66 -29.48 15.32
CA PHE C 552 70.79 -28.67 14.87
C PHE C 552 71.03 -27.52 15.84
N LEU C 553 70.04 -26.65 16.00
CA LEU C 553 70.25 -25.41 16.74
C LEU C 553 70.85 -25.61 18.13
N PRO C 554 70.44 -26.59 18.95
CA PRO C 554 71.09 -26.76 20.26
C PRO C 554 72.56 -27.11 20.17
N VAL C 555 73.03 -27.63 19.04
CA VAL C 555 74.45 -27.96 18.92
C VAL C 555 75.31 -26.70 18.92
N MET C 556 74.83 -25.64 18.28
CA MET C 556 75.66 -24.48 18.00
C MET C 556 75.72 -23.46 19.13
N PHE C 557 75.08 -23.71 20.27
CA PHE C 557 75.30 -22.88 21.44
C PHE C 557 75.68 -23.70 22.67
N ASP C 558 76.33 -24.85 22.46
CA ASP C 558 76.91 -25.66 23.53
C ASP C 558 75.88 -26.04 24.58
N LYS C 559 74.83 -26.72 24.13
CA LYS C 559 73.83 -27.24 25.07
C LYS C 559 73.34 -28.63 24.70
N HIS C 560 73.86 -29.23 23.65
CA HIS C 560 73.50 -30.60 23.31
C HIS C 560 74.12 -31.57 24.32
N PRO C 561 73.41 -32.62 24.71
CA PRO C 561 73.95 -33.55 25.71
C PRO C 561 75.20 -34.30 25.24
N VAL C 562 75.11 -34.98 24.10
CA VAL C 562 76.21 -35.81 23.64
C VAL C 562 77.31 -34.93 23.07
N SER C 563 78.55 -35.18 23.49
CA SER C 563 79.68 -34.35 23.08
C SER C 563 80.30 -34.81 21.76
N GLU C 564 79.87 -35.94 21.20
CA GLU C 564 80.45 -36.39 19.93
C GLU C 564 80.07 -35.46 18.78
N TYR C 565 78.79 -35.10 18.69
CA TYR C 565 78.34 -34.21 17.63
C TYR C 565 78.99 -32.84 17.77
N LYS C 566 79.11 -32.35 19.01
CA LYS C 566 79.80 -31.09 19.26
C LYS C 566 81.26 -31.19 18.84
N ALA C 567 81.90 -32.33 19.11
CA ALA C 567 83.27 -32.53 18.67
C ALA C 567 83.37 -32.51 17.15
N HIS C 568 82.31 -32.96 16.46
CA HIS C 568 82.30 -32.89 15.01
C HIS C 568 82.23 -31.47 14.49
N PHE C 569 81.84 -30.51 15.33
CA PHE C 569 81.77 -29.10 14.96
C PHE C 569 82.91 -28.31 15.60
N SER C 570 83.09 -27.08 15.14
CA SER C 570 84.23 -26.26 15.53
C SER C 570 83.84 -25.05 16.36
N LEU C 571 82.96 -24.20 15.86
CA LEU C 571 82.59 -22.97 16.54
C LEU C 571 81.17 -23.05 17.06
N ARG C 572 80.95 -22.53 18.27
CA ARG C 572 79.64 -22.48 18.91
C ARG C 572 79.38 -21.08 19.45
N ASN C 573 79.71 -20.07 18.66
CA ASN C 573 79.62 -18.68 19.10
C ASN C 573 78.19 -18.13 19.07
N LEU C 574 77.17 -18.97 19.02
CA LEU C 574 75.80 -18.52 19.03
C LEU C 574 75.33 -18.28 20.48
N HIS C 575 74.62 -17.18 20.69
CA HIS C 575 74.01 -16.86 21.98
C HIS C 575 72.50 -16.83 21.79
N ALA C 576 71.87 -17.99 21.89
CA ALA C 576 70.43 -18.10 21.75
C ALA C 576 69.74 -17.65 23.03
N PHE C 577 68.47 -17.28 22.89
CA PHE C 577 67.64 -16.88 24.02
C PHE C 577 66.26 -17.49 23.82
N SER C 578 65.34 -17.19 24.73
CA SER C 578 63.96 -17.62 24.59
C SER C 578 63.10 -16.75 25.48
N VAL C 579 61.79 -16.99 25.40
CA VAL C 579 60.80 -16.27 26.19
C VAL C 579 60.19 -17.27 27.17
N GLU C 580 60.27 -16.97 28.47
CA GLU C 580 59.72 -17.89 29.47
C GLU C 580 58.21 -18.05 29.33
N PRO C 581 57.41 -16.99 29.28
CA PRO C 581 55.99 -17.18 28.96
C PRO C 581 55.80 -17.40 27.48
N LEU C 582 55.94 -18.66 27.04
CA LEU C 582 55.96 -19.00 25.62
C LEU C 582 54.75 -18.40 24.91
N LEU C 583 54.96 -17.98 23.67
CA LEU C 583 53.97 -17.23 22.92
C LEU C 583 53.23 -18.04 21.85
N ILE C 584 53.83 -19.11 21.34
CA ILE C 584 53.25 -19.86 20.23
C ILE C 584 53.31 -21.34 20.57
N TYR C 585 52.19 -22.04 20.34
CA TYR C 585 52.10 -23.47 20.55
C TYR C 585 51.61 -24.14 19.27
N PRO C 586 51.96 -25.41 19.06
CA PRO C 586 51.44 -26.12 17.88
C PRO C 586 49.96 -26.38 18.02
N THR C 587 49.28 -26.49 16.88
CA THR C 587 47.84 -26.69 16.90
C THR C 587 47.47 -28.13 17.26
N HIS C 588 48.27 -29.09 16.80
CA HIS C 588 47.96 -30.51 16.99
C HIS C 588 49.16 -31.24 17.56
N TYR C 589 48.94 -31.99 18.62
CA TYR C 589 49.97 -32.77 19.28
C TYR C 589 50.02 -34.19 18.72
N THR C 590 51.06 -34.92 19.10
CA THR C 590 51.19 -36.30 18.64
C THR C 590 50.11 -37.17 19.25
N GLY C 591 49.62 -38.12 18.45
CA GLY C 591 48.57 -39.01 18.90
C GLY C 591 47.25 -38.31 19.18
N ASP C 592 46.92 -37.29 18.41
CA ASP C 592 45.67 -36.55 18.56
C ASP C 592 44.89 -36.59 17.24
N ASP C 593 43.76 -35.87 17.22
CA ASP C 593 42.92 -35.83 16.04
C ASP C 593 43.46 -34.84 15.02
N GLY C 594 43.44 -35.23 13.76
CA GLY C 594 43.86 -34.34 12.70
C GLY C 594 45.36 -34.12 12.61
N TYR C 595 46.16 -34.99 13.19
CA TYR C 595 47.62 -34.86 13.12
C TYR C 595 48.12 -35.45 11.82
N VAL C 596 48.63 -34.59 10.95
CA VAL C 596 49.30 -35.00 9.71
C VAL C 596 50.66 -34.29 9.69
N SER C 597 51.72 -35.07 9.54
CA SER C 597 53.07 -34.50 9.56
C SER C 597 53.74 -34.67 8.21
N ASP C 598 54.18 -33.56 7.62
CA ASP C 598 54.89 -33.63 6.34
C ASP C 598 56.21 -34.36 6.48
N THR C 599 56.93 -34.13 7.57
CA THR C 599 58.16 -34.83 7.85
C THR C 599 57.87 -36.07 8.68
N GLU C 600 58.92 -36.68 9.26
CA GLU C 600 58.80 -37.85 10.12
C GLU C 600 58.29 -39.06 9.34
N THR C 601 57.02 -39.04 8.96
CA THR C 601 56.45 -40.14 8.16
C THR C 601 56.76 -39.87 6.68
N SER C 602 57.85 -40.49 6.23
CA SER C 602 58.32 -40.36 4.85
C SER C 602 59.33 -41.46 4.59
N VAL C 603 60.07 -41.33 3.49
CA VAL C 603 61.10 -42.28 3.12
C VAL C 603 62.45 -41.76 3.62
N VAL C 604 63.43 -42.67 3.70
CA VAL C 604 64.77 -42.29 4.10
C VAL C 604 65.39 -41.37 3.04
N TRP C 605 66.39 -40.60 3.47
CA TRP C 605 67.09 -39.71 2.53
C TRP C 605 67.73 -40.49 1.39
N ASN C 606 68.04 -41.76 1.60
CA ASN C 606 68.45 -42.67 0.55
C ASN C 606 67.35 -43.70 0.34
N ASN C 607 67.48 -44.48 -0.73
CA ASN C 607 66.59 -45.57 -1.15
C ASN C 607 65.15 -45.07 -1.33
N GLU C 608 64.23 -45.97 -1.68
CA GLU C 608 62.85 -45.56 -1.93
C GLU C 608 61.83 -46.57 -1.44
N HIS C 609 62.18 -47.44 -0.49
CA HIS C 609 61.24 -48.47 -0.05
C HIS C 609 61.25 -48.66 1.46
N VAL C 610 61.56 -47.61 2.21
CA VAL C 610 61.47 -47.63 3.67
C VAL C 610 60.62 -46.42 4.06
N LYS C 611 59.32 -46.62 4.17
CA LYS C 611 58.38 -45.57 4.54
C LYS C 611 57.99 -45.79 6.00
N THR C 612 58.62 -45.01 6.90
CA THR C 612 58.28 -45.10 8.31
C THR C 612 56.90 -44.53 8.57
N ASP C 613 56.07 -45.28 9.29
CA ASP C 613 54.73 -44.83 9.60
C ASP C 613 54.76 -43.82 10.76
N TRP C 614 53.62 -43.14 10.94
CA TRP C 614 53.46 -42.24 12.07
C TRP C 614 53.46 -43.06 13.36
N ASP C 615 54.33 -42.67 14.30
CA ASP C 615 54.55 -43.46 15.51
C ASP C 615 53.35 -43.31 16.44
N ARG C 616 52.67 -44.44 16.71
CA ARG C 616 51.53 -44.43 17.62
C ARG C 616 51.99 -44.54 19.07
N ALA C 617 52.68 -45.63 19.41
CA ALA C 617 53.12 -45.83 20.79
C ALA C 617 54.43 -45.11 21.08
N LYS C 618 55.37 -45.16 20.15
CA LYS C 618 56.68 -44.54 20.34
C LYS C 618 56.70 -43.12 19.76
N SER C 619 55.73 -42.32 20.18
CA SER C 619 55.62 -40.94 19.69
C SER C 619 56.73 -40.06 20.26
N GLN C 620 56.85 -40.04 21.59
CA GLN C 620 57.92 -39.36 22.32
C GLN C 620 57.89 -37.84 22.15
N LYS C 621 56.85 -37.27 21.56
CA LYS C 621 56.74 -35.83 21.38
C LYS C 621 55.33 -35.35 21.71
N MET C 622 54.78 -35.83 22.83
CA MET C 622 53.40 -35.52 23.15
C MET C 622 53.24 -34.06 23.56
N ARG C 623 53.85 -33.67 24.68
CA ARG C 623 53.76 -32.30 25.19
C ARG C 623 54.73 -32.13 26.34
N GLU C 624 55.29 -30.93 26.47
CA GLU C 624 56.22 -30.62 27.57
C GLU C 624 55.52 -29.82 28.67
N GLN C 625 54.19 -29.86 28.68
CA GLN C 625 53.40 -29.12 29.67
C GLN C 625 53.03 -29.96 30.88
N GLN C 626 52.40 -31.12 30.68
CA GLN C 626 52.14 -32.01 31.80
C GLN C 626 53.43 -32.59 32.37
N ALA C 627 54.42 -32.83 31.51
CA ALA C 627 55.72 -33.31 31.96
C ALA C 627 56.49 -32.26 32.75
N LEU C 628 56.08 -31.00 32.68
CA LEU C 628 56.71 -29.93 33.45
C LEU C 628 55.95 -29.60 34.73
N SER C 629 54.87 -30.32 35.02
CA SER C 629 54.04 -30.02 36.19
C SER C 629 54.77 -30.40 37.47
N ARG C 630 55.91 -29.77 37.73
CA ARG C 630 56.74 -30.07 38.89
C ARG C 630 57.45 -28.78 39.28
N GLU C 631 58.46 -28.90 40.15
CA GLU C 631 59.20 -27.74 40.63
C GLU C 631 60.11 -27.18 39.53
N ALA C 632 59.48 -26.76 38.45
CA ALA C 632 60.19 -26.08 37.36
C ALA C 632 60.55 -24.65 37.73
N LYS C 633 59.74 -24.03 38.59
CA LYS C 633 60.00 -22.71 39.14
C LYS C 633 60.10 -21.65 38.05
N ASN C 634 61.31 -21.17 37.77
CA ASN C 634 61.55 -20.04 36.87
C ASN C 634 60.79 -18.80 37.33
N SER C 635 60.63 -18.66 38.64
CA SER C 635 59.89 -17.55 39.22
C SER C 635 60.77 -16.33 39.49
N ASP C 636 62.09 -16.45 39.33
CA ASP C 636 62.99 -15.33 39.56
C ASP C 636 62.94 -14.31 38.43
N VAL C 637 62.29 -14.61 37.32
CA VAL C 637 62.23 -13.67 36.21
C VAL C 637 61.39 -12.46 36.58
N LEU C 638 61.60 -11.37 35.84
CA LEU C 638 60.84 -10.15 36.02
C LEU C 638 59.76 -10.11 34.94
N GLN C 639 58.50 -10.02 35.37
CA GLN C 639 57.37 -10.11 34.45
C GLN C 639 56.94 -8.72 33.99
N SER C 640 56.47 -8.65 32.75
CA SER C 640 55.95 -7.42 32.19
C SER C 640 54.61 -7.07 32.83
N PRO C 641 54.17 -5.82 32.72
CA PRO C 641 52.85 -5.46 33.26
C PRO C 641 51.71 -6.26 32.64
N LEU C 642 51.89 -6.80 31.44
CA LEU C 642 50.91 -7.70 30.85
C LEU C 642 51.06 -9.09 31.45
N ASP C 643 50.41 -10.08 30.83
CA ASP C 643 50.31 -11.44 31.36
C ASP C 643 49.69 -11.40 32.76
N SER C 644 48.46 -10.89 32.81
CA SER C 644 47.66 -10.83 34.03
C SER C 644 46.20 -10.56 33.67
N ALA C 645 45.30 -11.44 34.07
CA ALA C 645 43.90 -11.32 33.71
C ALA C 645 43.07 -12.12 34.71
N ALA C 646 41.83 -12.45 34.31
CA ALA C 646 40.95 -13.38 35.01
C ALA C 646 40.25 -12.72 36.20
N ARG C 647 39.18 -13.35 36.65
CA ARG C 647 38.36 -12.87 37.76
C ARG C 647 37.96 -14.10 38.58
N ASP C 648 36.95 -13.95 39.43
CA ASP C 648 36.57 -15.03 40.33
C ASP C 648 36.15 -16.26 39.54
N GLU C 649 37.04 -17.25 39.47
CA GLU C 649 36.91 -18.47 38.68
C GLU C 649 38.23 -19.22 38.63
N LEU C 650 39.34 -18.47 38.65
CA LEU C 650 40.67 -19.07 38.64
C LEU C 650 41.59 -18.37 39.63
N ALA D 64 32.35 -23.27 56.85
CA ALA D 64 31.16 -24.03 56.48
C ALA D 64 31.53 -25.27 55.67
N TYR D 65 30.68 -26.28 55.72
CA TYR D 65 30.91 -27.52 54.99
C TYR D 65 29.58 -28.21 54.75
N PHE D 66 29.62 -29.33 54.03
CA PHE D 66 28.46 -30.16 53.71
C PHE D 66 27.39 -29.35 52.99
N PRO D 67 27.64 -28.92 51.75
CA PRO D 67 26.61 -28.20 51.00
C PRO D 67 25.50 -29.13 50.56
N GLU D 68 24.32 -28.55 50.34
CA GLU D 68 23.15 -29.33 49.96
C GLU D 68 22.75 -29.06 48.51
N GLU D 69 21.85 -29.90 48.00
CA GLU D 69 21.29 -29.77 46.66
C GLU D 69 19.76 -29.88 46.77
N ARG D 70 19.21 -29.09 47.70
CA ARG D 70 17.84 -29.21 48.20
C ARG D 70 16.82 -29.62 47.15
N TRP D 71 16.03 -30.65 47.48
CA TRP D 71 15.01 -31.19 46.60
C TRP D 71 14.02 -30.12 46.17
N SER D 72 13.98 -29.84 44.86
CA SER D 72 13.08 -28.83 44.31
C SER D 72 12.40 -29.42 43.07
N PRO D 73 11.18 -29.92 43.20
CA PRO D 73 10.48 -30.51 42.05
C PRO D 73 10.01 -29.43 41.08
N GLU D 74 9.68 -29.86 39.88
CA GLU D 74 9.20 -28.96 38.85
C GLU D 74 7.85 -28.38 39.25
N SER D 75 7.69 -27.08 39.06
CA SER D 75 6.50 -26.36 39.47
C SER D 75 5.36 -26.59 38.48
N PRO D 76 4.11 -26.54 38.95
CA PRO D 76 2.98 -26.70 38.03
C PRO D 76 2.89 -25.56 37.03
N LEU D 77 2.38 -25.89 35.85
CA LEU D 77 2.22 -24.89 34.81
C LEU D 77 1.09 -23.92 35.17
N GLN D 78 1.09 -22.78 34.50
CA GLN D 78 0.07 -21.75 34.71
C GLN D 78 -1.10 -21.97 33.79
N ALA D 79 -2.27 -21.51 34.22
CA ALA D 79 -3.48 -21.65 33.42
C ALA D 79 -3.34 -20.85 32.12
N PRO D 80 -3.86 -21.38 31.02
CA PRO D 80 -3.65 -20.72 29.72
C PRO D 80 -4.31 -19.35 29.66
N ARG D 81 -3.70 -18.47 28.88
CA ARG D 81 -4.21 -17.12 28.69
C ARG D 81 -5.46 -17.14 27.82
N VAL D 82 -6.33 -16.16 28.03
CA VAL D 82 -7.54 -16.02 27.23
C VAL D 82 -7.77 -14.54 26.95
N LEU D 83 -8.40 -14.25 25.81
CA LEU D 83 -8.91 -12.93 25.50
C LEU D 83 -10.42 -13.03 25.31
N ILE D 84 -11.16 -12.07 25.86
CA ILE D 84 -12.62 -12.05 25.78
C ILE D 84 -13.04 -10.84 24.97
N ALA D 85 -13.77 -11.08 23.88
CA ALA D 85 -14.14 -10.02 22.95
C ALA D 85 -15.64 -9.82 22.98
N LEU D 86 -16.07 -8.59 23.24
CA LEU D 86 -17.48 -8.22 23.31
C LEU D 86 -17.82 -7.19 22.24
N LEU D 87 -19.02 -7.32 21.69
CA LEU D 87 -19.56 -6.38 20.70
C LEU D 87 -20.97 -6.02 21.15
N ALA D 88 -21.14 -4.79 21.62
CA ALA D 88 -22.41 -4.35 22.20
C ALA D 88 -23.00 -3.21 21.39
N ARG D 89 -24.32 -3.24 21.21
CA ARG D 89 -25.03 -2.19 20.49
C ARG D 89 -26.51 -2.31 20.84
N ASN D 90 -27.09 -1.25 21.40
CA ASN D 90 -28.45 -1.28 21.94
C ASN D 90 -28.64 -2.44 22.91
N ALA D 91 -27.68 -2.60 23.82
CA ALA D 91 -27.67 -3.71 24.77
C ALA D 91 -27.64 -3.24 26.22
N ALA D 92 -28.31 -2.14 26.53
CA ALA D 92 -28.32 -1.65 27.90
C ALA D 92 -29.14 -2.54 28.82
N HIS D 93 -30.22 -3.12 28.30
CA HIS D 93 -31.11 -3.94 29.12
C HIS D 93 -30.43 -5.20 29.62
N ALA D 94 -29.59 -5.82 28.79
CA ALA D 94 -29.02 -7.13 29.08
C ALA D 94 -27.68 -7.08 29.79
N LEU D 95 -26.99 -5.94 29.75
CA LEU D 95 -25.58 -5.92 30.17
C LEU D 95 -25.35 -6.31 31.63
N PRO D 96 -26.10 -5.83 32.62
CA PRO D 96 -25.79 -6.21 34.01
C PRO D 96 -25.76 -7.72 34.26
N THR D 97 -26.80 -8.44 33.82
CA THR D 97 -26.87 -9.88 34.13
C THR D 97 -25.76 -10.65 33.45
N THR D 98 -25.54 -10.41 32.15
CA THR D 98 -24.53 -11.17 31.43
C THR D 98 -23.13 -10.81 31.90
N LEU D 99 -22.89 -9.54 32.22
CA LEU D 99 -21.57 -9.15 32.72
C LEU D 99 -21.31 -9.76 34.09
N GLY D 100 -22.31 -9.81 34.96
CA GLY D 100 -22.16 -10.50 36.22
C GLY D 100 -21.89 -11.98 36.04
N ALA D 101 -22.56 -12.60 35.07
CA ALA D 101 -22.32 -14.01 34.79
C ALA D 101 -20.90 -14.26 34.27
N LEU D 102 -20.39 -13.38 33.41
CA LEU D 102 -19.06 -13.54 32.84
C LEU D 102 -17.95 -13.18 33.83
N GLU D 103 -18.23 -12.33 34.81
CA GLU D 103 -17.22 -11.97 35.79
C GLU D 103 -16.85 -13.12 36.72
N ARG D 104 -17.73 -14.12 36.86
CA ARG D 104 -17.52 -15.21 37.80
C ARG D 104 -16.94 -16.46 37.16
N LEU D 105 -16.43 -16.36 35.94
CA LEU D 105 -15.81 -17.50 35.29
C LEU D 105 -14.65 -18.01 36.12
N ARG D 106 -14.58 -19.33 36.31
CA ARG D 106 -13.51 -19.95 37.09
C ARG D 106 -12.24 -19.98 36.23
N HIS D 107 -11.56 -18.83 36.20
CA HIS D 107 -10.34 -18.67 35.47
C HIS D 107 -9.61 -17.55 36.19
N PRO D 108 -8.29 -17.64 36.35
CA PRO D 108 -7.56 -16.58 37.06
C PRO D 108 -7.75 -15.24 36.37
N ARG D 109 -7.88 -14.19 37.19
CA ARG D 109 -8.15 -12.87 36.64
C ARG D 109 -6.90 -12.20 36.09
N GLU D 110 -5.71 -12.71 36.38
CA GLU D 110 -4.48 -12.17 35.83
C GLU D 110 -4.10 -12.80 34.50
N ARG D 111 -4.85 -13.79 34.03
CA ARG D 111 -4.62 -14.44 32.75
C ARG D 111 -5.79 -14.19 31.81
N THR D 112 -6.27 -12.95 31.75
CA THR D 112 -7.42 -12.62 30.94
C THR D 112 -7.31 -11.17 30.48
N ALA D 113 -7.82 -10.90 29.28
CA ALA D 113 -7.83 -9.54 28.74
C ALA D 113 -9.18 -9.29 28.08
N LEU D 114 -9.51 -8.01 27.92
CA LEU D 114 -10.82 -7.60 27.44
C LEU D 114 -10.69 -6.80 26.15
N TRP D 115 -11.73 -6.87 25.33
CA TRP D 115 -11.78 -6.12 24.07
C TRP D 115 -13.17 -5.55 23.83
N VAL D 116 -13.73 -4.85 24.82
CA VAL D 116 -15.04 -4.25 24.63
C VAL D 116 -14.99 -3.20 23.52
N ALA D 117 -16.00 -3.19 22.66
CA ALA D 117 -16.04 -2.25 21.55
C ALA D 117 -17.49 -1.99 21.18
N THR D 118 -17.99 -0.79 21.50
CA THR D 118 -19.38 -0.44 21.32
C THR D 118 -19.52 0.78 20.42
N ASP D 119 -20.65 0.85 19.71
CA ASP D 119 -20.92 1.95 18.79
C ASP D 119 -22.34 1.82 18.27
N HIS D 120 -22.79 2.87 17.57
CA HIS D 120 -24.06 2.88 16.84
C HIS D 120 -25.25 2.55 17.73
N ASN D 121 -25.27 3.07 18.95
CA ASN D 121 -26.32 2.71 19.89
C ASN D 121 -27.26 3.88 20.15
N MET D 122 -28.48 3.54 20.58
CA MET D 122 -29.50 4.53 20.95
C MET D 122 -29.47 4.80 22.44
N ASP D 123 -29.51 3.74 23.26
CA ASP D 123 -29.56 3.90 24.71
C ASP D 123 -28.17 4.15 25.27
N ASN D 124 -28.04 4.14 26.60
CA ASN D 124 -26.80 4.51 27.28
C ASN D 124 -25.93 3.29 27.59
N THR D 125 -25.83 2.35 26.64
CA THR D 125 -24.93 1.21 26.81
C THR D 125 -23.49 1.65 27.01
N SER D 126 -23.08 2.75 26.36
CA SER D 126 -21.71 3.22 26.51
C SER D 126 -21.40 3.63 27.94
N THR D 127 -22.35 4.32 28.59
CA THR D 127 -22.12 4.77 29.97
C THR D 127 -21.93 3.59 30.91
N VAL D 128 -22.81 2.59 30.83
CA VAL D 128 -22.73 1.45 31.73
C VAL D 128 -21.49 0.61 31.44
N LEU D 129 -21.16 0.43 30.16
CA LEU D 129 -19.94 -0.29 29.81
C LEU D 129 -18.71 0.43 30.35
N ARG D 130 -18.67 1.75 30.22
CA ARG D 130 -17.55 2.53 30.73
C ARG D 130 -17.44 2.41 32.25
N GLU D 131 -18.58 2.46 32.95
CA GLU D 131 -18.55 2.32 34.40
C GLU D 131 -18.01 0.96 34.81
N TRP D 132 -18.49 -0.10 34.16
CA TRP D 132 -18.03 -1.44 34.51
C TRP D 132 -16.54 -1.59 34.23
N LEU D 133 -16.07 -1.06 33.07
CA LEU D 133 -14.65 -1.09 32.77
C LEU D 133 -13.84 -0.39 33.85
N VAL D 134 -14.23 0.85 34.18
CA VAL D 134 -13.48 1.62 35.16
C VAL D 134 -13.42 0.90 36.50
N ALA D 135 -14.51 0.25 36.89
CA ALA D 135 -14.51 -0.48 38.15
C ALA D 135 -13.61 -1.72 38.07
N VAL D 136 -13.56 -2.38 36.92
CA VAL D 136 -12.92 -3.69 36.80
C VAL D 136 -11.59 -3.63 36.07
N LYS D 137 -11.14 -2.43 35.67
CA LYS D 137 -9.89 -2.32 34.90
C LYS D 137 -8.68 -2.78 35.69
N SER D 138 -8.70 -2.67 37.02
CA SER D 138 -7.52 -2.98 37.81
C SER D 138 -7.20 -4.47 37.82
N LEU D 139 -8.21 -5.32 37.93
CA LEU D 139 -7.95 -6.75 38.12
C LEU D 139 -7.40 -7.40 36.85
N TYR D 140 -7.98 -7.10 35.69
CA TYR D 140 -7.64 -7.80 34.47
C TYR D 140 -6.27 -7.34 33.94
N HIS D 141 -5.75 -8.13 33.01
CA HIS D 141 -4.40 -7.87 32.50
C HIS D 141 -4.36 -6.58 31.71
N SER D 142 -5.11 -6.51 30.61
CA SER D 142 -5.15 -5.31 29.79
C SER D 142 -6.52 -5.19 29.16
N VAL D 143 -7.12 -4.01 29.27
CA VAL D 143 -8.45 -3.76 28.73
C VAL D 143 -8.34 -2.76 27.59
N GLU D 144 -9.12 -3.01 26.54
CA GLU D 144 -9.20 -2.14 25.39
C GLU D 144 -10.57 -1.47 25.41
N TRP D 145 -10.71 -0.39 24.63
CA TRP D 145 -11.96 0.36 24.63
C TRP D 145 -12.02 1.21 23.38
N ARG D 146 -13.00 0.95 22.52
CA ARG D 146 -13.13 1.62 21.22
C ARG D 146 -14.53 2.18 21.06
N PRO D 147 -14.81 3.35 21.65
CA PRO D 147 -16.12 3.97 21.48
C PRO D 147 -16.19 4.80 20.20
N ALA D 148 -17.33 4.67 19.53
CA ALA D 148 -17.62 5.38 18.28
C ALA D 148 -19.04 5.92 18.32
N GLU D 149 -19.35 6.71 19.37
CA GLU D 149 -20.72 7.12 19.66
C GLU D 149 -21.48 7.66 18.46
N GLU D 150 -20.82 8.49 17.64
CA GLU D 150 -21.51 9.02 16.47
C GLU D 150 -21.05 8.33 15.19
N PRO D 151 -21.95 8.07 14.24
CA PRO D 151 -23.40 8.37 14.23
C PRO D 151 -24.20 7.41 15.09
N ARG D 152 -25.53 7.46 14.99
CA ARG D 152 -26.40 6.63 15.81
C ARG D 152 -27.24 5.65 14.98
N SER D 153 -27.10 5.66 13.66
CA SER D 153 -27.85 4.76 12.80
C SER D 153 -27.19 4.69 11.44
N TYR D 154 -27.35 3.56 10.77
CA TYR D 154 -26.89 3.43 9.40
C TYR D 154 -27.85 4.18 8.46
N PRO D 155 -27.33 4.77 7.39
CA PRO D 155 -28.20 5.52 6.46
C PRO D 155 -29.28 4.67 5.82
N ASP D 156 -28.86 3.62 5.11
CA ASP D 156 -29.78 2.81 4.30
C ASP D 156 -30.27 1.59 5.10
N GLU D 157 -30.94 1.87 6.21
CA GLU D 157 -31.55 0.84 7.04
C GLU D 157 -32.98 1.24 7.38
N GLU D 158 -33.87 0.25 7.44
CA GLU D 158 -35.27 0.53 7.77
C GLU D 158 -35.44 0.74 9.27
N GLY D 159 -34.72 -0.04 10.07
CA GLY D 159 -34.81 0.04 11.51
C GLY D 159 -33.61 -0.56 12.19
N PRO D 160 -33.63 -0.57 13.53
CA PRO D 160 -32.47 -1.11 14.27
C PRO D 160 -32.22 -2.58 14.04
N LYS D 161 -33.22 -3.34 13.59
CA LYS D 161 -33.07 -4.76 13.33
C LYS D 161 -32.89 -5.07 11.85
N HIS D 162 -32.75 -4.05 11.00
CA HIS D 162 -32.52 -4.28 9.59
C HIS D 162 -31.04 -4.51 9.35
N TRP D 163 -30.69 -5.69 8.82
CA TRP D 163 -29.29 -6.06 8.58
C TRP D 163 -28.90 -5.62 7.17
N SER D 164 -28.59 -4.33 7.05
CA SER D 164 -28.09 -3.79 5.82
C SER D 164 -26.66 -4.28 5.55
N ASP D 165 -26.23 -4.14 4.30
CA ASP D 165 -24.89 -4.60 3.94
C ASP D 165 -23.80 -3.84 4.69
N SER D 166 -24.05 -2.57 5.00
CA SER D 166 -23.07 -1.79 5.77
C SER D 166 -22.91 -2.35 7.17
N ARG D 167 -24.01 -2.77 7.80
CA ARG D 167 -23.94 -3.38 9.12
C ARG D 167 -23.11 -4.66 9.08
N TYR D 168 -23.35 -5.49 8.06
CA TYR D 168 -22.53 -6.69 7.87
C TYR D 168 -21.06 -6.32 7.76
N GLU D 169 -20.74 -5.34 6.91
CA GLU D 169 -19.36 -4.94 6.70
C GLU D 169 -18.71 -4.48 8.00
N HIS D 170 -19.44 -3.68 8.78
CA HIS D 170 -18.91 -3.21 10.05
C HIS D 170 -18.62 -4.35 11.00
N VAL D 171 -19.52 -5.34 11.05
CA VAL D 171 -19.32 -6.49 11.94
C VAL D 171 -18.09 -7.28 11.49
N MET D 172 -17.94 -7.52 10.18
CA MET D 172 -16.75 -8.18 9.67
C MET D 172 -15.49 -7.47 10.10
N LYS D 173 -15.43 -6.15 9.86
CA LYS D 173 -14.22 -5.40 10.17
C LYS D 173 -13.91 -5.45 11.67
N LEU D 174 -14.94 -5.28 12.51
CA LEU D 174 -14.70 -5.30 13.95
C LEU D 174 -14.18 -6.64 14.42
N ARG D 175 -14.79 -7.74 13.96
CA ARG D 175 -14.35 -9.05 14.41
C ARG D 175 -12.94 -9.36 13.90
N GLN D 176 -12.65 -8.97 12.65
CA GLN D 176 -11.30 -9.19 12.13
C GLN D 176 -10.26 -8.39 12.91
N ALA D 177 -10.61 -7.16 13.30
CA ALA D 177 -9.71 -6.36 14.11
C ALA D 177 -9.48 -7.00 15.47
N ALA D 178 -10.54 -7.53 16.10
CA ALA D 178 -10.37 -8.22 17.36
C ALA D 178 -9.45 -9.43 17.22
N LEU D 179 -9.65 -10.23 16.18
CA LEU D 179 -8.81 -11.40 15.96
C LEU D 179 -7.35 -10.99 15.73
N LYS D 180 -7.13 -9.93 14.94
CA LYS D 180 -5.78 -9.48 14.66
C LYS D 180 -5.10 -8.94 15.91
N SER D 181 -5.83 -8.24 16.76
CA SER D 181 -5.26 -7.75 18.01
C SER D 181 -5.09 -8.86 19.04
N ALA D 182 -5.74 -10.01 18.84
CA ALA D 182 -5.52 -11.17 19.69
C ALA D 182 -4.30 -11.98 19.27
N ARG D 183 -3.80 -11.79 18.05
CA ARG D 183 -2.65 -12.50 17.54
C ARG D 183 -1.33 -11.78 17.79
N ASP D 184 -1.30 -10.47 17.67
CA ASP D 184 -0.12 -9.66 17.90
C ASP D 184 0.11 -9.38 19.38
N MET D 185 -0.51 -10.16 20.26
CA MET D 185 -0.43 -9.97 21.69
C MET D 185 0.02 -11.25 22.41
N TRP D 186 0.17 -12.35 21.66
CA TRP D 186 0.70 -13.61 22.18
C TRP D 186 -0.21 -14.19 23.25
N ALA D 187 -1.48 -14.34 22.90
CA ALA D 187 -2.47 -14.98 23.74
C ALA D 187 -3.13 -16.09 22.96
N ASP D 188 -3.05 -17.31 23.49
CA ASP D 188 -3.78 -18.43 22.93
C ASP D 188 -5.23 -18.40 23.38
N TYR D 189 -6.10 -18.96 22.54
CA TYR D 189 -7.55 -18.94 22.72
C TYR D 189 -8.11 -17.53 22.58
N ILE D 190 -9.34 -17.43 22.12
CA ILE D 190 -10.07 -16.17 22.11
C ILE D 190 -11.56 -16.49 22.12
N LEU D 191 -12.28 -15.94 23.09
CA LEU D 191 -13.66 -16.34 23.37
C LEU D 191 -14.59 -15.24 22.88
N PHE D 192 -15.27 -15.49 21.76
CA PHE D 192 -16.17 -14.49 21.19
C PHE D 192 -17.52 -14.59 21.86
N VAL D 193 -17.80 -13.65 22.77
CA VAL D 193 -19.09 -13.57 23.42
C VAL D 193 -19.80 -12.33 22.89
N ASP D 194 -21.13 -12.40 22.80
CA ASP D 194 -21.89 -11.22 22.38
C ASP D 194 -22.78 -10.73 23.52
N ALA D 195 -23.67 -9.79 23.21
CA ALA D 195 -24.39 -9.08 24.27
C ALA D 195 -25.39 -9.99 24.98
N ASP D 196 -26.21 -10.71 24.23
CA ASP D 196 -27.38 -11.36 24.80
C ASP D 196 -27.12 -12.77 25.33
N ASN D 197 -26.00 -13.39 24.98
CA ASN D 197 -25.73 -14.77 25.41
C ASN D 197 -25.41 -14.79 26.89
N LEU D 198 -26.16 -15.59 27.65
CA LEU D 198 -25.98 -15.69 29.09
C LEU D 198 -25.16 -16.94 29.39
N ILE D 199 -23.88 -16.76 29.69
CA ILE D 199 -23.00 -17.88 30.04
C ILE D 199 -23.19 -18.14 31.53
N LEU D 200 -23.89 -19.22 31.85
CA LEU D 200 -24.33 -19.46 33.22
C LEU D 200 -23.34 -20.34 33.97
N ASN D 201 -22.88 -21.41 33.34
CA ASN D 201 -21.98 -22.35 34.00
C ASN D 201 -20.62 -21.71 34.18
N PRO D 202 -20.11 -21.57 35.42
CA PRO D 202 -18.81 -20.93 35.62
C PRO D 202 -17.64 -21.70 35.03
N ASP D 203 -17.81 -22.99 34.72
CA ASP D 203 -16.73 -23.83 34.22
C ASP D 203 -16.76 -23.99 32.71
N THR D 204 -17.50 -23.14 32.00
CA THR D 204 -17.59 -23.27 30.55
C THR D 204 -16.23 -23.10 29.89
N LEU D 205 -15.47 -22.10 30.33
CA LEU D 205 -14.19 -21.82 29.69
C LEU D 205 -13.20 -22.97 29.89
N SER D 206 -13.12 -23.49 31.11
CA SER D 206 -12.18 -24.60 31.36
C SER D 206 -12.58 -25.85 30.59
N LEU D 207 -13.88 -26.15 30.55
CA LEU D 207 -14.33 -27.35 29.85
C LEU D 207 -14.18 -27.22 28.34
N LEU D 208 -14.21 -26.00 27.81
CA LEU D 208 -13.92 -25.83 26.39
C LEU D 208 -12.43 -25.89 26.13
N ILE D 209 -11.61 -25.41 27.07
CA ILE D 209 -10.16 -25.46 26.91
C ILE D 209 -9.68 -26.90 26.93
N ALA D 210 -10.31 -27.74 27.76
CA ALA D 210 -9.87 -29.11 27.97
C ALA D 210 -10.31 -30.06 26.86
N GLU D 211 -10.70 -29.55 25.69
CA GLU D 211 -11.15 -30.38 24.59
C GLU D 211 -10.12 -30.54 23.48
N ASN D 212 -9.15 -29.63 23.37
CA ASN D 212 -8.07 -29.72 22.40
C ASN D 212 -8.60 -29.77 20.96
N LYS D 213 -9.37 -28.75 20.61
CA LYS D 213 -9.83 -28.54 19.24
C LYS D 213 -9.55 -27.10 18.85
N THR D 214 -9.47 -26.84 17.54
CA THR D 214 -9.24 -25.49 17.08
C THR D 214 -10.45 -24.59 17.34
N VAL D 215 -11.60 -24.95 16.76
CA VAL D 215 -12.84 -24.20 16.94
C VAL D 215 -13.85 -25.12 17.61
N VAL D 216 -14.41 -24.68 18.73
CA VAL D 216 -15.40 -25.45 19.47
C VAL D 216 -16.36 -24.48 20.15
N ALA D 217 -17.65 -24.79 20.10
CA ALA D 217 -18.67 -23.90 20.61
C ALA D 217 -19.65 -24.66 21.49
N PRO D 218 -19.95 -24.18 22.69
CA PRO D 218 -20.93 -24.85 23.53
C PRO D 218 -22.31 -24.73 22.93
N MET D 219 -23.16 -25.70 23.23
CA MET D 219 -24.54 -25.68 22.75
C MET D 219 -25.38 -24.96 23.79
N LEU D 220 -25.98 -23.84 23.40
CA LEU D 220 -26.76 -23.02 24.31
C LEU D 220 -28.25 -23.31 24.14
N ASP D 221 -28.97 -23.34 25.26
CA ASP D 221 -30.39 -23.64 25.24
C ASP D 221 -31.19 -22.40 24.80
N SER D 222 -32.46 -22.64 24.49
CA SER D 222 -33.37 -21.58 24.07
C SER D 222 -34.80 -22.07 24.30
N ARG D 223 -35.75 -21.18 24.08
CA ARG D 223 -37.16 -21.51 24.29
C ARG D 223 -37.78 -22.27 23.13
N ALA D 224 -37.06 -22.41 22.02
CA ALA D 224 -37.56 -23.12 20.85
C ALA D 224 -36.49 -24.08 20.34
N ALA D 225 -36.68 -24.61 19.13
CA ALA D 225 -35.65 -25.44 18.51
C ALA D 225 -34.40 -24.64 18.15
N TYR D 226 -34.45 -23.31 18.20
CA TYR D 226 -33.30 -22.49 17.88
C TYR D 226 -32.14 -22.74 18.83
N SER D 227 -30.94 -22.79 18.27
CA SER D 227 -29.70 -22.87 19.03
C SER D 227 -28.61 -22.22 18.18
N ASN D 228 -27.35 -22.42 18.57
CA ASN D 228 -26.25 -21.74 17.92
C ASN D 228 -25.36 -22.72 17.14
N PHE D 229 -25.99 -23.61 16.37
CA PHE D 229 -25.26 -24.49 15.47
C PHE D 229 -26.21 -24.99 14.39
N TRP D 230 -25.67 -25.21 13.20
CA TRP D 230 -26.44 -25.75 12.09
C TRP D 230 -26.12 -27.23 11.90
N CYS D 231 -26.75 -27.84 10.88
CA CYS D 231 -26.42 -29.21 10.52
C CYS D 231 -26.44 -29.42 9.01
N GLY D 232 -26.37 -28.35 8.21
CA GLY D 232 -26.32 -28.51 6.77
C GLY D 232 -26.49 -27.24 5.98
N MET D 233 -25.80 -27.15 4.85
CA MET D 233 -25.93 -26.04 3.91
C MET D 233 -26.51 -26.57 2.61
N THR D 234 -27.53 -25.89 2.08
CA THR D 234 -28.28 -26.46 0.97
C THR D 234 -27.50 -26.36 -0.35
N SER D 235 -27.35 -25.14 -0.88
CA SER D 235 -26.51 -24.96 -2.06
C SER D 235 -25.60 -23.74 -1.92
N GLN D 236 -26.13 -22.67 -1.33
CA GLN D 236 -25.43 -21.40 -1.24
C GLN D 236 -25.35 -20.87 0.19
N GLY D 237 -25.26 -21.79 1.16
CA GLY D 237 -25.20 -21.38 2.55
C GLY D 237 -26.56 -21.01 3.12
N TYR D 238 -27.46 -21.98 3.19
CA TYR D 238 -28.75 -21.79 3.81
C TYR D 238 -29.05 -22.99 4.70
N TYR D 239 -29.90 -22.76 5.70
CA TYR D 239 -30.18 -23.79 6.68
C TYR D 239 -30.86 -25.00 6.04
N LYS D 240 -30.54 -26.19 6.53
CA LYS D 240 -31.21 -27.41 6.11
C LYS D 240 -31.26 -28.34 7.31
N ARG D 241 -32.44 -28.90 7.59
CA ARG D 241 -32.62 -29.73 8.77
C ARG D 241 -32.13 -31.15 8.46
N THR D 242 -30.99 -31.51 9.05
CA THR D 242 -30.52 -32.88 8.99
C THR D 242 -31.20 -33.70 10.09
N PRO D 243 -31.55 -34.96 9.80
CA PRO D 243 -32.22 -35.79 10.82
C PRO D 243 -31.43 -35.96 12.11
N ALA D 244 -30.20 -35.47 12.20
CA ALA D 244 -29.38 -35.59 13.40
C ALA D 244 -29.40 -34.32 14.25
N TYR D 245 -30.39 -33.45 14.07
CA TYR D 245 -30.49 -32.22 14.84
C TYR D 245 -31.26 -32.44 16.15
N ILE D 246 -32.48 -32.94 16.06
CA ILE D 246 -33.30 -33.11 17.27
C ILE D 246 -32.65 -34.07 18.26
N PRO D 247 -32.08 -35.21 17.85
CA PRO D 247 -31.33 -36.03 18.82
C PRO D 247 -30.18 -35.30 19.50
N ILE D 248 -29.52 -34.35 18.83
CA ILE D 248 -28.42 -33.60 19.42
C ILE D 248 -28.94 -32.48 20.32
N ARG D 249 -29.90 -31.69 19.82
CA ARG D 249 -30.40 -30.55 20.58
C ARG D 249 -31.13 -30.98 21.84
N LYS D 250 -31.94 -32.04 21.76
CA LYS D 250 -32.68 -32.54 22.92
C LYS D 250 -31.82 -33.42 23.82
N ARG D 251 -30.52 -33.53 23.53
CA ARG D 251 -29.56 -34.26 24.36
C ARG D 251 -29.91 -35.74 24.46
N ASP D 252 -30.27 -36.33 23.32
CA ASP D 252 -30.33 -37.78 23.19
C ASP D 252 -28.97 -38.37 22.88
N ARG D 253 -28.00 -37.55 22.51
CA ARG D 253 -26.61 -37.95 22.29
C ARG D 253 -25.71 -36.96 22.98
N ARG D 254 -24.49 -37.40 23.29
CA ARG D 254 -23.52 -36.52 23.93
C ARG D 254 -22.13 -36.79 23.38
N GLY D 255 -21.25 -35.83 23.58
CA GLY D 255 -19.96 -35.81 22.92
C GLY D 255 -19.89 -34.71 21.88
N CYS D 256 -18.69 -34.53 21.33
CA CYS D 256 -18.46 -33.40 20.44
C CYS D 256 -18.54 -33.82 18.98
N PHE D 257 -19.44 -33.16 18.24
CA PHE D 257 -19.89 -33.59 16.92
C PHE D 257 -19.50 -32.54 15.89
N ALA D 258 -18.89 -32.97 14.80
CA ALA D 258 -18.49 -32.05 13.75
C ALA D 258 -19.72 -31.49 13.03
N VAL D 259 -19.76 -30.18 12.87
CA VAL D 259 -20.89 -29.50 12.21
C VAL D 259 -20.34 -28.47 11.24
N PRO D 260 -21.14 -28.10 10.23
CA PRO D 260 -20.72 -27.06 9.28
C PRO D 260 -21.00 -25.63 9.70
N MET D 261 -21.37 -25.36 10.96
CA MET D 261 -21.64 -23.99 11.37
C MET D 261 -21.72 -23.90 12.89
N VAL D 262 -20.99 -22.94 13.46
CA VAL D 262 -21.19 -22.51 14.84
C VAL D 262 -21.09 -20.99 14.87
N HIS D 263 -22.03 -20.33 15.54
CA HIS D 263 -22.00 -18.89 15.64
C HIS D 263 -22.21 -18.44 17.08
N SER D 264 -22.47 -17.15 17.28
CA SER D 264 -22.69 -16.57 18.59
C SER D 264 -21.44 -16.71 19.47
N THR D 265 -21.41 -17.75 20.30
CA THR D 265 -20.33 -17.98 21.25
C THR D 265 -19.50 -19.17 20.79
N PHE D 266 -18.19 -18.96 20.62
CA PHE D 266 -17.29 -20.05 20.29
C PHE D 266 -15.92 -19.75 20.87
N LEU D 267 -14.90 -20.49 20.43
CA LEU D 267 -13.56 -20.39 21.00
C LEU D 267 -12.56 -20.89 19.97
N ILE D 268 -11.62 -20.03 19.57
CA ILE D 268 -10.62 -20.35 18.55
C ILE D 268 -9.27 -20.53 19.22
N ASP D 269 -8.62 -21.67 18.95
CA ASP D 269 -7.26 -21.87 19.44
C ASP D 269 -6.29 -21.03 18.64
N LEU D 270 -5.39 -20.33 19.33
CA LEU D 270 -4.41 -19.48 18.68
C LEU D 270 -3.00 -20.03 18.81
N ARG D 271 -2.84 -21.32 19.10
CA ARG D 271 -1.53 -21.95 19.15
C ARG D 271 -1.34 -23.03 18.10
N LYS D 272 -2.41 -23.48 17.44
CA LYS D 272 -2.26 -24.46 16.38
C LYS D 272 -1.95 -23.77 15.06
N ALA D 273 -1.12 -24.42 14.24
CA ALA D 273 -0.58 -23.78 13.04
C ALA D 273 -1.67 -23.47 12.03
N ALA D 274 -2.69 -24.33 11.93
CA ALA D 274 -3.73 -24.14 10.93
C ALA D 274 -4.59 -22.90 11.19
N SER D 275 -4.52 -22.33 12.39
CA SER D 275 -5.33 -21.18 12.74
C SER D 275 -4.75 -19.87 12.22
N ARG D 276 -3.76 -19.92 11.33
CA ARG D 276 -3.16 -18.73 10.75
C ARG D 276 -3.82 -18.28 9.46
N ASN D 277 -4.77 -19.06 8.92
CA ASN D 277 -5.45 -18.71 7.69
C ASN D 277 -6.89 -18.28 7.89
N LEU D 278 -7.40 -18.29 9.12
CA LEU D 278 -8.76 -17.88 9.38
C LEU D 278 -8.88 -16.36 9.27
N ALA D 279 -9.91 -15.90 8.56
CA ALA D 279 -10.12 -14.47 8.37
C ALA D 279 -11.61 -14.18 8.35
N PHE D 280 -12.02 -13.16 9.09
CA PHE D 280 -13.44 -12.83 9.19
C PHE D 280 -13.89 -11.99 8.00
N TYR D 281 -13.27 -10.82 7.80
CA TYR D 281 -13.79 -9.86 6.83
C TYR D 281 -13.46 -10.22 5.39
N PRO D 282 -12.19 -10.38 5.01
CA PRO D 282 -11.88 -10.59 3.59
C PRO D 282 -12.36 -11.95 3.13
N PRO D 283 -13.33 -11.99 2.22
CA PRO D 283 -13.80 -13.28 1.71
C PRO D 283 -12.73 -13.97 0.88
N HIS D 284 -12.82 -15.29 0.84
CA HIS D 284 -11.88 -16.06 0.05
C HIS D 284 -12.05 -15.72 -1.42
N PRO D 285 -10.98 -15.80 -2.23
CA PRO D 285 -11.12 -15.52 -3.67
C PRO D 285 -12.16 -16.41 -4.34
N ASP D 286 -12.37 -17.62 -3.84
CA ASP D 286 -13.35 -18.54 -4.41
C ASP D 286 -14.75 -18.36 -3.84
N TYR D 287 -14.97 -17.33 -3.02
CA TYR D 287 -16.29 -17.10 -2.44
C TYR D 287 -17.27 -16.62 -3.51
N THR D 288 -18.35 -17.37 -3.72
CA THR D 288 -19.38 -16.98 -4.67
C THR D 288 -20.79 -16.95 -4.08
N TRP D 289 -20.97 -17.24 -2.79
CA TRP D 289 -22.30 -17.32 -2.20
C TRP D 289 -22.78 -15.92 -1.81
N SER D 290 -23.86 -15.87 -1.04
CA SER D 290 -24.41 -14.60 -0.60
C SER D 290 -23.45 -13.94 0.40
N PHE D 291 -23.85 -12.77 0.89
CA PHE D 291 -22.96 -11.94 1.70
C PHE D 291 -23.44 -11.85 3.15
N ASP D 292 -23.82 -12.99 3.73
CA ASP D 292 -24.06 -13.04 5.16
C ASP D 292 -22.73 -13.10 5.91
N ASP D 293 -22.75 -12.70 7.18
CA ASP D 293 -21.52 -12.55 7.94
C ASP D 293 -21.04 -13.85 8.57
N ILE D 294 -21.92 -14.81 8.82
CA ILE D 294 -21.53 -16.06 9.47
C ILE D 294 -21.21 -17.15 8.47
N ILE D 295 -21.53 -16.97 7.19
CA ILE D 295 -21.25 -17.99 6.19
C ILE D 295 -19.85 -17.80 5.64
N VAL D 296 -19.34 -16.57 5.73
CA VAL D 296 -17.99 -16.31 5.24
C VAL D 296 -16.95 -16.96 6.14
N PHE D 297 -17.25 -17.08 7.45
CA PHE D 297 -16.30 -17.74 8.33
C PHE D 297 -16.35 -19.26 8.15
N ALA D 298 -17.52 -19.80 7.83
CA ALA D 298 -17.60 -21.23 7.53
C ALA D 298 -16.79 -21.58 6.30
N PHE D 299 -16.88 -20.75 5.25
CA PHE D 299 -16.09 -21.00 4.05
C PHE D 299 -14.60 -20.88 4.35
N SER D 300 -14.22 -19.90 5.18
CA SER D 300 -12.81 -19.75 5.55
C SER D 300 -12.31 -20.97 6.32
N CYS D 301 -13.12 -21.49 7.24
CA CYS D 301 -12.74 -22.69 7.96
C CYS D 301 -12.65 -23.91 7.05
N LYS D 302 -13.58 -24.03 6.10
CA LYS D 302 -13.56 -25.19 5.20
C LYS D 302 -12.35 -25.16 4.28
N GLN D 303 -12.02 -23.99 3.73
CA GLN D 303 -10.87 -23.89 2.84
C GLN D 303 -9.54 -23.99 3.58
N ALA D 304 -9.52 -23.72 4.89
CA ALA D 304 -8.30 -23.81 5.67
C ALA D 304 -8.12 -25.18 6.32
N GLU D 305 -9.01 -26.12 6.06
CA GLU D 305 -8.93 -27.49 6.57
C GLU D 305 -8.94 -27.52 8.10
N VAL D 306 -10.00 -26.96 8.67
CA VAL D 306 -10.33 -27.14 10.08
C VAL D 306 -11.81 -27.46 10.17
N GLN D 307 -12.21 -28.12 11.24
CA GLN D 307 -13.61 -28.49 11.45
C GLN D 307 -14.11 -27.88 12.73
N MET D 308 -15.34 -27.36 12.70
CA MET D 308 -15.95 -26.67 13.82
C MET D 308 -16.81 -27.65 14.60
N TYR D 309 -16.54 -27.80 15.89
CA TYR D 309 -17.29 -28.71 16.74
C TYR D 309 -18.32 -27.94 17.57
N VAL D 310 -19.28 -28.67 18.10
CA VAL D 310 -20.23 -28.13 19.07
C VAL D 310 -20.70 -29.27 19.94
N CYS D 311 -20.58 -29.12 21.26
CA CYS D 311 -20.93 -30.24 22.12
C CYS D 311 -21.46 -29.81 23.47
N ASN D 312 -22.34 -30.67 23.99
CA ASN D 312 -23.33 -30.33 25.00
C ASN D 312 -23.32 -31.38 26.10
N LYS D 313 -22.12 -31.71 26.61
CA LYS D 313 -22.01 -32.71 27.65
C LYS D 313 -22.82 -32.30 28.89
N GLU D 314 -22.75 -31.02 29.26
CA GLU D 314 -23.58 -30.46 30.33
C GLU D 314 -24.25 -29.18 29.83
N GLU D 315 -25.03 -28.56 30.70
CA GLU D 315 -25.71 -27.32 30.35
C GLU D 315 -24.76 -26.14 30.57
N TYR D 316 -24.79 -25.18 29.66
CA TYR D 316 -23.87 -24.05 29.69
C TYR D 316 -24.59 -22.72 29.90
N GLY D 317 -25.59 -22.41 29.10
CA GLY D 317 -26.27 -21.15 29.22
C GLY D 317 -27.50 -21.06 28.34
N PHE D 318 -27.97 -19.83 28.14
CA PHE D 318 -29.18 -19.58 27.38
C PHE D 318 -28.94 -18.40 26.45
N LEU D 319 -29.77 -18.32 25.41
CA LEU D 319 -29.69 -17.25 24.44
C LEU D 319 -31.08 -17.03 23.85
N PRO D 320 -31.47 -15.79 23.59
CA PRO D 320 -32.81 -15.52 23.04
C PRO D 320 -32.89 -15.63 21.53
N VAL D 321 -34.06 -16.00 21.06
CA VAL D 321 -34.30 -16.21 19.62
C VAL D 321 -34.34 -14.85 18.92
N PRO D 322 -33.73 -14.72 17.73
CA PRO D 322 -33.79 -13.44 17.02
C PRO D 322 -35.21 -13.10 16.58
N LEU D 323 -35.47 -11.81 16.46
CA LEU D 323 -36.77 -11.30 16.03
C LEU D 323 -36.72 -10.94 14.54
N ARG D 324 -37.85 -10.44 14.05
CA ARG D 324 -37.95 -10.07 12.65
C ARG D 324 -37.19 -8.76 12.40
N ALA D 325 -37.05 -8.44 11.11
CA ALA D 325 -36.28 -7.27 10.68
C ALA D 325 -37.10 -5.98 10.68
N HIS D 326 -38.18 -5.93 11.46
CA HIS D 326 -38.97 -4.71 11.55
C HIS D 326 -39.45 -4.41 12.97
N SER D 327 -38.96 -5.13 13.97
CA SER D 327 -39.37 -4.91 15.35
C SER D 327 -38.59 -3.73 15.95
N THR D 328 -38.96 -3.38 17.17
CA THR D 328 -38.35 -2.27 17.89
C THR D 328 -37.52 -2.81 19.05
N LEU D 329 -36.90 -1.88 19.80
CA LEU D 329 -36.04 -2.27 20.91
C LEU D 329 -36.85 -2.84 22.07
N GLN D 330 -38.11 -2.40 22.22
CA GLN D 330 -38.94 -2.90 23.30
C GLN D 330 -39.17 -4.40 23.15
N ASP D 331 -39.36 -4.87 21.91
CA ASP D 331 -39.53 -6.31 21.68
C ASP D 331 -38.29 -7.07 22.12
N GLU D 332 -37.11 -6.54 21.83
CA GLU D 332 -35.87 -7.21 22.25
C GLU D 332 -35.74 -7.23 23.76
N ALA D 333 -36.12 -6.13 24.43
CA ALA D 333 -36.10 -6.12 25.88
C ALA D 333 -37.02 -7.17 26.47
N GLU D 334 -38.23 -7.31 25.92
CA GLU D 334 -39.16 -8.32 26.40
C GLU D 334 -38.62 -9.72 26.14
N SER D 335 -37.96 -9.92 24.99
CA SER D 335 -37.36 -11.23 24.70
C SER D 335 -36.32 -11.60 25.74
N PHE D 336 -35.44 -10.66 26.07
CA PHE D 336 -34.43 -10.97 27.08
C PHE D 336 -35.05 -11.18 28.46
N MET D 337 -36.10 -10.42 28.79
CA MET D 337 -36.76 -10.66 30.08
C MET D 337 -37.36 -12.06 30.13
N HIS D 338 -37.92 -12.54 29.01
CA HIS D 338 -38.44 -13.90 29.00
C HIS D 338 -37.32 -14.93 29.14
N VAL D 339 -36.15 -14.65 28.56
CA VAL D 339 -35.01 -15.54 28.79
C VAL D 339 -34.67 -15.57 30.28
N GLN D 340 -34.70 -14.40 30.92
CA GLN D 340 -34.44 -14.32 32.35
C GLN D 340 -35.44 -15.15 33.14
N LEU D 341 -36.72 -15.08 32.78
CA LEU D 341 -37.73 -15.88 33.46
C LEU D 341 -37.52 -17.38 33.22
N GLU D 342 -37.19 -17.76 31.98
CA GLU D 342 -37.01 -19.17 31.66
C GLU D 342 -35.80 -19.75 32.37
N VAL D 343 -34.84 -18.90 32.75
CA VAL D 343 -33.72 -19.37 33.56
C VAL D 343 -34.20 -19.86 34.91
N MET D 344 -35.11 -19.10 35.54
CA MET D 344 -35.43 -19.32 36.95
C MET D 344 -36.17 -20.64 37.18
N VAL D 345 -36.84 -21.16 36.16
CA VAL D 345 -37.78 -22.26 36.33
C VAL D 345 -37.12 -23.54 36.82
N LYS D 346 -35.81 -23.69 36.64
CA LYS D 346 -35.12 -24.89 37.12
C LYS D 346 -33.80 -24.59 37.81
N HIS D 347 -33.41 -23.33 37.93
CA HIS D 347 -32.14 -22.93 38.51
C HIS D 347 -32.38 -21.77 39.45
N PRO D 348 -31.45 -21.48 40.37
CA PRO D 348 -31.54 -20.25 41.13
C PRO D 348 -31.42 -19.05 40.21
N PRO D 349 -31.98 -17.91 40.60
CA PRO D 349 -32.04 -16.76 39.68
C PRO D 349 -30.65 -16.29 39.27
N ALA D 350 -30.57 -15.81 38.03
CA ALA D 350 -29.33 -15.25 37.50
C ALA D 350 -29.09 -13.89 38.17
N GLU D 351 -28.19 -13.88 39.15
CA GLU D 351 -27.92 -12.65 39.87
C GLU D 351 -27.20 -11.65 38.98
N PRO D 352 -27.50 -10.37 39.14
CA PRO D 352 -26.80 -9.33 38.37
C PRO D 352 -25.39 -9.13 38.92
N SER D 353 -24.63 -8.28 38.24
CA SER D 353 -23.26 -7.98 38.66
C SER D 353 -23.32 -7.08 39.90
N ARG D 354 -22.15 -6.68 40.38
CA ARG D 354 -22.04 -5.84 41.57
C ARG D 354 -21.64 -4.41 41.25
N PHE D 355 -20.75 -4.23 40.26
CA PHE D 355 -20.23 -2.91 39.96
C PHE D 355 -21.31 -2.00 39.37
N ILE D 356 -22.15 -2.56 38.49
CA ILE D 356 -23.25 -1.80 37.90
C ILE D 356 -24.56 -2.33 38.48
N SER D 357 -25.58 -1.49 38.41
CA SER D 357 -26.87 -1.76 39.04
C SER D 357 -27.94 -1.97 37.98
N ALA D 358 -29.16 -2.28 38.44
CA ALA D 358 -30.31 -2.54 37.58
C ALA D 358 -31.31 -1.39 37.66
N PRO D 359 -31.86 -0.94 36.53
CA PRO D 359 -32.81 0.17 36.56
C PRO D 359 -34.19 -0.27 37.05
N THR D 360 -34.37 -0.28 38.38
CA THR D 360 -35.58 -0.84 38.98
C THR D 360 -36.83 -0.21 38.40
N LYS D 361 -37.82 -1.04 38.12
CA LYS D 361 -39.03 -0.65 37.40
C LYS D 361 -40.21 -0.48 38.36
N THR D 362 -41.23 0.20 37.86
CA THR D 362 -42.44 0.48 38.64
C THR D 362 -43.60 -0.34 38.09
N PRO D 363 -44.18 -1.24 38.87
CA PRO D 363 -45.20 -2.15 38.32
C PRO D 363 -46.49 -1.43 37.93
N ASP D 364 -47.24 -2.06 37.03
CA ASP D 364 -48.55 -1.59 36.60
C ASP D 364 -49.57 -2.70 36.78
N LYS D 365 -50.84 -2.31 36.79
CA LYS D 365 -51.94 -3.19 37.12
C LYS D 365 -52.62 -3.78 35.89
N MET D 366 -51.93 -3.84 34.76
CA MET D 366 -52.46 -4.39 33.51
C MET D 366 -53.70 -3.67 33.03
N GLY D 367 -54.10 -2.58 33.69
CA GLY D 367 -55.41 -2.01 33.43
C GLY D 367 -56.55 -2.79 34.04
N PHE D 368 -56.26 -3.80 34.86
CA PHE D 368 -57.28 -4.59 35.51
C PHE D 368 -57.78 -3.86 36.75
N ASP D 369 -58.53 -4.57 37.58
CA ASP D 369 -58.96 -4.05 38.88
C ASP D 369 -58.17 -4.69 40.03
N GLU D 370 -58.02 -6.01 39.99
CA GLU D 370 -57.25 -6.74 40.98
C GLU D 370 -56.45 -7.84 40.30
N VAL D 371 -55.51 -8.42 41.04
CA VAL D 371 -54.77 -9.61 40.63
C VAL D 371 -54.60 -10.48 41.88
N PHE D 372 -55.23 -11.63 41.87
CA PHE D 372 -55.19 -12.47 43.07
C PHE D 372 -54.20 -13.59 42.81
N MET D 373 -53.46 -14.11 43.80
CA MET D 373 -52.60 -15.30 43.62
C MET D 373 -52.72 -16.18 44.84
N ILE D 374 -53.39 -17.30 44.72
CA ILE D 374 -53.71 -18.17 45.87
C ILE D 374 -52.55 -19.09 46.18
N ASN D 375 -51.90 -18.87 47.33
CA ASN D 375 -50.75 -19.72 47.75
C ASN D 375 -50.84 -20.23 49.17
N LEU D 376 -50.21 -21.37 49.40
CA LEU D 376 -50.17 -22.00 50.70
C LEU D 376 -49.06 -21.39 51.55
N ARG D 377 -49.33 -21.24 52.85
CA ARG D 377 -48.30 -20.74 53.76
C ARG D 377 -47.21 -21.76 53.97
N ARG D 378 -47.57 -23.05 53.99
CA ARG D 378 -46.57 -24.10 54.17
C ARG D 378 -45.59 -24.14 53.00
N ARG D 379 -46.08 -23.90 51.79
CA ARG D 379 -45.24 -23.90 50.60
C ARG D 379 -44.60 -22.52 50.46
N GLN D 380 -43.28 -22.45 50.67
CA GLN D 380 -42.55 -21.19 50.61
C GLN D 380 -41.64 -21.06 49.40
N ASP D 381 -41.14 -22.18 48.86
CA ASP D 381 -40.31 -22.11 47.67
C ASP D 381 -41.10 -21.68 46.46
N ARG D 382 -42.37 -22.12 46.36
CA ARG D 382 -43.17 -21.81 45.19
C ARG D 382 -43.47 -20.32 45.09
N ARG D 383 -43.73 -19.66 46.21
CA ARG D 383 -44.19 -18.27 46.15
C ARG D 383 -43.05 -17.32 45.82
N GLU D 384 -41.81 -17.66 46.17
CA GLU D 384 -40.71 -16.76 45.92
C GLU D 384 -40.43 -16.63 44.42
N ARG D 385 -40.37 -17.75 43.71
CA ARG D 385 -40.11 -17.69 42.26
C ARG D 385 -41.24 -16.97 41.56
N MET D 386 -42.48 -17.13 42.03
CA MET D 386 -43.61 -16.43 41.43
C MET D 386 -43.59 -14.95 41.71
N LEU D 387 -43.18 -14.54 42.92
CA LEU D 387 -43.01 -13.12 43.20
C LEU D 387 -41.93 -12.51 42.32
N ARG D 388 -40.83 -13.23 42.13
CA ARG D 388 -39.78 -12.74 41.23
C ARG D 388 -40.29 -12.63 39.80
N ALA D 389 -41.06 -13.62 39.35
CA ALA D 389 -41.61 -13.58 38.00
C ALA D 389 -42.56 -12.41 37.82
N LEU D 390 -43.40 -12.14 38.82
CA LEU D 390 -44.33 -11.02 38.72
C LEU D 390 -43.59 -9.70 38.76
N GLN D 391 -42.57 -9.57 39.61
CA GLN D 391 -41.81 -8.33 39.66
C GLN D 391 -41.07 -8.07 38.36
N ALA D 392 -40.41 -9.09 37.80
CA ALA D 392 -39.67 -8.93 36.54
C ALA D 392 -40.60 -8.58 35.38
N GLN D 393 -41.87 -8.95 35.46
CA GLN D 393 -42.84 -8.58 34.44
C GLN D 393 -43.59 -7.31 34.76
N GLU D 394 -43.24 -6.62 35.85
CA GLU D 394 -43.80 -5.31 36.19
C GLU D 394 -45.30 -5.40 36.50
N ILE D 395 -45.65 -6.40 37.30
CA ILE D 395 -47.04 -6.66 37.66
C ILE D 395 -47.14 -6.77 39.18
N GLU D 396 -48.13 -6.10 39.75
CA GLU D 396 -48.38 -6.21 41.19
C GLU D 396 -49.07 -7.54 41.50
N CYS D 397 -49.36 -7.75 42.78
CA CYS D 397 -50.02 -8.98 43.20
C CYS D 397 -50.74 -8.71 44.51
N ARG D 398 -52.07 -8.64 44.46
CA ARG D 398 -52.90 -8.56 45.66
C ARG D 398 -53.03 -10.00 46.15
N LEU D 399 -52.16 -10.38 47.08
CA LEU D 399 -52.04 -11.78 47.44
C LEU D 399 -53.13 -12.18 48.44
N VAL D 400 -53.54 -13.45 48.36
CA VAL D 400 -54.53 -14.01 49.26
C VAL D 400 -54.00 -15.33 49.79
N GLU D 401 -54.37 -15.75 51.00
CA GLU D 401 -53.70 -16.98 51.55
C GLU D 401 -54.32 -18.25 50.99
N ALA D 402 -54.85 -19.10 51.87
CA ALA D 402 -55.54 -20.29 51.35
C ALA D 402 -56.47 -20.82 52.42
N VAL D 403 -57.15 -21.92 52.13
CA VAL D 403 -57.93 -22.55 53.21
C VAL D 403 -57.29 -23.92 53.43
N ASP D 404 -56.24 -23.98 54.25
CA ASP D 404 -55.60 -25.27 54.59
C ASP D 404 -56.68 -26.33 54.75
N GLY D 405 -56.58 -27.41 53.98
CA GLY D 405 -57.64 -28.42 54.02
C GLY D 405 -57.14 -29.78 54.44
N LYS D 406 -55.87 -30.07 54.15
CA LYS D 406 -55.32 -31.35 54.65
C LYS D 406 -55.54 -31.32 56.14
N ALA D 407 -55.75 -30.12 56.65
CA ALA D 407 -55.86 -29.98 58.10
C ALA D 407 -57.28 -29.69 58.57
N MET D 408 -58.20 -29.38 57.67
CA MET D 408 -59.56 -29.07 58.07
C MET D 408 -60.32 -30.35 58.38
N ASN D 409 -60.99 -30.38 59.52
CA ASN D 409 -61.77 -31.52 59.96
C ASN D 409 -63.26 -31.28 59.76
N THR D 410 -64.05 -32.31 60.05
CA THR D 410 -65.49 -32.26 59.78
C THR D 410 -66.19 -31.19 60.60
N SER D 411 -65.65 -30.83 61.77
CA SER D 411 -66.32 -29.86 62.63
C SER D 411 -66.48 -28.53 61.92
N GLN D 412 -65.46 -28.07 61.21
CA GLN D 412 -65.54 -26.86 60.41
C GLN D 412 -65.90 -27.14 58.95
N VAL D 413 -65.83 -28.40 58.51
CA VAL D 413 -66.30 -28.73 57.17
C VAL D 413 -67.82 -28.59 57.08
N GLU D 414 -68.53 -29.13 58.06
CA GLU D 414 -69.98 -29.10 58.07
C GLU D 414 -70.56 -27.82 58.65
N ALA D 415 -69.69 -26.92 59.14
CA ALA D 415 -70.19 -25.65 59.66
C ALA D 415 -70.76 -24.78 58.55
N LEU D 416 -70.19 -24.85 57.36
CA LEU D 416 -70.63 -24.06 56.22
C LEU D 416 -71.55 -24.83 55.27
N GLY D 417 -71.98 -26.03 55.65
CA GLY D 417 -72.85 -26.80 54.79
C GLY D 417 -72.17 -27.47 53.61
N ILE D 418 -70.87 -27.72 53.72
CA ILE D 418 -70.10 -28.37 52.65
C ILE D 418 -70.54 -29.83 52.57
N GLN D 419 -71.16 -30.21 51.45
CA GLN D 419 -71.69 -31.55 51.29
C GLN D 419 -71.25 -32.09 49.94
N MET D 420 -70.85 -33.36 49.94
CA MET D 420 -70.28 -34.00 48.78
C MET D 420 -71.39 -34.36 47.79
N LEU D 421 -71.13 -34.13 46.51
CA LEU D 421 -72.19 -34.13 45.50
C LEU D 421 -72.82 -35.52 45.37
N PRO D 422 -74.15 -35.61 45.33
CA PRO D 422 -74.80 -36.92 45.24
C PRO D 422 -74.48 -37.63 43.93
N GLY D 423 -73.88 -38.82 44.05
CA GLY D 423 -73.52 -39.62 42.91
C GLY D 423 -72.31 -39.07 42.18
N TYR D 424 -71.18 -38.97 42.87
CA TYR D 424 -69.96 -38.46 42.27
C TYR D 424 -68.80 -39.38 42.61
N ARG D 425 -67.78 -39.32 41.78
CA ARG D 425 -66.61 -40.18 41.92
C ARG D 425 -65.47 -39.52 41.15
N ASP D 426 -64.32 -40.20 41.12
CA ASP D 426 -63.21 -39.75 40.28
C ASP D 426 -63.42 -40.24 38.86
N PRO D 427 -63.48 -39.37 37.86
CA PRO D 427 -63.73 -39.82 36.48
C PRO D 427 -62.67 -40.76 35.95
N TYR D 428 -61.46 -40.75 36.49
CA TYR D 428 -60.39 -41.61 36.02
C TYR D 428 -60.09 -42.78 36.93
N HIS D 429 -60.36 -42.68 38.23
CA HIS D 429 -60.07 -43.74 39.18
C HIS D 429 -61.30 -44.31 39.86
N GLY D 430 -62.14 -43.44 40.44
CA GLY D 430 -63.28 -43.87 41.23
C GLY D 430 -63.24 -43.46 42.68
N ARG D 431 -62.19 -42.76 43.11
CA ARG D 431 -62.14 -42.26 44.48
C ARG D 431 -63.20 -41.17 44.67
N PRO D 432 -63.79 -41.07 45.87
CA PRO D 432 -64.86 -40.09 46.09
C PRO D 432 -64.43 -38.65 45.89
N LEU D 433 -63.48 -38.19 46.69
CA LEU D 433 -63.02 -36.81 46.69
C LEU D 433 -61.84 -36.76 47.65
N THR D 434 -60.98 -35.76 47.48
CA THR D 434 -59.85 -35.53 48.37
C THR D 434 -60.03 -34.20 49.10
N LYS D 435 -58.98 -33.76 49.78
CA LYS D 435 -59.06 -32.53 50.57
C LYS D 435 -58.39 -31.34 49.92
N GLY D 436 -57.35 -31.56 49.11
CA GLY D 436 -56.75 -30.45 48.38
C GLY D 436 -57.72 -29.76 47.45
N GLU D 437 -58.57 -30.55 46.78
CA GLU D 437 -59.61 -29.96 45.95
C GLU D 437 -60.61 -29.19 46.80
N LEU D 438 -60.93 -29.69 47.99
CA LEU D 438 -61.84 -28.96 48.87
C LEU D 438 -61.26 -27.60 49.23
N GLY D 439 -59.98 -27.56 49.61
CA GLY D 439 -59.35 -26.29 49.94
C GLY D 439 -59.26 -25.35 48.75
N CYS D 440 -58.89 -25.89 47.59
CA CYS D 440 -58.80 -25.05 46.39
C CYS D 440 -60.16 -24.47 46.01
N PHE D 441 -61.20 -25.29 46.06
CA PHE D 441 -62.54 -24.79 45.76
C PHE D 441 -62.97 -23.75 46.78
N LEU D 442 -62.62 -23.95 48.05
CA LEU D 442 -62.95 -22.95 49.06
C LEU D 442 -62.26 -21.62 48.78
N SER D 443 -60.98 -21.66 48.39
CA SER D 443 -60.27 -20.43 48.08
C SER D 443 -60.86 -19.73 46.87
N HIS D 444 -61.18 -20.49 45.82
CA HIS D 444 -61.79 -19.90 44.64
C HIS D 444 -63.16 -19.31 44.96
N TYR D 445 -63.93 -20.00 45.80
CA TYR D 445 -65.23 -19.50 46.22
C TYR D 445 -65.09 -18.19 46.98
N ASN D 446 -64.11 -18.11 47.88
CA ASN D 446 -63.89 -16.88 48.63
C ASN D 446 -63.47 -15.74 47.71
N ILE D 447 -62.61 -16.02 46.73
CA ILE D 447 -62.21 -14.99 45.76
C ILE D 447 -63.43 -14.50 44.99
N TRP D 448 -64.29 -15.43 44.57
CA TRP D 448 -65.49 -15.05 43.83
C TRP D 448 -66.40 -14.18 44.70
N LYS D 449 -66.57 -14.56 45.96
CA LYS D 449 -67.39 -13.76 46.87
C LYS D 449 -66.83 -12.37 47.04
N GLU D 450 -65.50 -12.26 47.15
CA GLU D 450 -64.89 -10.94 47.30
C GLU D 450 -65.10 -10.08 46.06
N VAL D 451 -64.91 -10.66 44.87
CA VAL D 451 -65.08 -9.88 43.65
C VAL D 451 -66.54 -9.47 43.47
N VAL D 452 -67.47 -10.30 43.95
CA VAL D 452 -68.89 -9.92 43.90
C VAL D 452 -69.16 -8.78 44.88
N ASP D 453 -68.62 -8.87 46.09
CA ASP D 453 -68.92 -7.89 47.12
C ASP D 453 -68.36 -6.51 46.76
N ARG D 454 -67.11 -6.47 46.28
CA ARG D 454 -66.50 -5.19 45.96
C ARG D 454 -66.87 -4.70 44.56
N GLY D 455 -67.54 -5.52 43.76
CA GLY D 455 -68.06 -5.08 42.47
C GLY D 455 -67.03 -4.74 41.42
N LEU D 456 -65.94 -5.50 41.33
CA LEU D 456 -64.95 -5.28 40.29
C LEU D 456 -65.48 -5.78 38.94
N GLN D 457 -65.30 -4.96 37.90
CA GLN D 457 -65.75 -5.35 36.58
C GLN D 457 -65.04 -6.61 36.10
N LYS D 458 -63.72 -6.68 36.31
CA LYS D 458 -62.95 -7.85 35.92
C LYS D 458 -61.80 -8.02 36.90
N SER D 459 -61.28 -9.24 36.97
CA SER D 459 -60.13 -9.55 37.80
C SER D 459 -59.40 -10.75 37.22
N LEU D 460 -58.15 -10.90 37.63
CA LEU D 460 -57.29 -11.97 37.15
C LEU D 460 -56.86 -12.84 38.34
N VAL D 461 -56.98 -14.15 38.18
CA VAL D 461 -56.72 -15.10 39.26
C VAL D 461 -55.61 -16.04 38.81
N PHE D 462 -54.73 -16.41 39.74
CA PHE D 462 -53.53 -17.16 39.41
C PHE D 462 -53.41 -18.46 40.21
N GLU D 463 -52.25 -19.10 40.12
CA GLU D 463 -51.93 -20.29 40.91
C GLU D 463 -50.47 -20.20 41.30
N ASP D 464 -49.87 -21.33 41.70
CA ASP D 464 -48.52 -21.34 42.23
C ASP D 464 -47.50 -21.97 41.28
N ASP D 465 -47.88 -22.48 40.11
CA ASP D 465 -46.93 -23.23 39.24
C ASP D 465 -47.13 -22.79 37.79
N LEU D 466 -46.63 -21.65 37.36
CA LEU D 466 -46.90 -21.00 36.08
C LEU D 466 -45.61 -20.85 35.29
N ARG D 467 -45.75 -20.80 33.97
CA ARG D 467 -44.61 -20.54 33.08
C ARG D 467 -45.12 -19.62 31.97
N PHE D 468 -44.96 -18.32 32.18
CA PHE D 468 -45.51 -17.34 31.25
C PHE D 468 -44.85 -17.47 29.88
N GLU D 469 -45.59 -17.15 28.85
CA GLU D 469 -45.07 -17.16 27.48
C GLU D 469 -44.54 -15.77 27.12
N ILE D 470 -43.88 -15.71 25.95
CA ILE D 470 -43.23 -14.48 25.53
C ILE D 470 -44.29 -13.42 25.24
N PHE D 471 -43.98 -12.17 25.62
CA PHE D 471 -44.90 -11.04 25.45
C PHE D 471 -46.23 -11.31 26.15
N PHE D 472 -46.18 -11.88 27.34
CA PHE D 472 -47.40 -12.20 28.06
C PHE D 472 -48.21 -10.95 28.38
N LYS D 473 -47.57 -9.96 29.00
CA LYS D 473 -48.27 -8.76 29.42
C LYS D 473 -48.91 -8.05 28.24
N ARG D 474 -48.13 -7.78 27.20
CA ARG D 474 -48.62 -6.98 26.07
C ARG D 474 -49.71 -7.73 25.31
N ARG D 475 -49.54 -9.04 25.11
CA ARG D 475 -50.56 -9.81 24.42
C ARG D 475 -51.86 -9.82 25.21
N LEU D 476 -51.78 -9.97 26.54
CA LEU D 476 -52.98 -9.95 27.36
C LEU D 476 -53.66 -8.59 27.30
N MET D 477 -52.89 -7.51 27.39
CA MET D 477 -53.47 -6.17 27.26
C MET D 477 -54.19 -6.01 25.93
N ASN D 478 -53.54 -6.38 24.83
CA ASN D 478 -54.15 -6.17 23.52
C ASN D 478 -55.43 -7.00 23.38
N LEU D 479 -55.39 -8.26 23.82
CA LEU D 479 -56.58 -9.10 23.69
C LEU D 479 -57.73 -8.58 24.52
N MET D 480 -57.45 -8.17 25.76
CA MET D 480 -58.54 -7.68 26.62
C MET D 480 -59.09 -6.35 26.10
N ARG D 481 -58.22 -5.48 25.59
CA ARG D 481 -58.69 -4.24 24.98
C ARG D 481 -59.59 -4.54 23.80
N ASP D 482 -59.20 -5.50 22.96
CA ASP D 482 -60.02 -5.84 21.80
C ASP D 482 -61.38 -6.37 22.21
N VAL D 483 -61.43 -7.30 23.17
CA VAL D 483 -62.71 -7.90 23.54
C VAL D 483 -63.61 -6.87 24.22
N GLU D 484 -63.03 -5.99 25.04
CA GLU D 484 -63.83 -4.96 25.68
C GLU D 484 -64.33 -3.93 24.68
N ARG D 485 -63.49 -3.55 23.71
CA ARG D 485 -63.91 -2.57 22.72
C ARG D 485 -65.02 -3.12 21.83
N GLU D 486 -64.90 -4.37 21.40
CA GLU D 486 -65.94 -4.94 20.54
C GLU D 486 -67.24 -5.10 21.30
N GLY D 487 -67.20 -5.69 22.50
CA GLY D 487 -68.36 -5.82 23.34
C GLY D 487 -69.16 -7.09 23.10
N LEU D 488 -69.32 -7.90 24.13
CA LEU D 488 -70.12 -9.12 24.07
C LEU D 488 -70.31 -9.63 25.49
N ASP D 489 -70.98 -10.79 25.60
CA ASP D 489 -71.35 -11.34 26.90
C ASP D 489 -70.28 -12.27 27.46
N TRP D 490 -69.05 -11.77 27.57
CA TRP D 490 -67.96 -12.58 28.10
C TRP D 490 -68.06 -12.70 29.61
N ASP D 491 -67.76 -13.89 30.13
CA ASP D 491 -67.76 -14.14 31.57
C ASP D 491 -66.45 -14.71 32.08
N LEU D 492 -65.88 -15.72 31.42
CA LEU D 492 -64.82 -16.53 31.99
C LEU D 492 -63.70 -16.79 30.99
N ILE D 493 -63.15 -15.73 30.39
CA ILE D 493 -62.06 -15.92 29.44
C ILE D 493 -60.94 -16.74 30.08
N TYR D 494 -60.73 -17.95 29.56
CA TYR D 494 -59.65 -18.82 30.00
C TYR D 494 -58.33 -18.31 29.44
N VAL D 495 -57.25 -18.54 30.19
CA VAL D 495 -55.91 -18.28 29.67
C VAL D 495 -54.98 -19.48 29.76
N GLY D 496 -55.18 -20.39 30.69
CA GLY D 496 -54.45 -21.65 30.69
C GLY D 496 -55.37 -22.83 30.94
N ARG D 497 -55.32 -23.83 30.06
CA ARG D 497 -56.23 -24.97 30.16
C ARG D 497 -55.62 -26.16 29.42
N LYS D 498 -56.35 -27.27 29.41
CA LYS D 498 -55.94 -28.50 28.75
C LYS D 498 -57.09 -28.99 27.88
N ARG D 499 -56.78 -29.33 26.62
CA ARG D 499 -57.81 -29.76 25.69
C ARG D 499 -57.73 -31.25 25.41
N MET D 500 -58.54 -32.06 26.10
CA MET D 500 -58.56 -33.50 25.84
C MET D 500 -59.48 -33.83 24.69
N GLN D 501 -60.43 -32.94 24.39
CA GLN D 501 -61.40 -33.16 23.32
C GLN D 501 -60.77 -32.90 21.95
N VAL D 502 -59.79 -33.74 21.61
CA VAL D 502 -59.10 -33.61 20.34
C VAL D 502 -60.00 -34.11 19.21
N GLU D 503 -60.39 -33.20 18.34
CA GLU D 503 -61.31 -33.49 17.24
C GLU D 503 -61.21 -32.36 16.23
N HIS D 504 -62.19 -32.27 15.34
CA HIS D 504 -62.32 -31.15 14.42
C HIS D 504 -62.39 -29.85 15.22
N PRO D 505 -61.92 -28.72 14.69
CA PRO D 505 -61.74 -27.54 15.53
C PRO D 505 -63.04 -26.92 15.99
N GLU D 506 -62.94 -25.96 16.91
CA GLU D 506 -64.09 -25.29 17.50
C GLU D 506 -64.34 -23.95 16.80
N LYS D 507 -65.56 -23.45 16.94
CA LYS D 507 -65.93 -22.21 16.28
C LYS D 507 -65.15 -21.04 16.85
N ALA D 508 -64.87 -20.07 15.99
CA ALA D 508 -64.14 -18.86 16.37
C ALA D 508 -65.11 -17.68 16.37
N VAL D 509 -65.06 -16.89 17.43
CA VAL D 509 -65.96 -15.74 17.55
C VAL D 509 -65.66 -14.74 16.44
N PRO D 510 -66.66 -14.26 15.71
CA PRO D 510 -66.39 -13.31 14.62
C PRO D 510 -65.90 -11.97 15.16
N ARG D 511 -65.24 -11.22 14.26
CA ARG D 511 -64.80 -9.84 14.49
C ARG D 511 -63.97 -9.68 15.77
N VAL D 512 -63.38 -10.76 16.26
CA VAL D 512 -62.40 -10.71 17.34
C VAL D 512 -61.23 -11.61 16.95
N ARG D 513 -60.08 -11.38 17.58
CA ARG D 513 -58.87 -12.10 17.26
C ARG D 513 -58.35 -12.85 18.48
N ASN D 514 -57.73 -14.00 18.23
CA ASN D 514 -57.06 -14.83 19.22
C ASN D 514 -58.00 -15.39 20.28
N LEU D 515 -59.30 -15.40 20.04
CA LEU D 515 -60.27 -15.96 20.98
C LEU D 515 -61.07 -17.06 20.30
N VAL D 516 -61.31 -18.14 21.04
CA VAL D 516 -62.09 -19.27 20.54
C VAL D 516 -63.14 -19.63 21.58
N GLU D 517 -64.20 -20.28 21.11
CA GLU D 517 -65.26 -20.74 21.99
C GLU D 517 -64.76 -21.85 22.90
N ALA D 518 -65.27 -21.87 24.13
CA ALA D 518 -64.80 -22.80 25.14
C ALA D 518 -65.29 -24.21 24.86
N ASP D 519 -64.64 -25.17 25.51
CA ASP D 519 -64.97 -26.58 25.37
C ASP D 519 -64.63 -27.27 26.68
N TYR D 520 -64.51 -28.60 26.65
CA TYR D 520 -64.12 -29.35 27.84
C TYR D 520 -62.65 -29.10 28.15
N SER D 521 -62.35 -28.82 29.41
CA SER D 521 -60.99 -28.49 29.78
C SER D 521 -60.79 -28.62 31.29
N TYR D 522 -59.70 -29.28 31.67
CA TYR D 522 -59.24 -29.25 33.06
C TYR D 522 -58.25 -28.09 33.23
N TRP D 523 -57.59 -28.03 34.39
CA TRP D 523 -56.48 -27.10 34.64
C TRP D 523 -56.94 -25.65 34.63
N THR D 524 -57.65 -25.26 35.69
CA THR D 524 -57.98 -23.85 35.86
C THR D 524 -56.81 -23.07 36.48
N LEU D 525 -55.68 -23.04 35.77
CA LEU D 525 -54.51 -22.34 36.29
C LEU D 525 -54.77 -20.85 36.46
N ALA D 526 -55.41 -20.23 35.48
CA ALA D 526 -55.72 -18.82 35.55
C ALA D 526 -56.93 -18.53 34.68
N TYR D 527 -57.74 -17.55 35.08
CA TYR D 527 -58.94 -17.20 34.34
C TYR D 527 -59.36 -15.79 34.71
N VAL D 528 -59.87 -15.05 33.73
CA VAL D 528 -60.33 -13.68 33.96
C VAL D 528 -61.81 -13.70 34.31
N ILE D 529 -62.12 -13.50 35.58
CA ILE D 529 -63.51 -13.50 36.03
C ILE D 529 -64.13 -12.14 35.78
N SER D 530 -65.44 -12.13 35.52
CA SER D 530 -66.21 -10.90 35.37
C SER D 530 -67.22 -10.76 36.50
N LEU D 531 -67.84 -9.58 36.57
CA LEU D 531 -68.86 -9.35 37.58
C LEU D 531 -70.13 -10.13 37.26
N GLN D 532 -70.59 -10.07 36.01
CA GLN D 532 -71.80 -10.79 35.64
C GLN D 532 -71.61 -12.29 35.78
N GLY D 533 -70.48 -12.81 35.30
CA GLY D 533 -70.20 -14.23 35.42
C GLY D 533 -70.10 -14.67 36.87
N ALA D 534 -69.41 -13.88 37.70
CA ALA D 534 -69.30 -14.23 39.11
C ALA D 534 -70.66 -14.21 39.79
N ARG D 535 -71.51 -13.23 39.45
CA ARG D 535 -72.85 -13.18 40.03
C ARG D 535 -73.67 -14.39 39.63
N LYS D 536 -73.59 -14.79 38.35
CA LYS D 536 -74.32 -15.98 37.91
C LYS D 536 -73.81 -17.22 38.63
N LEU D 537 -72.50 -17.36 38.78
CA LEU D 537 -71.94 -18.53 39.45
C LEU D 537 -72.35 -18.58 40.91
N LEU D 538 -72.37 -17.43 41.59
CA LEU D 538 -72.83 -17.40 42.97
C LEU D 538 -74.30 -17.74 43.08
N ALA D 539 -75.11 -17.22 42.14
CA ALA D 539 -76.54 -17.53 42.15
C ALA D 539 -76.79 -19.01 41.89
N ALA D 540 -75.88 -19.68 41.18
CA ALA D 540 -76.00 -21.12 41.03
C ALA D 540 -75.94 -21.84 42.37
N GLU D 541 -75.32 -21.20 43.37
CA GLU D 541 -75.25 -21.69 44.75
C GLU D 541 -74.61 -23.07 44.83
N PRO D 542 -73.28 -23.17 44.67
CA PRO D 542 -72.59 -24.47 44.70
C PRO D 542 -72.11 -24.88 46.08
N LEU D 543 -72.95 -24.66 47.09
CA LEU D 543 -72.58 -25.02 48.46
C LEU D 543 -72.85 -26.49 48.77
N SER D 544 -73.98 -27.02 48.30
CA SER D 544 -74.40 -28.40 48.54
C SER D 544 -74.03 -29.33 47.40
N LYS D 545 -73.16 -28.89 46.49
CA LYS D 545 -72.63 -29.74 45.42
C LYS D 545 -71.12 -29.54 45.40
N MET D 546 -70.38 -30.57 45.77
CA MET D 546 -68.93 -30.53 45.86
C MET D 546 -68.29 -31.30 44.72
N LEU D 547 -67.36 -30.67 44.01
CA LEU D 547 -66.61 -31.33 42.95
C LEU D 547 -65.39 -30.49 42.62
N PRO D 548 -64.36 -31.06 42.01
CA PRO D 548 -63.20 -30.26 41.61
C PRO D 548 -63.58 -29.18 40.60
N VAL D 549 -62.88 -28.05 40.70
CA VAL D 549 -63.23 -26.88 39.90
C VAL D 549 -62.99 -27.14 38.41
N ASP D 550 -61.94 -27.90 38.08
CA ASP D 550 -61.65 -28.20 36.68
C ASP D 550 -62.75 -29.04 36.05
N GLU D 551 -63.47 -29.83 36.85
CA GLU D 551 -64.66 -30.52 36.37
C GLU D 551 -65.93 -29.71 36.64
N PHE D 552 -65.85 -28.72 37.53
CA PHE D 552 -67.00 -27.86 37.78
C PHE D 552 -67.28 -26.96 36.59
N LEU D 553 -66.30 -26.14 36.22
CA LEU D 553 -66.54 -25.09 35.22
C LEU D 553 -67.14 -25.61 33.91
N PRO D 554 -66.69 -26.75 33.34
CA PRO D 554 -67.33 -27.23 32.11
C PRO D 554 -68.79 -27.59 32.27
N VAL D 555 -69.26 -27.84 33.49
CA VAL D 555 -70.67 -28.18 33.69
C VAL D 555 -71.56 -26.98 33.40
N MET D 556 -71.12 -25.79 33.79
CA MET D 556 -71.97 -24.61 33.80
C MET D 556 -72.06 -23.88 32.45
N PHE D 557 -71.40 -24.36 31.41
CA PHE D 557 -71.65 -23.82 30.08
C PHE D 557 -71.99 -24.92 29.07
N ASP D 558 -72.61 -26.00 29.54
CA ASP D 558 -73.17 -27.04 28.67
C ASP D 558 -72.12 -27.63 27.74
N LYS D 559 -71.04 -28.17 28.33
CA LYS D 559 -70.03 -28.86 27.53
C LYS D 559 -69.52 -30.11 28.20
N HIS D 560 -70.03 -30.47 29.37
CA HIS D 560 -69.63 -31.73 30.01
C HIS D 560 -70.23 -32.90 29.24
N PRO D 561 -69.48 -34.00 29.10
CA PRO D 561 -70.00 -35.15 28.34
C PRO D 561 -71.22 -35.81 28.96
N VAL D 562 -71.13 -36.21 30.23
CA VAL D 562 -72.21 -36.94 30.87
C VAL D 562 -73.33 -35.98 31.23
N SER D 563 -74.56 -36.35 30.87
CA SER D 563 -75.71 -35.48 31.10
C SER D 563 -76.33 -35.64 32.47
N GLU D 564 -75.87 -36.60 33.29
CA GLU D 564 -76.45 -36.77 34.62
C GLU D 564 -76.10 -35.60 35.52
N TYR D 565 -74.82 -35.20 35.54
CA TYR D 565 -74.40 -34.07 36.37
C TYR D 565 -75.08 -32.79 35.92
N LYS D 566 -75.21 -32.60 34.60
CA LYS D 566 -75.94 -31.45 34.07
C LYS D 566 -77.39 -31.48 34.51
N ALA D 567 -78.01 -32.66 34.50
CA ALA D 567 -79.38 -32.80 34.98
C ALA D 567 -79.48 -32.44 36.45
N HIS D 568 -78.41 -32.69 37.23
CA HIS D 568 -78.41 -32.30 38.62
C HIS D 568 -78.38 -30.79 38.81
N PHE D 569 -78.01 -30.04 37.77
CA PHE D 569 -77.98 -28.58 37.81
C PHE D 569 -79.13 -28.00 37.02
N SER D 570 -79.34 -26.69 37.18
CA SER D 570 -80.50 -26.01 36.62
C SER D 570 -80.14 -25.01 35.53
N LEU D 571 -79.28 -24.04 35.83
CA LEU D 571 -78.95 -22.98 34.88
C LEU D 571 -77.51 -23.15 34.39
N ARG D 572 -77.31 -22.91 33.10
CA ARG D 572 -75.99 -22.97 32.46
C ARG D 572 -75.76 -21.73 31.61
N ASN D 573 -76.13 -20.57 32.16
CA ASN D 573 -76.07 -19.32 31.42
C ASN D 573 -74.66 -18.74 31.31
N LEU D 574 -73.62 -19.53 31.55
CA LEU D 574 -72.26 -19.05 31.43
C LEU D 574 -71.78 -19.14 29.99
N HIS D 575 -71.10 -18.08 29.53
CA HIS D 575 -70.50 -18.05 28.19
C HIS D 575 -68.99 -17.94 28.36
N ALA D 576 -68.33 -19.08 28.54
CA ALA D 576 -66.89 -19.11 28.69
C ALA D 576 -66.20 -18.96 27.34
N PHE D 577 -64.94 -18.53 27.39
CA PHE D 577 -64.12 -18.37 26.20
C PHE D 577 -62.72 -18.89 26.53
N SER D 578 -61.81 -18.77 25.57
CA SER D 578 -60.42 -19.13 25.82
C SER D 578 -59.57 -18.45 24.74
N VAL D 579 -58.26 -18.63 24.88
CA VAL D 579 -57.29 -18.09 23.93
C VAL D 579 -56.65 -19.27 23.20
N GLU D 580 -56.73 -19.28 21.88
CA GLU D 580 -56.15 -20.38 21.11
C GLU D 580 -54.64 -20.47 21.27
N PRO D 581 -53.86 -19.40 21.08
CA PRO D 581 -52.44 -19.48 21.43
C PRO D 581 -52.26 -19.37 22.94
N LEU D 582 -52.37 -20.49 23.64
CA LEU D 582 -52.37 -20.49 25.10
C LEU D 582 -51.19 -19.71 25.66
N LEU D 583 -51.42 -19.03 26.79
CA LEU D 583 -50.45 -18.10 27.34
C LEU D 583 -49.70 -18.63 28.55
N ILE D 584 -50.27 -19.57 29.30
CA ILE D 584 -49.68 -20.04 30.54
C ILE D 584 -49.69 -21.56 30.56
N TYR D 585 -48.56 -22.16 30.93
CA TYR D 585 -48.43 -23.60 31.05
C TYR D 585 -47.94 -23.96 32.45
N PRO D 586 -48.25 -25.15 32.94
CA PRO D 586 -47.72 -25.55 34.25
C PRO D 586 -46.23 -25.81 34.17
N THR D 587 -45.55 -25.63 35.31
CA THR D 587 -44.11 -25.80 35.34
C THR D 587 -43.71 -27.26 35.31
N HIS D 588 -44.47 -28.13 35.96
CA HIS D 588 -44.13 -29.54 36.11
C HIS D 588 -45.31 -30.41 35.72
N TYR D 589 -45.06 -31.38 34.85
CA TYR D 589 -46.08 -32.31 34.39
C TYR D 589 -46.09 -33.56 35.26
N THR D 590 -47.10 -34.39 35.06
CA THR D 590 -47.20 -35.63 35.81
C THR D 590 -46.09 -36.60 35.42
N GLY D 591 -45.59 -37.32 36.42
CA GLY D 591 -44.50 -38.26 36.18
C GLY D 591 -43.21 -37.61 35.74
N ASP D 592 -42.90 -36.43 36.27
CA ASP D 592 -41.68 -35.71 35.95
C ASP D 592 -40.90 -35.44 37.22
N ASP D 593 -39.80 -34.70 37.09
CA ASP D 593 -38.96 -34.37 38.23
C ASP D 593 -39.53 -33.19 38.99
N GLY D 594 -39.50 -33.29 40.32
CA GLY D 594 -39.96 -32.20 41.16
C GLY D 594 -41.45 -31.99 41.18
N TYR D 595 -42.24 -33.00 40.82
CA TYR D 595 -43.68 -32.89 40.85
C TYR D 595 -44.18 -33.18 42.27
N VAL D 596 -44.72 -32.16 42.93
CA VAL D 596 -45.39 -32.30 44.22
C VAL D 596 -46.76 -31.64 44.08
N SER D 597 -47.81 -32.38 44.40
CA SER D 597 -49.17 -31.87 44.25
C SER D 597 -49.84 -31.75 45.62
N ASP D 598 -50.31 -30.55 45.94
CA ASP D 598 -51.02 -30.35 47.20
C ASP D 598 -52.33 -31.13 47.23
N THR D 599 -53.04 -31.16 46.11
CA THR D 599 -54.26 -31.94 46.00
C THR D 599 -53.93 -33.33 45.47
N GLU D 600 -54.96 -34.07 45.05
CA GLU D 600 -54.81 -35.41 44.48
C GLU D 600 -54.27 -36.39 45.51
N THR D 601 -53.00 -36.27 45.88
CA THR D 601 -52.41 -37.13 46.89
C THR D 601 -52.73 -36.55 48.29
N SER D 602 -53.81 -37.07 48.86
CA SER D 602 -54.28 -36.65 50.18
C SER D 602 -55.28 -37.69 50.68
N VAL D 603 -56.02 -37.32 51.72
CA VAL D 603 -57.03 -38.19 52.30
C VAL D 603 -58.39 -37.84 51.70
N VAL D 604 -59.34 -38.77 51.83
CA VAL D 604 -60.70 -38.52 51.35
C VAL D 604 -61.34 -37.41 52.18
N TRP D 605 -62.35 -36.78 51.59
CA TRP D 605 -63.09 -35.72 52.30
C TRP D 605 -63.71 -36.23 53.59
N ASN D 606 -63.98 -37.52 53.67
CA ASN D 606 -64.38 -38.19 54.90
C ASN D 606 -63.25 -39.11 55.33
N ASN D 607 -63.37 -39.63 56.56
CA ASN D 607 -62.45 -40.57 57.21
C ASN D 607 -61.03 -40.01 57.26
N GLU D 608 -60.09 -40.79 57.81
CA GLU D 608 -58.72 -40.29 57.97
C GLU D 608 -57.66 -41.36 57.71
N HIS D 609 -57.98 -42.43 56.98
CA HIS D 609 -57.03 -43.51 56.80
C HIS D 609 -57.02 -44.03 55.37
N VAL D 610 -57.36 -43.19 54.40
CA VAL D 610 -57.26 -43.54 52.98
C VAL D 610 -56.44 -42.44 52.31
N LYS D 611 -55.13 -42.62 52.26
CA LYS D 611 -54.21 -41.65 51.65
C LYS D 611 -53.81 -42.18 50.28
N THR D 612 -54.46 -41.65 49.24
CA THR D 612 -54.12 -42.05 47.88
C THR D 612 -52.74 -41.51 47.50
N ASP D 613 -51.90 -42.38 46.97
CA ASP D 613 -50.56 -41.98 46.56
C ASP D 613 -50.60 -41.26 45.21
N TRP D 614 -49.50 -40.62 44.87
CA TRP D 614 -49.35 -39.99 43.56
C TRP D 614 -49.32 -41.07 42.49
N ASP D 615 -50.19 -40.93 41.49
CA ASP D 615 -50.39 -41.98 40.49
C ASP D 615 -49.20 -42.03 39.55
N ARG D 616 -48.49 -43.16 39.55
CA ARG D 616 -47.34 -43.33 38.65
C ARG D 616 -47.78 -43.77 37.26
N ALA D 617 -48.45 -44.93 37.18
CA ALA D 617 -48.88 -45.46 35.89
C ALA D 617 -50.20 -44.85 35.44
N LYS D 618 -51.15 -44.71 36.36
CA LYS D 618 -52.48 -44.18 36.04
C LYS D 618 -52.53 -42.67 36.29
N SER D 619 -51.58 -41.96 35.68
CA SER D 619 -51.51 -40.51 35.85
C SER D 619 -52.63 -39.80 35.10
N GLN D 620 -52.76 -40.09 33.80
CA GLN D 620 -53.83 -39.62 32.94
C GLN D 620 -53.85 -38.10 32.76
N LYS D 621 -52.82 -37.39 33.20
CA LYS D 621 -52.74 -35.93 33.05
C LYS D 621 -51.35 -35.51 32.61
N MET D 622 -50.78 -36.22 31.64
CA MET D 622 -49.41 -35.95 31.24
C MET D 622 -49.28 -34.62 30.52
N ARG D 623 -49.90 -34.51 29.35
CA ARG D 623 -49.84 -33.29 28.54
C ARG D 623 -50.81 -33.41 27.36
N GLU D 624 -51.41 -32.30 26.97
CA GLU D 624 -52.33 -32.27 25.83
C GLU D 624 -51.65 -31.71 24.58
N GLN D 625 -50.33 -31.72 24.58
CA GLN D 625 -49.55 -31.20 23.46
C GLN D 625 -49.15 -32.28 22.46
N GLN D 626 -48.49 -33.35 22.91
CA GLN D 626 -48.21 -34.46 22.02
C GLN D 626 -49.48 -35.19 21.61
N ALA D 627 -50.46 -35.25 22.50
CA ALA D 627 -51.74 -35.86 22.17
C ALA D 627 -52.54 -35.04 21.16
N LEU D 628 -52.17 -33.79 20.94
CA LEU D 628 -52.82 -32.93 19.95
C LEU D 628 -52.06 -32.88 18.63
N SER D 629 -50.96 -33.62 18.50
CA SER D 629 -50.14 -33.56 17.30
C SER D 629 -50.84 -34.25 16.14
N ARG D 630 -52.01 -33.72 15.76
CA ARG D 630 -52.81 -34.30 14.68
C ARG D 630 -53.56 -33.16 14.02
N GLU D 631 -54.56 -33.48 13.20
CA GLU D 631 -55.33 -32.49 12.46
C GLU D 631 -56.26 -31.72 13.41
N ALA D 632 -55.65 -31.04 14.38
CA ALA D 632 -56.38 -30.16 15.27
C ALA D 632 -56.76 -28.86 14.59
N LYS D 633 -55.97 -28.43 13.61
CA LYS D 633 -56.28 -27.27 12.78
C LYS D 633 -56.40 -25.99 13.60
N ASN D 634 -57.63 -25.50 13.76
CA ASN D 634 -57.89 -24.20 14.40
C ASN D 634 -57.16 -23.07 13.66
N SER D 635 -57.01 -23.23 12.35
CA SER D 635 -56.29 -22.27 11.54
C SER D 635 -57.19 -21.16 11.00
N ASP D 636 -58.51 -21.28 11.18
CA ASP D 636 -59.43 -20.26 10.71
C ASP D 636 -59.43 -19.01 11.57
N VAL D 637 -58.76 -19.04 12.73
CA VAL D 637 -58.74 -17.87 13.60
C VAL D 637 -57.93 -16.75 12.95
N LEU D 638 -58.17 -15.54 13.43
CA LEU D 638 -57.43 -14.35 12.98
C LEU D 638 -56.36 -14.05 14.02
N GLN D 639 -55.11 -14.03 13.58
CA GLN D 639 -53.99 -13.87 14.49
C GLN D 639 -53.58 -12.41 14.62
N SER D 640 -53.13 -12.05 15.82
CA SER D 640 -52.65 -10.71 16.08
C SER D 640 -51.30 -10.48 15.37
N PRO D 641 -50.89 -9.22 15.21
CA PRO D 641 -49.58 -8.96 14.60
C PRO D 641 -48.42 -9.56 15.38
N LEU D 642 -48.60 -9.84 16.67
CA LEU D 642 -47.60 -10.54 17.45
C LEU D 642 -47.71 -12.05 17.17
N ASP D 643 -47.03 -12.84 18.00
CA ASP D 643 -46.90 -14.28 17.79
C ASP D 643 -46.27 -14.55 16.42
N SER D 644 -45.05 -14.03 16.26
CA SER D 644 -44.26 -14.23 15.06
C SER D 644 -42.81 -13.85 15.34
N ALA D 645 -41.89 -14.77 15.15
CA ALA D 645 -40.48 -14.53 15.47
C ALA D 645 -39.63 -15.52 14.67
N ALA D 646 -38.38 -15.72 15.13
CA ALA D 646 -37.48 -16.75 14.66
C ALA D 646 -36.79 -16.38 13.36
N ARG D 647 -35.69 -17.07 13.06
CA ARG D 647 -34.90 -16.82 11.86
C ARG D 647 -34.45 -18.20 11.35
N ASP D 648 -33.44 -18.22 10.48
CA ASP D 648 -33.03 -19.46 9.85
C ASP D 648 -32.57 -20.47 10.90
N GLU D 649 -33.45 -21.44 11.19
CA GLU D 649 -33.28 -22.45 12.24
C GLU D 649 -34.60 -23.20 12.46
N LEU D 650 -35.72 -22.50 12.27
CA LEU D 650 -37.04 -23.11 12.42
C LEU D 650 -37.97 -22.68 11.30
C1 NAG E . 7.61 -30.33 32.00
C2 NAG E . 6.69 -31.34 31.33
C3 NAG E . 5.26 -31.19 31.83
C4 NAG E . 5.23 -31.26 33.36
C5 NAG E . 6.19 -30.23 33.94
C6 NAG E . 6.29 -30.30 35.44
C7 NAG E . 6.71 -32.24 29.04
C8 NAG E . 6.76 -31.90 27.58
N2 NAG E . 6.74 -31.19 29.88
O3 NAG E . 4.46 -32.21 31.27
O4 NAG E . 3.91 -31.01 33.84
O5 NAG E . 7.51 -30.46 33.43
O6 NAG E . 5.81 -29.10 36.05
O7 NAG E . 6.64 -33.39 29.45
C1 NAG E . 3.25 -32.25 34.13
C2 NAG E . 2.55 -32.15 35.48
C3 NAG E . 1.77 -33.43 35.77
C4 NAG E . 0.83 -33.76 34.62
C5 NAG E . 1.59 -33.79 33.32
C6 NAG E . 0.70 -33.99 32.11
C7 NAG E . 3.20 -31.19 37.65
C8 NAG E . 4.31 -31.02 38.64
N2 NAG E . 3.51 -31.88 36.53
O3 NAG E . 1.03 -33.26 36.98
O4 NAG E . 0.21 -35.01 34.85
O5 NAG E . 2.28 -32.55 33.11
O6 NAG E . -0.55 -34.57 32.48
O7 NAG E . 2.07 -30.75 37.84
C1 NAG F . -3.73 -31.71 21.39
C2 NAG F . -2.79 -32.53 22.28
C3 NAG F . -1.36 -32.45 21.74
C4 NAG F . -1.31 -32.87 20.28
C5 NAG F . -2.30 -32.03 19.48
C6 NAG F . -2.40 -32.43 18.02
C7 NAG F . -2.79 -32.88 24.70
C8 NAG F . -2.86 -32.23 26.05
N2 NAG F . -2.85 -32.06 23.65
O3 NAG F . -0.53 -33.31 22.52
O4 NAG F . -0.01 -32.70 19.75
O5 NAG F . -3.62 -32.16 20.03
O6 NAG F . -1.95 -31.40 17.17
O7 NAG F . -2.70 -34.10 24.56
C1 NAG F . 0.69 -33.96 19.74
C2 NAG F . 1.39 -34.15 18.40
C3 NAG F . 2.20 -35.44 18.41
C4 NAG F . 3.15 -35.47 19.60
C5 NAG F . 2.37 -35.23 20.89
C6 NAG F . 3.27 -35.13 22.10
C7 NAG F . 0.73 -33.73 16.08
C8 NAG F . -0.39 -33.81 15.07
N2 NAG F . 0.42 -34.15 17.32
O3 NAG F . 2.94 -35.54 17.19
O4 NAG F . 3.80 -36.73 19.67
O5 NAG F . 1.65 -34.00 20.81
O6 NAG F . 4.53 -35.75 21.88
O7 NAG F . 1.84 -33.32 15.79
C1 NAG G . 24.58 86.01 -51.72
C2 NAG G . 25.96 86.70 -51.78
C3 NAG G . 26.99 85.91 -52.54
C4 NAG G . 27.04 84.56 -51.85
C5 NAG G . 25.69 83.89 -52.07
C6 NAG G . 25.71 82.46 -51.55
C7 NAG G . 26.17 89.08 -51.45
C8 NAG G . 25.72 90.45 -51.87
N2 NAG G . 25.84 88.06 -52.25
O3 NAG G . 28.27 86.55 -52.45
O4 NAG G . 28.13 83.79 -52.38
O5 NAG G . 24.67 84.62 -51.40
O6 NAG G . 26.61 82.33 -50.44
O7 NAG G . 26.80 88.90 -50.43
C1 NAG H . 28.84 35.00 -17.06
C2 NAG H . 29.35 34.81 -15.63
C3 NAG H . 30.79 35.28 -15.52
C4 NAG H . 31.66 34.59 -16.56
C5 NAG H . 31.05 34.78 -17.96
C6 NAG H . 31.80 34.01 -19.02
C7 NAG H . 28.05 34.98 -13.54
C8 NAG H . 28.47 33.56 -13.29
N2 NAG H . 28.50 35.52 -14.68
O3 NAG H . 31.29 34.99 -14.22
O4 NAG H . 32.97 35.14 -16.54
O5 NAG H . 29.71 34.31 -17.97
O6 NAG H . 32.85 34.78 -19.60
O7 NAG H . 27.34 35.60 -12.77
C1 AKG I . 10.33 17.08 -7.24
O1 AKG I . 10.44 17.76 -6.20
O2 AKG I . 9.39 16.78 -8.00
C2 AKG I . 11.68 16.59 -7.60
O5 AKG I . 11.81 16.05 -8.67
C3 AKG I . 12.64 16.88 -6.55
C4 AKG I . 13.76 15.89 -6.67
C5 AKG I . 15.10 16.55 -6.42
O3 AKG I . 16.05 16.31 -7.21
O4 AKG I . 15.16 17.31 -5.42
FE FE2 J . 9.91 16.05 -10.23
N1 UDP K . 12.38 96.21 -26.83
C2 UDP K . 11.58 95.32 -26.10
N3 UDP K . 11.95 94.94 -24.81
C4 UDP K . 13.14 95.45 -24.21
C5 UDP K . 13.91 96.34 -24.99
C6 UDP K . 13.55 96.71 -26.26
O2 UDP K . 10.51 94.81 -26.54
O4 UDP K . 13.36 95.04 -23.05
C1' UDP K . 11.99 96.62 -28.23
C2' UDP K . 12.38 95.59 -29.33
O2' UDP K . 13.07 96.27 -30.32
C3' UDP K . 10.97 95.10 -29.79
C4' UDP K . 10.08 96.30 -29.48
O4' UDP K . 10.61 96.86 -28.29
O3' UDP K . 11.00 94.95 -31.19
C5' UDP K . 8.61 95.91 -29.28
O5' UDP K . 8.63 94.71 -28.64
PA UDP K . 7.61 93.37 -29.18
O1A UDP K . 8.04 92.34 -28.20
O2A UDP K . 8.11 93.27 -30.61
O3A UDP K . 6.22 93.98 -29.17
PB UDP K . 4.60 93.65 -29.62
O1B UDP K . 4.27 92.41 -28.84
O2B UDP K . 4.76 93.54 -31.13
O3B UDP K . 3.89 94.94 -29.20
MN MN L . 6.91 92.29 -32.22
C1 NAG M . -6.38 -60.90 5.63
C2 NAG M . -5.63 -62.21 5.28
C3 NAG M . -4.15 -62.13 5.55
C4 NAG M . -3.67 -60.95 4.75
C5 NAG M . -4.29 -59.70 5.35
C6 NAG M . -3.74 -58.43 4.71
C7 NAG M . -6.80 -64.31 5.14
C8 NAG M . -7.70 -65.30 5.83
N2 NAG M . -6.26 -63.36 5.90
O3 NAG M . -3.52 -63.32 5.08
O4 NAG M . -2.24 -60.90 4.78
O5 NAG M . -5.71 -59.73 5.16
O6 NAG M . -3.35 -58.68 3.36
O7 NAG M . -6.57 -64.38 3.95
C1 NAG N . 10.86 -16.16 -33.38
C2 NAG N . 10.85 -16.12 -34.90
C3 NAG N . 11.71 -17.25 -35.47
C4 NAG N . 13.11 -17.21 -34.87
C5 NAG N . 13.03 -17.20 -33.34
C6 NAG N . 14.38 -17.03 -32.68
C7 NAG N . 9.02 -15.40 -36.37
C8 NAG N . 9.98 -14.37 -36.90
N2 NAG N . 9.50 -16.20 -35.42
O3 NAG N . 11.78 -17.13 -36.88
O4 NAG N . 13.85 -18.35 -35.28
O5 NAG N . 12.22 -16.10 -32.90
O6 NAG N . 15.01 -18.27 -32.44
O7 NAG N . 7.87 -15.49 -36.79
C1 AKG O . 2.39 9.92 -38.08
O1 AKG O . 1.99 9.95 -39.25
O2 AKG O . 2.07 10.47 -37.01
C2 AKG O . 3.52 8.95 -38.02
O5 AKG O . 3.96 8.66 -36.94
C3 AKG O . 3.88 8.50 -39.36
C4 AKG O . 5.32 8.05 -39.32
C5 AKG O . 5.52 6.81 -40.14
O3 AKG O . 6.18 5.85 -39.65
O4 AKG O . 5.00 6.82 -41.28
FE FE2 P . 3.31 10.37 -35.06
N1 UDP Q . -29.91 -60.91 -12.22
C2 UDP Q . -30.34 -59.67 -12.71
N3 UDP Q . -30.31 -59.42 -14.08
C4 UDP Q . -29.85 -60.39 -15.00
C5 UDP Q . -29.42 -61.64 -14.45
C6 UDP Q . -29.45 -61.88 -13.11
O2 UDP Q . -30.76 -58.74 -11.98
O4 UDP Q . -29.87 -60.04 -16.19
C1' UDP Q . -29.94 -61.21 -10.74
C2' UDP Q . -28.72 -60.63 -9.94
O2' UDP Q . -28.18 -61.67 -9.21
C3' UDP Q . -29.40 -59.54 -9.08
C4' UDP Q . -30.84 -60.09 -8.94
O4' UDP Q . -31.12 -60.70 -10.17
O3' UDP Q . -28.81 -59.56 -7.82
C5' UDP Q . -31.85 -58.96 -8.65
O5' UDP Q . -31.45 -57.89 -9.38
PA UDP Q . -31.37 -56.28 -8.66
O1A UDP Q . -30.86 -55.52 -9.82
O2A UDP Q . -30.42 -56.59 -7.51
O3A UDP Q . -32.79 -56.09 -8.11
PB UDP Q . -33.72 -55.01 -7.16
O1B UDP Q . -33.63 -53.71 -7.90
O2B UDP Q . -33.02 -55.15 -5.82
O3B UDP Q . -35.09 -55.71 -7.17
MN MN R . -30.30 -55.30 -5.69
N1 GDU S . 26.42 -3.30 30.01
C2 GDU S . 27.23 -2.71 31.01
N3 GDU S . 26.90 -1.41 31.38
C4 GDU S . 25.84 -0.67 30.83
C5 GDU S . 25.06 -1.34 29.82
C6 GDU S . 25.36 -2.61 29.44
O2 GDU S . 28.17 -3.28 31.55
O4 GDU S . 25.65 0.47 31.24
C1D GDU S . 26.68 -4.71 29.54
C2D GDU S . 27.93 -4.83 28.65
O2D GDU S . 27.66 -4.27 27.42
C3D GDU S . 28.06 -6.34 28.70
C4D GDU S . 27.69 -6.67 30.18
O4D GDU S . 26.97 -5.51 30.66
O3D GDU S . 27.09 -6.84 27.87
C5D GDU S . 28.90 -6.93 31.13
O5D GDU S . 29.87 -7.55 30.38
PA GDU S . 31.51 -7.13 30.37
O1A GDU S . 32.07 -7.84 29.19
O2A GDU S . 31.62 -5.66 30.59
O3A GDU S . 31.94 -7.90 31.74
PB GDU S . 32.18 -9.08 32.74
O1B GDU S . 32.73 -10.26 31.97
O2B GDU S . 32.91 -8.65 33.97
O3B GDU S . 30.67 -9.62 33.22
C1' GDU S . 30.35 -10.55 34.14
C2' GDU S . 28.85 -10.90 34.03
C3' GDU S . 28.07 -9.57 34.11
C4' GDU S . 28.39 -8.89 35.47
C5' GDU S . 29.92 -8.78 35.63
C6' GDU S . 30.34 -8.38 37.05
O2' GDU S . 28.65 -11.50 32.79
O3' GDU S . 26.72 -9.91 34.01
O4' GDU S . 27.74 -9.63 36.45
O5' GDU S . 30.52 -10.03 35.43
O6' GDU S . 30.03 -9.45 37.90
N1 UDP T . 58.53 -29.13 4.69
C2 UDP T . 58.45 -30.54 4.59
N3 UDP T . 58.62 -31.14 3.41
C4 UDP T . 58.86 -30.42 2.32
C5 UDP T . 58.95 -29.06 2.38
C6 UDP T . 58.78 -28.41 3.60
O2 UDP T . 58.23 -31.29 5.54
O4 UDP T . 59.01 -31.01 1.23
C1' UDP T . 58.36 -28.36 5.93
C2' UDP T . 57.62 -27.08 5.62
O2' UDP T . 58.52 -26.00 5.59
C3' UDP T . 56.69 -26.86 6.77
C4' UDP T . 56.88 -28.04 7.70
O4' UDP T . 57.60 -29.00 6.95
O3' UDP T . 57.17 -25.70 7.43
C5' UDP T . 55.54 -28.63 8.11
O5' UDP T . 55.73 -29.95 8.63
PA UDP T . 55.06 -30.24 10.05
O1A UDP T . 55.21 -28.96 10.80
O2A UDP T . 53.68 -30.79 9.88
O3A UDP T . 55.97 -31.37 10.69
PB UDP T . 56.11 -31.49 12.29
O1B UDP T . 54.81 -30.92 12.82
O2B UDP T . 57.36 -30.69 12.58
O3B UDP T . 56.28 -32.95 12.58
MN MN U . 32.37 -11.31 29.03
MN MN V . 53.37 -29.80 11.81
N1 GDU W . -23.23 -5.44 17.23
C2 GDU W . -24.04 -5.12 16.13
N3 GDU W . -23.75 -3.91 15.46
C4 GDU W . -22.71 -3.05 15.84
C5 GDU W . -21.92 -3.46 16.98
C6 GDU W . -22.20 -4.61 17.63
O2 GDU W . -24.98 -5.81 15.72
O4 GDU W . -22.55 -2.02 15.17
C1D GDU W . -23.45 -6.71 18.01
C2D GDU W . -24.71 -6.66 18.90
O2D GDU W . -24.45 -5.84 19.98
C3D GDU W . -24.81 -8.14 19.20
C4D GDU W . -24.41 -8.78 17.83
O4D GDU W . -23.72 -7.76 17.10
O3D GDU W . -23.83 -8.42 20.12
C5D GDU W . -25.61 -9.29 16.97
O5D GDU W . -26.57 -9.75 17.84
PA GDU W . -28.23 -9.38 17.76
O1A GDU W . -28.77 -9.83 19.07
O2A GDU W . -28.36 -8.01 17.21
O3A GDU W . -28.62 -10.45 16.60
PB GDU W . -28.83 -11.85 15.89
O1B GDU W . -29.36 -12.82 16.91
O2B GDU W . -29.56 -11.71 14.59
O3B GDU W . -27.31 -12.43 15.55
C1' GDU W . -26.96 -13.54 14.86
C2' GDU W . -25.45 -13.81 15.04
C3' GDU W . -24.71 -12.51 14.66
C4' GDU W . -25.03 -12.16 13.19
C5' GDU W . -26.57 -12.14 13.01
C6' GDU W . -26.99 -12.09 11.53
O2' GDU W . -25.24 -14.12 16.39
O3' GDU W . -23.35 -12.79 14.84
O4' GDU W . -24.37 -13.09 12.40
O5' GDU W . -27.13 -13.32 13.49
O6' GDU W . -26.65 -13.31 10.94
N1 UDP X . -54.78 -25.68 47.79
C2 UDP X . -54.67 -27.03 48.22
N3 UDP X . -54.83 -27.35 49.49
C4 UDP X . -55.09 -26.42 50.40
C5 UDP X . -55.22 -25.10 50.02
C6 UDP X . -55.06 -24.75 48.70
O2 UDP X . -54.43 -27.97 47.45
O4 UDP X . -55.24 -26.74 51.59
C1' UDP X . -54.63 -25.21 46.41
C2' UDP X . -53.92 -23.88 46.42
O2' UDP X . -54.85 -22.83 46.21
C3' UDP X . -53.00 -23.90 45.24
C4' UDP X . -53.15 -25.26 44.61
O4' UDP X . -53.85 -26.04 45.56
O3' UDP X . -53.50 -22.93 44.34
C5' UDP X . -51.81 -25.90 44.34
O5' UDP X . -51.94 -27.30 44.13
PA UDP X . -51.26 -27.88 42.81
O1A UDP X . -51.44 -26.81 41.79
O2A UDP X . -49.87 -28.35 43.10
O3A UDP X . -52.14 -29.15 42.44
PB UDP X . -52.27 -29.64 40.92
O1B UDP X . -51.00 -29.17 40.28
O2B UDP X . -53.54 -28.97 40.46
O3B UDP X . -52.40 -31.14 40.97
MN MN Y . -28.99 -13.16 20.01
MN MN Z . -49.58 -27.81 41.01
#